data_1DZ5
#
_entry.id   1DZ5
#
_cell.length_a   1.000
_cell.length_b   1.000
_cell.length_c   1.000
_cell.angle_alpha   90.00
_cell.angle_beta   90.00
_cell.angle_gamma   90.00
#
_symmetry.space_group_name_H-M   'P 1'
#
loop_
_entity.id
_entity.type
_entity.pdbx_description
1 polymer 'U1 SMALL NUCLEAR RIBONUCLEOPROTEIN A'
2 polymer "PIE, RNA (5'-R(*GP*AP*GP*AP*CP*AP*UP*UP*GP*CP*AP*CP*CP* CP*GP*GP*AP*GP*UP*CP*UP*C)-3')"
#
loop_
_entity_poly.entity_id
_entity_poly.type
_entity_poly.pdbx_seq_one_letter_code
_entity_poly.pdbx_strand_id
1 'polypeptide(L)'
;AVPETRPNHTIYINNLNEKIKKDELKKSLHAIFSRFGQILDILVSRSLKMRGQAFVIFKEVSSATNALRSMQGFPFYDKP
MRIQYAKTDSDIIAKMKGTFV
;
A,B
2 'polyribonucleotide' GAGACAUUGCACCCGGAGUCUC C,D
#
# COMPACT_ATOMS: atom_id res chain seq x y z
N ALA A 1 -16.30 3.74 31.35
CA ALA A 1 -16.17 5.14 30.86
C ALA A 1 -14.69 5.51 30.73
N VAL A 2 -14.39 6.54 29.97
CA VAL A 2 -12.97 6.98 29.80
C VAL A 2 -12.15 5.82 29.17
N PRO A 3 -12.06 5.79 27.84
CA PRO A 3 -11.31 4.74 27.13
C PRO A 3 -9.81 5.02 27.18
N GLU A 4 -9.04 4.31 26.39
CA GLU A 4 -7.55 4.52 26.37
C GLU A 4 -7.03 4.32 24.94
N THR A 5 -5.95 4.98 24.59
CA THR A 5 -5.36 4.86 23.23
C THR A 5 -4.43 3.65 23.17
N ARG A 6 -3.51 3.56 24.11
CA ARG A 6 -2.55 2.42 24.16
C ARG A 6 -1.68 2.42 22.89
N PRO A 7 -0.49 1.83 22.97
CA PRO A 7 0.44 1.77 21.83
C PRO A 7 0.01 0.66 20.85
N ASN A 8 0.12 0.93 19.57
CA ASN A 8 -0.28 -0.10 18.55
C ASN A 8 0.38 0.21 17.20
N HIS A 9 1.45 -0.51 16.91
CA HIS A 9 2.18 -0.34 15.62
C HIS A 9 2.74 1.09 15.46
N THR A 10 1.90 2.04 15.07
CA THR A 10 2.39 3.44 14.85
C THR A 10 1.60 4.46 15.69
N ILE A 11 1.54 5.72 15.25
CA ILE A 11 0.80 6.76 16.05
C ILE A 11 0.14 7.80 15.13
N TYR A 12 -0.46 8.81 15.73
CA TYR A 12 -1.14 9.88 14.96
C TYR A 12 -1.15 11.17 15.80
N ILE A 13 -0.69 12.27 15.22
CA ILE A 13 -0.68 13.56 15.97
C ILE A 13 -2.04 14.24 15.81
N ASN A 14 -2.37 15.13 16.73
CA ASN A 14 -3.68 15.86 16.66
C ASN A 14 -3.49 17.30 17.12
N ASN A 15 -4.54 18.11 17.02
CA ASN A 15 -4.45 19.54 17.45
C ASN A 15 -3.38 20.25 16.62
N LEU A 16 -3.16 19.80 15.39
CA LEU A 16 -2.13 20.43 14.50
C LEU A 16 -2.48 21.91 14.27
N ASN A 17 -1.67 22.60 13.50
CA ASN A 17 -1.91 24.04 13.22
C ASN A 17 -3.10 24.19 12.27
N GLU A 18 -3.77 25.32 12.33
CA GLU A 18 -4.96 25.57 11.44
C GLU A 18 -4.62 26.66 10.42
N LYS A 19 -3.35 26.76 10.05
CA LYS A 19 -2.91 27.78 9.06
C LYS A 19 -1.77 27.21 8.20
N ILE A 20 -1.74 25.90 8.06
CA ILE A 20 -0.67 25.24 7.24
C ILE A 20 -1.21 24.95 5.84
N LYS A 21 -0.32 24.77 4.88
CA LYS A 21 -0.75 24.49 3.48
C LYS A 21 -0.78 22.99 3.21
N LYS A 22 -0.94 22.18 4.24
CA LYS A 22 -1.01 20.69 4.10
C LYS A 22 0.37 20.11 3.76
N ASP A 23 0.97 20.57 2.69
CA ASP A 23 2.31 20.07 2.28
C ASP A 23 3.33 20.49 3.33
N GLU A 24 3.07 21.59 4.01
CA GLU A 24 4.00 22.09 5.06
C GLU A 24 3.99 21.10 6.24
N LEU A 25 2.88 20.43 6.46
CA LEU A 25 2.78 19.45 7.58
C LEU A 25 3.62 18.22 7.27
N LYS A 26 3.67 17.84 6.00
CA LYS A 26 4.46 16.64 5.59
C LYS A 26 5.96 16.96 5.71
N LYS A 27 6.33 18.17 5.35
CA LYS A 27 7.78 18.58 5.44
C LYS A 27 8.22 18.62 6.91
N SER A 28 7.29 18.89 7.80
CA SER A 28 7.62 18.95 9.26
C SER A 28 7.38 17.57 9.89
N LEU A 29 6.25 16.97 9.61
CA LEU A 29 5.90 15.63 10.18
C LEU A 29 6.84 14.56 9.60
N HIS A 30 7.05 14.59 8.31
CA HIS A 30 7.93 13.58 7.65
C HIS A 30 9.41 13.94 7.80
N ALA A 31 9.73 14.98 8.55
CA ALA A 31 11.17 15.38 8.73
C ALA A 31 11.59 15.16 10.19
N ILE A 32 10.65 15.16 11.11
CA ILE A 32 11.00 14.98 12.56
C ILE A 32 10.69 13.54 13.00
N PHE A 33 9.74 12.89 12.37
CA PHE A 33 9.38 11.49 12.75
C PHE A 33 10.30 10.47 12.06
N SER A 34 11.34 10.92 11.37
CA SER A 34 12.28 9.99 10.68
C SER A 34 13.69 10.13 11.23
N ARG A 35 14.03 11.29 11.77
CA ARG A 35 15.40 11.54 12.32
C ARG A 35 15.74 10.50 13.39
N PHE A 36 14.80 10.21 14.28
CA PHE A 36 15.05 9.22 15.37
C PHE A 36 14.48 7.84 15.01
N GLY A 37 14.27 7.58 13.73
CA GLY A 37 13.71 6.26 13.31
C GLY A 37 13.62 6.20 11.78
N GLN A 38 12.47 5.80 11.28
CA GLN A 38 12.26 5.70 9.80
C GLN A 38 10.75 5.72 9.52
N ILE A 39 10.26 6.83 9.04
CA ILE A 39 8.80 6.97 8.73
C ILE A 39 8.45 6.12 7.51
N LEU A 40 7.37 5.37 7.59
CA LEU A 40 6.93 4.51 6.45
C LEU A 40 5.91 5.28 5.61
N ASP A 41 5.10 6.11 6.26
CA ASP A 41 4.07 6.91 5.53
C ASP A 41 3.28 7.75 6.54
N ILE A 42 2.59 8.76 6.05
CA ILE A 42 1.77 9.64 6.94
C ILE A 42 0.37 9.81 6.32
N LEU A 43 -0.65 10.02 7.14
CA LEU A 43 -2.03 10.18 6.58
C LEU A 43 -2.61 11.52 7.02
N VAL A 44 -2.83 12.40 6.06
CA VAL A 44 -3.42 13.75 6.37
C VAL A 44 -4.51 14.07 5.34
N SER A 45 -5.72 14.29 5.81
CA SER A 45 -6.85 14.61 4.88
C SER A 45 -7.49 15.94 5.28
N ARG A 46 -8.65 16.24 4.73
CA ARG A 46 -9.35 17.53 5.06
C ARG A 46 -10.80 17.22 5.49
N SER A 47 -11.03 16.04 6.02
CA SER A 47 -12.41 15.66 6.47
C SER A 47 -12.61 16.08 7.93
N LEU A 48 -13.82 15.98 8.42
CA LEU A 48 -14.13 16.37 9.84
C LEU A 48 -13.28 15.50 10.78
N LYS A 49 -13.24 14.21 10.53
CA LYS A 49 -12.45 13.28 11.41
C LYS A 49 -10.96 13.54 11.22
N MET A 50 -10.56 13.97 10.04
CA MET A 50 -9.12 14.25 9.76
C MET A 50 -8.87 15.78 9.85
N ARG A 51 -9.36 16.38 10.91
CA ARG A 51 -9.20 17.87 11.09
C ARG A 51 -8.17 18.14 12.21
N GLY A 52 -7.00 18.61 11.85
CA GLY A 52 -5.94 18.92 12.85
C GLY A 52 -5.29 17.63 13.36
N GLN A 53 -4.79 16.81 12.45
CA GLN A 53 -4.13 15.53 12.85
C GLN A 53 -3.32 14.98 11.67
N ALA A 54 -2.66 13.85 11.87
CA ALA A 54 -1.84 13.24 10.78
C ALA A 54 -1.28 11.90 11.28
N PHE A 55 -1.90 10.82 10.86
CA PHE A 55 -1.44 9.45 11.29
C PHE A 55 -0.05 9.19 10.70
N VAL A 56 0.90 8.83 11.54
CA VAL A 56 2.27 8.53 11.03
C VAL A 56 2.46 7.02 11.08
N ILE A 57 3.22 6.46 10.15
CA ILE A 57 3.47 4.99 10.13
C ILE A 57 4.96 4.72 10.33
N PHE A 58 5.31 3.72 11.11
CA PHE A 58 6.75 3.40 11.35
C PHE A 58 7.06 1.96 10.88
N LYS A 59 6.89 0.98 11.75
CA LYS A 59 7.16 -0.44 11.39
C LYS A 59 6.90 -1.31 12.62
N GLU A 60 7.30 -0.82 13.78
CA GLU A 60 7.10 -1.57 15.05
C GLU A 60 6.70 -0.58 16.15
N VAL A 61 6.00 -1.06 17.16
CA VAL A 61 5.55 -0.18 18.28
C VAL A 61 6.75 0.55 18.90
N SER A 62 7.82 -0.15 19.13
CA SER A 62 9.04 0.45 19.75
C SER A 62 9.59 1.60 18.89
N SER A 63 9.20 1.66 17.63
CA SER A 63 9.70 2.76 16.74
C SER A 63 8.80 3.98 16.90
N ALA A 64 7.50 3.74 16.93
CA ALA A 64 6.53 4.85 17.09
C ALA A 64 6.48 5.27 18.56
N THR A 65 6.70 4.32 19.46
CA THR A 65 6.70 4.64 20.91
C THR A 65 7.86 5.59 21.19
N ASN A 66 8.95 5.43 20.45
CA ASN A 66 10.13 6.32 20.62
C ASN A 66 9.84 7.68 19.98
N ALA A 67 9.08 7.69 18.90
CA ALA A 67 8.74 8.97 18.22
C ALA A 67 7.64 9.69 18.99
N LEU A 68 6.78 8.94 19.66
CA LEU A 68 5.66 9.56 20.44
C LEU A 68 6.17 10.06 21.80
N ARG A 69 7.26 9.49 22.29
CA ARG A 69 7.83 9.92 23.60
C ARG A 69 8.96 10.93 23.38
N SER A 70 8.91 11.65 22.28
CA SER A 70 9.97 12.65 21.96
C SER A 70 9.34 14.02 21.66
N MET A 71 8.26 14.02 20.90
CA MET A 71 7.58 15.30 20.54
C MET A 71 6.23 15.40 21.28
N GLN A 72 6.16 14.85 22.47
CA GLN A 72 4.90 14.90 23.29
C GLN A 72 4.48 16.36 23.50
N GLY A 73 3.49 16.82 22.76
CA GLY A 73 3.01 18.23 22.90
C GLY A 73 4.14 19.19 22.50
N PHE A 74 4.57 19.13 21.25
CA PHE A 74 5.68 20.01 20.78
C PHE A 74 5.11 21.13 19.88
N PRO A 75 5.73 22.30 19.90
CA PRO A 75 5.28 23.45 19.08
C PRO A 75 5.77 23.27 17.63
N PHE A 76 4.86 23.27 16.69
CA PHE A 76 5.25 23.10 15.24
C PHE A 76 5.49 24.48 14.60
N TYR A 77 4.43 25.16 14.22
CA TYR A 77 4.57 26.50 13.59
C TYR A 77 4.02 27.58 14.52
N ASP A 78 3.08 27.22 15.38
CA ASP A 78 2.48 28.21 16.33
C ASP A 78 1.44 27.51 17.22
N LYS A 79 1.70 26.27 17.60
CA LYS A 79 0.75 25.53 18.47
C LYS A 79 1.40 24.20 18.92
N PRO A 80 1.06 23.73 20.12
CA PRO A 80 1.61 22.47 20.66
C PRO A 80 0.89 21.27 20.05
N MET A 81 1.60 20.45 19.31
CA MET A 81 0.98 19.26 18.68
C MET A 81 0.97 18.07 19.66
N ARG A 82 -0.19 17.55 19.94
CA ARG A 82 -0.31 16.39 20.88
C ARG A 82 -0.18 15.09 20.08
N ILE A 83 0.57 14.14 20.59
CA ILE A 83 0.76 12.85 19.86
C ILE A 83 -0.12 11.76 20.50
N GLN A 84 -0.71 10.92 19.68
CA GLN A 84 -1.59 9.82 20.19
C GLN A 84 -1.33 8.55 19.38
N TYR A 85 -1.12 7.44 20.05
CA TYR A 85 -0.85 6.14 19.33
C TYR A 85 -1.99 5.83 18.36
N ALA A 86 -1.73 4.96 17.39
CA ALA A 86 -2.78 4.60 16.38
C ALA A 86 -3.21 3.14 16.61
N LYS A 87 -4.22 2.95 17.43
CA LYS A 87 -4.74 1.56 17.73
C LYS A 87 -4.96 0.78 16.43
N THR A 88 -5.23 1.47 15.35
CA THR A 88 -5.47 0.80 14.03
C THR A 88 -4.19 0.79 13.21
N ASP A 89 -3.34 1.77 13.42
CA ASP A 89 -2.06 1.90 12.66
C ASP A 89 -2.29 1.68 11.16
N SER A 90 -1.22 1.53 10.39
CA SER A 90 -1.36 1.31 8.91
C SER A 90 -2.19 0.05 8.66
N ASP A 91 -3.28 0.19 7.93
CA ASP A 91 -4.19 -0.96 7.65
C ASP A 91 -3.53 -1.95 6.66
N ILE A 92 -2.47 -1.55 5.98
CA ILE A 92 -1.81 -2.48 5.01
C ILE A 92 -1.00 -3.54 5.78
N ILE A 93 -0.70 -3.27 7.03
CA ILE A 93 0.06 -4.24 7.87
C ILE A 93 -0.79 -5.50 8.12
N ALA A 94 -2.06 -5.46 7.75
CA ALA A 94 -2.97 -6.64 7.94
C ALA A 94 -2.71 -7.65 6.82
N LYS A 95 -2.25 -7.18 5.67
CA LYS A 95 -1.97 -8.09 4.52
C LYS A 95 -0.52 -7.91 4.04
N MET A 96 0.23 -7.03 4.68
CA MET A 96 1.65 -6.79 4.30
C MET A 96 2.47 -8.08 4.51
N LYS A 97 1.95 -9.03 5.25
CA LYS A 97 2.70 -10.32 5.50
C LYS A 97 3.19 -10.90 4.16
N GLY A 98 2.51 -10.58 3.07
CA GLY A 98 2.93 -11.10 1.73
C GLY A 98 4.10 -10.26 1.15
N THR A 99 4.59 -9.29 1.90
CA THR A 99 5.74 -8.44 1.42
C THR A 99 6.91 -9.35 1.03
N PHE A 100 7.29 -10.20 1.95
CA PHE A 100 8.42 -11.15 1.72
C PHE A 100 8.69 -11.96 2.99
N VAL A 101 8.44 -11.37 4.16
CA VAL A 101 8.67 -12.08 5.47
C VAL A 101 8.07 -13.49 5.43
N ALA B 1 13.46 -2.53 -32.20
CA ALA B 1 12.00 -2.75 -32.45
C ALA B 1 11.57 -4.04 -31.76
N VAL B 2 10.27 -4.21 -31.56
CA VAL B 2 9.74 -5.44 -30.89
C VAL B 2 10.35 -5.56 -29.47
N PRO B 3 9.66 -5.01 -28.47
CA PRO B 3 10.14 -5.05 -27.08
C PRO B 3 9.86 -6.42 -26.45
N GLU B 4 10.01 -6.53 -25.15
CA GLU B 4 9.75 -7.83 -24.46
C GLU B 4 9.13 -7.56 -23.08
N THR B 5 8.34 -8.48 -22.58
CA THR B 5 7.69 -8.31 -21.25
C THR B 5 8.64 -8.78 -20.15
N ARG B 6 9.17 -9.98 -20.29
CA ARG B 6 10.12 -10.53 -19.27
C ARG B 6 9.40 -10.68 -17.92
N PRO B 7 9.88 -11.58 -17.07
CA PRO B 7 9.28 -11.82 -15.75
C PRO B 7 9.71 -10.73 -14.76
N ASN B 8 8.79 -10.28 -13.91
CA ASN B 8 9.13 -9.22 -12.92
C ASN B 8 8.13 -9.23 -11.76
N HIS B 9 8.53 -9.83 -10.66
CA HIS B 9 7.65 -9.89 -9.44
C HIS B 9 6.35 -10.64 -9.73
N THR B 10 5.37 -9.98 -10.33
CA THR B 10 4.05 -10.65 -10.59
C THR B 10 3.67 -10.63 -12.08
N ILE B 11 2.38 -10.69 -12.41
CA ILE B 11 1.96 -10.69 -13.85
C ILE B 11 0.62 -9.96 -14.04
N TYR B 12 0.13 -9.99 -15.26
CA TYR B 12 -1.17 -9.32 -15.58
C TYR B 12 -1.81 -10.02 -16.79
N ILE B 13 -3.05 -10.42 -16.67
CA ILE B 13 -3.76 -11.10 -17.80
C ILE B 13 -4.35 -10.05 -18.74
N ASN B 14 -4.60 -10.41 -19.97
CA ASN B 14 -5.18 -9.45 -20.96
C ASN B 14 -6.17 -10.19 -21.88
N ASN B 15 -6.85 -9.46 -22.74
CA ASN B 15 -7.84 -10.09 -23.67
C ASN B 15 -8.94 -10.79 -22.86
N LEU B 16 -9.21 -10.29 -21.67
CA LEU B 16 -10.27 -10.91 -20.79
C LEU B 16 -11.61 -10.88 -21.52
N ASN B 17 -12.65 -11.39 -20.87
CA ASN B 17 -14.01 -11.41 -21.50
C ASN B 17 -14.59 -9.99 -21.53
N GLU B 18 -15.49 -9.73 -22.46
CA GLU B 18 -16.11 -8.38 -22.58
C GLU B 18 -17.60 -8.47 -22.19
N LYS B 19 -17.93 -9.39 -21.31
CA LYS B 19 -19.34 -9.56 -20.86
C LYS B 19 -19.37 -9.98 -19.38
N ILE B 20 -18.35 -9.62 -18.64
CA ILE B 20 -18.27 -9.98 -17.19
C ILE B 20 -18.75 -8.80 -16.35
N LYS B 21 -19.16 -9.07 -15.13
CA LYS B 21 -19.66 -7.98 -14.23
C LYS B 21 -18.53 -7.45 -13.34
N LYS B 22 -17.29 -7.59 -13.77
CA LYS B 22 -16.11 -7.09 -13.00
C LYS B 22 -15.86 -7.96 -11.76
N ASP B 23 -16.85 -8.09 -10.90
CA ASP B 23 -16.70 -8.92 -9.67
C ASP B 23 -16.54 -10.38 -10.08
N GLU B 24 -17.10 -10.75 -11.22
CA GLU B 24 -16.98 -12.14 -11.70
C GLU B 24 -15.53 -12.45 -12.07
N LEU B 25 -14.80 -11.43 -12.49
CA LEU B 25 -13.36 -11.62 -12.87
C LEU B 25 -12.52 -11.88 -11.62
N LYS B 26 -12.88 -11.24 -10.52
CA LYS B 26 -12.14 -11.42 -9.24
C LYS B 26 -12.40 -12.82 -8.69
N LYS B 27 -13.63 -13.28 -8.81
CA LYS B 27 -13.99 -14.65 -8.31
C LYS B 27 -13.25 -15.71 -9.13
N SER B 28 -12.96 -15.41 -10.38
CA SER B 28 -12.25 -16.38 -11.26
C SER B 28 -10.73 -16.13 -11.18
N LEU B 29 -10.33 -14.88 -11.30
CA LEU B 29 -8.88 -14.53 -11.25
C LEU B 29 -8.33 -14.78 -9.84
N HIS B 30 -9.06 -14.37 -8.83
CA HIS B 30 -8.60 -14.55 -7.41
C HIS B 30 -8.89 -15.98 -6.92
N ALA B 31 -9.38 -16.85 -7.77
CA ALA B 31 -9.67 -18.25 -7.33
C ALA B 31 -8.74 -19.24 -8.03
N ILE B 32 -8.20 -18.87 -9.18
CA ILE B 32 -7.29 -19.78 -9.93
C ILE B 32 -5.82 -19.37 -9.71
N PHE B 33 -5.57 -18.11 -9.47
CA PHE B 33 -4.16 -17.63 -9.26
C PHE B 33 -3.72 -17.84 -7.81
N SER B 34 -4.51 -18.52 -7.00
CA SER B 34 -4.13 -18.75 -5.56
C SER B 34 -4.03 -20.25 -5.27
N ARG B 35 -4.72 -21.08 -6.02
CA ARG B 35 -4.70 -22.56 -5.81
C ARG B 35 -3.26 -23.09 -5.90
N PHE B 36 -2.51 -22.62 -6.87
CA PHE B 36 -1.09 -23.10 -7.04
C PHE B 36 -0.11 -22.10 -6.44
N GLY B 37 -0.56 -21.26 -5.53
CA GLY B 37 0.35 -20.26 -4.88
C GLY B 37 -0.41 -19.45 -3.83
N GLN B 38 -0.29 -18.15 -3.89
CA GLN B 38 -0.99 -17.25 -2.91
C GLN B 38 -1.09 -15.85 -3.50
N ILE B 39 -2.27 -15.48 -3.97
CA ILE B 39 -2.47 -14.14 -4.58
C ILE B 39 -2.41 -13.05 -3.50
N LEU B 40 -1.68 -12.00 -3.77
CA LEU B 40 -1.55 -10.87 -2.79
C LEU B 40 -2.60 -9.81 -3.11
N ASP B 41 -2.91 -9.64 -4.37
CA ASP B 41 -3.93 -8.62 -4.78
C ASP B 41 -4.08 -8.62 -6.31
N ILE B 42 -5.16 -8.06 -6.81
CA ILE B 42 -5.39 -8.01 -8.29
C ILE B 42 -5.80 -6.58 -8.66
N LEU B 43 -5.49 -6.13 -9.87
CA LEU B 43 -5.86 -4.74 -10.29
C LEU B 43 -6.73 -4.79 -11.55
N VAL B 44 -7.98 -4.38 -11.40
CA VAL B 44 -8.93 -4.37 -12.57
C VAL B 44 -9.70 -3.05 -12.57
N SER B 45 -9.58 -2.28 -13.64
CA SER B 45 -10.30 -0.98 -13.73
C SER B 45 -11.18 -0.96 -14.98
N ARG B 46 -11.68 0.21 -15.34
CA ARG B 46 -12.55 0.33 -16.56
C ARG B 46 -12.00 1.44 -17.48
N SER B 47 -10.71 1.70 -17.41
CA SER B 47 -10.09 2.75 -18.28
C SER B 47 -9.65 2.14 -19.61
N LEU B 48 -9.25 2.97 -20.55
CA LEU B 48 -8.81 2.46 -21.89
C LEU B 48 -7.60 1.52 -21.71
N LYS B 49 -6.66 1.93 -20.89
CA LYS B 49 -5.44 1.09 -20.64
C LYS B 49 -5.82 -0.16 -19.85
N MET B 50 -6.84 -0.05 -19.02
CA MET B 50 -7.29 -1.22 -18.19
C MET B 50 -8.53 -1.85 -18.85
N ARG B 51 -8.46 -2.08 -20.14
CA ARG B 51 -9.61 -2.68 -20.89
C ARG B 51 -9.29 -4.14 -21.27
N GLY B 52 -9.94 -5.08 -20.62
CA GLY B 52 -9.70 -6.53 -20.93
C GLY B 52 -8.38 -7.00 -20.33
N GLN B 53 -8.20 -6.79 -19.03
CA GLN B 53 -6.92 -7.22 -18.35
C GLN B 53 -7.14 -7.22 -16.83
N ALA B 54 -6.10 -7.58 -16.10
CA ALA B 54 -6.20 -7.62 -14.60
C ALA B 54 -4.83 -7.99 -14.02
N PHE B 55 -4.11 -7.00 -13.54
CA PHE B 55 -2.76 -7.25 -12.95
C PHE B 55 -2.91 -8.09 -11.69
N VAL B 56 -2.20 -9.21 -11.60
CA VAL B 56 -2.27 -10.06 -10.38
C VAL B 56 -0.98 -9.86 -9.59
N ILE B 57 -1.04 -9.94 -8.27
CA ILE B 57 0.18 -9.76 -7.43
C ILE B 57 0.43 -11.06 -6.65
N PHE B 58 1.69 -11.47 -6.55
CA PHE B 58 2.03 -12.73 -5.81
C PHE B 58 2.97 -12.40 -4.64
N LYS B 59 4.27 -12.41 -4.87
CA LYS B 59 5.26 -12.12 -3.79
C LYS B 59 6.67 -12.25 -4.39
N GLU B 60 6.85 -13.26 -5.22
CA GLU B 60 8.18 -13.49 -5.87
C GLU B 60 7.95 -13.91 -7.32
N VAL B 61 8.92 -13.67 -8.18
CA VAL B 61 8.80 -14.02 -9.63
C VAL B 61 8.46 -15.51 -9.79
N SER B 62 9.14 -16.36 -9.04
CA SER B 62 8.90 -17.83 -9.13
C SER B 62 7.45 -18.18 -8.77
N SER B 63 6.74 -17.28 -8.12
CA SER B 63 5.32 -17.56 -7.75
C SER B 63 4.41 -17.18 -8.93
N ALA B 64 4.68 -16.03 -9.52
CA ALA B 64 3.87 -15.57 -10.67
C ALA B 64 4.32 -16.31 -11.93
N THR B 65 5.59 -16.67 -11.99
CA THR B 65 6.10 -17.44 -13.16
C THR B 65 5.39 -18.78 -13.21
N ASN B 66 5.08 -19.32 -12.04
CA ASN B 66 4.38 -20.63 -11.95
C ASN B 66 2.90 -20.43 -12.30
N ALA B 67 2.34 -19.28 -11.94
CA ALA B 67 0.91 -19.00 -12.26
C ALA B 67 0.76 -18.60 -13.72
N LEU B 68 1.79 -18.00 -14.29
CA LEU B 68 1.74 -17.57 -15.72
C LEU B 68 2.02 -18.76 -16.65
N ARG B 69 2.72 -19.76 -16.15
CA ARG B 69 3.04 -20.96 -16.99
C ARG B 69 2.02 -22.07 -16.70
N SER B 70 0.82 -21.70 -16.30
CA SER B 70 -0.24 -22.71 -16.00
C SER B 70 -1.53 -22.37 -16.76
N MET B 71 -1.89 -21.10 -16.79
CA MET B 71 -3.13 -20.67 -17.51
C MET B 71 -2.76 -19.91 -18.79
N GLN B 72 -1.65 -20.27 -19.40
CA GLN B 72 -1.21 -19.58 -20.66
C GLN B 72 -2.31 -19.69 -21.73
N GLY B 73 -3.05 -18.62 -21.94
CA GLY B 73 -4.15 -18.62 -22.96
C GLY B 73 -5.21 -19.64 -22.55
N PHE B 74 -5.85 -19.41 -21.42
CA PHE B 74 -6.89 -20.36 -20.92
C PHE B 74 -8.29 -19.73 -21.11
N PRO B 75 -9.30 -20.57 -21.36
CA PRO B 75 -10.69 -20.09 -21.56
C PRO B 75 -11.33 -19.78 -20.20
N PHE B 76 -11.81 -18.57 -20.01
CA PHE B 76 -12.45 -18.19 -18.71
C PHE B 76 -13.95 -18.44 -18.78
N TYR B 77 -14.69 -17.54 -19.40
CA TYR B 77 -16.17 -17.71 -19.51
C TYR B 77 -16.56 -17.94 -20.97
N ASP B 78 -15.75 -17.45 -21.90
CA ASP B 78 -16.05 -17.62 -23.36
C ASP B 78 -14.94 -16.98 -24.21
N LYS B 79 -13.71 -17.07 -23.74
CA LYS B 79 -12.56 -16.48 -24.50
C LYS B 79 -11.23 -16.91 -23.85
N PRO B 80 -10.18 -17.06 -24.65
CA PRO B 80 -8.86 -17.47 -24.14
C PRO B 80 -8.14 -16.26 -23.52
N MET B 81 -7.86 -16.33 -22.24
CA MET B 81 -7.17 -15.20 -21.54
C MET B 81 -5.66 -15.35 -21.69
N ARG B 82 -5.00 -14.36 -22.24
CA ARG B 82 -3.52 -14.41 -22.42
C ARG B 82 -2.86 -13.81 -21.17
N ILE B 83 -1.83 -14.45 -20.68
CA ILE B 83 -1.12 -13.96 -19.45
C ILE B 83 0.17 -13.23 -19.84
N GLN B 84 0.46 -12.14 -19.18
CA GLN B 84 1.71 -11.36 -19.48
C GLN B 84 2.33 -10.88 -18.16
N TYR B 85 3.62 -11.09 -18.00
CA TYR B 85 4.32 -10.66 -16.74
C TYR B 85 4.11 -9.17 -16.50
N ALA B 86 4.30 -8.72 -15.27
CA ALA B 86 4.13 -7.27 -14.94
C ALA B 86 5.49 -6.65 -14.63
N LYS B 87 6.14 -6.11 -15.65
CA LYS B 87 7.49 -5.46 -15.49
C LYS B 87 7.46 -4.48 -14.31
N THR B 88 6.31 -3.92 -14.02
CA THR B 88 6.18 -2.94 -12.90
C THR B 88 5.70 -3.64 -11.63
N ASP B 89 4.94 -4.69 -11.80
CA ASP B 89 4.37 -5.48 -10.65
C ASP B 89 3.77 -4.52 -9.61
N SER B 90 3.43 -5.04 -8.44
CA SER B 90 2.83 -4.18 -7.37
C SER B 90 3.80 -3.04 -7.03
N ASP B 91 3.34 -1.81 -7.16
CA ASP B 91 4.21 -0.62 -6.88
C ASP B 91 4.48 -0.48 -5.38
N ILE B 92 3.72 -1.15 -4.53
CA ILE B 92 3.96 -1.03 -3.05
C ILE B 92 5.23 -1.80 -2.66
N ILE B 93 5.67 -2.71 -3.52
CA ILE B 93 6.90 -3.51 -3.24
C ILE B 93 8.13 -2.58 -3.27
N ALA B 94 7.95 -1.34 -3.70
CA ALA B 94 9.09 -0.38 -3.75
C ALA B 94 9.33 0.19 -2.35
N LYS B 95 8.30 0.22 -1.52
CA LYS B 95 8.44 0.74 -0.12
C LYS B 95 7.96 -0.31 0.89
N MET B 96 7.54 -1.47 0.42
CA MET B 96 7.07 -2.55 1.33
C MET B 96 8.22 -3.02 2.22
N LYS B 97 9.46 -2.70 1.88
CA LYS B 97 10.63 -3.12 2.70
C LYS B 97 10.39 -2.77 4.19
N GLY B 98 9.57 -1.77 4.45
CA GLY B 98 9.26 -1.36 5.85
C GLY B 98 8.21 -2.29 6.47
N THR B 99 7.75 -3.31 5.76
CA THR B 99 6.73 -4.27 6.30
C THR B 99 7.24 -4.86 7.61
N PHE B 100 8.44 -5.40 7.56
CA PHE B 100 9.06 -6.01 8.78
C PHE B 100 10.42 -6.63 8.40
N VAL B 101 10.55 -7.11 7.18
CA VAL B 101 11.83 -7.74 6.70
C VAL B 101 13.03 -6.86 7.09
N ALA A 1 -7.52 15.33 30.43
CA ALA A 1 -8.30 14.12 30.07
C ALA A 1 -7.36 13.02 29.56
N VAL A 2 -7.92 11.92 29.09
CA VAL A 2 -7.08 10.80 28.56
C VAL A 2 -6.15 10.29 29.69
N PRO A 3 -6.61 9.29 30.45
CA PRO A 3 -5.82 8.73 31.55
C PRO A 3 -4.76 7.76 31.01
N GLU A 4 -5.05 7.11 29.90
CA GLU A 4 -4.09 6.15 29.28
C GLU A 4 -3.47 6.77 28.04
N THR A 5 -2.20 6.49 27.80
CA THR A 5 -1.50 7.04 26.60
C THR A 5 -0.28 6.17 26.28
N ARG A 6 -0.46 5.20 25.41
CA ARG A 6 0.67 4.28 25.02
C ARG A 6 1.03 4.52 23.54
N PRO A 7 2.26 4.15 23.17
CA PRO A 7 2.74 4.32 21.78
C PRO A 7 2.16 3.20 20.89
N ASN A 8 1.75 3.54 19.69
CA ASN A 8 1.16 2.52 18.76
C ASN A 8 1.69 2.69 17.35
N HIS A 9 2.72 1.94 17.03
CA HIS A 9 3.34 1.97 15.66
C HIS A 9 3.91 3.35 15.32
N THR A 10 3.06 4.34 15.04
CA THR A 10 3.57 5.69 14.66
C THR A 10 2.80 6.80 15.39
N ILE A 11 2.84 8.03 14.87
CA ILE A 11 2.14 9.17 15.54
C ILE A 11 1.27 9.95 14.54
N TYR A 12 0.69 11.04 15.03
CA TYR A 12 -0.17 11.91 14.18
C TYR A 12 -0.43 13.23 14.94
N ILE A 13 -0.05 14.35 14.36
CA ILE A 13 -0.27 15.67 15.04
C ILE A 13 -1.76 16.00 15.02
N ASN A 14 -2.25 16.61 16.08
CA ASN A 14 -3.69 16.98 16.16
C ASN A 14 -3.83 18.41 16.73
N ASN A 15 -3.30 19.38 16.01
CA ASN A 15 -3.36 20.80 16.45
C ASN A 15 -2.60 21.68 15.44
N LEU A 16 -2.74 21.37 14.17
CA LEU A 16 -2.05 22.15 13.09
C LEU A 16 -2.75 23.48 12.88
N ASN A 17 -2.32 24.24 11.89
CA ASN A 17 -2.94 25.57 11.61
C ASN A 17 -3.82 25.47 10.35
N GLU A 18 -4.80 26.34 10.25
CA GLU A 18 -5.72 26.34 9.07
C GLU A 18 -5.35 27.50 8.13
N LYS A 19 -4.06 27.72 7.94
CA LYS A 19 -3.58 28.82 7.04
C LYS A 19 -2.67 28.23 5.97
N ILE A 20 -1.85 27.27 6.35
CA ILE A 20 -0.91 26.61 5.40
C ILE A 20 -1.67 26.10 4.17
N LYS A 21 -0.95 25.82 3.11
CA LYS A 21 -1.60 25.33 1.85
C LYS A 21 -1.59 23.80 1.80
N LYS A 22 -1.52 23.15 2.95
CA LYS A 22 -1.51 21.65 3.02
C LYS A 22 -0.18 21.07 2.53
N ASP A 23 0.22 21.42 1.33
CA ASP A 23 1.50 20.90 0.76
C ASP A 23 2.66 21.45 1.57
N GLU A 24 2.48 22.60 2.16
CA GLU A 24 3.55 23.24 2.98
C GLU A 24 3.76 22.42 4.26
N LEU A 25 2.70 21.80 4.75
CA LEU A 25 2.81 20.98 6.00
C LEU A 25 3.71 19.76 5.75
N LYS A 26 3.67 19.25 4.53
CA LYS A 26 4.52 18.05 4.18
C LYS A 26 5.99 18.41 4.37
N LYS A 27 6.41 19.55 3.85
CA LYS A 27 7.84 19.99 3.98
C LYS A 27 8.20 20.12 5.46
N SER A 28 7.22 20.40 6.30
CA SER A 28 7.47 20.55 7.76
C SER A 28 7.49 19.17 8.44
N LEU A 29 6.44 18.40 8.23
CA LEU A 29 6.34 17.05 8.85
C LEU A 29 7.39 16.10 8.25
N HIS A 30 7.57 16.18 6.95
CA HIS A 30 8.55 15.28 6.26
C HIS A 30 9.99 15.79 6.42
N ALA A 31 10.20 16.87 7.17
CA ALA A 31 11.59 17.41 7.35
C ALA A 31 12.02 17.31 8.81
N ILE A 32 11.07 17.24 9.72
CA ILE A 32 11.42 17.15 11.18
C ILE A 32 11.35 15.69 11.65
N PHE A 33 10.40 14.94 11.15
CA PHE A 33 10.24 13.51 11.59
C PHE A 33 11.21 12.58 10.84
N SER A 34 12.12 13.11 10.06
CA SER A 34 13.09 12.24 9.32
C SER A 34 14.53 12.52 9.78
N ARG A 35 14.76 13.66 10.41
CA ARG A 35 16.14 14.01 10.88
C ARG A 35 16.56 13.11 12.05
N PHE A 36 15.65 12.85 12.98
CA PHE A 36 15.99 11.99 14.16
C PHE A 36 15.44 10.57 13.96
N GLY A 37 15.17 10.18 12.73
CA GLY A 37 14.63 8.81 12.46
C GLY A 37 14.54 8.56 10.96
N GLN A 38 13.41 8.05 10.50
CA GLN A 38 13.20 7.76 9.05
C GLN A 38 11.70 7.71 8.78
N ILE A 39 11.16 8.74 8.17
CA ILE A 39 9.70 8.80 7.87
C ILE A 39 9.38 7.88 6.69
N LEU A 40 8.27 7.18 6.76
CA LEU A 40 7.85 6.26 5.66
C LEU A 40 6.76 6.94 4.83
N ASP A 41 5.95 7.76 5.46
CA ASP A 41 4.86 8.47 4.74
C ASP A 41 4.08 9.34 5.74
N ILE A 42 3.52 10.43 5.27
CA ILE A 42 2.73 11.34 6.16
C ILE A 42 1.32 11.52 5.60
N LEU A 43 0.34 11.78 6.44
CA LEU A 43 -1.05 11.97 5.94
C LEU A 43 -1.46 13.43 6.13
N VAL A 44 -1.73 14.11 5.05
CA VAL A 44 -2.12 15.56 5.11
C VAL A 44 -3.61 15.69 5.45
N SER A 45 -4.03 16.86 5.87
CA SER A 45 -5.46 17.10 6.23
C SER A 45 -6.25 17.46 4.96
N ARG A 46 -7.52 17.11 4.93
CA ARG A 46 -8.38 17.42 3.74
C ARG A 46 -9.82 16.94 3.99
N SER A 47 -10.29 17.03 5.21
CA SER A 47 -11.68 16.60 5.55
C SER A 47 -12.01 16.98 7.00
N LEU A 48 -13.28 16.95 7.36
CA LEU A 48 -13.70 17.31 8.75
C LEU A 48 -12.96 16.43 9.75
N LYS A 49 -12.88 15.15 9.48
CA LYS A 49 -12.17 14.20 10.40
C LYS A 49 -10.67 14.52 10.38
N MET A 50 -10.17 15.00 9.25
CA MET A 50 -8.73 15.35 9.13
C MET A 50 -8.56 16.88 9.20
N ARG A 51 -9.14 17.49 10.22
CA ARG A 51 -9.05 18.98 10.38
C ARG A 51 -7.85 19.34 11.26
N GLY A 52 -6.85 19.97 10.69
CA GLY A 52 -5.63 20.37 11.46
C GLY A 52 -5.01 19.14 12.13
N GLN A 53 -4.56 18.20 11.34
CA GLN A 53 -3.93 16.96 11.89
C GLN A 53 -3.35 16.12 10.75
N ALA A 54 -2.19 15.51 10.98
CA ALA A 54 -1.56 14.66 9.95
C ALA A 54 -0.94 13.45 10.64
N PHE A 55 -0.88 12.33 9.96
CA PHE A 55 -0.29 11.10 10.58
C PHE A 55 1.14 10.90 10.06
N VAL A 56 2.11 10.87 10.95
CA VAL A 56 3.53 10.68 10.52
C VAL A 56 3.92 9.22 10.74
N ILE A 57 4.12 8.48 9.65
CA ILE A 57 4.50 7.04 9.76
C ILE A 57 6.02 6.93 9.97
N PHE A 58 6.48 5.85 10.56
CA PHE A 58 7.94 5.64 10.80
C PHE A 58 8.33 4.21 10.41
N LYS A 59 8.16 3.26 11.31
CA LYS A 59 8.53 1.84 11.02
C LYS A 59 8.23 0.96 12.23
N GLU A 60 8.48 1.47 13.42
CA GLU A 60 8.23 0.67 14.67
C GLU A 60 7.60 1.57 15.74
N VAL A 61 6.93 0.97 16.70
CA VAL A 61 6.28 1.74 17.80
C VAL A 61 7.30 2.64 18.50
N SER A 62 8.53 2.18 18.62
CA SER A 62 9.59 2.98 19.32
C SER A 62 10.27 3.97 18.36
N SER A 63 9.72 4.19 17.19
CA SER A 63 10.33 5.15 16.22
C SER A 63 9.63 6.49 16.34
N ALA A 64 8.31 6.48 16.23
CA ALA A 64 7.52 7.75 16.35
C ALA A 64 7.46 8.15 17.81
N THR A 65 7.56 7.20 18.72
CA THR A 65 7.54 7.53 20.17
C THR A 65 8.76 8.38 20.48
N ASN A 66 9.87 8.05 19.84
CA ASN A 66 11.13 8.83 20.03
C ASN A 66 10.93 10.22 19.42
N ALA A 67 10.21 10.29 18.33
CA ALA A 67 9.95 11.61 17.66
C ALA A 67 8.90 12.40 18.46
N LEU A 68 7.87 11.72 18.91
CA LEU A 68 6.79 12.37 19.70
C LEU A 68 7.38 12.99 20.98
N ARG A 69 8.44 12.42 21.49
CA ARG A 69 9.09 12.95 22.73
C ARG A 69 9.99 14.13 22.36
N SER A 70 10.52 14.12 21.15
CA SER A 70 11.41 15.23 20.70
C SER A 70 10.59 16.31 19.98
N MET A 71 9.27 16.30 20.13
CA MET A 71 8.41 17.33 19.46
C MET A 71 7.00 17.29 20.06
N GLN A 72 6.90 16.97 21.34
CA GLN A 72 5.56 16.90 22.02
C GLN A 72 5.03 18.32 22.26
N GLY A 73 4.01 18.71 21.51
CA GLY A 73 3.41 20.08 21.67
C GLY A 73 4.49 21.14 21.48
N PHE A 74 5.03 21.24 20.28
CA PHE A 74 6.10 22.24 20.00
C PHE A 74 5.52 23.40 19.16
N PRO A 75 6.04 24.60 19.34
CA PRO A 75 5.59 25.79 18.59
C PRO A 75 6.18 25.77 17.18
N PHE A 76 5.36 25.48 16.19
CA PHE A 76 5.87 25.41 14.79
C PHE A 76 5.12 26.42 13.90
N TYR A 77 3.81 26.34 13.89
CA TYR A 77 3.00 27.27 13.04
C TYR A 77 2.30 28.30 13.93
N ASP A 78 3.03 28.81 14.90
CA ASP A 78 2.47 29.84 15.84
C ASP A 78 1.53 29.15 16.85
N LYS A 79 1.81 27.90 17.14
CA LYS A 79 0.98 27.13 18.12
C LYS A 79 1.75 25.86 18.54
N PRO A 80 1.56 25.41 19.77
CA PRO A 80 2.25 24.20 20.28
C PRO A 80 1.58 22.95 19.70
N MET A 81 1.91 22.62 18.46
CA MET A 81 1.32 21.42 17.80
C MET A 81 1.60 20.17 18.63
N ARG A 82 0.56 19.60 19.20
CA ARG A 82 0.72 18.37 20.04
C ARG A 82 0.69 17.14 19.13
N ILE A 83 1.36 16.08 19.54
CA ILE A 83 1.40 14.83 18.72
C ILE A 83 0.64 13.71 19.44
N GLN A 84 0.03 12.82 18.68
CA GLN A 84 -0.74 11.68 19.28
C GLN A 84 -0.39 10.39 18.53
N TYR A 85 -0.20 9.31 19.25
CA TYR A 85 0.16 8.00 18.63
C TYR A 85 -0.92 7.57 17.63
N ALA A 86 -0.57 6.69 16.72
CA ALA A 86 -1.55 6.19 15.71
C ALA A 86 -1.92 4.74 16.03
N LYS A 87 -2.96 4.55 16.82
CA LYS A 87 -3.41 3.17 17.21
C LYS A 87 -3.65 2.27 16.00
N THR A 88 -3.89 2.87 14.84
CA THR A 88 -4.15 2.08 13.61
C THR A 88 -2.90 1.94 12.77
N ASP A 89 -2.01 2.89 12.88
CA ASP A 89 -0.75 2.89 12.08
C ASP A 89 -1.08 2.82 10.58
N SER A 90 -0.07 2.96 9.74
CA SER A 90 -0.29 2.90 8.26
C SER A 90 -0.98 1.58 7.89
N ASP A 91 -2.14 1.67 7.26
CA ASP A 91 -2.89 0.44 6.86
C ASP A 91 -1.99 -0.48 6.05
N ILE A 92 -1.24 0.08 5.14
CA ILE A 92 -0.32 -0.70 4.25
C ILE A 92 0.54 -1.68 5.08
N ILE A 93 0.92 -1.31 6.28
CA ILE A 93 1.75 -2.21 7.13
C ILE A 93 1.00 -3.53 7.38
N ALA A 94 -0.31 -3.54 7.19
CA ALA A 94 -1.12 -4.78 7.40
C ALA A 94 -0.94 -5.74 6.21
N LYS A 95 -0.63 -5.19 5.05
CA LYS A 95 -0.45 -6.03 3.82
C LYS A 95 0.95 -5.79 3.23
N MET A 96 1.87 -5.33 4.05
CA MET A 96 3.26 -5.04 3.58
C MET A 96 4.12 -6.31 3.54
N LYS A 97 3.52 -7.47 3.69
CA LYS A 97 4.32 -8.75 3.65
C LYS A 97 4.89 -8.96 2.23
N GLY A 98 4.40 -8.22 1.26
CA GLY A 98 4.88 -8.37 -0.16
C GLY A 98 6.26 -7.73 -0.34
N THR A 99 6.77 -7.01 0.65
CA THR A 99 8.12 -6.37 0.52
C THR A 99 9.15 -7.48 0.33
N PHE A 100 9.38 -8.22 1.38
CA PHE A 100 10.36 -9.33 1.36
C PHE A 100 10.11 -10.24 2.57
N VAL A 101 9.80 -9.64 3.71
CA VAL A 101 9.55 -10.42 4.94
C VAL A 101 8.36 -11.37 4.72
N ALA B 1 5.70 -9.75 -33.22
CA ALA B 1 6.57 -8.61 -32.82
C ALA B 1 7.18 -8.89 -31.43
N VAL B 2 7.88 -7.92 -30.89
CA VAL B 2 8.53 -8.09 -29.55
C VAL B 2 9.51 -9.29 -29.59
N PRO B 3 10.77 -9.02 -29.92
CA PRO B 3 11.81 -10.07 -30.00
C PRO B 3 12.29 -10.45 -28.60
N GLU B 4 12.26 -9.52 -27.68
CA GLU B 4 12.71 -9.80 -26.28
C GLU B 4 11.49 -9.90 -25.36
N THR B 5 11.55 -10.77 -24.38
CA THR B 5 10.41 -10.94 -23.42
C THR B 5 10.92 -11.61 -22.14
N ARG B 6 11.29 -10.80 -21.16
CA ARG B 6 11.80 -11.34 -19.86
C ARG B 6 10.82 -11.01 -18.74
N PRO B 7 10.88 -11.77 -17.65
CA PRO B 7 9.98 -11.56 -16.50
C PRO B 7 10.47 -10.38 -15.66
N ASN B 8 9.56 -9.54 -15.19
CA ASN B 8 9.97 -8.36 -14.37
C ASN B 8 9.05 -8.19 -13.16
N HIS B 9 9.46 -8.71 -12.04
CA HIS B 9 8.69 -8.59 -10.76
C HIS B 9 7.31 -9.25 -10.87
N THR B 10 6.37 -8.65 -11.58
CA THR B 10 5.01 -9.24 -11.68
C THR B 10 4.48 -9.21 -13.13
N ILE B 11 3.17 -9.31 -13.31
CA ILE B 11 2.58 -9.32 -14.69
C ILE B 11 1.44 -8.32 -14.83
N TYR B 12 0.80 -8.33 -15.99
CA TYR B 12 -0.35 -7.41 -16.26
C TYR B 12 -1.05 -7.89 -17.54
N ILE B 13 -2.33 -8.20 -17.46
CA ILE B 13 -3.07 -8.67 -18.67
C ILE B 13 -3.30 -7.49 -19.61
N ASN B 14 -3.23 -7.74 -20.91
CA ASN B 14 -3.43 -6.64 -21.92
C ASN B 14 -4.34 -7.16 -23.05
N ASN B 15 -5.56 -7.51 -22.71
CA ASN B 15 -6.54 -8.02 -23.73
C ASN B 15 -7.85 -8.40 -23.02
N LEU B 16 -8.25 -7.60 -22.05
CA LEU B 16 -9.51 -7.87 -21.29
C LEU B 16 -10.73 -7.52 -22.15
N ASN B 17 -11.91 -7.60 -21.57
CA ASN B 17 -13.16 -7.28 -22.33
C ASN B 17 -13.70 -5.92 -21.86
N GLU B 18 -14.45 -5.26 -22.72
CA GLU B 18 -15.03 -3.93 -22.38
C GLU B 18 -16.52 -4.09 -22.06
N LYS B 19 -16.87 -5.13 -21.35
CA LYS B 19 -18.30 -5.38 -20.98
C LYS B 19 -18.41 -5.50 -19.46
N ILE B 20 -17.43 -6.14 -18.85
CA ILE B 20 -17.42 -6.32 -17.36
C ILE B 20 -17.61 -4.96 -16.67
N LYS B 21 -17.97 -5.00 -15.40
CA LYS B 21 -18.18 -3.74 -14.64
C LYS B 21 -16.92 -3.34 -13.86
N LYS B 22 -15.76 -3.78 -14.34
CA LYS B 22 -14.45 -3.44 -13.68
C LYS B 22 -14.28 -4.18 -12.35
N ASP B 23 -15.22 -4.04 -11.45
CA ASP B 23 -15.15 -4.72 -10.13
C ASP B 23 -15.24 -6.23 -10.34
N GLU B 24 -15.89 -6.64 -11.40
CA GLU B 24 -16.04 -8.10 -11.70
C GLU B 24 -14.69 -8.67 -12.11
N LEU B 25 -13.85 -7.86 -12.72
CA LEU B 25 -12.50 -8.34 -13.16
C LEU B 25 -11.65 -8.66 -11.93
N LYS B 26 -11.86 -7.94 -10.85
CA LYS B 26 -11.07 -8.18 -9.60
C LYS B 26 -11.33 -9.60 -9.11
N LYS B 27 -12.59 -9.99 -9.05
CA LYS B 27 -12.96 -11.37 -8.59
C LYS B 27 -12.30 -12.42 -9.50
N SER B 28 -12.05 -12.05 -10.75
CA SER B 28 -11.42 -12.99 -11.72
C SER B 28 -9.89 -12.98 -11.53
N LEU B 29 -9.30 -11.81 -11.59
CA LEU B 29 -7.82 -11.67 -11.44
C LEU B 29 -7.39 -12.04 -10.02
N HIS B 30 -8.15 -11.60 -9.04
CA HIS B 30 -7.80 -11.88 -7.60
C HIS B 30 -8.21 -13.30 -7.19
N ALA B 31 -8.75 -14.10 -8.11
CA ALA B 31 -9.17 -15.49 -7.76
C ALA B 31 -8.32 -16.52 -8.51
N ILE B 32 -7.73 -16.13 -9.62
CA ILE B 32 -6.90 -17.09 -10.42
C ILE B 32 -5.42 -16.90 -10.11
N PHE B 33 -5.00 -15.66 -9.90
CA PHE B 33 -3.55 -15.38 -9.63
C PHE B 33 -3.20 -15.61 -8.16
N SER B 34 -4.11 -16.15 -7.36
CA SER B 34 -3.81 -16.40 -5.92
C SER B 34 -3.87 -17.91 -5.61
N ARG B 35 -4.52 -18.68 -6.47
CA ARG B 35 -4.62 -20.16 -6.22
C ARG B 35 -3.26 -20.84 -6.40
N PHE B 36 -2.51 -20.45 -7.41
CA PHE B 36 -1.16 -21.07 -7.66
C PHE B 36 -0.04 -20.17 -7.15
N GLY B 37 -0.35 -19.24 -6.24
CA GLY B 37 0.69 -18.33 -5.70
C GLY B 37 0.10 -17.48 -4.57
N GLN B 38 0.36 -16.18 -4.61
CA GLN B 38 -0.17 -15.25 -3.58
C GLN B 38 -0.20 -13.83 -4.15
N ILE B 39 -1.37 -13.36 -4.49
CA ILE B 39 -1.51 -11.99 -5.09
C ILE B 39 -1.34 -10.93 -3.99
N LEU B 40 -0.66 -9.85 -4.32
CA LEU B 40 -0.44 -8.75 -3.34
C LEU B 40 -1.40 -7.60 -3.64
N ASP B 41 -1.73 -7.42 -4.90
CA ASP B 41 -2.68 -6.34 -5.31
C ASP B 41 -2.84 -6.37 -6.84
N ILE B 42 -3.99 -5.94 -7.32
CA ILE B 42 -4.25 -5.93 -8.80
C ILE B 42 -4.63 -4.52 -9.23
N LEU B 43 -4.36 -4.15 -10.47
CA LEU B 43 -4.72 -2.78 -10.95
C LEU B 43 -5.83 -2.90 -11.99
N VAL B 44 -6.98 -2.32 -11.70
CA VAL B 44 -8.15 -2.39 -12.62
C VAL B 44 -8.01 -1.32 -13.72
N SER B 45 -8.77 -1.46 -14.79
CA SER B 45 -8.72 -0.49 -15.91
C SER B 45 -9.66 0.69 -15.62
N ARG B 46 -9.32 1.87 -16.10
CA ARG B 46 -10.18 3.08 -15.86
C ARG B 46 -9.57 4.30 -16.58
N SER B 47 -8.98 4.09 -17.74
CA SER B 47 -8.37 5.23 -18.51
C SER B 47 -7.91 4.72 -19.89
N LEU B 48 -7.65 5.63 -20.81
CA LEU B 48 -7.19 5.24 -22.19
C LEU B 48 -5.94 4.36 -22.08
N LYS B 49 -5.00 4.74 -21.24
CA LYS B 49 -3.75 3.94 -21.06
C LYS B 49 -4.10 2.60 -20.40
N MET B 50 -5.13 2.60 -19.57
CA MET B 50 -5.55 1.34 -18.87
C MET B 50 -6.81 0.79 -19.55
N ARG B 51 -6.77 0.64 -20.86
CA ARG B 51 -7.95 0.12 -21.62
C ARG B 51 -7.83 -1.40 -21.78
N GLY B 52 -8.72 -2.13 -21.14
CA GLY B 52 -8.71 -3.64 -21.22
C GLY B 52 -7.35 -4.17 -20.78
N GLN B 53 -6.98 -3.94 -19.54
CA GLN B 53 -5.66 -4.42 -19.02
C GLN B 53 -5.58 -4.17 -17.51
N ALA B 54 -5.00 -5.09 -16.77
CA ALA B 54 -4.86 -4.94 -15.30
C ALA B 54 -3.50 -5.48 -14.90
N PHE B 55 -2.91 -4.93 -13.85
CA PHE B 55 -1.57 -5.41 -13.39
C PHE B 55 -1.74 -6.32 -12.18
N VAL B 56 -1.28 -7.55 -12.27
CA VAL B 56 -1.42 -8.50 -11.12
C VAL B 56 -0.09 -8.57 -10.38
N ILE B 57 -0.05 -8.05 -9.17
CA ILE B 57 1.22 -8.06 -8.37
C ILE B 57 1.35 -9.41 -7.65
N PHE B 58 2.57 -9.80 -7.32
CA PHE B 58 2.80 -11.10 -6.62
C PHE B 58 3.78 -10.89 -5.46
N LYS B 59 5.07 -10.93 -5.73
CA LYS B 59 6.09 -10.75 -4.66
C LYS B 59 7.51 -10.84 -5.27
N GLU B 60 7.70 -11.75 -6.21
CA GLU B 60 9.03 -11.93 -6.85
C GLU B 60 8.87 -12.13 -8.36
N VAL B 61 9.93 -11.86 -9.11
CA VAL B 61 9.89 -12.03 -10.60
C VAL B 61 9.46 -13.45 -10.97
N SER B 62 9.85 -14.42 -10.18
CA SER B 62 9.49 -15.85 -10.48
C SER B 62 8.12 -16.22 -9.90
N SER B 63 7.33 -15.26 -9.48
CA SER B 63 5.98 -15.56 -8.92
C SER B 63 4.93 -15.36 -10.02
N ALA B 64 4.94 -14.19 -10.63
CA ALA B 64 3.97 -13.90 -11.73
C ALA B 64 4.41 -14.64 -12.98
N THR B 65 5.69 -14.91 -13.12
CA THR B 65 6.18 -15.66 -14.32
C THR B 65 5.57 -17.06 -14.27
N ASN B 66 5.46 -17.60 -13.08
CA ASN B 66 4.84 -18.95 -12.91
C ASN B 66 3.36 -18.85 -13.24
N ALA B 67 2.73 -17.73 -12.88
CA ALA B 67 1.28 -17.54 -13.17
C ALA B 67 1.09 -17.23 -14.66
N LEU B 68 1.95 -16.40 -15.20
CA LEU B 68 1.87 -16.02 -16.65
C LEU B 68 1.99 -17.27 -17.52
N ARG B 69 2.70 -18.28 -17.04
CA ARG B 69 2.88 -19.53 -17.83
C ARG B 69 1.64 -20.42 -17.65
N SER B 70 0.98 -20.29 -16.51
CA SER B 70 -0.24 -21.11 -16.22
C SER B 70 -1.50 -20.34 -16.67
N MET B 71 -1.35 -19.31 -17.47
CA MET B 71 -2.53 -18.51 -17.93
C MET B 71 -2.11 -17.60 -19.09
N GLN B 72 -1.16 -18.04 -19.90
CA GLN B 72 -0.69 -17.22 -21.06
C GLN B 72 -1.74 -17.23 -22.17
N GLY B 73 -2.42 -16.12 -22.37
CA GLY B 73 -3.46 -16.03 -23.45
C GLY B 73 -4.51 -17.11 -23.24
N PHE B 74 -5.26 -17.03 -22.16
CA PHE B 74 -6.30 -18.04 -21.85
C PHE B 74 -7.70 -17.45 -22.11
N PRO B 75 -8.65 -18.29 -22.53
CA PRO B 75 -10.03 -17.84 -22.81
C PRO B 75 -10.79 -17.67 -21.48
N PHE B 76 -11.04 -16.44 -21.08
CA PHE B 76 -11.74 -16.18 -19.79
C PHE B 76 -13.02 -15.38 -20.04
N TYR B 77 -12.91 -14.25 -20.69
CA TYR B 77 -14.10 -13.39 -20.96
C TYR B 77 -14.47 -13.47 -22.45
N ASP B 78 -14.44 -14.68 -22.99
CA ASP B 78 -14.77 -14.93 -24.43
C ASP B 78 -13.62 -14.43 -25.32
N LYS B 79 -12.41 -14.50 -24.78
CA LYS B 79 -11.20 -14.05 -25.55
C LYS B 79 -9.95 -14.59 -24.84
N PRO B 80 -8.91 -14.89 -25.60
CA PRO B 80 -7.64 -15.41 -25.03
C PRO B 80 -6.85 -14.26 -24.38
N MET B 81 -7.25 -13.88 -23.18
CA MET B 81 -6.56 -12.76 -22.47
C MET B 81 -5.08 -13.08 -22.31
N ARG B 82 -4.24 -12.33 -23.00
CA ARG B 82 -2.76 -12.56 -22.92
C ARG B 82 -2.19 -11.80 -21.74
N ILE B 83 -1.11 -12.28 -21.17
CA ILE B 83 -0.50 -11.61 -19.99
C ILE B 83 0.87 -11.04 -20.37
N GLN B 84 1.25 -9.94 -19.74
CA GLN B 84 2.57 -9.29 -20.04
C GLN B 84 3.24 -8.91 -18.72
N TYR B 85 4.54 -9.14 -18.63
CA TYR B 85 5.29 -8.82 -17.38
C TYR B 85 5.18 -7.33 -17.04
N ALA B 86 5.44 -6.97 -15.80
CA ALA B 86 5.36 -5.54 -15.38
C ALA B 86 6.79 -5.02 -15.11
N LYS B 87 7.41 -4.46 -16.14
CA LYS B 87 8.81 -3.93 -16.01
C LYS B 87 8.93 -2.92 -14.87
N THR B 88 7.83 -2.32 -14.47
CA THR B 88 7.85 -1.31 -13.36
C THR B 88 7.46 -1.94 -12.03
N ASP B 89 6.68 -2.98 -12.09
CA ASP B 89 6.20 -3.68 -10.85
C ASP B 89 5.48 -2.68 -9.95
N SER B 90 4.88 -3.15 -8.87
CA SER B 90 4.15 -2.26 -7.93
C SER B 90 5.10 -1.17 -7.42
N ASP B 91 4.74 0.08 -7.62
CA ASP B 91 5.60 1.23 -7.17
C ASP B 91 5.93 1.07 -5.68
N ILE B 92 4.92 0.74 -4.90
CA ILE B 92 5.08 0.56 -3.43
C ILE B 92 6.30 -0.31 -3.10
N ILE B 93 6.61 -1.29 -3.92
CA ILE B 93 7.78 -2.18 -3.65
C ILE B 93 9.07 -1.32 -3.61
N ALA B 94 9.04 -0.12 -4.16
CA ALA B 94 10.24 0.77 -4.15
C ALA B 94 10.41 1.42 -2.78
N LYS B 95 9.31 1.57 -2.05
CA LYS B 95 9.38 2.21 -0.69
C LYS B 95 8.78 1.25 0.35
N MET B 96 8.80 -0.03 0.06
CA MET B 96 8.22 -1.06 0.98
C MET B 96 9.24 -1.45 2.07
N LYS B 97 10.34 -0.73 2.19
CA LYS B 97 11.36 -1.05 3.24
C LYS B 97 10.76 -0.81 4.64
N GLY B 98 9.65 -0.12 4.72
CA GLY B 98 9.00 0.18 6.04
C GLY B 98 8.30 -1.06 6.62
N THR B 99 8.19 -2.14 5.85
CA THR B 99 7.51 -3.38 6.37
C THR B 99 8.31 -3.88 7.56
N PHE B 100 9.49 -4.38 7.30
CA PHE B 100 10.37 -4.93 8.36
C PHE B 100 11.79 -5.07 7.79
N VAL B 101 11.90 -5.49 6.55
CA VAL B 101 13.23 -5.67 5.91
C VAL B 101 13.97 -4.32 5.87
N ALA A 1 4.81 11.16 34.33
CA ALA A 1 5.62 11.44 33.12
C ALA A 1 6.43 10.19 32.75
N VAL A 2 6.00 9.48 31.73
CA VAL A 2 6.72 8.25 31.29
C VAL A 2 7.30 8.47 29.88
N PRO A 3 8.35 7.72 29.54
CA PRO A 3 9.01 7.84 28.22
C PRO A 3 8.19 7.10 27.16
N GLU A 4 7.48 6.07 27.55
CA GLU A 4 6.65 5.29 26.58
C GLU A 4 5.29 4.95 27.21
N THR A 5 4.22 5.23 26.50
CA THR A 5 2.85 4.94 27.02
C THR A 5 2.23 3.80 26.22
N ARG A 6 1.90 4.06 24.96
CA ARG A 6 1.29 3.01 24.09
C ARG A 6 1.37 3.46 22.61
N PRO A 7 2.55 3.32 22.01
CA PRO A 7 2.77 3.71 20.60
C PRO A 7 2.23 2.63 19.66
N ASN A 8 1.80 3.03 18.48
CA ASN A 8 1.25 2.05 17.49
C ASN A 8 1.77 2.37 16.09
N HIS A 9 2.91 1.79 15.73
CA HIS A 9 3.51 2.01 14.38
C HIS A 9 3.93 3.47 14.21
N THR A 10 2.97 4.36 13.97
CA THR A 10 3.30 5.80 13.73
C THR A 10 2.44 6.74 14.60
N ILE A 11 2.47 8.03 14.27
CA ILE A 11 1.69 9.05 15.07
C ILE A 11 0.82 9.90 14.15
N TYR A 12 0.26 10.97 14.70
CA TYR A 12 -0.58 11.89 13.91
C TYR A 12 -0.67 13.24 14.65
N ILE A 13 -0.15 14.29 14.05
CA ILE A 13 -0.15 15.65 14.68
C ILE A 13 -1.59 16.15 14.84
N ASN A 14 -1.80 17.00 15.82
CA ASN A 14 -3.16 17.57 16.08
C ASN A 14 -3.03 19.09 16.27
N ASN A 15 -4.14 19.80 16.16
CA ASN A 15 -4.12 21.29 16.34
C ASN A 15 -3.22 21.93 15.27
N LEU A 16 -3.09 21.27 14.12
CA LEU A 16 -2.23 21.82 13.02
C LEU A 16 -2.86 23.11 12.48
N ASN A 17 -2.04 24.00 11.96
CA ASN A 17 -2.54 25.30 11.40
C ASN A 17 -3.50 25.03 10.24
N GLU A 18 -4.37 25.98 9.96
CA GLU A 18 -5.35 25.82 8.84
C GLU A 18 -5.24 27.02 7.88
N LYS A 19 -4.05 27.26 7.37
CA LYS A 19 -3.83 28.40 6.42
C LYS A 19 -2.66 28.08 5.48
N ILE A 20 -2.36 26.80 5.31
CA ILE A 20 -1.25 26.38 4.41
C ILE A 20 -1.73 25.31 3.44
N LYS A 21 -1.00 25.12 2.37
CA LYS A 21 -1.38 24.09 1.36
C LYS A 21 -0.61 22.80 1.64
N LYS A 22 -1.11 21.68 1.15
CA LYS A 22 -0.45 20.36 1.37
C LYS A 22 1.00 20.40 0.86
N ASP A 23 1.30 21.30 -0.05
CA ASP A 23 2.67 21.40 -0.62
C ASP A 23 3.58 22.16 0.35
N GLU A 24 3.02 23.01 1.17
CA GLU A 24 3.84 23.79 2.15
C GLU A 24 3.86 23.08 3.50
N LEU A 25 2.81 22.36 3.81
CA LEU A 25 2.75 21.62 5.12
C LEU A 25 3.64 20.38 5.05
N LYS A 26 3.81 19.82 3.87
CA LYS A 26 4.69 18.62 3.70
C LYS A 26 6.14 19.01 3.91
N LYS A 27 6.55 20.13 3.34
CA LYS A 27 7.97 20.60 3.49
C LYS A 27 8.28 20.86 4.96
N SER A 28 7.26 21.11 5.77
CA SER A 28 7.45 21.38 7.22
C SER A 28 7.18 20.11 8.02
N LEU A 29 6.05 19.48 7.80
CA LEU A 29 5.68 18.23 8.53
C LEU A 29 6.61 17.08 8.12
N HIS A 30 6.78 16.89 6.83
CA HIS A 30 7.64 15.77 6.32
C HIS A 30 9.14 16.10 6.49
N ALA A 31 9.47 17.29 6.97
CA ALA A 31 10.90 17.67 7.14
C ALA A 31 11.28 17.65 8.63
N ILE A 32 10.30 17.78 9.51
CA ILE A 32 10.59 17.78 10.97
C ILE A 32 10.46 16.37 11.54
N PHE A 33 9.56 15.57 10.99
CA PHE A 33 9.37 14.17 11.49
C PHE A 33 10.34 13.20 10.82
N SER A 34 11.31 13.71 10.07
CA SER A 34 12.30 12.81 9.38
C SER A 34 13.71 13.05 9.93
N ARG A 35 13.95 14.22 10.50
CA ARG A 35 15.30 14.56 11.05
C ARG A 35 15.75 13.51 12.07
N PHE A 36 14.81 12.81 12.69
CA PHE A 36 15.19 11.77 13.71
C PHE A 36 15.42 10.44 12.97
N GLY A 37 14.45 10.01 12.19
CA GLY A 37 14.58 8.73 11.45
C GLY A 37 14.33 8.97 9.95
N GLN A 38 13.18 8.54 9.47
CA GLN A 38 12.83 8.72 8.03
C GLN A 38 11.34 8.50 7.85
N ILE A 39 10.60 9.56 7.64
CA ILE A 39 9.11 9.46 7.45
C ILE A 39 8.81 8.58 6.24
N LEU A 40 7.70 7.88 6.27
CA LEU A 40 7.33 6.99 5.12
C LEU A 40 6.18 7.61 4.32
N ASP A 41 5.34 8.39 4.98
CA ASP A 41 4.19 9.03 4.27
C ASP A 41 3.42 9.92 5.26
N ILE A 42 2.57 10.79 4.76
CA ILE A 42 1.78 11.70 5.65
C ILE A 42 0.36 11.85 5.11
N LEU A 43 -0.58 12.21 5.96
CA LEU A 43 -2.00 12.39 5.53
C LEU A 43 -2.55 13.67 6.14
N VAL A 44 -2.59 14.73 5.35
CA VAL A 44 -3.10 16.05 5.84
C VAL A 44 -4.38 16.45 5.10
N SER A 45 -5.06 15.49 4.53
CA SER A 45 -6.33 15.73 3.75
C SER A 45 -7.22 16.77 4.45
N ARG A 46 -8.09 17.41 3.69
CA ARG A 46 -8.99 18.47 4.25
C ARG A 46 -10.36 17.86 4.63
N SER A 47 -10.41 16.57 4.88
CA SER A 47 -11.69 15.90 5.26
C SER A 47 -12.13 16.41 6.64
N LEU A 48 -13.35 16.10 7.03
CA LEU A 48 -13.88 16.53 8.36
C LEU A 48 -12.98 15.96 9.47
N LYS A 49 -12.68 14.68 9.39
CA LYS A 49 -11.81 14.01 10.40
C LYS A 49 -10.36 14.49 10.24
N MET A 50 -10.00 14.94 9.06
CA MET A 50 -8.60 15.42 8.81
C MET A 50 -8.54 16.95 8.95
N ARG A 51 -9.23 17.48 9.94
CA ARG A 51 -9.25 18.96 10.17
C ARG A 51 -8.30 19.33 11.31
N GLY A 52 -7.21 20.00 10.99
CA GLY A 52 -6.22 20.42 12.03
C GLY A 52 -5.41 19.21 12.52
N GLN A 53 -4.78 18.50 11.60
CA GLN A 53 -3.95 17.31 11.99
C GLN A 53 -3.16 16.82 10.77
N ALA A 54 -2.41 15.75 10.94
CA ALA A 54 -1.59 15.19 9.83
C ALA A 54 -0.92 13.90 10.30
N PHE A 55 -1.46 12.76 9.91
CA PHE A 55 -0.87 11.45 10.32
C PHE A 55 0.54 11.34 9.77
N VAL A 56 1.52 11.12 10.63
CA VAL A 56 2.95 11.01 10.16
C VAL A 56 3.39 9.56 10.25
N ILE A 57 3.53 8.90 9.11
CA ILE A 57 3.97 7.47 9.10
C ILE A 57 5.48 7.41 9.41
N PHE A 58 5.94 6.32 9.99
CA PHE A 58 7.39 6.20 10.34
C PHE A 58 7.95 4.87 9.80
N LYS A 59 7.81 3.79 10.57
CA LYS A 59 8.34 2.46 10.13
C LYS A 59 8.08 1.44 11.25
N GLU A 60 8.65 1.67 12.40
CA GLU A 60 8.47 0.75 13.56
C GLU A 60 7.90 1.52 14.75
N VAL A 61 7.21 0.84 15.64
CA VAL A 61 6.61 1.51 16.83
C VAL A 61 7.68 2.31 17.61
N SER A 62 8.93 1.93 17.47
CA SER A 62 10.03 2.64 18.21
C SER A 62 10.51 3.89 17.44
N SER A 63 9.97 4.14 16.26
CA SER A 63 10.41 5.34 15.47
C SER A 63 9.47 6.51 15.79
N ALA A 64 8.19 6.25 15.84
CA ALA A 64 7.20 7.31 16.15
C ALA A 64 7.27 7.63 17.64
N THR A 65 7.62 6.64 18.45
CA THR A 65 7.74 6.88 19.93
C THR A 65 8.83 7.93 20.15
N ASN A 66 9.82 7.93 19.30
CA ASN A 66 10.93 8.93 19.41
C ASN A 66 10.41 10.30 18.97
N ALA A 67 9.64 10.33 17.90
CA ALA A 67 9.08 11.63 17.39
C ALA A 67 7.92 12.10 18.30
N LEU A 68 7.27 11.16 18.97
CA LEU A 68 6.13 11.52 19.87
C LEU A 68 6.64 12.26 21.10
N ARG A 69 7.71 11.77 21.71
CA ARG A 69 8.28 12.42 22.93
C ARG A 69 9.41 13.38 22.55
N SER A 70 9.40 13.87 21.32
CA SER A 70 10.46 14.81 20.87
C SER A 70 9.87 16.19 20.56
N MET A 71 8.58 16.25 20.27
CA MET A 71 7.93 17.57 19.95
C MET A 71 6.59 17.69 20.69
N GLN A 72 6.52 17.17 21.91
CA GLN A 72 5.25 17.26 22.71
C GLN A 72 4.84 18.72 22.87
N GLY A 73 3.89 19.16 22.09
CA GLY A 73 3.42 20.59 22.16
C GLY A 73 4.52 21.50 21.60
N PHE A 74 4.91 21.25 20.37
CA PHE A 74 5.99 22.07 19.72
C PHE A 74 5.35 23.10 18.76
N PRO A 75 6.01 24.23 18.57
CA PRO A 75 5.51 25.30 17.68
C PRO A 75 5.77 24.92 16.21
N PHE A 76 4.75 25.01 15.38
CA PHE A 76 4.88 24.65 13.95
C PHE A 76 3.98 25.58 13.12
N TYR A 77 4.56 26.41 12.28
CA TYR A 77 3.77 27.36 11.46
C TYR A 77 2.98 28.31 12.38
N ASP A 78 3.54 28.60 13.54
CA ASP A 78 2.87 29.52 14.53
C ASP A 78 1.59 28.86 15.06
N LYS A 79 1.75 27.92 15.97
CA LYS A 79 0.58 27.20 16.59
C LYS A 79 1.10 26.05 17.45
N PRO A 80 0.55 25.88 18.66
CA PRO A 80 0.98 24.79 19.58
C PRO A 80 0.35 23.46 19.15
N MET A 81 1.10 22.64 18.46
CA MET A 81 0.55 21.31 18.00
C MET A 81 1.10 20.19 18.88
N ARG A 82 0.25 19.25 19.22
CA ARG A 82 0.67 18.09 20.08
C ARG A 82 0.64 16.82 19.24
N ILE A 83 1.69 16.03 19.31
CA ILE A 83 1.75 14.76 18.52
C ILE A 83 0.99 13.66 19.26
N GLN A 84 0.26 12.85 18.53
CA GLN A 84 -0.53 11.74 19.16
C GLN A 84 -0.25 10.44 18.40
N TYR A 85 -0.06 9.35 19.11
CA TYR A 85 0.22 8.03 18.46
C TYR A 85 -0.93 7.66 17.52
N ALA A 86 -0.62 6.94 16.46
CA ALA A 86 -1.68 6.53 15.48
C ALA A 86 -2.01 5.04 15.69
N LYS A 87 -2.99 4.77 16.53
CA LYS A 87 -3.42 3.36 16.82
C LYS A 87 -3.60 2.55 15.53
N THR A 88 -4.03 3.22 14.48
CA THR A 88 -4.22 2.53 13.17
C THR A 88 -2.98 2.67 12.30
N ASP A 89 -2.26 3.75 12.49
CA ASP A 89 -1.03 4.05 11.69
C ASP A 89 -1.28 3.80 10.20
N SER A 90 -0.23 3.67 9.41
CA SER A 90 -0.40 3.43 7.95
C SER A 90 -1.25 2.17 7.75
N ASP A 91 -2.11 2.17 6.75
CA ASP A 91 -3.00 0.98 6.51
C ASP A 91 -2.29 0.00 5.60
N ILE A 92 -1.54 0.50 4.62
CA ILE A 92 -0.80 -0.40 3.68
C ILE A 92 0.01 -1.44 4.48
N ILE A 93 0.36 -1.13 5.72
CA ILE A 93 1.13 -2.08 6.59
C ILE A 93 0.37 -3.42 6.64
N ALA A 94 -0.94 -3.37 6.46
CA ALA A 94 -1.79 -4.59 6.50
C ALA A 94 -1.53 -5.46 5.27
N LYS A 95 -1.27 -4.84 4.13
CA LYS A 95 -0.99 -5.59 2.87
C LYS A 95 0.50 -5.50 2.53
N MET A 96 1.31 -5.12 3.50
CA MET A 96 2.78 -4.99 3.26
C MET A 96 3.48 -6.35 3.37
N LYS A 97 2.77 -7.38 3.81
CA LYS A 97 3.42 -8.74 3.92
C LYS A 97 4.04 -9.12 2.56
N GLY A 98 3.50 -8.57 1.49
CA GLY A 98 4.03 -8.85 0.12
C GLY A 98 5.32 -8.05 -0.14
N THR A 99 5.75 -7.24 0.82
CA THR A 99 7.01 -6.42 0.64
C THR A 99 8.16 -7.37 0.31
N PHE A 100 8.45 -8.26 1.23
CA PHE A 100 9.55 -9.25 1.06
C PHE A 100 9.71 -10.05 2.36
N VAL A 101 9.48 -9.39 3.49
CA VAL A 101 9.60 -10.06 4.82
C VAL A 101 8.89 -11.42 4.82
N ALA B 1 10.92 -20.77 -27.51
CA ALA B 1 10.01 -20.96 -26.34
C ALA B 1 10.83 -21.16 -25.07
N VAL B 2 10.91 -20.13 -24.24
CA VAL B 2 11.68 -20.22 -22.97
C VAL B 2 10.73 -20.10 -21.77
N PRO B 3 11.13 -20.65 -20.63
CA PRO B 3 10.31 -20.61 -19.40
C PRO B 3 10.40 -19.23 -18.74
N GLU B 4 11.52 -18.55 -18.91
CA GLU B 4 11.70 -17.20 -18.30
C GLU B 4 12.38 -16.27 -19.31
N THR B 5 11.82 -15.09 -19.50
CA THR B 5 12.40 -14.11 -20.47
C THR B 5 12.97 -12.92 -19.69
N ARG B 6 12.09 -12.12 -19.10
CA ARG B 6 12.55 -10.93 -18.32
C ARG B 6 11.37 -10.42 -17.45
N PRO B 7 11.13 -11.10 -16.33
CA PRO B 7 10.03 -10.72 -15.41
C PRO B 7 10.47 -9.54 -14.53
N ASN B 8 9.53 -8.73 -14.11
CA ASN B 8 9.86 -7.54 -13.25
C ASN B 8 8.82 -7.41 -12.13
N HIS B 9 9.07 -8.05 -11.01
CA HIS B 9 8.14 -7.99 -9.83
C HIS B 9 6.79 -8.62 -10.17
N THR B 10 5.97 -7.92 -10.94
CA THR B 10 4.60 -8.45 -11.27
C THR B 10 4.30 -8.36 -12.78
N ILE B 11 3.04 -8.56 -13.15
CA ILE B 11 2.63 -8.53 -14.59
C ILE B 11 1.46 -7.57 -14.82
N TYR B 12 0.88 -7.63 -16.00
CA TYR B 12 -0.30 -6.77 -16.33
C TYR B 12 -1.04 -7.39 -17.54
N ILE B 13 -2.27 -7.80 -17.32
CA ILE B 13 -3.08 -8.44 -18.40
C ILE B 13 -3.35 -7.43 -19.51
N ASN B 14 -3.54 -7.93 -20.72
CA ASN B 14 -3.83 -7.04 -21.90
C ASN B 14 -5.02 -7.61 -22.68
N ASN B 15 -5.63 -6.80 -23.52
CA ASN B 15 -6.80 -7.27 -24.34
C ASN B 15 -7.94 -7.69 -23.40
N LEU B 16 -8.01 -7.09 -22.23
CA LEU B 16 -9.09 -7.44 -21.25
C LEU B 16 -10.43 -6.98 -21.81
N ASN B 17 -11.51 -7.65 -21.42
CA ASN B 17 -12.87 -7.28 -21.91
C ASN B 17 -13.21 -5.86 -21.48
N GLU B 18 -14.14 -5.23 -22.18
CA GLU B 18 -14.55 -3.83 -21.84
C GLU B 18 -16.08 -3.77 -21.67
N LYS B 19 -16.60 -4.60 -20.80
CA LYS B 19 -18.09 -4.64 -20.55
C LYS B 19 -18.37 -5.09 -19.10
N ILE B 20 -17.40 -4.94 -18.23
CA ILE B 20 -17.57 -5.37 -16.81
C ILE B 20 -17.14 -4.22 -15.88
N LYS B 21 -17.59 -4.28 -14.64
CA LYS B 21 -17.23 -3.23 -13.65
C LYS B 21 -16.03 -3.69 -12.83
N LYS B 22 -15.32 -2.76 -12.23
CA LYS B 22 -14.11 -3.10 -11.41
C LYS B 22 -14.49 -4.08 -10.30
N ASP B 23 -15.75 -4.13 -9.92
CA ASP B 23 -16.20 -5.05 -8.83
C ASP B 23 -16.36 -6.48 -9.38
N GLU B 24 -16.62 -6.60 -10.67
CA GLU B 24 -16.80 -7.95 -11.28
C GLU B 24 -15.48 -8.42 -11.89
N LEU B 25 -14.65 -7.50 -12.33
CA LEU B 25 -13.34 -7.88 -12.94
C LEU B 25 -12.37 -8.29 -11.83
N LYS B 26 -12.54 -7.74 -10.64
CA LYS B 26 -11.64 -8.09 -9.50
C LYS B 26 -11.93 -9.54 -9.06
N LYS B 27 -13.20 -9.88 -8.96
CA LYS B 27 -13.59 -11.27 -8.54
C LYS B 27 -13.03 -12.29 -9.53
N SER B 28 -12.77 -11.87 -10.76
CA SER B 28 -12.24 -12.79 -11.81
C SER B 28 -10.72 -12.61 -11.92
N LEU B 29 -10.26 -11.39 -12.06
CA LEU B 29 -8.80 -11.12 -12.19
C LEU B 29 -8.08 -11.42 -10.86
N HIS B 30 -8.61 -10.90 -9.78
CA HIS B 30 -7.97 -11.12 -8.43
C HIS B 30 -8.23 -12.54 -7.91
N ALA B 31 -9.00 -13.35 -8.63
CA ALA B 31 -9.30 -14.74 -8.17
C ALA B 31 -8.51 -15.76 -9.01
N ILE B 32 -8.10 -15.38 -10.21
CA ILE B 32 -7.34 -16.31 -11.10
C ILE B 32 -5.84 -16.12 -10.90
N PHE B 33 -5.42 -14.90 -10.61
CA PHE B 33 -3.96 -14.61 -10.41
C PHE B 33 -3.54 -14.88 -8.95
N SER B 34 -4.40 -15.47 -8.15
CA SER B 34 -4.06 -15.76 -6.72
C SER B 34 -4.03 -17.27 -6.48
N ARG B 35 -4.74 -18.03 -7.29
CA ARG B 35 -4.79 -19.52 -7.12
C ARG B 35 -3.37 -20.12 -7.10
N PHE B 36 -2.41 -19.45 -7.72
CA PHE B 36 -1.01 -19.98 -7.74
C PHE B 36 -0.28 -19.50 -6.48
N GLY B 37 -0.29 -18.21 -6.25
CA GLY B 37 0.39 -17.64 -5.04
C GLY B 37 -0.58 -16.79 -4.23
N GLN B 38 -0.43 -15.48 -4.31
CA GLN B 38 -1.33 -14.55 -3.56
C GLN B 38 -1.17 -13.15 -4.13
N ILE B 39 -2.16 -12.68 -4.88
CA ILE B 39 -2.10 -11.32 -5.48
C ILE B 39 -1.99 -10.28 -4.36
N LEU B 40 -1.34 -9.16 -4.65
CA LEU B 40 -1.16 -8.09 -3.62
C LEU B 40 -2.07 -6.90 -3.96
N ASP B 41 -2.33 -6.69 -5.23
CA ASP B 41 -3.20 -5.55 -5.66
C ASP B 41 -3.39 -5.59 -7.18
N ILE B 42 -4.36 -4.85 -7.69
CA ILE B 42 -4.61 -4.82 -9.16
C ILE B 42 -4.97 -3.40 -9.60
N LEU B 43 -4.77 -3.10 -10.87
CA LEU B 43 -5.09 -1.74 -11.41
C LEU B 43 -5.84 -1.89 -12.74
N VAL B 44 -7.15 -1.74 -12.70
CA VAL B 44 -7.98 -1.88 -13.95
C VAL B 44 -8.65 -0.54 -14.28
N SER B 45 -8.10 0.53 -13.79
CA SER B 45 -8.66 1.92 -14.03
C SER B 45 -9.14 2.09 -15.48
N ARG B 46 -10.05 3.02 -15.71
CA ARG B 46 -10.60 3.25 -17.08
C ARG B 46 -9.83 4.37 -17.79
N SER B 47 -8.60 4.62 -17.39
CA SER B 47 -7.78 5.70 -18.03
C SER B 47 -7.44 5.29 -19.46
N LEU B 48 -6.92 6.23 -20.24
CA LEU B 48 -6.56 5.93 -21.67
C LEU B 48 -5.52 4.79 -21.70
N LYS B 49 -4.50 4.90 -20.88
CA LYS B 49 -3.44 3.85 -20.83
C LYS B 49 -3.99 2.58 -20.17
N MET B 50 -5.02 2.71 -19.35
CA MET B 50 -5.61 1.53 -18.65
C MET B 50 -6.84 1.03 -19.45
N ARG B 51 -6.73 1.02 -20.76
CA ARG B 51 -7.86 0.56 -21.63
C ARG B 51 -7.61 -0.89 -22.10
N GLY B 52 -8.40 -1.82 -21.60
CA GLY B 52 -8.25 -3.26 -22.01
C GLY B 52 -7.01 -3.86 -21.36
N GLN B 53 -6.92 -3.78 -20.05
CA GLN B 53 -5.74 -4.36 -19.31
C GLN B 53 -6.01 -4.34 -17.81
N ALA B 54 -5.05 -4.79 -17.03
CA ALA B 54 -5.20 -4.82 -15.54
C ALA B 54 -3.88 -5.29 -14.91
N PHE B 55 -3.11 -4.36 -14.39
CA PHE B 55 -1.81 -4.73 -13.73
C PHE B 55 -2.08 -5.64 -12.55
N VAL B 56 -1.47 -6.82 -12.53
CA VAL B 56 -1.70 -7.77 -11.40
C VAL B 56 -0.44 -7.82 -10.53
N ILE B 57 -0.49 -7.24 -9.34
CA ILE B 57 0.70 -7.25 -8.43
C ILE B 57 0.84 -8.65 -7.82
N PHE B 58 2.05 -9.04 -7.48
CA PHE B 58 2.28 -10.40 -6.89
C PHE B 58 3.10 -10.29 -5.59
N LYS B 59 4.41 -10.27 -5.69
CA LYS B 59 5.28 -10.17 -4.49
C LYS B 59 6.75 -10.22 -4.93
N GLU B 60 7.15 -11.32 -5.54
CA GLU B 60 8.55 -11.46 -6.02
C GLU B 60 8.55 -11.75 -7.52
N VAL B 61 9.62 -11.41 -8.20
CA VAL B 61 9.73 -11.63 -9.69
C VAL B 61 9.42 -13.09 -10.03
N SER B 62 9.60 -14.01 -9.09
CA SER B 62 9.34 -15.47 -9.36
C SER B 62 7.86 -15.81 -9.14
N SER B 63 7.04 -14.87 -8.73
CA SER B 63 5.59 -15.15 -8.50
C SER B 63 4.81 -14.81 -9.78
N ALA B 64 5.11 -13.69 -10.37
CA ALA B 64 4.42 -13.27 -11.62
C ALA B 64 4.95 -14.10 -12.78
N THR B 65 6.19 -14.54 -12.70
CA THR B 65 6.77 -15.39 -13.78
C THR B 65 5.94 -16.68 -13.86
N ASN B 66 5.45 -17.12 -12.73
CA ASN B 66 4.61 -18.36 -12.69
C ASN B 66 3.24 -18.06 -13.29
N ALA B 67 2.67 -16.90 -12.97
CA ALA B 67 1.34 -16.52 -13.53
C ALA B 67 1.49 -16.08 -14.99
N LEU B 68 2.65 -15.62 -15.38
CA LEU B 68 2.88 -15.16 -16.78
C LEU B 68 2.89 -16.36 -17.73
N ARG B 69 3.58 -17.42 -17.35
CA ARG B 69 3.66 -18.65 -18.21
C ARG B 69 2.58 -19.66 -17.79
N SER B 70 1.52 -19.20 -17.17
CA SER B 70 0.42 -20.12 -16.72
C SER B 70 -0.87 -19.81 -17.47
N MET B 71 -1.02 -18.61 -17.99
CA MET B 71 -2.27 -18.24 -18.73
C MET B 71 -1.92 -17.48 -20.02
N GLN B 72 -0.84 -17.86 -20.66
CA GLN B 72 -0.42 -17.19 -21.94
C GLN B 72 -1.56 -17.30 -22.96
N GLY B 73 -2.31 -16.22 -23.14
CA GLY B 73 -3.45 -16.22 -24.09
C GLY B 73 -4.56 -17.11 -23.55
N PHE B 74 -5.04 -16.81 -22.36
CA PHE B 74 -6.12 -17.61 -21.71
C PHE B 74 -7.46 -16.88 -21.87
N PRO B 75 -8.56 -17.63 -21.91
CA PRO B 75 -9.91 -17.05 -22.05
C PRO B 75 -10.38 -16.49 -20.70
N PHE B 76 -10.85 -15.26 -20.71
CA PHE B 76 -11.32 -14.61 -19.44
C PHE B 76 -12.49 -13.69 -19.79
N TYR B 77 -13.67 -13.98 -19.28
CA TYR B 77 -14.89 -13.16 -19.56
C TYR B 77 -15.16 -13.17 -21.07
N ASP B 78 -14.80 -14.26 -21.74
CA ASP B 78 -15.03 -14.39 -23.21
C ASP B 78 -14.13 -13.39 -23.97
N LYS B 79 -12.86 -13.72 -24.08
CA LYS B 79 -11.88 -12.84 -24.80
C LYS B 79 -10.46 -13.41 -24.59
N PRO B 80 -9.65 -13.47 -25.65
CA PRO B 80 -8.27 -13.99 -25.55
C PRO B 80 -7.35 -12.92 -24.97
N MET B 81 -7.04 -13.03 -23.69
CA MET B 81 -6.15 -12.02 -23.03
C MET B 81 -4.75 -12.62 -22.84
N ARG B 82 -3.73 -11.82 -23.09
CA ARG B 82 -2.32 -12.29 -22.93
C ARG B 82 -1.68 -11.54 -21.76
N ILE B 83 -1.03 -12.27 -20.87
CA ILE B 83 -0.38 -11.63 -19.68
C ILE B 83 0.99 -11.07 -20.09
N GLN B 84 1.31 -9.90 -19.59
CA GLN B 84 2.63 -9.25 -19.92
C GLN B 84 3.31 -8.81 -18.62
N TYR B 85 4.60 -9.03 -18.52
CA TYR B 85 5.36 -8.62 -17.29
C TYR B 85 5.23 -7.13 -17.05
N ALA B 86 5.25 -6.70 -15.80
CA ALA B 86 5.13 -5.25 -15.49
C ALA B 86 6.52 -4.69 -15.12
N LYS B 87 7.23 -4.19 -16.11
CA LYS B 87 8.61 -3.62 -15.88
C LYS B 87 8.60 -2.65 -14.68
N THR B 88 7.50 -1.96 -14.48
CA THR B 88 7.40 -0.99 -13.34
C THR B 88 6.78 -1.67 -12.14
N ASP B 89 5.92 -2.64 -12.39
CA ASP B 89 5.20 -3.39 -11.31
C ASP B 89 4.62 -2.40 -10.28
N SER B 90 4.26 -2.89 -9.11
CA SER B 90 3.70 -1.99 -8.05
C SER B 90 4.69 -0.87 -7.77
N ASP B 91 4.21 0.33 -7.53
CA ASP B 91 5.12 1.48 -7.27
C ASP B 91 5.43 1.57 -5.78
N ILE B 92 4.47 1.27 -4.93
CA ILE B 92 4.69 1.31 -3.46
C ILE B 92 5.96 0.50 -3.10
N ILE B 93 6.34 -0.45 -3.94
CA ILE B 93 7.57 -1.27 -3.69
C ILE B 93 8.76 -0.32 -3.50
N ALA B 94 8.68 0.86 -4.09
CA ALA B 94 9.78 1.87 -3.99
C ALA B 94 9.84 2.45 -2.58
N LYS B 95 8.71 2.60 -1.93
CA LYS B 95 8.67 3.15 -0.55
C LYS B 95 8.33 2.03 0.44
N MET B 96 8.50 0.80 0.02
CA MET B 96 8.19 -0.37 0.90
C MET B 96 9.37 -0.67 1.84
N LYS B 97 10.50 -0.03 1.65
CA LYS B 97 11.68 -0.28 2.54
C LYS B 97 11.25 -0.06 4.00
N GLY B 98 10.24 0.76 4.22
CA GLY B 98 9.73 1.02 5.60
C GLY B 98 8.86 -0.14 6.09
N THR B 99 8.65 -1.17 5.26
CA THR B 99 7.82 -2.35 5.68
C THR B 99 8.40 -2.94 6.96
N PHE B 100 9.62 -3.39 6.88
CA PHE B 100 10.32 -3.99 8.06
C PHE B 100 11.67 -4.55 7.60
N VAL B 101 11.73 -5.04 6.38
CA VAL B 101 13.00 -5.61 5.82
C VAL B 101 14.18 -4.65 6.07
N ALA A 1 -5.23 -9.02 19.29
CA ALA A 1 -4.82 -7.59 19.27
C ALA A 1 -5.84 -6.76 20.04
N VAL A 2 -5.37 -5.90 20.93
CA VAL A 2 -6.29 -5.04 21.73
C VAL A 2 -5.75 -3.59 21.73
N PRO A 3 -6.64 -2.60 21.64
CA PRO A 3 -6.24 -1.18 21.63
C PRO A 3 -5.91 -0.71 23.06
N GLU A 4 -4.88 0.11 23.20
CA GLU A 4 -4.49 0.62 24.54
C GLU A 4 -3.58 1.85 24.38
N THR A 5 -2.98 2.30 25.46
CA THR A 5 -2.07 3.48 25.41
C THR A 5 -0.64 3.02 25.07
N ARG A 6 -0.48 2.35 23.95
CA ARG A 6 0.86 1.85 23.52
C ARG A 6 1.28 2.54 22.21
N PRO A 7 2.55 2.38 21.83
CA PRO A 7 3.08 2.98 20.58
C PRO A 7 2.61 2.18 19.37
N ASN A 8 2.52 2.84 18.22
CA ASN A 8 2.06 2.14 16.97
C ASN A 8 3.00 2.49 15.82
N HIS A 9 2.71 1.99 14.63
CA HIS A 9 3.57 2.26 13.43
C HIS A 9 3.71 3.76 13.19
N THR A 10 2.72 4.54 13.59
CA THR A 10 2.79 6.02 13.33
C THR A 10 2.04 6.79 14.42
N ILE A 11 2.04 8.10 14.28
CA ILE A 11 1.33 8.99 15.25
C ILE A 11 0.64 10.11 14.46
N TYR A 12 -0.25 10.86 15.07
CA TYR A 12 -0.94 11.95 14.33
C TYR A 12 -0.98 13.23 15.18
N ILE A 13 -0.53 14.33 14.61
CA ILE A 13 -0.49 15.62 15.33
C ILE A 13 -1.89 16.24 15.40
N ASN A 14 -2.10 17.15 16.32
CA ASN A 14 -3.43 17.82 16.48
C ASN A 14 -3.24 19.33 16.50
N ASN A 15 -4.32 20.08 16.67
CA ASN A 15 -4.23 21.57 16.70
C ASN A 15 -3.54 22.10 15.44
N LEU A 16 -3.59 21.34 14.36
CA LEU A 16 -2.94 21.77 13.08
C LEU A 16 -3.57 23.08 12.60
N ASN A 17 -2.75 24.01 12.16
CA ASN A 17 -3.27 25.32 11.66
C ASN A 17 -4.21 25.10 10.48
N GLU A 18 -5.08 26.04 10.22
CA GLU A 18 -6.04 25.91 9.08
C GLU A 18 -5.84 27.08 8.09
N LYS A 19 -4.63 27.22 7.59
CA LYS A 19 -4.32 28.32 6.62
C LYS A 19 -3.15 27.89 5.71
N ILE A 20 -2.96 26.60 5.55
CA ILE A 20 -1.85 26.08 4.69
C ILE A 20 -2.40 25.05 3.71
N LYS A 21 -1.65 24.80 2.66
CA LYS A 21 -2.08 23.79 1.64
C LYS A 21 -1.44 22.44 1.95
N LYS A 22 -1.43 21.53 1.00
CA LYS A 22 -0.84 20.18 1.22
C LYS A 22 0.66 20.21 0.88
N ASP A 23 1.07 21.14 0.05
CA ASP A 23 2.51 21.24 -0.36
C ASP A 23 3.28 22.05 0.68
N GLU A 24 2.60 22.92 1.42
CA GLU A 24 3.28 23.75 2.45
C GLU A 24 3.30 23.02 3.79
N LEU A 25 2.34 22.15 4.02
CA LEU A 25 2.29 21.39 5.30
C LEU A 25 3.34 20.28 5.28
N LYS A 26 3.61 19.74 4.12
CA LYS A 26 4.63 18.64 4.00
C LYS A 26 6.03 19.22 4.27
N LYS A 27 6.29 20.40 3.78
CA LYS A 27 7.62 21.05 3.99
C LYS A 27 7.87 21.26 5.49
N SER A 28 6.81 21.35 6.27
CA SER A 28 6.95 21.55 7.74
C SER A 28 6.74 20.22 8.48
N LEU A 29 5.69 19.51 8.14
CA LEU A 29 5.39 18.21 8.80
C LEU A 29 6.39 17.15 8.35
N HIS A 30 6.62 17.06 7.05
CA HIS A 30 7.57 16.06 6.49
C HIS A 30 9.04 16.51 6.67
N ALA A 31 9.27 17.65 7.30
CA ALA A 31 10.67 18.14 7.50
C ALA A 31 11.02 18.14 9.00
N ILE A 32 10.02 18.16 9.86
CA ILE A 32 10.27 18.16 11.33
C ILE A 32 10.23 16.72 11.86
N PHE A 33 9.43 15.88 11.25
CA PHE A 33 9.31 14.45 11.70
C PHE A 33 10.41 13.58 11.06
N SER A 34 11.07 14.08 10.03
CA SER A 34 12.15 13.29 9.35
C SER A 34 13.54 13.63 9.94
N ARG A 35 13.62 14.62 10.81
CA ARG A 35 14.94 15.02 11.41
C ARG A 35 15.52 13.87 12.25
N PHE A 36 14.67 12.99 12.75
CA PHE A 36 15.18 11.85 13.60
C PHE A 36 15.48 10.65 12.70
N GLY A 37 14.55 10.28 11.86
CA GLY A 37 14.77 9.10 10.96
C GLY A 37 14.34 9.42 9.53
N GLN A 38 13.27 8.80 9.07
CA GLN A 38 12.77 9.03 7.68
C GLN A 38 11.27 8.75 7.65
N ILE A 39 10.48 9.80 7.59
CA ILE A 39 8.99 9.66 7.56
C ILE A 39 8.58 8.80 6.36
N LEU A 40 7.56 7.99 6.52
CA LEU A 40 7.08 7.11 5.41
C LEU A 40 5.98 7.82 4.62
N ASP A 41 4.87 8.10 5.27
CA ASP A 41 3.73 8.79 4.59
C ASP A 41 2.96 9.64 5.60
N ILE A 42 2.66 10.87 5.23
CA ILE A 42 1.90 11.79 6.14
C ILE A 42 0.45 11.90 5.64
N LEU A 43 -0.48 12.28 6.50
CA LEU A 43 -1.91 12.40 6.05
C LEU A 43 -2.45 13.75 6.49
N VAL A 44 -2.54 14.68 5.57
CA VAL A 44 -3.06 16.04 5.89
C VAL A 44 -4.52 15.96 6.32
N SER A 45 -5.08 17.06 6.78
CA SER A 45 -6.51 17.08 7.23
C SER A 45 -7.42 17.28 6.02
N ARG A 46 -8.62 16.75 6.08
CA ARG A 46 -9.59 16.89 4.94
C ARG A 46 -11.02 16.68 5.44
N SER A 47 -11.39 15.44 5.70
CA SER A 47 -12.76 15.13 6.19
C SER A 47 -12.97 15.75 7.57
N LEU A 48 -14.21 15.80 8.04
CA LEU A 48 -14.53 16.40 9.38
C LEU A 48 -13.62 15.78 10.44
N LYS A 49 -13.71 14.48 10.63
CA LYS A 49 -12.85 13.79 11.65
C LYS A 49 -11.37 14.02 11.33
N MET A 50 -11.07 14.25 10.07
CA MET A 50 -9.66 14.50 9.64
C MET A 50 -9.41 16.02 9.59
N ARG A 51 -9.88 16.74 10.59
CA ARG A 51 -9.67 18.23 10.62
C ARG A 51 -8.66 18.60 11.71
N GLY A 52 -7.80 19.56 11.42
CA GLY A 52 -6.77 20.02 12.41
C GLY A 52 -5.98 18.83 12.97
N GLN A 53 -5.68 17.86 12.13
CA GLN A 53 -4.90 16.67 12.60
C GLN A 53 -4.37 15.90 11.39
N ALA A 54 -3.14 15.44 11.47
CA ALA A 54 -2.53 14.67 10.35
C ALA A 54 -1.72 13.52 10.92
N PHE A 55 -1.50 12.48 10.14
CA PHE A 55 -0.72 11.30 10.63
C PHE A 55 0.72 11.37 10.13
N VAL A 56 1.66 10.82 10.87
CA VAL A 56 3.10 10.85 10.45
C VAL A 56 3.73 9.46 10.70
N ILE A 57 3.86 8.68 9.65
CA ILE A 57 4.45 7.30 9.79
C ILE A 57 5.96 7.36 9.64
N PHE A 58 6.65 6.34 10.10
CA PHE A 58 8.14 6.30 9.99
C PHE A 58 8.57 5.02 9.28
N LYS A 59 8.52 3.90 9.98
CA LYS A 59 8.94 2.59 9.40
C LYS A 59 8.70 1.50 10.44
N GLU A 60 9.01 1.79 11.68
CA GLU A 60 8.82 0.81 12.79
C GLU A 60 8.09 1.50 13.94
N VAL A 61 7.43 0.73 14.78
CA VAL A 61 6.67 1.31 15.94
C VAL A 61 7.62 2.11 16.83
N SER A 62 8.88 1.73 16.87
CA SER A 62 9.88 2.45 17.71
C SER A 62 10.41 3.70 17.00
N SER A 63 9.90 4.01 15.82
CA SER A 63 10.36 5.23 15.07
C SER A 63 9.39 6.38 15.36
N ALA A 64 8.11 6.13 15.21
CA ALA A 64 7.09 7.18 15.50
C ALA A 64 7.12 7.46 17.00
N THR A 65 7.46 6.45 17.79
CA THR A 65 7.55 6.61 19.27
C THR A 65 8.63 7.65 19.57
N ASN A 66 9.68 7.63 18.78
CA ASN A 66 10.80 8.60 18.97
C ASN A 66 10.34 9.99 18.53
N ALA A 67 9.44 10.06 17.57
CA ALA A 67 8.94 11.38 17.09
C ALA A 67 7.81 11.89 18.00
N LEU A 68 7.11 10.98 18.65
CA LEU A 68 5.99 11.37 19.56
C LEU A 68 6.54 11.79 20.93
N ARG A 69 7.73 11.32 21.27
CA ARG A 69 8.34 11.67 22.60
C ARG A 69 9.13 12.97 22.46
N SER A 70 9.62 13.28 21.28
CA SER A 70 10.42 14.51 21.06
C SER A 70 9.55 15.60 20.40
N MET A 71 8.24 15.47 20.47
CA MET A 71 7.34 16.50 19.84
C MET A 71 6.12 16.76 20.76
N GLN A 72 6.29 16.55 22.05
CA GLN A 72 5.16 16.78 23.01
C GLN A 72 4.92 18.28 23.18
N GLY A 73 3.84 18.79 22.63
CA GLY A 73 3.52 20.24 22.73
C GLY A 73 4.65 21.06 22.10
N PHE A 74 4.87 20.88 20.82
CA PHE A 74 5.95 21.60 20.10
C PHE A 74 5.34 22.74 19.25
N PRO A 75 6.10 23.79 19.01
CA PRO A 75 5.62 24.94 18.20
C PRO A 75 5.69 24.59 16.71
N PHE A 76 4.61 24.80 15.99
CA PHE A 76 4.56 24.48 14.54
C PHE A 76 3.60 25.47 13.85
N TYR A 77 4.12 26.30 12.98
CA TYR A 77 3.28 27.31 12.27
C TYR A 77 2.67 28.27 13.31
N ASP A 78 3.38 28.52 14.39
CA ASP A 78 2.90 29.45 15.46
C ASP A 78 1.67 28.84 16.15
N LYS A 79 1.87 27.83 16.95
CA LYS A 79 0.75 27.16 17.69
C LYS A 79 1.31 25.90 18.40
N PRO A 80 0.84 25.62 19.62
CA PRO A 80 1.29 24.43 20.38
C PRO A 80 0.59 23.18 19.84
N MET A 81 1.27 22.45 18.97
CA MET A 81 0.66 21.22 18.38
C MET A 81 0.96 20.01 19.26
N ARG A 82 -0.04 19.19 19.50
CA ARG A 82 0.13 17.96 20.35
C ARG A 82 0.01 16.73 19.45
N ILE A 83 0.62 15.64 19.86
CA ILE A 83 0.56 14.38 19.04
C ILE A 83 0.06 13.22 19.89
N GLN A 84 -0.55 12.24 19.24
CA GLN A 84 -1.07 11.04 19.96
C GLN A 84 -0.75 9.80 19.12
N TYR A 85 -0.42 8.71 19.77
CA TYR A 85 -0.08 7.44 19.03
C TYR A 85 -1.23 7.05 18.11
N ALA A 86 -0.95 6.25 17.10
CA ALA A 86 -2.02 5.84 16.14
C ALA A 86 -2.46 4.40 16.44
N LYS A 87 -3.49 4.25 17.27
CA LYS A 87 -4.04 2.89 17.65
C LYS A 87 -4.08 1.95 16.44
N THR A 88 -4.45 2.47 15.29
CA THR A 88 -4.49 1.65 14.03
C THR A 88 -3.23 1.89 13.22
N ASP A 89 -2.68 3.08 13.36
CA ASP A 89 -1.45 3.47 12.61
C ASP A 89 -1.53 3.04 11.14
N SER A 90 -0.41 2.95 10.45
CA SER A 90 -0.43 2.52 9.02
C SER A 90 -1.00 1.11 8.94
N ASP A 91 -2.03 0.92 8.15
CA ASP A 91 -2.66 -0.43 8.04
C ASP A 91 -1.96 -1.26 6.97
N ILE A 92 -1.40 -0.62 5.96
CA ILE A 92 -0.69 -1.35 4.88
C ILE A 92 0.42 -2.24 5.49
N ILE A 93 0.86 -1.93 6.70
CA ILE A 93 1.93 -2.75 7.37
C ILE A 93 1.43 -4.20 7.51
N ALA A 94 0.12 -4.39 7.48
CA ALA A 94 -0.46 -5.76 7.63
C ALA A 94 -0.42 -6.53 6.31
N LYS A 95 -0.83 -5.89 5.23
CA LYS A 95 -0.84 -6.58 3.89
C LYS A 95 0.45 -6.31 3.11
N MET A 96 1.36 -5.51 3.64
CA MET A 96 2.64 -5.24 2.90
C MET A 96 3.73 -6.22 3.39
N LYS A 97 3.35 -7.31 4.02
CA LYS A 97 4.36 -8.30 4.51
C LYS A 97 5.02 -9.00 3.32
N GLY A 98 4.49 -8.82 2.11
CA GLY A 98 5.08 -9.48 0.91
C GLY A 98 6.17 -8.61 0.26
N THR A 99 6.74 -7.67 1.00
CA THR A 99 7.83 -6.81 0.40
C THR A 99 9.01 -7.72 0.10
N PHE A 100 9.32 -8.58 1.03
CA PHE A 100 10.44 -9.55 0.93
C PHE A 100 10.57 -10.25 2.29
N VAL A 101 9.44 -10.51 2.92
CA VAL A 101 9.42 -11.16 4.27
C VAL A 101 9.26 -12.67 4.11
N ALA B 1 19.74 -0.85 -12.55
CA ALA B 1 18.50 -1.55 -13.00
C ALA B 1 18.25 -1.26 -14.48
N VAL B 2 17.98 -2.29 -15.25
CA VAL B 2 17.72 -2.10 -16.72
C VAL B 2 16.47 -2.92 -17.12
N PRO B 3 15.62 -2.37 -17.99
CA PRO B 3 14.40 -3.07 -18.44
C PRO B 3 14.73 -4.12 -19.48
N GLU B 4 14.08 -5.27 -19.42
CA GLU B 4 14.34 -6.37 -20.40
C GLU B 4 13.18 -7.37 -20.37
N THR B 5 13.33 -8.49 -21.03
CA THR B 5 12.26 -9.54 -21.07
C THR B 5 12.42 -10.46 -19.85
N ARG B 6 12.37 -9.90 -18.67
CA ARG B 6 12.51 -10.71 -17.41
C ARG B 6 11.21 -10.62 -16.58
N PRO B 7 11.09 -11.47 -15.57
CA PRO B 7 9.89 -11.49 -14.70
C PRO B 7 9.94 -10.32 -13.70
N ASN B 8 8.79 -9.87 -13.26
CA ASN B 8 8.73 -8.72 -12.30
C ASN B 8 7.78 -9.06 -11.14
N HIS B 9 7.59 -8.12 -10.23
CA HIS B 9 6.69 -8.36 -9.05
C HIS B 9 5.28 -8.73 -9.51
N THR B 10 4.88 -8.28 -10.69
CA THR B 10 3.49 -8.58 -11.18
C THR B 10 3.43 -8.66 -12.70
N ILE B 11 2.26 -8.93 -13.22
CA ILE B 11 2.05 -9.01 -14.70
C ILE B 11 0.72 -8.32 -15.03
N TYR B 12 0.46 -8.05 -16.29
CA TYR B 12 -0.83 -7.39 -16.65
C TYR B 12 -1.46 -8.08 -17.86
N ILE B 13 -2.71 -8.46 -17.74
CA ILE B 13 -3.43 -9.16 -18.84
C ILE B 13 -3.85 -8.15 -19.91
N ASN B 14 -4.13 -8.65 -21.11
CA ASN B 14 -4.54 -7.76 -22.24
C ASN B 14 -5.83 -8.31 -22.86
N ASN B 15 -6.32 -7.66 -23.91
CA ASN B 15 -7.57 -8.13 -24.59
C ASN B 15 -8.72 -8.25 -23.58
N LEU B 16 -8.65 -7.51 -22.50
CA LEU B 16 -9.72 -7.57 -21.45
C LEU B 16 -11.05 -7.13 -22.06
N ASN B 17 -12.11 -7.85 -21.75
CA ASN B 17 -13.46 -7.50 -22.29
C ASN B 17 -13.85 -6.09 -21.85
N GLU B 18 -14.76 -5.47 -22.57
CA GLU B 18 -15.21 -4.09 -22.23
C GLU B 18 -16.72 -4.09 -21.97
N LYS B 19 -17.17 -4.91 -21.04
CA LYS B 19 -18.62 -4.99 -20.71
C LYS B 19 -18.80 -5.44 -19.25
N ILE B 20 -17.80 -5.21 -18.42
CA ILE B 20 -17.87 -5.61 -16.99
C ILE B 20 -17.49 -4.42 -16.10
N LYS B 21 -17.86 -4.50 -14.85
CA LYS B 21 -17.54 -3.41 -13.88
C LYS B 21 -16.26 -3.76 -13.12
N LYS B 22 -15.99 -3.09 -12.03
CA LYS B 22 -14.76 -3.35 -11.23
C LYS B 22 -15.04 -4.47 -10.21
N ASP B 23 -16.29 -4.65 -9.83
CA ASP B 23 -16.64 -5.70 -8.84
C ASP B 23 -16.82 -7.06 -9.54
N GLU B 24 -17.13 -7.03 -10.82
CA GLU B 24 -17.32 -8.31 -11.58
C GLU B 24 -15.99 -8.78 -12.17
N LEU B 25 -15.09 -7.86 -12.43
CA LEU B 25 -13.76 -8.23 -13.01
C LEU B 25 -12.88 -8.83 -11.92
N LYS B 26 -13.05 -8.37 -10.69
CA LYS B 26 -12.23 -8.90 -9.55
C LYS B 26 -12.63 -10.36 -9.27
N LYS B 27 -13.92 -10.64 -9.34
CA LYS B 27 -14.41 -12.03 -9.09
C LYS B 27 -13.80 -13.01 -10.11
N SER B 28 -13.41 -12.50 -11.27
CA SER B 28 -12.81 -13.37 -12.33
C SER B 28 -11.29 -13.20 -12.33
N LEU B 29 -10.83 -11.97 -12.32
CA LEU B 29 -9.35 -11.70 -12.32
C LEU B 29 -8.74 -12.07 -10.97
N HIS B 30 -9.38 -11.62 -9.90
CA HIS B 30 -8.87 -11.91 -8.53
C HIS B 30 -9.21 -13.35 -8.09
N ALA B 31 -9.85 -14.13 -8.94
CA ALA B 31 -10.22 -15.53 -8.58
C ALA B 31 -9.45 -16.53 -9.44
N ILE B 32 -8.96 -16.10 -10.59
CA ILE B 32 -8.18 -17.01 -11.50
C ILE B 32 -6.69 -16.87 -11.20
N PHE B 33 -6.26 -15.69 -10.80
CA PHE B 33 -4.81 -15.45 -10.52
C PHE B 33 -4.46 -15.85 -9.07
N SER B 34 -5.47 -16.06 -8.23
CA SER B 34 -5.20 -16.45 -6.81
C SER B 34 -5.24 -17.98 -6.65
N ARG B 35 -5.61 -18.71 -7.68
CA ARG B 35 -5.69 -20.20 -7.59
C ARG B 35 -4.31 -20.80 -7.33
N PHE B 36 -3.26 -20.11 -7.73
CA PHE B 36 -1.87 -20.64 -7.51
C PHE B 36 -1.34 -20.18 -6.16
N GLY B 37 -1.43 -18.90 -5.89
CA GLY B 37 -0.92 -18.36 -4.57
C GLY B 37 -1.94 -17.41 -3.95
N GLN B 38 -1.60 -16.14 -3.90
CA GLN B 38 -2.51 -15.11 -3.30
C GLN B 38 -2.23 -13.76 -3.95
N ILE B 39 -3.11 -13.33 -4.82
CA ILE B 39 -2.94 -12.03 -5.52
C ILE B 39 -2.84 -10.89 -4.48
N LEU B 40 -2.02 -9.90 -4.77
CA LEU B 40 -1.83 -8.75 -3.82
C LEU B 40 -2.81 -7.63 -4.19
N ASP B 41 -2.65 -7.07 -5.36
CA ASP B 41 -3.54 -5.95 -5.81
C ASP B 41 -3.70 -5.99 -7.33
N ILE B 42 -4.92 -5.87 -7.82
CA ILE B 42 -5.18 -5.89 -9.29
C ILE B 42 -5.46 -4.45 -9.75
N LEU B 43 -5.29 -4.16 -11.04
CA LEU B 43 -5.56 -2.78 -11.54
C LEU B 43 -6.45 -2.87 -12.78
N VAL B 44 -7.72 -2.58 -12.61
CA VAL B 44 -8.69 -2.65 -13.76
C VAL B 44 -8.32 -1.58 -14.79
N SER B 45 -8.98 -1.61 -15.93
CA SER B 45 -8.69 -0.61 -17.01
C SER B 45 -9.47 0.68 -16.75
N ARG B 46 -8.92 1.80 -17.17
CA ARG B 46 -9.60 3.11 -16.95
C ARG B 46 -9.10 4.14 -17.97
N SER B 47 -7.90 4.64 -17.76
CA SER B 47 -7.30 5.66 -18.70
C SER B 47 -7.09 5.02 -20.07
N LEU B 48 -6.83 5.84 -21.08
CA LEU B 48 -6.60 5.32 -22.47
C LEU B 48 -5.56 4.20 -22.46
N LYS B 49 -4.35 4.52 -22.02
CA LYS B 49 -3.27 3.49 -21.95
C LYS B 49 -3.70 2.33 -21.05
N MET B 50 -4.59 2.61 -20.11
CA MET B 50 -5.09 1.56 -19.17
C MET B 50 -6.41 0.99 -19.72
N ARG B 51 -6.47 0.74 -21.01
CA ARG B 51 -7.72 0.17 -21.63
C ARG B 51 -7.49 -1.29 -22.03
N GLY B 52 -8.50 -2.11 -21.82
CA GLY B 52 -8.42 -3.57 -22.19
C GLY B 52 -7.16 -4.21 -21.60
N GLN B 53 -6.79 -3.82 -20.40
CA GLN B 53 -5.57 -4.40 -19.76
C GLN B 53 -5.59 -4.09 -18.25
N ALA B 54 -5.21 -5.05 -17.44
CA ALA B 54 -5.18 -4.85 -15.96
C ALA B 54 -3.92 -5.52 -15.39
N PHE B 55 -3.48 -5.08 -14.24
CA PHE B 55 -2.25 -5.66 -13.62
C PHE B 55 -2.65 -6.66 -12.53
N VAL B 56 -1.83 -7.67 -12.29
CA VAL B 56 -2.14 -8.71 -11.25
C VAL B 56 -0.87 -9.00 -10.44
N ILE B 57 -0.77 -8.43 -9.26
CA ILE B 57 0.45 -8.63 -8.40
C ILE B 57 0.24 -9.86 -7.51
N PHE B 58 1.32 -10.41 -6.99
CA PHE B 58 1.23 -11.60 -6.11
C PHE B 58 1.92 -11.32 -4.77
N LYS B 59 3.24 -11.33 -4.77
CA LYS B 59 4.02 -11.08 -3.52
C LYS B 59 5.51 -11.09 -3.86
N GLU B 60 5.91 -12.01 -4.71
CA GLU B 60 7.33 -12.13 -5.13
C GLU B 60 7.40 -12.22 -6.66
N VAL B 61 8.52 -11.86 -7.23
CA VAL B 61 8.68 -11.92 -8.73
C VAL B 61 8.42 -13.35 -9.23
N SER B 62 8.72 -14.33 -8.40
CA SER B 62 8.51 -15.76 -8.81
C SER B 62 7.04 -16.17 -8.61
N SER B 63 6.19 -15.26 -8.20
CA SER B 63 4.74 -15.60 -8.00
C SER B 63 3.96 -15.22 -9.26
N ALA B 64 4.15 -14.01 -9.72
CA ALA B 64 3.47 -13.54 -10.96
C ALA B 64 4.02 -14.34 -12.13
N THR B 65 5.28 -14.75 -12.03
CA THR B 65 5.92 -15.55 -13.10
C THR B 65 5.16 -16.88 -13.22
N ASN B 66 4.70 -17.39 -12.10
CA ASN B 66 3.93 -18.67 -12.09
C ASN B 66 2.54 -18.42 -12.68
N ALA B 67 2.01 -17.22 -12.51
CA ALA B 67 0.66 -16.91 -13.07
C ALA B 67 0.77 -16.50 -14.54
N LEU B 68 1.92 -15.99 -14.95
CA LEU B 68 2.11 -15.57 -16.37
C LEU B 68 2.46 -16.78 -17.23
N ARG B 69 2.99 -17.82 -16.63
CA ARG B 69 3.36 -19.06 -17.40
C ARG B 69 2.16 -19.99 -17.51
N SER B 70 1.26 -19.92 -16.54
CA SER B 70 0.05 -20.81 -16.55
C SER B 70 -1.18 -20.04 -17.05
N MET B 71 -0.98 -18.92 -17.74
CA MET B 71 -2.14 -18.13 -18.26
C MET B 71 -1.81 -17.59 -19.67
N GLN B 72 -0.95 -18.28 -20.40
CA GLN B 72 -0.58 -17.84 -21.78
C GLN B 72 -1.76 -18.10 -22.73
N GLY B 73 -2.43 -17.05 -23.17
CA GLY B 73 -3.59 -17.20 -24.09
C GLY B 73 -4.67 -18.06 -23.43
N PHE B 74 -5.21 -17.59 -22.33
CA PHE B 74 -6.26 -18.35 -21.58
C PHE B 74 -7.63 -17.71 -21.84
N PRO B 75 -8.70 -18.51 -21.77
CA PRO B 75 -10.08 -18.01 -21.99
C PRO B 75 -10.57 -17.28 -20.74
N PHE B 76 -11.08 -16.08 -20.91
CA PHE B 76 -11.57 -15.27 -19.76
C PHE B 76 -12.73 -14.39 -20.25
N TYR B 77 -13.92 -14.63 -19.76
CA TYR B 77 -15.12 -13.83 -20.18
C TYR B 77 -15.36 -14.03 -21.68
N ASP B 78 -15.02 -15.21 -22.18
CA ASP B 78 -15.22 -15.54 -23.62
C ASP B 78 -14.29 -14.67 -24.49
N LYS B 79 -13.00 -14.99 -24.46
CA LYS B 79 -11.99 -14.22 -25.26
C LYS B 79 -10.58 -14.70 -24.87
N PRO B 80 -9.67 -14.80 -25.85
CA PRO B 80 -8.29 -15.25 -25.59
C PRO B 80 -7.48 -14.10 -24.99
N MET B 81 -7.36 -14.07 -23.68
CA MET B 81 -6.60 -12.96 -23.01
C MET B 81 -5.11 -13.34 -22.90
N ARG B 82 -4.25 -12.40 -23.22
CA ARG B 82 -2.78 -12.64 -23.14
C ARG B 82 -2.20 -11.81 -22.00
N ILE B 83 -1.09 -12.23 -21.45
CA ILE B 83 -0.47 -11.49 -20.31
C ILE B 83 1.00 -11.17 -20.62
N GLN B 84 1.51 -10.11 -20.03
CA GLN B 84 2.93 -9.71 -20.25
C GLN B 84 3.52 -9.27 -18.90
N TYR B 85 4.78 -9.58 -18.67
CA TYR B 85 5.44 -9.20 -17.37
C TYR B 85 5.32 -7.69 -17.16
N ALA B 86 5.45 -7.26 -15.92
CA ALA B 86 5.34 -5.80 -15.62
C ALA B 86 6.75 -5.21 -15.39
N LYS B 87 7.35 -4.68 -16.45
CA LYS B 87 8.73 -4.07 -16.38
C LYS B 87 8.89 -3.23 -15.10
N THR B 88 7.86 -2.51 -14.73
CA THR B 88 7.89 -1.67 -13.48
C THR B 88 7.19 -2.41 -12.36
N ASP B 89 6.23 -3.24 -12.71
CA ASP B 89 5.45 -4.03 -11.72
C ASP B 89 5.05 -3.14 -10.52
N SER B 90 4.69 -3.75 -9.41
CA SER B 90 4.30 -2.96 -8.20
C SER B 90 5.48 -2.09 -7.79
N ASP B 91 5.27 -0.79 -7.68
CA ASP B 91 6.38 0.13 -7.31
C ASP B 91 6.48 0.25 -5.79
N ILE B 92 5.38 0.09 -5.10
CA ILE B 92 5.39 0.18 -3.61
C ILE B 92 6.42 -0.82 -3.02
N ILE B 93 6.78 -1.84 -3.79
CA ILE B 93 7.79 -2.85 -3.30
C ILE B 93 9.10 -2.14 -2.98
N ALA B 94 9.31 -0.97 -3.56
CA ALA B 94 10.57 -0.20 -3.35
C ALA B 94 10.52 0.58 -2.03
N LYS B 95 9.42 1.27 -1.78
CA LYS B 95 9.29 2.09 -0.53
C LYS B 95 8.60 1.29 0.58
N MET B 96 8.17 0.07 0.32
CA MET B 96 7.50 -0.72 1.39
C MET B 96 8.52 -1.64 2.09
N LYS B 97 9.79 -1.34 1.95
CA LYS B 97 10.85 -2.17 2.61
C LYS B 97 10.77 -1.99 4.14
N GLY B 98 10.01 -1.02 4.62
CA GLY B 98 9.91 -0.78 6.09
C GLY B 98 8.78 -1.62 6.71
N THR B 99 8.35 -2.69 6.06
CA THR B 99 7.25 -3.54 6.65
C THR B 99 7.80 -4.16 7.93
N PHE B 100 9.02 -4.65 7.83
CA PHE B 100 9.73 -5.31 8.96
C PHE B 100 11.04 -5.89 8.40
N VAL B 101 11.64 -5.17 7.48
CA VAL B 101 12.90 -5.63 6.82
C VAL B 101 14.11 -5.03 7.55
CA ALA A 1 1.87 -2.29 33.10
C ALA A 1 1.37 -1.12 32.25
N VAL A 2 0.84 -1.41 31.08
CA VAL A 2 0.32 -0.33 30.18
C VAL A 2 -1.22 -0.46 30.09
N PRO A 3 -1.93 0.66 30.07
CA PRO A 3 -3.41 0.67 29.99
C PRO A 3 -3.87 0.40 28.55
N GLU A 4 -3.77 1.39 27.69
CA GLU A 4 -4.19 1.23 26.27
C GLU A 4 -3.58 2.35 25.41
N THR A 5 -2.42 2.84 25.81
CA THR A 5 -1.74 3.94 25.05
C THR A 5 -0.50 3.36 24.33
N ARG A 6 -0.55 2.10 23.97
CA ARG A 6 0.60 1.46 23.27
C ARG A 6 0.91 2.22 21.96
N PRO A 7 2.16 2.19 21.51
CA PRO A 7 2.58 2.88 20.28
C PRO A 7 2.17 2.07 19.05
N ASN A 8 1.98 2.75 17.93
CA ASN A 8 1.59 2.06 16.67
C ASN A 8 2.64 2.31 15.60
N HIS A 9 2.41 1.85 14.39
CA HIS A 9 3.41 2.03 13.28
C HIS A 9 3.60 3.52 12.99
N THR A 10 2.61 4.35 13.27
CA THR A 10 2.73 5.81 12.97
C THR A 10 2.10 6.67 14.07
N ILE A 11 2.25 7.97 13.91
CA ILE A 11 1.66 8.95 14.87
C ILE A 11 0.98 10.06 14.06
N TYR A 12 0.10 10.83 14.66
CA TYR A 12 -0.58 11.91 13.89
C TYR A 12 -0.58 13.23 14.69
N ILE A 13 -0.01 14.27 14.12
CA ILE A 13 0.06 15.60 14.79
C ILE A 13 -1.36 16.19 14.87
N ASN A 14 -1.56 17.13 15.78
CA ASN A 14 -2.89 17.77 15.96
C ASN A 14 -2.71 19.28 16.17
N ASN A 15 -3.80 20.02 16.23
CA ASN A 15 -3.73 21.49 16.44
C ASN A 15 -2.90 22.15 15.32
N LEU A 16 -2.86 21.52 14.16
CA LEU A 16 -2.09 22.09 13.00
C LEU A 16 -2.73 23.40 12.55
N ASN A 17 -1.92 24.39 12.24
CA ASN A 17 -2.46 25.72 11.79
C ASN A 17 -3.31 25.53 10.52
N GLU A 18 -4.26 26.41 10.30
CA GLU A 18 -5.14 26.31 9.10
C GLU A 18 -4.83 27.48 8.15
N LYS A 19 -3.65 27.47 7.56
CA LYS A 19 -3.25 28.56 6.61
C LYS A 19 -2.17 28.04 5.64
N ILE A 20 -2.16 26.73 5.41
CA ILE A 20 -1.15 26.13 4.49
C ILE A 20 -1.87 25.60 3.24
N LYS A 21 -1.11 25.36 2.19
CA LYS A 21 -1.70 24.85 0.91
C LYS A 21 -1.63 23.31 0.86
N LYS A 22 -1.58 22.67 2.00
CA LYS A 22 -1.52 21.16 2.08
C LYS A 22 -0.15 20.64 1.62
N ASP A 23 0.26 21.00 0.43
CA ASP A 23 1.58 20.53 -0.10
C ASP A 23 2.69 21.16 0.73
N GLU A 24 2.44 22.34 1.26
CA GLU A 24 3.47 23.03 2.08
C GLU A 24 3.65 22.28 3.41
N LEU A 25 2.58 21.68 3.90
CA LEU A 25 2.66 20.91 5.17
C LEU A 25 3.53 19.67 4.96
N LYS A 26 3.60 19.19 3.73
CA LYS A 26 4.43 17.99 3.43
C LYS A 26 5.89 18.32 3.72
N LYS A 27 6.40 19.38 3.13
CA LYS A 27 7.82 19.78 3.39
C LYS A 27 7.98 20.13 4.87
N SER A 28 6.90 20.56 5.49
CA SER A 28 6.93 20.93 6.95
C SER A 28 6.98 19.67 7.81
N LEU A 29 6.06 18.74 7.57
CA LEU A 29 6.02 17.48 8.37
C LEU A 29 7.04 16.47 7.86
N HIS A 30 7.01 16.19 6.57
CA HIS A 30 7.95 15.20 5.96
C HIS A 30 9.42 15.56 6.28
N ALA A 31 9.68 16.81 6.61
CA ALA A 31 11.09 17.24 6.91
C ALA A 31 11.35 17.18 8.42
N ILE A 32 10.56 17.88 9.20
CA ILE A 32 10.74 17.90 10.69
C ILE A 32 10.71 16.47 11.25
N PHE A 33 10.00 15.58 10.59
CA PHE A 33 9.91 14.16 11.08
C PHE A 33 11.02 13.31 10.49
N SER A 34 11.67 13.77 9.43
CA SER A 34 12.77 12.98 8.80
C SER A 34 14.12 13.35 9.45
N ARG A 35 14.18 14.48 10.13
CA ARG A 35 15.46 14.93 10.78
C ARG A 35 16.04 13.80 11.67
N PHE A 36 15.21 12.90 12.13
CA PHE A 36 15.72 11.78 13.01
C PHE A 36 16.35 10.70 12.13
N GLY A 37 15.59 10.18 11.20
CA GLY A 37 16.12 9.11 10.30
C GLY A 37 15.44 9.17 8.92
N GLN A 38 14.14 8.95 8.89
CA GLN A 38 13.40 8.98 7.59
C GLN A 38 11.91 8.75 7.85
N ILE A 39 11.08 9.16 6.93
CA ILE A 39 9.60 8.99 7.09
C ILE A 39 9.08 8.08 5.96
N LEU A 40 8.00 7.38 6.22
CA LEU A 40 7.41 6.46 5.19
C LEU A 40 6.37 7.21 4.37
N ASP A 41 5.36 7.74 5.02
CA ASP A 41 4.28 8.48 4.28
C ASP A 41 3.47 9.35 5.27
N ILE A 42 2.93 10.44 4.78
CA ILE A 42 2.12 11.36 5.63
C ILE A 42 0.68 11.37 5.10
N LEU A 43 -0.28 11.82 5.90
CA LEU A 43 -1.71 11.86 5.42
C LEU A 43 -2.40 13.12 5.93
N VAL A 44 -3.11 13.80 5.05
CA VAL A 44 -3.83 15.05 5.45
C VAL A 44 -5.00 15.28 4.49
N SER A 45 -6.22 15.34 5.02
CA SER A 45 -7.43 15.56 4.17
C SER A 45 -8.28 16.69 4.77
N ARG A 46 -9.53 16.77 4.37
CA ARG A 46 -10.44 17.84 4.90
C ARG A 46 -11.88 17.28 5.01
N SER A 47 -12.00 16.00 5.29
CA SER A 47 -13.35 15.36 5.42
C SER A 47 -13.85 15.48 6.87
N LEU A 48 -13.83 16.69 7.40
CA LEU A 48 -14.31 16.94 8.81
C LEU A 48 -13.33 16.29 9.80
N LYS A 49 -13.26 14.98 9.80
CA LYS A 49 -12.34 14.27 10.74
C LYS A 49 -10.89 14.68 10.45
N MET A 50 -10.61 15.08 9.22
CA MET A 50 -9.23 15.50 8.83
C MET A 50 -9.11 17.03 8.97
N ARG A 51 -9.06 17.50 10.20
CA ARG A 51 -8.94 18.98 10.44
C ARG A 51 -7.78 19.26 11.40
N GLY A 52 -6.80 20.00 10.95
CA GLY A 52 -5.62 20.35 11.82
C GLY A 52 -4.95 19.07 12.35
N GLN A 53 -4.59 18.16 11.46
CA GLN A 53 -3.93 16.88 11.89
C GLN A 53 -3.26 16.24 10.68
N ALA A 54 -2.29 15.37 10.92
CA ALA A 54 -1.57 14.69 9.81
C ALA A 54 -0.85 13.46 10.36
N PHE A 55 -1.09 12.30 9.77
CA PHE A 55 -0.43 11.04 10.23
C PHE A 55 0.98 10.99 9.64
N VAL A 56 1.90 10.36 10.35
CA VAL A 56 3.33 10.27 9.85
C VAL A 56 3.87 8.87 10.17
N ILE A 57 3.99 8.03 9.16
CA ILE A 57 4.52 6.64 9.37
C ILE A 57 6.05 6.63 9.22
N PHE A 58 6.70 5.62 9.76
CA PHE A 58 8.19 5.54 9.66
C PHE A 58 8.60 4.17 9.10
N LYS A 59 8.61 3.16 9.94
CA LYS A 59 9.00 1.79 9.48
C LYS A 59 8.41 0.74 10.45
N GLU A 60 8.49 1.02 11.74
CA GLU A 60 7.94 0.08 12.76
C GLU A 60 7.30 0.89 13.88
N VAL A 61 6.87 0.22 14.94
CA VAL A 61 6.22 0.93 16.09
C VAL A 61 7.29 1.62 16.93
N SER A 62 8.50 1.10 16.93
CA SER A 62 9.61 1.71 17.75
C SER A 62 10.19 2.95 17.05
N SER A 63 9.96 3.09 15.75
CA SER A 63 10.50 4.28 15.01
C SER A 63 9.51 5.44 15.15
N ALA A 64 8.23 5.14 15.07
CA ALA A 64 7.20 6.20 15.21
C ALA A 64 7.16 6.65 16.66
N THR A 65 7.44 5.75 17.57
CA THR A 65 7.47 6.09 19.02
C THR A 65 8.62 7.09 19.23
N ASN A 66 9.67 6.96 18.44
CA ASN A 66 10.84 7.87 18.56
C ASN A 66 10.44 9.27 18.10
N ALA A 67 9.65 9.38 17.04
CA ALA A 67 9.24 10.72 16.54
C ALA A 67 8.17 11.31 17.46
N LEU A 68 7.37 10.47 18.08
CA LEU A 68 6.29 10.96 19.00
C LEU A 68 6.93 11.65 20.21
N ARG A 69 7.98 11.08 20.75
CA ARG A 69 8.67 11.67 21.94
C ARG A 69 9.87 12.51 21.47
N SER A 70 9.81 13.03 20.26
CA SER A 70 10.94 13.86 19.73
C SER A 70 10.55 15.34 19.76
N MET A 71 9.29 15.65 19.55
CA MET A 71 8.82 17.07 19.56
C MET A 71 7.40 17.14 20.15
N GLN A 72 7.23 16.70 21.37
CA GLN A 72 5.89 16.72 22.04
C GLN A 72 5.54 18.17 22.39
N GLY A 73 4.44 18.67 21.85
CA GLY A 73 4.01 20.07 22.14
C GLY A 73 5.08 21.04 21.65
N PHE A 74 5.54 20.85 20.43
CA PHE A 74 6.60 21.74 19.85
C PHE A 74 5.94 22.80 18.94
N PRO A 75 6.57 23.96 18.80
CA PRO A 75 6.04 25.05 17.96
C PRO A 75 6.30 24.75 16.48
N PHE A 76 5.25 24.46 15.74
CA PHE A 76 5.40 24.13 14.30
C PHE A 76 5.08 25.38 13.45
N TYR A 77 3.82 25.60 13.13
CA TYR A 77 3.44 26.79 12.30
C TYR A 77 3.21 28.00 13.21
N ASP A 78 2.65 27.78 14.38
CA ASP A 78 2.39 28.90 15.34
C ASP A 78 1.68 28.36 16.59
N LYS A 79 2.06 27.18 17.03
CA LYS A 79 1.43 26.56 18.25
C LYS A 79 2.22 25.30 18.64
N PRO A 80 2.15 24.92 19.90
CA PRO A 80 2.85 23.71 20.40
C PRO A 80 2.08 22.46 19.97
N MET A 81 2.27 22.05 18.74
CA MET A 81 1.57 20.85 18.19
C MET A 81 1.90 19.62 19.03
N ARG A 82 0.89 18.84 19.37
CA ARG A 82 1.10 17.60 20.18
C ARG A 82 0.80 16.39 19.29
N ILE A 83 1.76 15.52 19.13
CA ILE A 83 1.58 14.31 18.26
C ILE A 83 1.00 13.16 19.09
N GLN A 84 0.21 12.32 18.46
CA GLN A 84 -0.41 11.16 19.17
C GLN A 84 -0.24 9.92 18.31
N TYR A 85 -0.17 8.75 18.94
CA TYR A 85 -0.01 7.48 18.18
C TYR A 85 -1.24 7.21 17.32
N ALA A 86 -1.16 6.24 16.45
CA ALA A 86 -2.33 5.90 15.57
C ALA A 86 -2.71 4.44 15.82
N LYS A 87 -3.66 4.23 16.71
CA LYS A 87 -4.17 2.86 17.10
C LYS A 87 -4.22 1.91 15.89
N THR A 88 -4.58 2.42 14.73
CA THR A 88 -4.67 1.56 13.50
C THR A 88 -3.47 1.80 12.60
N ASP A 89 -2.90 2.98 12.69
CA ASP A 89 -1.73 3.38 11.83
C ASP A 89 -1.97 2.98 10.38
N SER A 90 -0.96 3.06 9.54
CA SER A 90 -1.13 2.68 8.11
C SER A 90 -1.32 1.17 8.03
N ASP A 91 -2.56 0.73 7.92
CA ASP A 91 -2.86 -0.75 7.86
C ASP A 91 -2.00 -1.44 6.79
N ILE A 92 -1.52 -0.70 5.81
CA ILE A 92 -0.68 -1.30 4.71
C ILE A 92 0.36 -2.28 5.27
N ILE A 93 0.81 -2.10 6.51
CA ILE A 93 1.82 -3.07 7.10
C ILE A 93 1.25 -4.49 7.03
N ALA A 94 -0.07 -4.60 6.99
CA ALA A 94 -0.74 -5.93 6.94
C ALA A 94 -0.79 -6.46 5.51
N LYS A 95 -1.18 -5.62 4.57
CA LYS A 95 -1.28 -6.06 3.13
C LYS A 95 0.00 -5.74 2.37
N MET A 96 1.04 -5.30 3.06
CA MET A 96 2.33 -5.00 2.39
C MET A 96 3.44 -5.90 2.99
N LYS A 97 3.05 -6.92 3.74
CA LYS A 97 4.06 -7.86 4.34
C LYS A 97 4.78 -8.62 3.23
N GLY A 98 4.27 -8.57 2.00
CA GLY A 98 4.92 -9.30 0.86
C GLY A 98 6.06 -8.45 0.25
N THR A 99 6.49 -7.39 0.93
CA THR A 99 7.60 -6.53 0.38
C THR A 99 8.84 -7.42 0.15
N PHE A 100 9.10 -8.28 1.10
CA PHE A 100 10.28 -9.19 1.03
C PHE A 100 10.22 -10.15 2.21
N VAL A 101 9.84 -9.65 3.37
CA VAL A 101 9.75 -10.50 4.61
C VAL A 101 8.82 -11.69 4.34
N ALA B 1 22.53 -13.46 -21.98
CA ALA B 1 21.54 -14.57 -21.80
C ALA B 1 20.12 -14.03 -22.02
N VAL B 2 19.77 -12.96 -21.33
CA VAL B 2 18.41 -12.36 -21.49
C VAL B 2 18.53 -10.98 -22.18
N PRO B 3 17.60 -10.66 -23.08
CA PRO B 3 17.64 -9.37 -23.80
C PRO B 3 17.11 -8.24 -22.90
N GLU B 4 15.81 -8.17 -22.71
CA GLU B 4 15.21 -7.11 -21.85
C GLU B 4 13.78 -7.50 -21.45
N THR B 5 13.53 -8.79 -21.35
CA THR B 5 12.16 -9.28 -20.97
C THR B 5 12.21 -9.85 -19.55
N ARG B 6 13.09 -9.32 -18.71
CA ARG B 6 13.21 -9.80 -17.30
C ARG B 6 11.85 -9.63 -16.59
N PRO B 7 11.58 -10.48 -15.59
CA PRO B 7 10.33 -10.43 -14.82
C PRO B 7 10.37 -9.30 -13.79
N ASN B 8 9.22 -8.78 -13.43
CA ASN B 8 9.15 -7.68 -12.42
C ASN B 8 8.31 -8.14 -11.23
N HIS B 9 8.08 -7.26 -10.27
CA HIS B 9 7.28 -7.62 -9.06
C HIS B 9 5.85 -8.02 -9.45
N THR B 10 5.36 -7.53 -10.57
CA THR B 10 3.95 -7.85 -10.98
C THR B 10 3.84 -8.06 -12.49
N ILE B 11 2.66 -8.43 -12.92
CA ILE B 11 2.36 -8.63 -14.37
C ILE B 11 1.03 -7.95 -14.68
N TYR B 12 0.73 -7.68 -15.93
CA TYR B 12 -0.57 -7.01 -16.27
C TYR B 12 -1.25 -7.72 -17.45
N ILE B 13 -2.46 -8.19 -17.22
CA ILE B 13 -3.24 -8.89 -18.30
C ILE B 13 -3.62 -7.88 -19.38
N ASN B 14 -3.92 -8.38 -20.57
CA ASN B 14 -4.32 -7.49 -21.70
C ASN B 14 -5.49 -8.12 -22.46
N ASN B 15 -6.03 -7.41 -23.42
CA ASN B 15 -7.18 -7.94 -24.24
C ASN B 15 -8.37 -8.27 -23.32
N LEU B 16 -8.46 -7.61 -22.18
CA LEU B 16 -9.57 -7.87 -21.23
C LEU B 16 -10.89 -7.44 -21.87
N ASN B 17 -11.94 -8.22 -21.68
CA ASN B 17 -13.28 -7.88 -22.27
C ASN B 17 -13.75 -6.54 -21.74
N GLU B 18 -14.56 -5.84 -22.51
CA GLU B 18 -15.09 -4.51 -22.08
C GLU B 18 -16.60 -4.61 -21.80
N LYS B 19 -16.96 -5.32 -20.75
CA LYS B 19 -18.40 -5.49 -20.39
C LYS B 19 -18.52 -5.81 -18.88
N ILE B 20 -17.54 -5.39 -18.10
CA ILE B 20 -17.57 -5.66 -16.63
C ILE B 20 -17.75 -4.34 -15.88
N LYS B 21 -18.13 -4.42 -14.63
CA LYS B 21 -18.36 -3.19 -13.80
C LYS B 21 -17.09 -2.84 -13.00
N LYS B 22 -15.94 -3.27 -13.47
CA LYS B 22 -14.63 -2.97 -12.79
C LYS B 22 -14.49 -3.78 -11.50
N ASP B 23 -15.44 -3.67 -10.60
CA ASP B 23 -15.38 -4.42 -9.31
C ASP B 23 -15.53 -5.91 -9.60
N GLU B 24 -16.23 -6.24 -10.67
CA GLU B 24 -16.43 -7.67 -11.02
C GLU B 24 -15.10 -8.25 -11.51
N LEU B 25 -14.29 -7.43 -12.15
CA LEU B 25 -12.96 -7.91 -12.64
C LEU B 25 -12.07 -8.23 -11.44
N LYS B 26 -12.31 -7.59 -10.32
CA LYS B 26 -11.50 -7.85 -9.08
C LYS B 26 -11.69 -9.31 -8.67
N LYS B 27 -12.92 -9.73 -8.48
CA LYS B 27 -13.19 -11.16 -8.11
C LYS B 27 -12.70 -12.08 -9.22
N SER B 28 -12.68 -11.57 -10.44
CA SER B 28 -12.22 -12.36 -11.62
C SER B 28 -10.70 -12.48 -11.61
N LEU B 29 -9.99 -11.37 -11.49
CA LEU B 29 -8.51 -11.39 -11.49
C LEU B 29 -7.97 -11.76 -10.10
N HIS B 30 -8.42 -11.06 -9.09
CA HIS B 30 -7.95 -11.33 -7.68
C HIS B 30 -8.16 -12.81 -7.31
N ALA B 31 -9.04 -13.49 -7.99
CA ALA B 31 -9.31 -14.94 -7.66
C ALA B 31 -8.47 -15.86 -8.55
N ILE B 32 -8.61 -15.73 -9.85
CA ILE B 32 -7.84 -16.59 -10.81
C ILE B 32 -6.33 -16.46 -10.55
N PHE B 33 -5.90 -15.33 -10.04
CA PHE B 33 -4.44 -15.13 -9.77
C PHE B 33 -4.08 -15.58 -8.35
N SER B 34 -5.06 -15.75 -7.49
CA SER B 34 -4.78 -16.19 -6.08
C SER B 34 -4.81 -17.71 -6.00
N ARG B 35 -5.40 -18.38 -6.98
CA ARG B 35 -5.49 -19.88 -6.98
C ARG B 35 -4.10 -20.51 -6.77
N PHE B 36 -3.04 -19.79 -7.10
CA PHE B 36 -1.66 -20.36 -6.92
C PHE B 36 -1.24 -20.20 -5.46
N GLY B 37 -1.27 -18.99 -4.96
CA GLY B 37 -0.87 -18.75 -3.53
C GLY B 37 -1.62 -17.55 -2.96
N GLN B 38 -1.39 -16.37 -3.52
CA GLN B 38 -2.07 -15.14 -3.02
C GLN B 38 -1.66 -13.96 -3.89
N ILE B 39 -2.47 -12.92 -3.86
CA ILE B 39 -2.18 -11.70 -4.68
C ILE B 39 -1.98 -10.50 -3.74
N LEU B 40 -1.20 -9.54 -4.16
CA LEU B 40 -0.94 -8.33 -3.33
C LEU B 40 -1.96 -7.24 -3.64
N ASP B 41 -2.03 -6.82 -4.88
CA ASP B 41 -2.99 -5.75 -5.29
C ASP B 41 -3.16 -5.74 -6.81
N ILE B 42 -4.33 -5.33 -7.28
CA ILE B 42 -4.61 -5.27 -8.75
C ILE B 42 -4.85 -3.80 -9.14
N LEU B 43 -4.75 -3.48 -10.42
CA LEU B 43 -4.98 -2.06 -10.86
C LEU B 43 -5.74 -2.02 -12.18
N VAL B 44 -6.75 -1.19 -12.26
CA VAL B 44 -7.57 -1.07 -13.51
C VAL B 44 -8.22 0.31 -13.57
N SER B 45 -7.92 1.07 -14.61
CA SER B 45 -8.52 2.45 -14.75
C SER B 45 -9.11 2.60 -16.16
N ARG B 46 -9.33 3.83 -16.58
CA ARG B 46 -9.91 4.08 -17.95
C ARG B 46 -9.32 5.38 -18.51
N SER B 47 -8.08 5.67 -18.18
CA SER B 47 -7.42 6.92 -18.68
C SER B 47 -6.72 6.63 -20.03
N LEU B 48 -7.46 6.06 -20.97
CA LEU B 48 -6.90 5.74 -22.33
C LEU B 48 -5.87 4.61 -22.21
N LYS B 49 -4.76 4.87 -21.55
CA LYS B 49 -3.70 3.83 -21.39
C LYS B 49 -4.27 2.64 -20.61
N MET B 50 -5.27 2.89 -19.77
CA MET B 50 -5.90 1.79 -18.97
C MET B 50 -7.13 1.24 -19.72
N ARG B 51 -6.88 0.50 -20.78
CA ARG B 51 -8.01 -0.09 -21.59
C ARG B 51 -7.78 -1.58 -21.79
N GLY B 52 -8.69 -2.39 -21.29
CA GLY B 52 -8.57 -3.88 -21.44
C GLY B 52 -7.24 -4.38 -20.86
N GLN B 53 -6.97 -4.03 -19.62
CA GLN B 53 -5.70 -4.47 -18.97
C GLN B 53 -5.81 -4.32 -17.45
N ALA B 54 -5.00 -5.03 -16.70
CA ALA B 54 -5.04 -4.95 -15.22
C ALA B 54 -3.73 -5.51 -14.64
N PHE B 55 -3.07 -4.73 -13.80
CA PHE B 55 -1.78 -5.20 -13.19
C PHE B 55 -2.11 -6.10 -12.00
N VAL B 56 -1.26 -7.07 -11.70
CA VAL B 56 -1.50 -8.01 -10.56
C VAL B 56 -0.18 -8.28 -9.83
N ILE B 57 0.00 -7.68 -8.66
CA ILE B 57 1.27 -7.88 -7.88
C ILE B 57 1.12 -9.10 -6.97
N PHE B 58 2.23 -9.65 -6.52
CA PHE B 58 2.17 -10.85 -5.63
C PHE B 58 3.01 -10.59 -4.36
N LYS B 59 4.32 -10.74 -4.46
CA LYS B 59 5.22 -10.52 -3.29
C LYS B 59 6.64 -10.21 -3.80
N GLU B 60 7.10 -10.94 -4.78
CA GLU B 60 8.46 -10.73 -5.36
C GLU B 60 8.40 -10.92 -6.88
N VAL B 61 9.54 -10.88 -7.53
CA VAL B 61 9.58 -11.05 -9.02
C VAL B 61 9.40 -12.53 -9.37
N SER B 62 9.78 -13.43 -8.49
CA SER B 62 9.64 -14.90 -8.76
C SER B 62 8.20 -15.36 -8.54
N SER B 63 7.40 -14.60 -7.83
CA SER B 63 5.98 -15.00 -7.57
C SER B 63 5.11 -14.52 -8.73
N ALA B 64 5.39 -13.33 -9.21
CA ALA B 64 4.61 -12.78 -10.36
C ALA B 64 5.00 -13.54 -11.61
N THR B 65 6.24 -13.99 -11.68
CA THR B 65 6.71 -14.78 -12.85
C THR B 65 5.94 -16.10 -12.86
N ASN B 66 5.58 -16.59 -11.69
CA ASN B 66 4.82 -17.86 -11.58
C ASN B 66 3.40 -17.66 -12.13
N ALA B 67 2.78 -16.53 -11.85
CA ALA B 67 1.41 -16.27 -12.35
C ALA B 67 1.44 -15.95 -13.84
N LEU B 68 2.52 -15.36 -14.31
CA LEU B 68 2.64 -15.00 -15.76
C LEU B 68 2.67 -16.27 -16.60
N ARG B 69 3.40 -17.27 -16.15
CA ARG B 69 3.49 -18.56 -16.91
C ARG B 69 2.48 -19.58 -16.33
N SER B 70 1.40 -19.08 -15.76
CA SER B 70 0.37 -19.99 -15.17
C SER B 70 -0.85 -20.05 -16.10
N MET B 71 -1.16 -18.96 -16.77
CA MET B 71 -2.34 -18.93 -17.69
C MET B 71 -2.02 -18.01 -18.89
N GLN B 72 -0.99 -18.34 -19.63
CA GLN B 72 -0.61 -17.52 -20.82
C GLN B 72 -1.62 -17.75 -21.94
N GLY B 73 -2.27 -16.69 -22.39
CA GLY B 73 -3.30 -16.81 -23.47
C GLY B 73 -4.43 -17.73 -23.01
N PHE B 74 -4.94 -17.51 -21.82
CA PHE B 74 -6.04 -18.35 -21.27
C PHE B 74 -7.38 -17.62 -21.48
N PRO B 75 -8.47 -18.39 -21.61
CA PRO B 75 -9.81 -17.81 -21.80
C PRO B 75 -10.35 -17.27 -20.48
N PHE B 76 -10.46 -15.96 -20.38
CA PHE B 76 -10.95 -15.31 -19.13
C PHE B 76 -12.45 -14.96 -19.28
N TYR B 77 -12.75 -13.80 -19.83
CA TYR B 77 -14.17 -13.38 -20.01
C TYR B 77 -14.71 -13.93 -21.34
N ASP B 78 -13.87 -13.94 -22.36
CA ASP B 78 -14.30 -14.46 -23.71
C ASP B 78 -13.14 -14.31 -24.70
N LYS B 79 -11.92 -14.54 -24.25
CA LYS B 79 -10.74 -14.43 -25.15
C LYS B 79 -9.49 -14.95 -24.41
N PRO B 80 -8.50 -15.40 -25.17
CA PRO B 80 -7.24 -15.92 -24.58
C PRO B 80 -6.38 -14.76 -24.09
N MET B 81 -6.69 -14.24 -22.93
CA MET B 81 -5.94 -13.09 -22.36
C MET B 81 -4.46 -13.45 -22.19
N ARG B 82 -3.59 -12.57 -22.60
CA ARG B 82 -2.12 -12.80 -22.47
C ARG B 82 -1.55 -11.84 -21.44
N ILE B 83 -0.94 -12.36 -20.40
CA ILE B 83 -0.37 -11.49 -19.31
C ILE B 83 1.06 -11.10 -19.67
N GLN B 84 1.48 -9.92 -19.25
CA GLN B 84 2.86 -9.45 -19.54
C GLN B 84 3.46 -8.87 -18.25
N TYR B 85 4.77 -8.94 -18.11
CA TYR B 85 5.43 -8.41 -16.89
C TYR B 85 5.27 -6.88 -16.82
N ALA B 86 5.61 -6.30 -15.69
CA ALA B 86 5.49 -4.82 -15.53
C ALA B 86 6.88 -4.24 -15.22
N LYS B 87 7.57 -3.81 -16.27
CA LYS B 87 8.96 -3.22 -16.15
C LYS B 87 9.13 -2.37 -14.88
N THR B 88 8.10 -1.65 -14.50
CA THR B 88 8.17 -0.78 -13.28
C THR B 88 7.43 -1.43 -12.12
N ASP B 89 6.44 -2.25 -12.43
CA ASP B 89 5.61 -2.93 -11.39
C ASP B 89 5.18 -1.94 -10.30
N SER B 90 4.63 -2.43 -9.22
CA SER B 90 4.19 -1.51 -8.12
C SER B 90 5.44 -0.94 -7.46
N ASP B 91 5.80 0.27 -7.83
CA ASP B 91 7.03 0.92 -7.26
C ASP B 91 7.02 0.88 -5.72
N ILE B 92 5.85 0.74 -5.12
CA ILE B 92 5.73 0.70 -3.63
C ILE B 92 6.82 -0.20 -2.99
N ILE B 93 7.30 -1.20 -3.71
CA ILE B 93 8.38 -2.09 -3.14
C ILE B 93 9.57 -1.23 -2.73
N ALA B 94 9.71 -0.06 -3.34
CA ALA B 94 10.84 0.86 -3.04
C ALA B 94 10.53 1.70 -1.81
N LYS B 95 9.34 2.27 -1.74
CA LYS B 95 8.95 3.14 -0.58
C LYS B 95 8.22 2.32 0.49
N MET B 96 8.16 1.02 0.34
CA MET B 96 7.50 0.17 1.36
C MET B 96 8.52 -0.83 1.95
N LYS B 97 9.80 -0.60 1.70
CA LYS B 97 10.87 -1.50 2.25
C LYS B 97 10.88 -1.40 3.78
N GLY B 98 10.22 -0.40 4.35
CA GLY B 98 10.20 -0.24 5.84
C GLY B 98 9.11 -1.12 6.47
N THR B 99 8.54 -2.06 5.72
CA THR B 99 7.48 -2.96 6.30
C THR B 99 8.05 -3.68 7.53
N PHE B 100 9.28 -4.14 7.41
CA PHE B 100 9.95 -4.87 8.52
C PHE B 100 11.40 -5.14 8.10
N VAL B 101 11.61 -5.50 6.84
CA VAL B 101 12.98 -5.77 6.32
C VAL B 101 13.89 -4.57 6.58
N ALA A 1 -18.03 0.09 28.07
CA ALA A 1 -17.09 1.03 27.40
C ALA A 1 -15.73 0.36 27.23
N VAL A 2 -15.14 0.47 26.05
CA VAL A 2 -13.81 -0.15 25.80
C VAL A 2 -12.97 0.79 24.89
N PRO A 3 -12.19 1.69 25.50
CA PRO A 3 -11.35 2.63 24.75
C PRO A 3 -10.08 1.93 24.23
N GLU A 4 -9.50 1.07 25.03
CA GLU A 4 -8.27 0.33 24.63
C GLU A 4 -7.14 1.34 24.33
N THR A 5 -6.20 1.45 25.23
CA THR A 5 -5.06 2.41 25.04
C THR A 5 -3.76 1.63 24.81
N ARG A 6 -3.87 0.42 24.29
CA ARG A 6 -2.66 -0.41 24.02
C ARG A 6 -1.91 0.17 22.80
N PRO A 7 -0.62 -0.14 22.70
CA PRO A 7 0.22 0.36 21.58
C PRO A 7 -0.04 -0.47 20.31
N ASN A 8 -0.20 0.20 19.19
CA ASN A 8 -0.46 -0.52 17.90
C ASN A 8 0.71 -0.27 16.93
N HIS A 9 0.57 -0.70 15.70
CA HIS A 9 1.68 -0.54 14.69
C HIS A 9 1.98 0.95 14.44
N THR A 10 1.06 1.84 14.75
CA THR A 10 1.29 3.30 14.48
C THR A 10 0.61 4.18 15.53
N ILE A 11 0.81 5.48 15.38
CA ILE A 11 0.20 6.47 16.30
C ILE A 11 -0.47 7.54 15.44
N TYR A 12 -1.55 8.13 15.91
CA TYR A 12 -2.25 9.18 15.12
C TYR A 12 -2.32 10.48 15.92
N ILE A 13 -1.76 11.54 15.38
CA ILE A 13 -1.79 12.86 16.07
C ILE A 13 -3.16 13.49 15.89
N ASN A 14 -3.52 14.41 16.76
CA ASN A 14 -4.85 15.09 16.66
C ASN A 14 -4.77 16.46 17.34
N ASN A 15 -5.77 17.29 17.13
CA ASN A 15 -5.79 18.66 17.75
C ASN A 15 -4.57 19.46 17.25
N LEU A 16 -4.10 19.16 16.05
CA LEU A 16 -2.93 19.88 15.47
C LEU A 16 -3.35 21.30 15.05
N ASN A 17 -2.38 22.14 14.75
CA ASN A 17 -2.68 23.54 14.33
C ASN A 17 -3.13 23.55 12.86
N GLU A 18 -3.88 24.56 12.49
CA GLU A 18 -4.37 24.68 11.08
C GLU A 18 -3.62 25.83 10.37
N LYS A 19 -2.34 25.65 10.14
CA LYS A 19 -1.52 26.70 9.47
C LYS A 19 -0.37 26.02 8.68
N ILE A 20 -0.57 24.79 8.27
CA ILE A 20 0.48 24.06 7.50
C ILE A 20 0.00 23.83 6.07
N LYS A 21 0.91 23.55 5.17
CA LYS A 21 0.53 23.30 3.74
C LYS A 21 0.43 21.80 3.47
N LYS A 22 0.13 21.02 4.49
CA LYS A 22 -0.01 19.52 4.36
C LYS A 22 1.34 18.87 4.06
N ASP A 23 2.00 19.28 3.00
CA ASP A 23 3.33 18.70 2.63
C ASP A 23 4.32 19.06 3.73
N GLU A 24 4.12 20.18 4.38
CA GLU A 24 5.03 20.62 5.46
C GLU A 24 4.94 19.64 6.63
N LEU A 25 3.79 19.02 6.80
CA LEU A 25 3.61 18.03 7.92
C LEU A 25 4.57 16.85 7.71
N LYS A 26 4.86 16.53 6.46
CA LYS A 26 5.80 15.39 6.17
C LYS A 26 7.21 15.79 6.60
N LYS A 27 7.63 16.98 6.24
CA LYS A 27 9.01 17.46 6.62
C LYS A 27 9.15 17.44 8.15
N SER A 28 8.04 17.49 8.86
CA SER A 28 8.08 17.47 10.36
C SER A 28 7.92 16.04 10.88
N LEU A 29 6.83 15.39 10.51
CA LEU A 29 6.57 14.00 10.98
C LEU A 29 7.47 13.00 10.26
N HIS A 30 7.58 13.12 8.96
CA HIS A 30 8.42 12.18 8.16
C HIS A 30 9.92 12.43 8.41
N ALA A 31 10.27 13.47 9.15
CA ALA A 31 11.71 13.77 9.42
C ALA A 31 12.06 13.48 10.88
N ILE A 32 11.07 13.51 11.76
CA ILE A 32 11.33 13.25 13.22
C ILE A 32 11.01 11.79 13.56
N PHE A 33 9.81 11.35 13.24
CA PHE A 33 9.39 9.95 13.56
C PHE A 33 10.33 8.93 12.90
N SER A 34 11.07 9.34 11.89
CA SER A 34 12.01 8.40 11.19
C SER A 34 13.38 8.39 11.87
N ARG A 35 13.59 9.23 12.88
CA ARG A 35 14.92 9.27 13.58
C ARG A 35 15.03 8.16 14.62
N PHE A 36 13.91 7.71 15.18
CA PHE A 36 13.95 6.63 16.21
C PHE A 36 13.87 5.27 15.51
N GLY A 37 12.89 5.11 14.65
CA GLY A 37 12.71 3.81 13.93
C GLY A 37 12.71 4.03 12.41
N GLN A 38 11.64 3.61 11.75
CA GLN A 38 11.53 3.77 10.27
C GLN A 38 10.05 3.96 9.93
N ILE A 39 9.67 5.18 9.66
CA ILE A 39 8.25 5.49 9.32
C ILE A 39 7.82 4.67 8.10
N LEU A 40 6.69 4.00 8.21
CA LEU A 40 6.16 3.18 7.09
C LEU A 40 5.29 4.04 6.18
N ASP A 41 4.20 4.55 6.71
CA ASP A 41 3.27 5.41 5.90
C ASP A 41 2.64 6.46 6.82
N ILE A 42 2.49 7.66 6.32
CA ILE A 42 1.87 8.77 7.13
C ILE A 42 0.57 9.20 6.46
N LEU A 43 -0.40 9.63 7.25
CA LEU A 43 -1.72 10.07 6.67
C LEU A 43 -2.02 11.50 7.10
N VAL A 44 -2.10 12.41 6.14
CA VAL A 44 -2.41 13.84 6.45
C VAL A 44 -3.92 14.04 6.47
N SER A 45 -4.37 15.14 7.05
CA SER A 45 -5.83 15.43 7.13
C SER A 45 -6.40 15.62 5.72
N ARG A 46 -7.66 15.28 5.53
CA ARG A 46 -8.31 15.44 4.18
C ARG A 46 -9.81 15.14 4.31
N SER A 47 -10.40 15.49 5.43
CA SER A 47 -11.87 15.24 5.65
C SER A 47 -12.27 15.78 7.03
N LEU A 48 -13.56 15.96 7.25
CA LEU A 48 -14.06 16.48 8.57
C LEU A 48 -13.55 15.56 9.69
N LYS A 49 -13.66 14.27 9.50
CA LYS A 49 -13.18 13.29 10.53
C LYS A 49 -11.64 13.25 10.50
N MET A 50 -11.06 13.51 9.34
CA MET A 50 -9.58 13.50 9.21
C MET A 50 -9.07 14.94 9.07
N ARG A 51 -9.40 15.77 10.05
CA ARG A 51 -8.97 17.21 10.02
C ARG A 51 -8.17 17.54 11.28
N GLY A 52 -6.91 17.90 11.12
CA GLY A 52 -6.06 18.26 12.30
C GLY A 52 -5.50 16.98 12.94
N GLN A 53 -5.03 16.05 12.14
CA GLN A 53 -4.47 14.78 12.70
C GLN A 53 -3.24 14.36 11.87
N ALA A 54 -2.74 13.16 12.11
CA ALA A 54 -1.55 12.65 11.35
C ALA A 54 -1.18 11.25 11.85
N PHE A 55 -1.22 10.27 10.98
CA PHE A 55 -0.86 8.87 11.37
C PHE A 55 0.59 8.61 10.97
N VAL A 56 1.25 7.67 11.63
CA VAL A 56 2.69 7.36 11.31
C VAL A 56 3.02 5.94 11.79
N ILE A 57 3.21 5.02 10.86
CA ILE A 57 3.53 3.59 11.23
C ILE A 57 5.04 3.41 11.32
N PHE A 58 5.48 2.49 12.17
CA PHE A 58 6.95 2.22 12.32
C PHE A 58 7.23 0.74 12.09
N LYS A 59 6.44 0.10 11.25
CA LYS A 59 6.60 -1.37 10.94
C LYS A 59 6.88 -2.18 12.22
N GLU A 60 6.36 -1.72 13.34
CA GLU A 60 6.56 -2.44 14.64
C GLU A 60 5.80 -1.71 15.74
N VAL A 61 4.98 -2.43 16.47
CA VAL A 61 4.17 -1.81 17.58
C VAL A 61 5.12 -1.24 18.64
N SER A 62 6.28 -1.84 18.79
CA SER A 62 7.27 -1.36 19.81
C SER A 62 7.98 -0.09 19.31
N SER A 63 7.92 0.17 18.01
CA SER A 63 8.60 1.39 17.44
C SER A 63 7.64 2.57 17.53
N ALA A 64 6.35 2.33 17.34
CA ALA A 64 5.35 3.42 17.42
C ALA A 64 5.14 3.78 18.89
N THR A 65 5.28 2.81 19.76
CA THR A 65 5.11 3.06 21.22
C THR A 65 6.19 4.05 21.68
N ASN A 66 7.36 3.96 21.08
CA ASN A 66 8.48 4.88 21.44
C ASN A 66 8.26 6.23 20.75
N ALA A 67 7.64 6.23 19.59
CA ALA A 67 7.38 7.50 18.85
C ALA A 67 6.28 8.29 19.59
N LEU A 68 5.36 7.58 20.21
CA LEU A 68 4.24 8.23 20.95
C LEU A 68 4.72 8.64 22.35
N ARG A 69 5.70 7.94 22.88
CA ARG A 69 6.23 8.26 24.24
C ARG A 69 7.48 9.15 24.12
N SER A 70 7.58 9.90 23.05
CA SER A 70 8.75 10.79 22.84
C SER A 70 8.28 12.22 22.56
N MET A 71 7.27 12.36 21.72
CA MET A 71 6.73 13.72 21.38
C MET A 71 5.36 13.91 22.05
N GLN A 72 5.18 13.31 23.21
CA GLN A 72 3.89 13.43 23.95
C GLN A 72 3.58 14.90 24.23
N GLY A 73 2.55 15.43 23.60
CA GLY A 73 2.16 16.86 23.80
C GLY A 73 3.33 17.78 23.47
N PHE A 74 3.75 17.79 22.21
CA PHE A 74 4.88 18.65 21.78
C PHE A 74 4.33 19.80 20.90
N PRO A 75 4.90 21.00 21.03
CA PRO A 75 4.45 22.16 20.22
C PRO A 75 4.94 22.02 18.79
N PHE A 76 4.04 22.15 17.82
CA PHE A 76 4.43 22.01 16.38
C PHE A 76 3.76 23.09 15.56
N TYR A 77 4.50 24.14 15.24
CA TYR A 77 3.98 25.30 14.43
C TYR A 77 3.27 26.33 15.32
N ASP A 78 2.72 25.90 16.46
CA ASP A 78 2.02 26.86 17.40
C ASP A 78 1.16 26.08 18.42
N LYS A 79 0.79 24.84 18.13
CA LYS A 79 -0.07 24.06 19.08
C LYS A 79 0.67 22.78 19.54
N PRO A 80 0.36 22.31 20.75
CA PRO A 80 0.97 21.09 21.31
C PRO A 80 0.30 19.85 20.74
N MET A 81 0.92 19.21 19.77
CA MET A 81 0.35 17.98 19.14
C MET A 81 0.19 16.90 20.21
N ARG A 82 -0.99 16.33 20.31
CA ARG A 82 -1.26 15.25 21.31
C ARG A 82 -1.34 13.91 20.58
N ILE A 83 -0.22 13.22 20.50
CA ILE A 83 -0.17 11.89 19.81
C ILE A 83 -1.11 10.91 20.50
N GLN A 84 -1.71 10.02 19.73
CA GLN A 84 -2.65 9.00 20.29
C GLN A 84 -2.47 7.69 19.53
N TYR A 85 -2.39 6.58 20.24
CA TYR A 85 -2.21 5.25 19.58
C TYR A 85 -3.31 5.01 18.55
N ALA A 86 -3.00 4.29 17.50
CA ALA A 86 -4.02 3.99 16.46
C ALA A 86 -4.64 2.63 16.75
N LYS A 87 -5.82 2.63 17.34
CA LYS A 87 -6.56 1.36 17.71
C LYS A 87 -6.32 0.23 16.69
N THR A 88 -6.60 0.46 15.42
CA THR A 88 -6.38 -0.58 14.38
C THR A 88 -5.07 -0.35 13.64
N ASP A 89 -4.42 0.77 13.88
CA ASP A 89 -3.13 1.11 13.19
C ASP A 89 -3.22 0.80 11.69
N SER A 90 -2.09 0.65 11.02
CA SER A 90 -2.12 0.32 9.55
C SER A 90 -2.99 -0.91 9.33
N ASP A 91 -3.85 -0.89 8.34
CA ASP A 91 -4.75 -2.06 8.10
C ASP A 91 -4.05 -3.08 7.20
N ILE A 92 -3.13 -2.62 6.37
CA ILE A 92 -2.40 -3.56 5.46
C ILE A 92 -1.78 -4.70 6.28
N ILE A 93 -1.52 -4.46 7.56
CA ILE A 93 -0.94 -5.53 8.46
C ILE A 93 -1.87 -6.76 8.41
N ALA A 94 -3.14 -6.51 8.13
CA ALA A 94 -4.16 -7.61 8.06
C ALA A 94 -3.70 -8.70 7.09
N LYS A 95 -3.15 -8.30 5.96
CA LYS A 95 -2.70 -9.29 4.94
C LYS A 95 -1.20 -9.12 4.63
N MET A 96 -0.48 -8.35 5.44
CA MET A 96 0.98 -8.16 5.18
C MET A 96 1.70 -9.51 5.18
N LYS A 97 1.12 -10.52 5.79
CA LYS A 97 1.77 -11.88 5.84
C LYS A 97 2.20 -12.30 4.42
N GLY A 98 1.46 -11.89 3.41
CA GLY A 98 1.80 -12.25 2.00
C GLY A 98 2.79 -11.23 1.42
N THR A 99 3.32 -10.34 2.26
CA THR A 99 4.29 -9.32 1.78
C THR A 99 5.57 -10.00 1.28
N PHE A 100 6.03 -10.99 2.02
CA PHE A 100 7.28 -11.73 1.68
C PHE A 100 7.63 -12.62 2.87
N VAL A 101 7.37 -12.14 4.07
CA VAL A 101 7.67 -12.91 5.32
C VAL A 101 7.19 -14.36 5.20
N ALA B 1 13.14 -0.09 -28.48
CA ALA B 1 11.95 -0.81 -27.96
C ALA B 1 12.37 -1.73 -26.82
N VAL B 2 11.61 -1.72 -25.74
CA VAL B 2 11.93 -2.59 -24.56
C VAL B 2 10.62 -3.12 -23.94
N PRO B 3 10.17 -4.29 -24.39
CA PRO B 3 8.93 -4.91 -23.88
C PRO B 3 9.19 -5.58 -22.53
N GLU B 4 10.32 -6.22 -22.38
CA GLU B 4 10.67 -6.90 -21.10
C GLU B 4 9.62 -7.97 -20.79
N THR B 5 9.96 -9.23 -20.99
CA THR B 5 9.01 -10.35 -20.73
C THR B 5 9.47 -11.16 -19.51
N ARG B 6 10.23 -10.53 -18.61
CA ARG B 6 10.72 -11.23 -17.39
C ARG B 6 9.55 -11.46 -16.42
N PRO B 7 9.69 -12.44 -15.53
CA PRO B 7 8.64 -12.77 -14.54
C PRO B 7 8.66 -11.76 -13.39
N ASN B 8 7.49 -11.27 -12.99
CA ASN B 8 7.40 -10.29 -11.88
C ASN B 8 6.64 -10.90 -10.70
N HIS B 9 6.33 -10.11 -9.70
CA HIS B 9 5.59 -10.63 -8.49
C HIS B 9 4.20 -11.15 -8.87
N THR B 10 3.66 -10.73 -10.00
CA THR B 10 2.28 -11.17 -10.39
C THR B 10 2.13 -11.29 -11.91
N ILE B 11 0.96 -11.72 -12.32
CA ILE B 11 0.64 -11.87 -13.77
C ILE B 11 -0.69 -11.17 -14.02
N TYR B 12 -0.88 -10.61 -15.19
CA TYR B 12 -2.17 -9.92 -15.51
C TYR B 12 -2.83 -10.56 -16.74
N ILE B 13 -4.03 -11.04 -16.57
CA ILE B 13 -4.76 -11.68 -17.71
C ILE B 13 -5.34 -10.58 -18.60
N ASN B 14 -5.62 -10.90 -19.84
CA ASN B 14 -6.18 -9.90 -20.79
C ASN B 14 -6.97 -10.61 -21.90
N ASN B 15 -7.74 -9.88 -22.66
CA ASN B 15 -8.55 -10.49 -23.76
C ASN B 15 -9.55 -11.50 -23.16
N LEU B 16 -9.97 -11.27 -21.93
CA LEU B 16 -10.93 -12.19 -21.26
C LEU B 16 -12.33 -12.00 -21.85
N ASN B 17 -13.24 -12.89 -21.55
CA ASN B 17 -14.63 -12.80 -22.08
C ASN B 17 -15.42 -11.75 -21.29
N GLU B 18 -16.45 -11.20 -21.90
CA GLU B 18 -17.28 -10.16 -21.21
C GLU B 18 -18.66 -10.76 -20.88
N LYS B 19 -18.69 -11.70 -19.96
CA LYS B 19 -19.97 -12.36 -19.56
C LYS B 19 -19.88 -12.82 -18.10
N ILE B 20 -19.05 -12.15 -17.31
CA ILE B 20 -18.90 -12.51 -15.87
C ILE B 20 -19.46 -11.38 -15.00
N LYS B 21 -19.74 -11.68 -13.75
CA LYS B 21 -20.30 -10.65 -12.83
C LYS B 21 -19.18 -10.06 -11.95
N LYS B 22 -17.97 -10.07 -12.45
CA LYS B 22 -16.77 -9.51 -11.72
C LYS B 22 -16.44 -10.37 -10.49
N ASP B 23 -17.38 -10.55 -9.59
CA ASP B 23 -17.15 -11.37 -8.38
C ASP B 23 -16.89 -12.81 -8.80
N GLU B 24 -17.49 -13.22 -9.91
CA GLU B 24 -17.31 -14.60 -10.40
C GLU B 24 -15.84 -14.81 -10.80
N LEU B 25 -15.18 -13.75 -11.22
CA LEU B 25 -13.75 -13.85 -11.63
C LEU B 25 -12.90 -14.28 -10.42
N LYS B 26 -13.31 -13.89 -9.23
CA LYS B 26 -12.56 -14.26 -8.00
C LYS B 26 -12.73 -15.76 -7.76
N LYS B 27 -13.94 -16.26 -7.85
CA LYS B 27 -14.19 -17.72 -7.64
C LYS B 27 -13.36 -18.54 -8.64
N SER B 28 -12.96 -17.93 -9.74
CA SER B 28 -12.14 -18.65 -10.77
C SER B 28 -10.65 -18.39 -10.54
N LEU B 29 -10.26 -17.13 -10.52
CA LEU B 29 -8.82 -16.77 -10.33
C LEU B 29 -8.41 -16.95 -8.87
N HIS B 30 -9.22 -16.48 -7.95
CA HIS B 30 -8.90 -16.61 -6.49
C HIS B 30 -9.03 -18.06 -6.01
N ALA B 31 -9.52 -18.95 -6.85
CA ALA B 31 -9.69 -20.39 -6.44
C ALA B 31 -8.67 -21.28 -7.15
N ILE B 32 -8.17 -20.85 -8.30
CA ILE B 32 -7.19 -21.66 -9.07
C ILE B 32 -5.75 -21.18 -8.78
N PHE B 33 -5.52 -19.90 -8.96
CA PHE B 33 -4.15 -19.34 -8.73
C PHE B 33 -3.70 -19.58 -7.28
N SER B 34 -4.61 -19.86 -6.39
CA SER B 34 -4.24 -20.09 -4.95
C SER B 34 -3.92 -21.59 -4.72
N ARG B 35 -4.08 -22.43 -5.72
CA ARG B 35 -3.80 -23.89 -5.55
C ARG B 35 -2.30 -24.18 -5.69
N PHE B 36 -1.59 -23.36 -6.45
CA PHE B 36 -0.11 -23.60 -6.64
C PHE B 36 0.65 -22.87 -5.53
N GLY B 37 0.36 -21.61 -5.37
CA GLY B 37 1.08 -20.80 -4.31
C GLY B 37 0.06 -20.15 -3.36
N GLN B 38 0.11 -18.85 -3.24
CA GLN B 38 -0.83 -18.11 -2.33
C GLN B 38 -1.11 -16.74 -2.94
N ILE B 39 -2.26 -16.59 -3.55
CA ILE B 39 -2.64 -15.30 -4.19
C ILE B 39 -2.59 -14.17 -3.15
N LEU B 40 -1.94 -13.09 -3.50
CA LEU B 40 -1.81 -11.91 -2.58
C LEU B 40 -2.99 -10.98 -2.80
N ASP B 41 -3.10 -10.42 -3.99
CA ASP B 41 -4.20 -9.48 -4.32
C ASP B 41 -4.57 -9.62 -5.80
N ILE B 42 -5.85 -9.56 -6.10
CA ILE B 42 -6.32 -9.68 -7.52
C ILE B 42 -6.98 -8.38 -7.94
N LEU B 43 -6.88 -8.01 -9.22
CA LEU B 43 -7.50 -6.74 -9.69
C LEU B 43 -8.46 -7.03 -10.84
N VAL B 44 -9.74 -6.76 -10.64
CA VAL B 44 -10.76 -7.00 -11.71
C VAL B 44 -10.85 -5.76 -12.61
N SER B 45 -11.45 -5.92 -13.78
CA SER B 45 -11.58 -4.77 -14.73
C SER B 45 -12.49 -3.69 -14.12
N ARG B 46 -12.25 -2.45 -14.47
CA ARG B 46 -13.08 -1.31 -13.94
C ARG B 46 -12.69 -0.01 -14.66
N SER B 47 -12.35 -0.11 -15.94
CA SER B 47 -11.96 1.10 -16.73
C SER B 47 -11.65 0.68 -18.17
N LEU B 48 -11.63 1.63 -19.08
CA LEU B 48 -11.34 1.32 -20.52
C LEU B 48 -9.99 0.60 -20.61
N LYS B 49 -9.00 1.10 -19.91
CA LYS B 49 -7.64 0.46 -19.93
C LYS B 49 -7.68 -0.81 -19.09
N MET B 50 -8.55 -0.84 -18.10
CA MET B 50 -8.68 -2.05 -17.22
C MET B 50 -9.98 -2.78 -17.55
N ARG B 51 -10.15 -3.16 -18.81
CA ARG B 51 -11.38 -3.87 -19.25
C ARG B 51 -11.01 -5.21 -19.89
N GLY B 52 -11.46 -6.30 -19.31
CA GLY B 52 -11.15 -7.66 -19.86
C GLY B 52 -9.77 -8.11 -19.42
N GLN B 53 -9.43 -7.91 -18.16
CA GLN B 53 -8.09 -8.33 -17.65
C GLN B 53 -8.23 -8.88 -16.22
N ALA B 54 -7.11 -9.12 -15.55
CA ALA B 54 -7.15 -9.67 -14.15
C ALA B 54 -5.72 -9.86 -13.65
N PHE B 55 -5.36 -9.18 -12.58
CA PHE B 55 -3.99 -9.32 -11.99
C PHE B 55 -4.05 -10.30 -10.83
N VAL B 56 -2.93 -10.94 -10.50
CA VAL B 56 -2.90 -11.94 -9.38
C VAL B 56 -1.46 -12.08 -8.86
N ILE B 57 -1.21 -11.59 -7.67
CA ILE B 57 0.17 -11.67 -7.08
C ILE B 57 0.33 -12.96 -6.26
N PHE B 58 1.53 -13.48 -6.19
CA PHE B 58 1.78 -14.74 -5.42
C PHE B 58 2.90 -14.51 -4.38
N LYS B 59 3.01 -13.28 -3.90
CA LYS B 59 4.06 -12.91 -2.88
C LYS B 59 5.43 -13.53 -3.25
N GLU B 60 5.67 -13.71 -4.53
CA GLU B 60 6.96 -14.31 -5.00
C GLU B 60 6.98 -14.34 -6.53
N VAL B 61 8.02 -13.79 -7.13
CA VAL B 61 8.13 -13.76 -8.61
C VAL B 61 8.18 -15.20 -9.15
N SER B 62 8.73 -16.11 -8.37
CA SER B 62 8.82 -17.53 -8.81
C SER B 62 7.46 -18.23 -8.69
N SER B 63 6.54 -17.67 -7.94
CA SER B 63 5.19 -18.29 -7.77
C SER B 63 4.27 -17.80 -8.90
N ALA B 64 4.43 -16.56 -9.31
CA ALA B 64 3.60 -16.01 -10.42
C ALA B 64 4.10 -16.58 -11.75
N THR B 65 5.39 -16.87 -11.81
CA THR B 65 5.97 -17.45 -13.06
C THR B 65 5.34 -18.83 -13.29
N ASN B 66 5.03 -19.53 -12.22
CA ASN B 66 4.41 -20.89 -12.33
C ASN B 66 2.91 -20.72 -12.61
N ALA B 67 2.31 -19.66 -12.12
CA ALA B 67 0.87 -19.42 -12.33
C ALA B 67 0.64 -19.02 -13.80
N LEU B 68 1.61 -18.33 -14.38
CA LEU B 68 1.52 -17.88 -15.80
C LEU B 68 1.90 -19.04 -16.74
N ARG B 69 2.75 -19.93 -16.26
CA ARG B 69 3.19 -21.09 -17.10
C ARG B 69 2.33 -22.32 -16.80
N SER B 70 1.10 -22.10 -16.34
CA SER B 70 0.20 -23.25 -16.02
C SER B 70 -1.13 -23.07 -16.76
N MET B 71 -1.67 -21.86 -16.76
CA MET B 71 -2.97 -21.59 -17.45
C MET B 71 -2.71 -20.78 -18.73
N GLN B 72 -1.57 -20.98 -19.35
CA GLN B 72 -1.22 -20.25 -20.60
C GLN B 72 -2.29 -20.49 -21.68
N GLY B 73 -3.03 -19.46 -22.01
CA GLY B 73 -4.10 -19.57 -23.05
C GLY B 73 -5.11 -20.65 -22.65
N PHE B 74 -5.81 -20.43 -21.55
CA PHE B 74 -6.82 -21.42 -21.06
C PHE B 74 -8.23 -20.84 -21.29
N PRO B 75 -9.19 -21.69 -21.65
CA PRO B 75 -10.59 -21.23 -21.88
C PRO B 75 -11.27 -20.95 -20.54
N PHE B 76 -11.86 -19.78 -20.39
CA PHE B 76 -12.53 -19.43 -19.10
C PHE B 76 -13.87 -18.74 -19.39
N TYR B 77 -14.95 -19.49 -19.29
CA TYR B 77 -16.34 -18.96 -19.54
C TYR B 77 -16.69 -19.04 -21.03
N ASP B 78 -15.70 -18.98 -21.91
CA ASP B 78 -15.96 -19.03 -23.40
C ASP B 78 -14.71 -18.58 -24.19
N LYS B 79 -13.81 -17.82 -23.59
CA LYS B 79 -12.60 -17.34 -24.33
C LYS B 79 -11.32 -17.85 -23.66
N PRO B 80 -10.26 -18.01 -24.45
CA PRO B 80 -8.95 -18.49 -23.94
C PRO B 80 -8.19 -17.33 -23.29
N MET B 81 -8.21 -17.27 -21.97
CA MET B 81 -7.49 -16.19 -21.24
C MET B 81 -6.00 -16.26 -21.55
N ARG B 82 -5.42 -15.15 -21.96
CA ARG B 82 -3.96 -15.11 -22.29
C ARG B 82 -3.21 -14.38 -21.17
N ILE B 83 -2.72 -15.13 -20.20
CA ILE B 83 -1.99 -14.52 -19.04
C ILE B 83 -0.75 -13.78 -19.55
N GLN B 84 -0.40 -12.70 -18.89
CA GLN B 84 0.80 -11.89 -19.28
C GLN B 84 1.48 -11.38 -18.02
N TYR B 85 2.79 -11.49 -17.96
CA TYR B 85 3.55 -11.01 -16.75
C TYR B 85 3.24 -9.55 -16.48
N ALA B 86 3.27 -9.15 -15.23
CA ALA B 86 3.00 -7.72 -14.87
C ALA B 86 4.33 -6.98 -14.74
N LYS B 87 4.69 -6.24 -15.78
CA LYS B 87 5.99 -5.46 -15.81
C LYS B 87 6.38 -4.92 -14.43
N THR B 88 5.51 -4.15 -13.79
CA THR B 88 5.82 -3.61 -12.45
C THR B 88 5.16 -4.44 -11.35
N ASP B 89 4.32 -5.40 -11.72
CA ASP B 89 3.61 -6.27 -10.73
C ASP B 89 3.07 -5.42 -9.56
N SER B 90 2.77 -6.03 -8.43
CA SER B 90 2.25 -5.26 -7.25
C SER B 90 3.22 -4.11 -6.95
N ASP B 91 2.70 -2.92 -6.72
CA ASP B 91 3.58 -1.75 -6.44
C ASP B 91 3.92 -1.69 -4.96
N ILE B 92 3.05 -2.20 -4.11
CA ILE B 92 3.33 -2.18 -2.63
C ILE B 92 4.70 -2.80 -2.35
N ILE B 93 5.18 -3.67 -3.23
CA ILE B 93 6.54 -4.29 -3.04
C ILE B 93 7.58 -3.17 -2.91
N ALA B 94 7.27 -2.03 -3.48
CA ALA B 94 8.20 -0.85 -3.44
C ALA B 94 8.57 -0.52 -1.99
N LYS B 95 7.61 -0.58 -1.10
CA LYS B 95 7.86 -0.26 0.33
C LYS B 95 7.50 -1.44 1.24
N MET B 96 7.26 -2.61 0.68
CA MET B 96 6.88 -3.79 1.53
C MET B 96 7.99 -4.06 2.55
N LYS B 97 9.19 -3.58 2.30
CA LYS B 97 10.33 -3.83 3.27
C LYS B 97 9.90 -3.44 4.69
N GLY B 98 9.05 -2.45 4.81
CA GLY B 98 8.57 -2.01 6.16
C GLY B 98 7.36 -2.85 6.59
N THR B 99 7.04 -3.90 5.86
CA THR B 99 5.88 -4.78 6.20
C THR B 99 6.13 -5.46 7.55
N PHE B 100 7.34 -5.95 7.74
CA PHE B 100 7.73 -6.67 9.00
C PHE B 100 9.10 -7.29 8.76
N VAL B 101 9.36 -7.74 7.54
CA VAL B 101 10.67 -8.37 7.19
C VAL B 101 11.84 -7.53 7.72
N ALA A 1 -11.17 14.66 26.26
CA ALA A 1 -10.48 14.01 27.41
C ALA A 1 -9.60 12.88 26.91
N VAL A 2 -8.54 12.57 27.64
CA VAL A 2 -7.61 11.47 27.23
C VAL A 2 -7.40 10.51 28.43
N PRO A 3 -8.22 9.46 28.51
CA PRO A 3 -8.12 8.47 29.60
C PRO A 3 -6.97 7.51 29.35
N GLU A 4 -6.95 6.88 28.19
CA GLU A 4 -5.86 5.90 27.85
C GLU A 4 -5.54 6.01 26.35
N THR A 5 -4.35 5.61 25.98
CA THR A 5 -3.92 5.66 24.54
C THR A 5 -2.85 4.60 24.28
N ARG A 6 -1.87 4.53 25.14
CA ARG A 6 -0.77 3.52 24.99
C ARG A 6 -0.02 3.77 23.67
N PRO A 7 1.24 3.32 23.60
CA PRO A 7 2.07 3.48 22.40
C PRO A 7 1.68 2.46 21.32
N ASN A 8 1.87 2.80 20.06
CA ASN A 8 1.52 1.87 18.95
C ASN A 8 2.54 1.99 17.82
N HIS A 9 2.26 1.35 16.71
CA HIS A 9 3.19 1.38 15.52
C HIS A 9 3.69 2.80 15.24
N THR A 10 2.78 3.75 15.16
CA THR A 10 3.18 5.17 14.87
C THR A 10 2.30 6.16 15.63
N ILE A 11 2.15 7.38 15.12
CA ILE A 11 1.33 8.41 15.84
C ILE A 11 0.55 9.28 14.84
N TYR A 12 0.00 10.38 15.32
CA TYR A 12 -0.76 11.30 14.44
C TYR A 12 -0.85 12.68 15.13
N ILE A 13 -0.33 13.70 14.48
CA ILE A 13 -0.34 15.08 15.06
C ILE A 13 -1.75 15.68 14.92
N ASN A 14 -2.05 16.67 15.74
CA ASN A 14 -3.40 17.32 15.68
C ASN A 14 -3.26 18.80 16.07
N ASN A 15 -4.34 19.55 15.97
CA ASN A 15 -4.32 21.00 16.32
C ASN A 15 -3.33 21.74 15.40
N LEU A 16 -3.16 21.25 14.19
CA LEU A 16 -2.21 21.89 13.22
C LEU A 16 -2.90 23.06 12.52
N ASN A 17 -2.24 23.65 11.54
CA ASN A 17 -2.82 24.80 10.80
C ASN A 17 -3.76 24.29 9.70
N GLU A 18 -4.68 25.12 9.26
CA GLU A 18 -5.65 24.73 8.20
C GLU A 18 -5.46 25.65 6.98
N LYS A 19 -4.38 25.47 6.26
CA LYS A 19 -4.08 26.30 5.05
C LYS A 19 -2.77 25.83 4.41
N ILE A 20 -2.54 24.53 4.41
CA ILE A 20 -1.30 23.96 3.82
C ILE A 20 -1.62 23.25 2.51
N LYS A 21 -0.64 23.08 1.66
CA LYS A 21 -0.85 22.40 0.34
C LYS A 21 -0.45 20.92 0.45
N LYS A 22 -0.52 20.36 1.64
CA LYS A 22 -0.17 18.91 1.87
C LYS A 22 1.34 18.70 1.77
N ASP A 23 1.93 19.06 0.65
CA ASP A 23 3.40 18.90 0.46
C ASP A 23 4.12 19.87 1.39
N GLU A 24 3.48 20.97 1.73
CA GLU A 24 4.10 21.97 2.63
C GLU A 24 4.18 21.41 4.05
N LEU A 25 3.25 20.54 4.40
CA LEU A 25 3.26 19.93 5.76
C LEU A 25 4.27 18.79 5.81
N LYS A 26 4.50 18.14 4.68
CA LYS A 26 5.47 17.01 4.63
C LYS A 26 6.90 17.56 4.74
N LYS A 27 7.12 18.75 4.21
CA LYS A 27 8.48 19.39 4.28
C LYS A 27 8.83 19.70 5.74
N SER A 28 7.82 19.88 6.58
CA SER A 28 8.07 20.20 8.03
C SER A 28 7.79 18.97 8.89
N LEU A 29 6.68 18.31 8.67
CA LEU A 29 6.31 17.10 9.47
C LEU A 29 7.37 16.01 9.28
N HIS A 30 7.58 15.60 8.05
CA HIS A 30 8.57 14.52 7.74
C HIS A 30 10.00 15.02 8.03
N ALA A 31 10.23 16.31 7.96
CA ALA A 31 11.59 16.86 8.21
C ALA A 31 11.86 17.07 9.70
N ILE A 32 10.83 16.98 10.53
CA ILE A 32 11.01 17.18 12.00
C ILE A 32 10.75 15.87 12.77
N PHE A 33 9.95 14.99 12.20
CA PHE A 33 9.62 13.70 12.90
C PHE A 33 10.60 12.59 12.53
N SER A 34 11.14 12.61 11.34
CA SER A 34 12.12 11.54 10.91
C SER A 34 13.53 11.87 11.42
N ARG A 35 13.69 12.94 12.20
CA ARG A 35 15.04 13.32 12.71
C ARG A 35 15.51 12.31 13.78
N PHE A 36 14.59 11.66 14.46
CA PHE A 36 14.96 10.66 15.52
C PHE A 36 15.04 9.28 14.88
N GLY A 37 14.13 9.00 13.96
CA GLY A 37 14.10 7.68 13.28
C GLY A 37 13.47 7.85 11.90
N GLN A 38 14.11 7.33 10.89
CA GLN A 38 13.60 7.42 9.48
C GLN A 38 12.11 7.07 9.44
N ILE A 39 11.27 8.08 9.47
CA ILE A 39 9.79 7.88 9.44
C ILE A 39 9.40 7.06 8.19
N LEU A 40 8.26 6.41 8.23
CA LEU A 40 7.81 5.59 7.07
C LEU A 40 7.02 6.48 6.09
N ASP A 41 6.21 7.38 6.62
CA ASP A 41 5.40 8.30 5.75
C ASP A 41 4.46 9.11 6.64
N ILE A 42 3.68 10.00 6.03
CA ILE A 42 2.72 10.85 6.80
C ILE A 42 1.36 10.85 6.09
N LEU A 43 0.29 11.11 6.82
CA LEU A 43 -1.07 11.14 6.20
C LEU A 43 -1.72 12.50 6.41
N VAL A 44 -2.47 12.97 5.43
CA VAL A 44 -3.15 14.29 5.54
C VAL A 44 -4.36 14.31 4.60
N SER A 45 -5.44 14.95 5.02
CA SER A 45 -6.67 15.01 4.17
C SER A 45 -7.61 16.08 4.71
N ARG A 46 -8.84 16.09 4.25
CA ARG A 46 -9.84 17.10 4.72
C ARG A 46 -11.24 16.47 4.69
N SER A 47 -11.37 15.28 5.24
CA SER A 47 -12.69 14.56 5.26
C SER A 47 -13.25 14.57 6.69
N LEU A 48 -13.36 15.75 7.28
CA LEU A 48 -13.90 15.90 8.67
C LEU A 48 -12.92 15.29 9.68
N LYS A 49 -12.70 14.00 9.61
CA LYS A 49 -11.76 13.32 10.55
C LYS A 49 -10.35 13.88 10.35
N MET A 50 -10.03 14.25 9.13
CA MET A 50 -8.67 14.80 8.82
C MET A 50 -8.71 16.34 8.84
N ARG A 51 -8.64 16.92 10.01
CA ARG A 51 -8.68 18.40 10.15
C ARG A 51 -7.57 18.86 11.10
N GLY A 52 -6.57 19.53 10.58
CA GLY A 52 -5.44 20.03 11.43
C GLY A 52 -4.75 18.84 12.12
N GLN A 53 -4.68 17.72 11.44
CA GLN A 53 -4.03 16.51 12.03
C GLN A 53 -3.47 15.63 10.91
N ALA A 54 -2.27 15.12 11.09
CA ALA A 54 -1.63 14.25 10.07
C ALA A 54 -1.09 12.99 10.76
N PHE A 55 -1.35 11.84 10.18
CA PHE A 55 -0.87 10.56 10.78
C PHE A 55 0.54 10.26 10.28
N VAL A 56 1.52 10.27 11.16
CA VAL A 56 2.91 9.95 10.73
C VAL A 56 3.11 8.46 10.95
N ILE A 57 3.97 7.83 10.16
CA ILE A 57 4.20 6.36 10.31
C ILE A 57 5.58 6.14 10.94
N PHE A 58 5.80 4.97 11.51
CA PHE A 58 7.11 4.65 12.15
C PHE A 58 7.24 3.13 12.22
N LYS A 59 8.06 2.57 11.37
CA LYS A 59 8.28 1.08 11.31
C LYS A 59 8.29 0.43 12.71
N GLU A 60 8.72 1.15 13.72
CA GLU A 60 8.75 0.59 15.11
C GLU A 60 8.20 1.62 16.11
N VAL A 61 7.39 1.15 17.05
CA VAL A 61 6.79 2.07 18.07
C VAL A 61 7.89 2.87 18.77
N SER A 62 9.10 2.35 18.80
CA SER A 62 10.23 3.06 19.47
C SER A 62 10.53 4.38 18.76
N SER A 63 10.21 4.46 17.48
CA SER A 63 10.46 5.73 16.71
C SER A 63 9.29 6.69 16.95
N ALA A 64 8.10 6.15 17.10
CA ALA A 64 6.90 7.00 17.36
C ALA A 64 6.89 7.38 18.84
N THR A 65 7.30 6.45 19.69
CA THR A 65 7.35 6.73 21.15
C THR A 65 8.43 7.78 21.41
N ASN A 66 9.46 7.79 20.59
CA ASN A 66 10.56 8.77 20.74
C ASN A 66 10.13 10.12 20.19
N ALA A 67 9.26 10.12 19.20
CA ALA A 67 8.78 11.40 18.59
C ALA A 67 7.56 11.91 19.37
N LEU A 68 6.82 11.02 20.00
CA LEU A 68 5.61 11.42 20.78
C LEU A 68 6.01 11.85 22.18
N ARG A 69 7.10 11.31 22.69
CA ARG A 69 7.57 11.68 24.06
C ARG A 69 8.75 12.66 23.95
N SER A 70 8.86 13.35 22.83
CA SER A 70 9.96 14.34 22.64
C SER A 70 9.48 15.52 21.79
N MET A 71 8.18 15.72 21.69
CA MET A 71 7.62 16.84 20.87
C MET A 71 6.23 17.24 21.39
N GLN A 72 5.95 16.95 22.65
CA GLN A 72 4.61 17.32 23.24
C GLN A 72 4.44 18.83 23.18
N GLY A 73 3.45 19.30 22.44
CA GLY A 73 3.21 20.78 22.31
C GLY A 73 4.45 21.43 21.71
N PHE A 74 4.80 21.04 20.50
CA PHE A 74 6.00 21.59 19.83
C PHE A 74 5.59 22.76 18.90
N PRO A 75 6.51 23.69 18.66
CA PRO A 75 6.24 24.85 17.78
C PRO A 75 6.33 24.40 16.31
N PHE A 76 5.20 24.36 15.65
CA PHE A 76 5.14 23.92 14.23
C PHE A 76 4.07 24.76 13.50
N TYR A 77 4.46 25.45 12.46
CA TYR A 77 3.50 26.30 11.70
C TYR A 77 2.96 27.42 12.60
N ASP A 78 3.69 27.77 13.65
CA ASP A 78 3.26 28.86 14.59
C ASP A 78 2.06 28.37 15.42
N LYS A 79 1.98 27.08 15.65
CA LYS A 79 0.86 26.52 16.46
C LYS A 79 1.40 25.37 17.35
N PRO A 80 0.74 25.11 18.47
CA PRO A 80 1.15 24.04 19.39
C PRO A 80 0.76 22.67 18.83
N MET A 81 1.63 22.08 18.06
CA MET A 81 1.33 20.74 17.44
C MET A 81 1.24 19.67 18.53
N ARG A 82 0.10 19.04 18.65
CA ARG A 82 -0.10 17.97 19.67
C ARG A 82 0.20 16.62 19.02
N ILE A 83 0.67 15.68 19.81
CA ILE A 83 1.01 14.32 19.25
C ILE A 83 0.17 13.24 19.94
N GLN A 84 -0.35 12.32 19.16
CA GLN A 84 -1.16 11.20 19.73
C GLN A 84 -0.81 9.89 19.01
N TYR A 85 -0.60 8.84 19.76
CA TYR A 85 -0.24 7.51 19.15
C TYR A 85 -1.31 7.07 18.16
N ALA A 86 -0.94 6.29 17.16
CA ALA A 86 -1.93 5.81 16.15
C ALA A 86 -2.23 4.33 16.41
N LYS A 87 -3.26 4.07 17.18
CA LYS A 87 -3.66 2.66 17.53
C LYS A 87 -3.78 1.80 16.26
N THR A 88 -4.13 2.41 15.17
CA THR A 88 -4.28 1.68 13.87
C THR A 88 -3.01 1.78 13.04
N ASP A 89 -2.29 2.86 13.22
CA ASP A 89 -1.02 3.11 12.45
C ASP A 89 -1.24 2.83 10.95
N SER A 90 -0.16 2.81 10.19
CA SER A 90 -0.27 2.55 8.72
C SER A 90 -0.78 1.12 8.51
N ASP A 91 -2.01 0.98 8.08
CA ASP A 91 -2.62 -0.37 7.84
C ASP A 91 -1.69 -1.21 6.96
N ILE A 92 -1.04 -0.56 6.00
CA ILE A 92 -0.12 -1.27 5.06
C ILE A 92 0.85 -2.22 5.80
N ILE A 93 1.18 -1.92 7.05
CA ILE A 93 2.10 -2.81 7.83
C ILE A 93 1.43 -4.18 8.07
N ALA A 94 0.15 -4.30 7.83
CA ALA A 94 -0.56 -5.60 8.04
C ALA A 94 -0.57 -6.42 6.75
N LYS A 95 -0.61 -5.76 5.61
CA LYS A 95 -0.64 -6.49 4.30
C LYS A 95 0.67 -6.28 3.52
N MET A 96 1.66 -5.64 4.11
CA MET A 96 2.95 -5.44 3.39
C MET A 96 3.95 -6.55 3.76
N LYS A 97 3.44 -7.67 4.25
CA LYS A 97 4.33 -8.81 4.63
C LYS A 97 4.90 -9.48 3.37
N GLY A 98 4.40 -9.11 2.20
CA GLY A 98 4.90 -9.72 0.93
C GLY A 98 6.21 -9.06 0.47
N THR A 99 6.80 -8.19 1.30
CA THR A 99 8.08 -7.53 0.90
C THR A 99 9.12 -8.61 0.66
N PHE A 100 9.48 -9.29 1.73
CA PHE A 100 10.48 -10.39 1.67
C PHE A 100 10.56 -11.00 3.08
N VAL A 101 9.42 -11.06 3.74
CA VAL A 101 9.36 -11.60 5.14
C VAL A 101 9.17 -13.11 5.10
N ALA B 1 3.37 -5.31 -31.68
CA ALA B 1 4.50 -6.27 -31.82
C ALA B 1 5.15 -6.50 -30.46
N VAL B 2 5.76 -7.65 -30.26
CA VAL B 2 6.43 -7.98 -28.97
C VAL B 2 7.87 -8.47 -29.24
N PRO B 3 8.84 -7.56 -29.24
CA PRO B 3 10.25 -7.91 -29.49
C PRO B 3 10.88 -8.52 -28.24
N GLU B 4 10.80 -7.83 -27.13
CA GLU B 4 11.38 -8.35 -25.85
C GLU B 4 10.48 -7.95 -24.68
N THR B 5 10.57 -8.68 -23.58
CA THR B 5 9.74 -8.37 -22.38
C THR B 5 10.45 -8.90 -21.13
N ARG B 6 10.93 -10.12 -21.18
CA ARG B 6 11.65 -10.73 -20.00
C ARG B 6 10.70 -10.81 -18.80
N PRO B 7 10.99 -11.71 -17.87
CA PRO B 7 10.17 -11.90 -16.66
C PRO B 7 10.49 -10.81 -15.63
N ASN B 8 9.52 -10.47 -14.80
CA ASN B 8 9.73 -9.40 -13.76
C ASN B 8 8.98 -9.78 -12.48
N HIS B 9 8.94 -8.85 -11.54
CA HIS B 9 8.25 -9.08 -10.23
C HIS B 9 6.87 -9.73 -10.44
N THR B 10 6.06 -9.17 -11.32
CA THR B 10 4.69 -9.72 -11.56
C THR B 10 4.30 -9.59 -13.04
N ILE B 11 3.00 -9.53 -13.32
CA ILE B 11 2.55 -9.42 -14.76
C ILE B 11 1.32 -8.51 -14.87
N TYR B 12 0.68 -8.54 -16.02
CA TYR B 12 -0.54 -7.72 -16.25
C TYR B 12 -1.33 -8.31 -17.42
N ILE B 13 -2.57 -8.70 -17.17
CA ILE B 13 -3.43 -9.31 -18.24
C ILE B 13 -3.94 -8.22 -19.17
N ASN B 14 -4.33 -8.58 -20.38
CA ASN B 14 -4.85 -7.59 -21.36
C ASN B 14 -5.91 -8.25 -22.25
N ASN B 15 -6.55 -7.47 -23.11
CA ASN B 15 -7.58 -8.03 -24.03
C ASN B 15 -8.74 -8.62 -23.20
N LEU B 16 -8.97 -8.07 -22.02
CA LEU B 16 -10.07 -8.58 -21.14
C LEU B 16 -11.41 -7.95 -21.57
N ASN B 17 -12.45 -8.20 -20.80
CA ASN B 17 -13.81 -7.65 -21.14
C ASN B 17 -13.91 -6.21 -20.62
N GLU B 18 -14.81 -5.44 -21.20
CA GLU B 18 -15.00 -4.02 -20.76
C GLU B 18 -16.44 -3.83 -20.24
N LYS B 19 -16.71 -4.36 -19.08
CA LYS B 19 -18.07 -4.26 -18.46
C LYS B 19 -18.07 -4.95 -17.10
N ILE B 20 -16.98 -4.82 -16.37
CA ILE B 20 -16.86 -5.45 -15.02
C ILE B 20 -16.95 -4.38 -13.94
N LYS B 21 -17.31 -4.78 -12.73
CA LYS B 21 -17.42 -3.81 -11.60
C LYS B 21 -16.14 -3.82 -10.77
N LYS B 22 -15.03 -4.18 -11.38
CA LYS B 22 -13.70 -4.23 -10.66
C LYS B 22 -13.63 -5.40 -9.69
N ASP B 23 -14.57 -5.46 -8.76
CA ASP B 23 -14.60 -6.58 -7.77
C ASP B 23 -14.95 -7.87 -8.50
N GLU B 24 -15.68 -7.76 -9.60
CA GLU B 24 -16.07 -8.96 -10.38
C GLU B 24 -14.84 -9.55 -11.07
N LEU B 25 -13.87 -8.71 -11.40
CA LEU B 25 -12.63 -9.21 -12.07
C LEU B 25 -11.69 -9.81 -11.02
N LYS B 26 -11.75 -9.30 -9.81
CA LYS B 26 -10.88 -9.82 -8.72
C LYS B 26 -11.35 -11.22 -8.31
N LYS B 27 -12.64 -11.45 -8.37
CA LYS B 27 -13.20 -12.80 -8.01
C LYS B 27 -12.72 -13.86 -8.99
N SER B 28 -12.36 -13.45 -10.20
CA SER B 28 -11.88 -14.41 -11.24
C SER B 28 -10.36 -14.28 -11.41
N LEU B 29 -9.88 -13.07 -11.55
CA LEU B 29 -8.41 -12.83 -11.73
C LEU B 29 -7.64 -13.35 -10.52
N HIS B 30 -7.96 -12.86 -9.35
CA HIS B 30 -7.26 -13.29 -8.10
C HIS B 30 -7.58 -14.75 -7.77
N ALA B 31 -8.72 -15.23 -8.21
CA ALA B 31 -9.12 -16.65 -7.92
C ALA B 31 -8.51 -17.62 -8.94
N ILE B 32 -7.95 -17.12 -10.02
CA ILE B 32 -7.35 -18.02 -11.05
C ILE B 32 -5.82 -17.82 -11.12
N PHE B 33 -5.34 -16.66 -10.73
CA PHE B 33 -3.86 -16.39 -10.79
C PHE B 33 -3.17 -16.77 -9.49
N SER B 34 -3.84 -16.67 -8.36
CA SER B 34 -3.21 -17.03 -7.04
C SER B 34 -3.28 -18.55 -6.81
N ARG B 35 -3.77 -19.31 -7.77
CA ARG B 35 -3.88 -20.80 -7.60
C ARG B 35 -2.49 -21.43 -7.63
N PHE B 36 -1.53 -20.81 -8.28
CA PHE B 36 -0.14 -21.38 -8.36
C PHE B 36 0.70 -20.79 -7.22
N GLY B 37 0.47 -19.53 -6.92
CA GLY B 37 1.22 -18.85 -5.83
C GLY B 37 0.39 -17.71 -5.28
N GLN B 38 0.26 -17.66 -3.98
CA GLN B 38 -0.55 -16.58 -3.30
C GLN B 38 -0.21 -15.21 -3.90
N ILE B 39 -1.01 -14.76 -4.84
CA ILE B 39 -0.79 -13.45 -5.51
C ILE B 39 -0.74 -12.33 -4.46
N LEU B 40 -0.12 -11.22 -4.78
CA LEU B 40 -0.02 -10.08 -3.82
C LEU B 40 -1.26 -9.19 -3.95
N ASP B 41 -1.70 -8.97 -5.18
CA ASP B 41 -2.90 -8.10 -5.43
C ASP B 41 -3.08 -7.93 -6.95
N ILE B 42 -4.11 -7.21 -7.35
CA ILE B 42 -4.38 -6.97 -8.80
C ILE B 42 -4.70 -5.49 -9.02
N LEU B 43 -4.49 -4.99 -10.23
CA LEU B 43 -4.77 -3.55 -10.52
C LEU B 43 -5.79 -3.44 -11.66
N VAL B 44 -6.67 -2.46 -11.58
CA VAL B 44 -7.70 -2.26 -12.65
C VAL B 44 -8.16 -0.81 -12.64
N SER B 45 -8.42 -0.25 -13.80
CA SER B 45 -8.88 1.18 -13.88
C SER B 45 -9.45 1.44 -15.28
N ARG B 46 -9.65 2.70 -15.61
CA ARG B 46 -10.21 3.08 -16.94
C ARG B 46 -9.62 4.44 -17.37
N SER B 47 -8.32 4.59 -17.25
CA SER B 47 -7.65 5.87 -17.64
C SER B 47 -6.86 5.67 -18.95
N LEU B 48 -7.55 5.20 -19.98
CA LEU B 48 -6.91 4.96 -21.32
C LEU B 48 -5.90 3.81 -21.23
N LYS B 49 -4.85 3.99 -20.44
CA LYS B 49 -3.82 2.91 -20.29
C LYS B 49 -4.47 1.67 -19.66
N MET B 50 -5.44 1.88 -18.80
CA MET B 50 -6.14 0.74 -18.13
C MET B 50 -7.43 0.39 -18.89
N ARG B 51 -7.30 -0.38 -19.95
CA ARG B 51 -8.48 -0.79 -20.78
C ARG B 51 -8.40 -2.28 -21.07
N GLY B 52 -9.29 -3.05 -20.48
CA GLY B 52 -9.31 -4.54 -20.72
C GLY B 52 -7.97 -5.14 -20.29
N GLN B 53 -7.39 -4.61 -19.23
CA GLN B 53 -6.08 -5.13 -18.73
C GLN B 53 -5.96 -4.87 -17.23
N ALA B 54 -5.48 -5.84 -16.48
CA ALA B 54 -5.33 -5.67 -15.01
C ALA B 54 -3.93 -6.14 -14.62
N PHE B 55 -3.24 -5.36 -13.81
CA PHE B 55 -1.86 -5.73 -13.37
C PHE B 55 -1.94 -6.61 -12.14
N VAL B 56 -1.52 -7.86 -12.24
CA VAL B 56 -1.54 -8.75 -11.05
C VAL B 56 -0.17 -8.65 -10.39
N ILE B 57 -0.10 -8.84 -9.09
CA ILE B 57 1.22 -8.75 -8.37
C ILE B 57 1.67 -10.16 -7.98
N PHE B 58 2.95 -10.32 -7.71
CA PHE B 58 3.50 -11.64 -7.32
C PHE B 58 4.82 -11.41 -6.59
N LYS B 59 4.80 -11.56 -5.28
CA LYS B 59 6.03 -11.35 -4.42
C LYS B 59 7.32 -11.84 -5.09
N GLU B 60 7.22 -12.87 -5.92
CA GLU B 60 8.43 -13.41 -6.62
C GLU B 60 8.13 -13.66 -8.09
N VAL B 61 9.05 -13.30 -8.96
CA VAL B 61 8.86 -13.51 -10.44
C VAL B 61 8.50 -14.97 -10.73
N SER B 62 8.90 -15.88 -9.85
CA SER B 62 8.61 -17.34 -10.07
C SER B 62 7.09 -17.57 -10.04
N SER B 63 6.36 -16.73 -9.35
CA SER B 63 4.87 -16.89 -9.27
C SER B 63 4.24 -16.26 -10.51
N ALA B 64 4.83 -15.19 -10.99
CA ALA B 64 4.30 -14.51 -12.21
C ALA B 64 4.77 -15.28 -13.44
N THR B 65 5.98 -15.80 -13.39
CA THR B 65 6.52 -16.60 -14.51
C THR B 65 5.73 -17.89 -14.62
N ASN B 66 5.24 -18.38 -13.50
CA ASN B 66 4.45 -19.65 -13.49
C ASN B 66 3.02 -19.35 -13.95
N ALA B 67 2.54 -18.14 -13.72
CA ALA B 67 1.15 -17.77 -14.16
C ALA B 67 1.19 -17.23 -15.59
N LEU B 68 2.32 -16.68 -16.00
CA LEU B 68 2.44 -16.12 -17.38
C LEU B 68 2.80 -17.23 -18.37
N ARG B 69 3.49 -18.26 -17.89
CA ARG B 69 3.88 -19.40 -18.78
C ARG B 69 2.94 -20.58 -18.54
N SER B 70 1.75 -20.33 -18.02
CA SER B 70 0.77 -21.41 -17.76
C SER B 70 -0.67 -20.90 -17.98
N MET B 71 -0.83 -19.80 -18.69
CA MET B 71 -2.18 -19.23 -18.94
C MET B 71 -2.18 -18.39 -20.23
N GLN B 72 -1.26 -18.68 -21.13
CA GLN B 72 -1.19 -17.91 -22.43
C GLN B 72 -2.50 -18.12 -23.19
N GLY B 73 -3.24 -17.05 -23.42
CA GLY B 73 -4.54 -17.15 -24.15
C GLY B 73 -5.47 -18.09 -23.37
N PHE B 74 -5.81 -17.71 -22.16
CA PHE B 74 -6.68 -18.56 -21.30
C PHE B 74 -8.14 -18.07 -21.41
N PRO B 75 -9.10 -18.96 -21.21
CA PRO B 75 -10.54 -18.61 -21.27
C PRO B 75 -10.95 -17.88 -19.99
N PHE B 76 -11.21 -16.60 -20.09
CA PHE B 76 -11.60 -15.79 -18.91
C PHE B 76 -12.63 -14.75 -19.37
N TYR B 77 -13.79 -14.76 -18.75
CA TYR B 77 -14.88 -13.79 -19.13
C TYR B 77 -15.31 -14.04 -20.59
N ASP B 78 -15.09 -15.24 -21.09
CA ASP B 78 -15.48 -15.59 -22.50
C ASP B 78 -14.59 -14.85 -23.49
N LYS B 79 -13.36 -14.56 -23.08
CA LYS B 79 -12.39 -13.85 -23.99
C LYS B 79 -10.99 -14.44 -23.78
N PRO B 80 -10.14 -14.34 -24.79
CA PRO B 80 -8.77 -14.87 -24.73
C PRO B 80 -7.89 -13.91 -23.89
N MET B 81 -7.83 -14.15 -22.60
CA MET B 81 -7.02 -13.27 -21.70
C MET B 81 -5.54 -13.44 -22.01
N ARG B 82 -4.89 -12.37 -22.41
CA ARG B 82 -3.43 -12.41 -22.73
C ARG B 82 -2.65 -12.02 -21.47
N ILE B 83 -1.45 -12.55 -21.32
CA ILE B 83 -0.62 -12.24 -20.12
C ILE B 83 0.70 -11.58 -20.53
N GLN B 84 1.09 -10.55 -19.83
CA GLN B 84 2.38 -9.84 -20.13
C GLN B 84 3.08 -9.48 -18.82
N TYR B 85 4.37 -9.74 -18.74
CA TYR B 85 5.15 -9.44 -17.49
C TYR B 85 5.03 -7.95 -17.16
N ALA B 86 5.15 -7.60 -15.89
CA ALA B 86 5.06 -6.16 -15.47
C ALA B 86 6.46 -5.67 -15.12
N LYS B 87 7.15 -5.09 -16.09
CA LYS B 87 8.54 -4.55 -15.88
C LYS B 87 8.61 -3.65 -14.64
N THR B 88 7.51 -2.99 -14.35
CA THR B 88 7.46 -2.07 -13.17
C THR B 88 6.87 -2.78 -11.96
N ASP B 89 6.02 -3.74 -12.21
CA ASP B 89 5.34 -4.51 -11.12
C ASP B 89 4.77 -3.56 -10.05
N SER B 90 4.35 -4.10 -8.93
CA SER B 90 3.79 -3.26 -7.83
C SER B 90 4.91 -2.37 -7.28
N ASP B 91 4.86 -1.09 -7.56
CA ASP B 91 5.90 -0.13 -7.07
C ASP B 91 6.10 -0.29 -5.57
N ILE B 92 5.02 -0.56 -4.86
CA ILE B 92 5.07 -0.72 -3.37
C ILE B 92 6.21 -1.64 -2.93
N ILE B 93 6.62 -2.58 -3.78
CA ILE B 93 7.74 -3.51 -3.41
C ILE B 93 9.06 -2.72 -3.28
N ALA B 94 9.08 -1.48 -3.74
CA ALA B 94 10.33 -0.65 -3.67
C ALA B 94 10.34 0.16 -2.37
N LYS B 95 9.17 0.57 -1.90
CA LYS B 95 9.09 1.39 -0.65
C LYS B 95 8.45 0.60 0.50
N MET B 96 8.18 -0.68 0.31
CA MET B 96 7.56 -1.48 1.41
C MET B 96 8.66 -2.22 2.19
N LYS B 97 9.89 -1.74 2.12
CA LYS B 97 11.01 -2.39 2.85
C LYS B 97 10.88 -2.11 4.36
N GLY B 98 9.97 -1.23 4.75
CA GLY B 98 9.79 -0.90 6.19
C GLY B 98 8.91 -1.97 6.89
N THR B 99 8.60 -3.07 6.22
CA THR B 99 7.77 -4.14 6.87
C THR B 99 8.52 -4.63 8.10
N PHE B 100 9.64 -5.27 7.86
CA PHE B 100 10.49 -5.81 8.94
C PHE B 100 11.75 -6.38 8.28
N VAL B 101 12.22 -5.72 7.23
CA VAL B 101 13.42 -6.18 6.48
C VAL B 101 14.69 -5.62 7.12
N ALA A 1 -10.61 14.00 33.89
CA ALA A 1 -10.68 12.75 33.08
C ALA A 1 -9.36 11.99 33.22
N VAL A 2 -9.37 10.72 32.84
CA VAL A 2 -8.12 9.88 32.94
C VAL A 2 -7.72 9.40 31.52
N PRO A 3 -6.85 10.18 30.86
CA PRO A 3 -6.39 9.84 29.49
C PRO A 3 -5.33 8.74 29.55
N GLU A 4 -5.70 7.52 29.20
CA GLU A 4 -4.73 6.38 29.23
C GLU A 4 -3.60 6.63 28.22
N THR A 5 -2.74 5.65 28.01
CA THR A 5 -1.63 5.80 27.04
C THR A 5 -1.21 4.41 26.53
N ARG A 6 -1.81 3.98 25.44
CA ARG A 6 -1.49 2.65 24.85
C ARG A 6 -0.76 2.84 23.52
N PRO A 7 0.51 2.42 23.43
CA PRO A 7 1.30 2.57 22.19
C PRO A 7 0.89 1.49 21.17
N ASN A 8 0.63 1.89 19.94
CA ASN A 8 0.22 0.91 18.90
C ASN A 8 0.92 1.20 17.57
N HIS A 9 2.08 0.60 17.37
CA HIS A 9 2.84 0.79 16.09
C HIS A 9 3.23 2.26 15.88
N THR A 10 2.32 3.09 15.38
CA THR A 10 2.65 4.52 15.11
C THR A 10 1.66 5.48 15.81
N ILE A 11 1.56 6.72 15.33
CA ILE A 11 0.65 7.72 15.99
C ILE A 11 0.11 8.74 14.99
N TYR A 12 -0.53 9.78 15.49
CA TYR A 12 -1.08 10.85 14.61
C TYR A 12 -1.11 12.19 15.39
N ILE A 13 -0.40 13.17 14.88
CA ILE A 13 -0.34 14.51 15.55
C ILE A 13 -1.73 15.17 15.55
N ASN A 14 -1.97 16.04 16.49
CA ASN A 14 -3.27 16.76 16.58
C ASN A 14 -3.01 18.26 16.71
N ASN A 15 -3.99 19.07 16.39
CA ASN A 15 -3.82 20.57 16.49
C ASN A 15 -2.67 21.01 15.58
N LEU A 16 -2.89 20.98 14.28
CA LEU A 16 -1.83 21.39 13.31
C LEU A 16 -2.23 22.71 12.63
N ASN A 17 -1.32 23.30 11.90
CA ASN A 17 -1.61 24.59 11.19
C ASN A 17 -2.49 24.32 9.96
N GLU A 18 -3.49 25.15 9.76
CA GLU A 18 -4.41 24.96 8.59
C GLU A 18 -4.11 26.04 7.54
N LYS A 19 -2.84 26.35 7.35
CA LYS A 19 -2.44 27.38 6.34
C LYS A 19 -1.14 26.93 5.66
N ILE A 20 -0.92 25.64 5.58
CA ILE A 20 0.32 25.10 4.93
C ILE A 20 -0.06 24.17 3.79
N LYS A 21 0.84 23.98 2.86
CA LYS A 21 0.60 23.07 1.71
C LYS A 21 1.00 21.65 2.13
N LYS A 22 0.36 20.65 1.57
CA LYS A 22 0.69 19.23 1.93
C LYS A 22 2.19 18.96 1.73
N ASP A 23 2.83 19.74 0.89
CA ASP A 23 4.29 19.55 0.64
C ASP A 23 5.12 20.37 1.65
N GLU A 24 4.48 21.11 2.54
CA GLU A 24 5.23 21.92 3.53
C GLU A 24 5.04 21.35 4.93
N LEU A 25 3.92 20.69 5.16
CA LEU A 25 3.65 20.10 6.51
C LEU A 25 4.47 18.83 6.67
N LYS A 26 4.71 18.12 5.59
CA LYS A 26 5.51 16.86 5.64
C LYS A 26 6.96 17.20 5.98
N LYS A 27 7.48 18.25 5.39
CA LYS A 27 8.89 18.67 5.66
C LYS A 27 9.07 18.98 7.16
N SER A 28 7.99 19.32 7.83
CA SER A 28 8.07 19.64 9.29
C SER A 28 7.63 18.42 10.11
N LEU A 29 6.51 17.83 9.76
CA LEU A 29 6.01 16.63 10.50
C LEU A 29 6.94 15.44 10.26
N HIS A 30 7.35 15.24 9.03
CA HIS A 30 8.24 14.08 8.69
C HIS A 30 9.67 14.32 9.17
N ALA A 31 10.13 15.56 9.11
CA ALA A 31 11.52 15.90 9.53
C ALA A 31 11.63 16.04 11.06
N ILE A 32 10.51 16.14 11.75
CA ILE A 32 10.55 16.30 13.24
C ILE A 32 10.36 14.93 13.91
N PHE A 33 9.60 14.04 13.29
CA PHE A 33 9.35 12.69 13.88
C PHE A 33 10.39 11.67 13.40
N SER A 34 11.16 11.99 12.37
CA SER A 34 12.19 11.04 11.84
C SER A 34 13.54 11.26 12.55
N ARG A 35 13.69 12.33 13.29
CA ARG A 35 14.97 12.62 14.01
C ARG A 35 15.29 11.52 15.02
N PHE A 36 14.28 10.82 15.50
CA PHE A 36 14.51 9.73 16.51
C PHE A 36 14.65 8.38 15.79
N GLY A 37 13.72 8.08 14.90
CA GLY A 37 13.78 6.78 14.15
C GLY A 37 13.72 7.03 12.65
N GLN A 38 12.78 6.40 11.97
CA GLN A 38 12.64 6.56 10.50
C GLN A 38 11.16 6.46 10.13
N ILE A 39 10.53 7.59 9.93
CA ILE A 39 9.08 7.64 9.57
C ILE A 39 8.84 6.86 8.27
N LEU A 40 7.80 6.07 8.24
CA LEU A 40 7.46 5.26 7.02
C LEU A 40 6.62 6.11 6.06
N ASP A 41 5.71 6.87 6.61
CA ASP A 41 4.82 7.75 5.76
C ASP A 41 3.87 8.52 6.68
N ILE A 42 3.37 9.65 6.20
CA ILE A 42 2.42 10.47 7.02
C ILE A 42 1.07 10.56 6.30
N LEU A 43 0.00 10.73 7.05
CA LEU A 43 -1.36 10.83 6.43
C LEU A 43 -2.01 12.17 6.80
N VAL A 44 -2.57 12.84 5.82
CA VAL A 44 -3.23 14.15 6.07
C VAL A 44 -4.42 14.31 5.11
N SER A 45 -5.61 14.44 5.66
CA SER A 45 -6.84 14.59 4.81
C SER A 45 -7.59 15.87 5.22
N ARG A 46 -8.82 16.00 4.78
CA ARG A 46 -9.63 17.20 5.12
C ARG A 46 -11.06 16.77 5.50
N SER A 47 -11.22 15.55 5.99
CA SER A 47 -12.57 15.05 6.39
C SER A 47 -12.99 15.70 7.71
N LEU A 48 -14.21 15.45 8.14
CA LEU A 48 -14.74 16.05 9.42
C LEU A 48 -13.74 15.86 10.56
N LYS A 49 -13.41 14.63 10.88
CA LYS A 49 -12.46 14.35 12.00
C LYS A 49 -11.04 14.13 11.44
N MET A 50 -10.48 15.13 10.80
CA MET A 50 -9.10 15.02 10.21
C MET A 50 -8.43 16.39 10.14
N ARG A 51 -9.17 17.41 9.74
CA ARG A 51 -8.59 18.79 9.64
C ARG A 51 -7.97 19.20 10.98
N GLY A 52 -6.66 19.16 11.07
CA GLY A 52 -5.95 19.55 12.33
C GLY A 52 -5.06 18.41 12.84
N GLN A 53 -4.90 17.34 12.08
CA GLN A 53 -4.04 16.20 12.52
C GLN A 53 -3.00 15.88 11.45
N ALA A 54 -2.25 14.82 11.64
CA ALA A 54 -1.21 14.39 10.66
C ALA A 54 -0.71 13.02 11.09
N PHE A 55 -1.40 11.99 10.66
CA PHE A 55 -1.04 10.59 11.03
C PHE A 55 0.39 10.29 10.62
N VAL A 56 1.20 9.79 11.53
CA VAL A 56 2.62 9.46 11.20
C VAL A 56 2.78 7.95 11.29
N ILE A 57 3.66 7.37 10.49
CA ILE A 57 3.90 5.90 10.52
C ILE A 57 5.37 5.64 10.89
N PHE A 58 5.62 4.78 11.85
CA PHE A 58 7.03 4.50 12.28
C PHE A 58 7.45 3.10 11.77
N LYS A 59 7.29 2.07 12.58
CA LYS A 59 7.66 0.68 12.17
C LYS A 59 7.35 -0.29 13.31
N GLU A 60 7.83 0.02 14.51
CA GLU A 60 7.56 -0.84 15.69
C GLU A 60 6.87 -0.02 16.78
N VAL A 61 6.17 -0.69 17.67
CA VAL A 61 5.44 0.02 18.77
C VAL A 61 6.43 0.81 19.64
N SER A 62 7.68 0.39 19.67
CA SER A 62 8.70 1.11 20.51
C SER A 62 9.39 2.23 19.72
N SER A 63 8.81 2.64 18.61
CA SER A 63 9.41 3.74 17.79
C SER A 63 8.54 4.99 17.94
N ALA A 64 7.24 4.79 17.89
CA ALA A 64 6.29 5.93 18.03
C ALA A 64 6.12 6.28 19.51
N THR A 65 6.28 5.29 20.38
CA THR A 65 6.16 5.55 21.85
C THR A 65 7.22 6.57 22.26
N ASN A 66 8.37 6.52 21.60
CA ASN A 66 9.47 7.48 21.91
C ASN A 66 9.17 8.81 21.19
N ALA A 67 8.64 8.74 19.98
CA ALA A 67 8.31 9.98 19.22
C ALA A 67 7.12 10.67 19.85
N LEU A 68 6.22 9.91 20.43
CA LEU A 68 5.00 10.49 21.09
C LEU A 68 5.37 10.99 22.50
N ARG A 69 6.37 10.37 23.11
CA ARG A 69 6.80 10.79 24.48
C ARG A 69 7.79 11.94 24.37
N SER A 70 8.54 11.99 23.29
CA SER A 70 9.54 13.08 23.09
C SER A 70 8.92 14.23 22.28
N MET A 71 7.61 14.31 22.22
CA MET A 71 6.93 15.40 21.44
C MET A 71 5.66 15.85 22.20
N GLN A 72 5.65 15.70 23.51
CA GLN A 72 4.47 16.11 24.32
C GLN A 72 4.30 17.63 24.26
N GLY A 73 3.31 18.09 23.52
CA GLY A 73 3.07 19.56 23.39
C GLY A 73 4.31 20.25 22.81
N PHE A 74 4.72 19.83 21.63
CA PHE A 74 5.92 20.44 20.98
C PHE A 74 5.46 21.50 19.97
N PRO A 75 6.30 22.52 19.74
CA PRO A 75 5.97 23.60 18.79
C PRO A 75 6.20 23.13 17.36
N PHE A 76 5.13 23.01 16.59
CA PHE A 76 5.22 22.54 15.19
C PHE A 76 5.45 23.74 14.27
N TYR A 77 4.41 24.48 13.95
CA TYR A 77 4.54 25.67 13.06
C TYR A 77 4.42 26.94 13.91
N ASP A 78 3.62 26.87 14.97
CA ASP A 78 3.43 28.06 15.87
C ASP A 78 2.41 27.71 16.98
N LYS A 79 2.45 26.49 17.47
CA LYS A 79 1.51 26.05 18.53
C LYS A 79 2.01 24.74 19.16
N PRO A 80 1.64 24.48 20.41
CA PRO A 80 2.05 23.25 21.11
C PRO A 80 1.20 22.07 20.62
N MET A 81 1.65 21.42 19.56
CA MET A 81 0.88 20.28 18.98
C MET A 81 1.00 19.05 19.88
N ARG A 82 -0.07 18.31 20.02
CA ARG A 82 -0.08 17.08 20.87
C ARG A 82 -0.35 15.88 19.97
N ILE A 83 0.17 14.72 20.32
CA ILE A 83 -0.03 13.50 19.48
C ILE A 83 -0.76 12.42 20.28
N GLN A 84 -1.51 11.59 19.59
CA GLN A 84 -2.26 10.48 20.26
C GLN A 84 -1.81 9.15 19.65
N TYR A 85 -1.96 8.07 20.38
CA TYR A 85 -1.53 6.73 19.87
C TYR A 85 -2.54 6.21 18.84
N ALA A 86 -2.04 5.53 17.83
CA ALA A 86 -2.93 4.97 16.77
C ALA A 86 -3.29 3.51 17.09
N LYS A 87 -4.43 3.33 17.71
CA LYS A 87 -4.91 1.96 18.12
C LYS A 87 -4.74 0.94 16.97
N THR A 88 -5.12 1.30 15.77
CA THR A 88 -5.00 0.36 14.61
C THR A 88 -3.68 0.57 13.87
N ASP A 89 -3.13 1.75 13.98
CA ASP A 89 -1.85 2.10 13.29
C ASP A 89 -1.93 1.78 11.79
N SER A 90 -0.81 1.90 11.10
CA SER A 90 -0.78 1.62 9.63
C SER A 90 -1.22 0.19 9.38
N ASP A 91 -2.50 0.01 9.06
CA ASP A 91 -3.06 -1.36 8.79
C ASP A 91 -2.17 -2.10 7.78
N ILE A 92 -1.68 -1.38 6.79
CA ILE A 92 -0.82 -1.98 5.72
C ILE A 92 0.30 -2.84 6.32
N ILE A 93 0.72 -2.55 7.55
CA ILE A 93 1.81 -3.35 8.19
C ILE A 93 1.32 -4.78 8.47
N ALA A 94 0.03 -5.04 8.35
CA ALA A 94 -0.51 -6.40 8.60
C ALA A 94 -0.69 -7.14 7.27
N LYS A 95 -0.96 -6.40 6.22
CA LYS A 95 -1.17 -7.02 4.87
C LYS A 95 0.06 -6.80 3.98
N MET A 96 1.18 -6.40 4.55
CA MET A 96 2.41 -6.16 3.73
C MET A 96 3.52 -7.15 4.14
N LYS A 97 3.25 -8.02 5.10
CA LYS A 97 4.29 -9.03 5.52
C LYS A 97 4.63 -9.92 4.33
N GLY A 98 3.76 -9.96 3.32
CA GLY A 98 4.01 -10.80 2.11
C GLY A 98 4.95 -10.08 1.14
N THR A 99 5.60 -9.01 1.56
CA THR A 99 6.55 -8.26 0.67
C THR A 99 7.51 -9.25 0.01
N PHE A 100 7.94 -10.22 0.78
CA PHE A 100 8.89 -11.26 0.29
C PHE A 100 9.27 -12.14 1.49
N VAL A 101 9.45 -11.52 2.64
CA VAL A 101 9.82 -12.24 3.88
C VAL A 101 8.75 -13.27 4.22
N ALA B 1 6.59 -10.60 -36.11
CA ALA B 1 7.23 -9.84 -34.99
C ALA B 1 7.89 -10.82 -34.02
N VAL B 2 8.76 -10.33 -33.18
CA VAL B 2 9.46 -11.21 -32.18
C VAL B 2 9.09 -10.75 -30.75
N PRO B 3 8.05 -11.36 -30.18
CA PRO B 3 7.61 -11.02 -28.81
C PRO B 3 8.52 -11.68 -27.77
N GLU B 4 9.38 -10.89 -27.15
CA GLU B 4 10.32 -11.44 -26.12
C GLU B 4 9.52 -11.96 -24.92
N THR B 5 10.20 -12.34 -23.87
CA THR B 5 9.52 -12.86 -22.65
C THR B 5 10.41 -12.63 -21.42
N ARG B 6 10.22 -11.49 -20.77
CA ARG B 6 11.04 -11.14 -19.57
C ARG B 6 10.13 -11.17 -18.32
N PRO B 7 10.38 -12.09 -17.39
CA PRO B 7 9.57 -12.20 -16.16
C PRO B 7 9.96 -11.11 -15.17
N ASN B 8 8.99 -10.41 -14.62
CA ASN B 8 9.29 -9.32 -13.65
C ASN B 8 8.30 -9.35 -12.47
N HIS B 9 8.65 -10.07 -11.43
CA HIS B 9 7.78 -10.16 -10.21
C HIS B 9 6.40 -10.76 -10.54
N THR B 10 5.49 -9.96 -11.07
CA THR B 10 4.11 -10.47 -11.37
C THR B 10 3.72 -10.21 -12.83
N ILE B 11 2.41 -10.20 -13.13
CA ILE B 11 1.96 -10.00 -14.55
C ILE B 11 0.58 -9.32 -14.61
N TYR B 12 0.00 -9.28 -15.80
CA TYR B 12 -1.35 -8.66 -15.97
C TYR B 12 -2.07 -9.34 -17.15
N ILE B 13 -3.20 -9.95 -16.88
CA ILE B 13 -3.99 -10.65 -17.95
C ILE B 13 -4.49 -9.65 -18.98
N ASN B 14 -4.72 -10.12 -20.19
CA ASN B 14 -5.22 -9.24 -21.29
C ASN B 14 -6.44 -9.90 -21.94
N ASN B 15 -7.25 -9.11 -22.62
CA ASN B 15 -8.47 -9.68 -23.29
C ASN B 15 -9.38 -10.33 -22.24
N LEU B 16 -10.04 -9.52 -21.44
CA LEU B 16 -10.95 -10.05 -20.37
C LEU B 16 -12.40 -9.72 -20.72
N ASN B 17 -13.34 -10.29 -19.99
CA ASN B 17 -14.79 -10.04 -20.25
C ASN B 17 -15.16 -8.65 -19.73
N GLU B 18 -15.93 -7.90 -20.52
CA GLU B 18 -16.34 -6.53 -20.10
C GLU B 18 -17.83 -6.55 -19.70
N LYS B 19 -18.24 -7.60 -19.03
CA LYS B 19 -19.67 -7.72 -18.59
C LYS B 19 -19.72 -8.39 -17.21
N ILE B 20 -18.67 -8.21 -16.43
CA ILE B 20 -18.61 -8.80 -15.06
C ILE B 20 -18.41 -7.71 -14.02
N LYS B 21 -18.78 -7.98 -12.79
CA LYS B 21 -18.59 -7.00 -11.69
C LYS B 21 -17.19 -7.18 -11.11
N LYS B 22 -16.61 -6.12 -10.59
CA LYS B 22 -15.22 -6.22 -10.00
C LYS B 22 -15.17 -7.31 -8.94
N ASP B 23 -16.30 -7.67 -8.37
CA ASP B 23 -16.34 -8.73 -7.31
C ASP B 23 -16.55 -10.10 -7.96
N GLU B 24 -16.68 -10.18 -9.27
CA GLU B 24 -16.88 -11.48 -9.95
C GLU B 24 -15.65 -11.84 -10.78
N LEU B 25 -14.92 -10.84 -11.24
CA LEU B 25 -13.69 -11.11 -12.05
C LEU B 25 -12.55 -11.57 -11.13
N LYS B 26 -12.54 -11.07 -9.90
CA LYS B 26 -11.48 -11.46 -8.93
C LYS B 26 -11.66 -12.93 -8.54
N LYS B 27 -12.89 -13.35 -8.35
CA LYS B 27 -13.16 -14.78 -7.97
C LYS B 27 -12.63 -15.71 -9.07
N SER B 28 -12.53 -15.21 -10.29
CA SER B 28 -12.03 -16.04 -11.43
C SER B 28 -10.55 -15.76 -11.66
N LEU B 29 -10.18 -14.50 -11.74
CA LEU B 29 -8.75 -14.12 -11.97
C LEU B 29 -7.90 -14.50 -10.75
N HIS B 30 -8.41 -14.21 -9.57
CA HIS B 30 -7.65 -14.51 -8.31
C HIS B 30 -7.66 -16.02 -8.00
N ALA B 31 -8.76 -16.67 -8.29
CA ALA B 31 -8.89 -18.14 -7.99
C ALA B 31 -8.21 -18.99 -9.08
N ILE B 32 -7.88 -18.41 -10.22
CA ILE B 32 -7.22 -19.18 -11.31
C ILE B 32 -5.70 -19.00 -11.25
N PHE B 33 -5.25 -17.84 -10.80
CA PHE B 33 -3.77 -17.58 -10.72
C PHE B 33 -3.21 -17.97 -9.35
N SER B 34 -4.06 -18.20 -8.37
CA SER B 34 -3.58 -18.59 -7.00
C SER B 34 -3.45 -20.11 -6.87
N ARG B 35 -3.98 -20.87 -7.82
CA ARG B 35 -3.90 -22.36 -7.76
C ARG B 35 -2.45 -22.83 -7.79
N PHE B 36 -1.56 -22.03 -8.35
CA PHE B 36 -0.11 -22.43 -8.42
C PHE B 36 0.64 -21.87 -7.22
N GLY B 37 0.47 -20.60 -6.94
CA GLY B 37 1.18 -19.96 -5.79
C GLY B 37 0.17 -19.25 -4.87
N GLN B 38 0.39 -17.99 -4.60
CA GLN B 38 -0.51 -17.20 -3.72
C GLN B 38 -0.55 -15.76 -4.21
N ILE B 39 -1.59 -15.41 -4.93
CA ILE B 39 -1.75 -14.03 -5.48
C ILE B 39 -1.77 -13.02 -4.33
N LEU B 40 -1.07 -11.92 -4.50
CA LEU B 40 -1.00 -10.86 -3.44
C LEU B 40 -2.19 -9.91 -3.61
N ASP B 41 -2.51 -9.58 -4.85
CA ASP B 41 -3.66 -8.65 -5.13
C ASP B 41 -3.79 -8.47 -6.65
N ILE B 42 -4.97 -8.12 -7.11
CA ILE B 42 -5.20 -7.92 -8.57
C ILE B 42 -5.59 -6.46 -8.83
N LEU B 43 -5.29 -5.95 -10.01
CA LEU B 43 -5.63 -4.53 -10.35
C LEU B 43 -6.55 -4.50 -11.58
N VAL B 44 -7.60 -3.72 -11.51
CA VAL B 44 -8.56 -3.61 -12.66
C VAL B 44 -9.14 -2.19 -12.69
N SER B 45 -8.91 -1.49 -13.77
CA SER B 45 -9.43 -0.09 -13.90
C SER B 45 -10.26 0.03 -15.19
N ARG B 46 -10.54 1.25 -15.60
CA ARG B 46 -11.35 1.47 -16.84
C ARG B 46 -10.72 2.60 -17.67
N SER B 47 -9.42 2.80 -17.52
CA SER B 47 -8.73 3.88 -18.30
C SER B 47 -8.56 3.44 -19.76
N LEU B 48 -8.06 4.34 -20.59
CA LEU B 48 -7.87 4.02 -22.05
C LEU B 48 -7.16 2.68 -22.24
N LYS B 49 -5.95 2.55 -21.71
CA LYS B 49 -5.17 1.29 -21.85
C LYS B 49 -5.35 0.42 -20.59
N MET B 50 -6.57 0.01 -20.31
CA MET B 50 -6.84 -0.85 -19.11
C MET B 50 -8.08 -1.73 -19.35
N ARG B 51 -9.12 -1.17 -19.94
CA ARG B 51 -10.37 -1.96 -20.20
C ARG B 51 -10.04 -3.22 -21.00
N GLY B 52 -10.01 -4.36 -20.34
CA GLY B 52 -9.72 -5.65 -21.03
C GLY B 52 -8.51 -6.37 -20.38
N GLN B 53 -8.02 -5.86 -19.26
CA GLN B 53 -6.85 -6.52 -18.58
C GLN B 53 -7.21 -6.80 -17.11
N ALA B 54 -6.23 -7.25 -16.36
CA ALA B 54 -6.43 -7.56 -14.91
C ALA B 54 -5.07 -7.85 -14.29
N PHE B 55 -4.38 -6.80 -13.89
CA PHE B 55 -3.02 -6.94 -13.31
C PHE B 55 -3.06 -7.87 -12.10
N VAL B 56 -2.18 -8.86 -12.08
CA VAL B 56 -2.14 -9.81 -10.93
C VAL B 56 -0.81 -9.62 -10.20
N ILE B 57 -0.80 -9.83 -8.90
CA ILE B 57 0.47 -9.68 -8.11
C ILE B 57 0.81 -11.03 -7.46
N PHE B 58 2.04 -11.48 -7.60
CA PHE B 58 2.43 -12.80 -7.01
C PHE B 58 3.34 -12.57 -5.79
N LYS B 59 4.65 -12.55 -5.96
CA LYS B 59 5.59 -12.34 -4.82
C LYS B 59 7.02 -12.36 -5.35
N GLU B 60 7.36 -13.41 -6.07
CA GLU B 60 8.75 -13.54 -6.64
C GLU B 60 8.65 -13.69 -8.16
N VAL B 61 9.72 -13.35 -8.85
CA VAL B 61 9.73 -13.43 -10.35
C VAL B 61 9.48 -14.87 -10.80
N SER B 62 9.78 -15.84 -9.95
CA SER B 62 9.58 -17.28 -10.32
C SER B 62 8.18 -17.76 -9.93
N SER B 63 7.27 -16.85 -9.65
CA SER B 63 5.88 -17.25 -9.27
C SER B 63 4.94 -16.89 -10.42
N ALA B 64 5.13 -15.73 -10.99
CA ALA B 64 4.29 -15.28 -12.13
C ALA B 64 4.79 -15.92 -13.43
N THR B 65 6.07 -16.24 -13.48
CA THR B 65 6.64 -16.89 -14.71
C THR B 65 5.93 -18.23 -14.91
N ASN B 66 5.58 -18.87 -13.80
CA ASN B 66 4.86 -20.18 -13.88
C ASN B 66 3.39 -19.93 -14.15
N ALA B 67 2.83 -18.89 -13.55
CA ALA B 67 1.38 -18.56 -13.76
C ALA B 67 1.18 -18.02 -15.18
N LEU B 68 2.19 -17.36 -15.72
CA LEU B 68 2.10 -16.80 -17.10
C LEU B 68 2.40 -17.90 -18.12
N ARG B 69 3.20 -18.87 -17.73
CA ARG B 69 3.55 -20.00 -18.66
C ARG B 69 2.46 -21.07 -18.60
N SER B 70 1.82 -21.20 -17.45
CA SER B 70 0.75 -22.22 -17.29
C SER B 70 -0.64 -21.60 -17.58
N MET B 71 -0.66 -20.47 -18.27
CA MET B 71 -1.97 -19.82 -18.61
C MET B 71 -1.89 -19.22 -20.03
N GLN B 72 -1.08 -19.80 -20.88
CA GLN B 72 -0.94 -19.29 -22.28
C GLN B 72 -2.26 -19.50 -23.04
N GLY B 73 -3.00 -18.43 -23.26
CA GLY B 73 -4.30 -18.52 -24.00
C GLY B 73 -5.25 -19.47 -23.24
N PHE B 74 -5.53 -19.15 -22.00
CA PHE B 74 -6.43 -20.00 -21.18
C PHE B 74 -7.86 -19.41 -21.19
N PRO B 75 -8.88 -20.25 -21.07
CA PRO B 75 -10.28 -19.79 -21.08
C PRO B 75 -10.65 -19.18 -19.73
N PHE B 76 -10.90 -17.89 -19.71
CA PHE B 76 -11.25 -17.18 -18.45
C PHE B 76 -12.77 -17.24 -18.24
N TYR B 77 -13.51 -16.38 -18.92
CA TYR B 77 -15.00 -16.37 -18.79
C TYR B 77 -15.62 -16.99 -20.04
N ASP B 78 -14.96 -16.81 -21.17
CA ASP B 78 -15.49 -17.38 -22.47
C ASP B 78 -14.57 -16.96 -23.62
N LYS B 79 -13.27 -16.92 -23.37
CA LYS B 79 -12.30 -16.52 -24.44
C LYS B 79 -10.87 -16.91 -23.99
N PRO B 80 -9.98 -17.14 -24.95
CA PRO B 80 -8.58 -17.50 -24.65
C PRO B 80 -7.81 -16.25 -24.21
N MET B 81 -7.84 -15.96 -22.92
CA MET B 81 -7.13 -14.77 -22.38
C MET B 81 -5.61 -14.99 -22.38
N ARG B 82 -4.87 -13.96 -22.72
CA ARG B 82 -3.38 -14.05 -22.74
C ARG B 82 -2.82 -13.09 -21.69
N ILE B 83 -1.68 -13.41 -21.11
CA ILE B 83 -1.07 -12.53 -20.07
C ILE B 83 0.29 -12.03 -20.52
N GLN B 84 0.67 -10.86 -20.05
CA GLN B 84 2.00 -10.27 -20.40
C GLN B 84 2.78 -10.02 -19.11
N TYR B 85 4.09 -9.98 -19.21
CA TYR B 85 4.94 -9.76 -17.99
C TYR B 85 4.88 -8.29 -17.56
N ALA B 86 4.92 -8.05 -16.26
CA ALA B 86 4.86 -6.66 -15.73
C ALA B 86 6.28 -6.15 -15.48
N LYS B 87 6.82 -5.44 -16.44
CA LYS B 87 8.21 -4.88 -16.34
C LYS B 87 8.48 -4.23 -14.96
N THR B 88 7.55 -3.42 -14.48
CA THR B 88 7.74 -2.73 -13.17
C THR B 88 7.10 -3.55 -12.05
N ASP B 89 6.13 -4.36 -12.37
CA ASP B 89 5.42 -5.21 -11.36
C ASP B 89 4.89 -4.34 -10.21
N SER B 90 4.38 -4.98 -9.18
CA SER B 90 3.84 -4.24 -8.00
C SER B 90 4.95 -3.38 -7.39
N ASP B 91 4.99 -2.12 -7.76
CA ASP B 91 6.01 -1.17 -7.24
C ASP B 91 6.08 -1.26 -5.71
N ILE B 92 4.93 -1.37 -5.08
CA ILE B 92 4.84 -1.44 -3.59
C ILE B 92 5.83 -2.46 -3.01
N ILE B 93 6.21 -3.46 -3.78
CA ILE B 93 7.18 -4.49 -3.28
C ILE B 93 8.57 -3.85 -3.07
N ALA B 94 8.78 -2.64 -3.55
CA ALA B 94 10.09 -1.96 -3.39
C ALA B 94 10.02 -1.00 -2.19
N LYS B 95 8.85 -0.45 -1.95
CA LYS B 95 8.68 0.52 -0.81
C LYS B 95 7.95 -0.15 0.36
N MET B 96 7.87 -1.46 0.37
CA MET B 96 7.18 -2.17 1.50
C MET B 96 8.19 -3.06 2.26
N LYS B 97 9.44 -3.07 1.86
CA LYS B 97 10.46 -3.89 2.58
C LYS B 97 10.59 -3.38 4.02
N GLY B 98 10.12 -2.17 4.28
CA GLY B 98 10.20 -1.59 5.66
C GLY B 98 9.02 -2.10 6.51
N THR B 99 8.31 -3.12 6.06
CA THR B 99 7.16 -3.69 6.85
C THR B 99 7.60 -3.93 8.29
N PHE B 100 8.81 -4.41 8.44
CA PHE B 100 9.40 -4.72 9.77
C PHE B 100 10.76 -5.39 9.54
N VAL B 101 10.82 -6.24 8.54
CA VAL B 101 12.07 -6.97 8.19
C VAL B 101 13.18 -5.96 7.86
N ALA A 1 -11.40 6.47 36.76
CA ALA A 1 -11.31 5.32 35.81
C ALA A 1 -10.48 5.73 34.59
N VAL A 2 -9.44 4.98 34.30
CA VAL A 2 -8.56 5.30 33.12
C VAL A 2 -8.23 3.99 32.38
N PRO A 3 -8.23 4.02 31.05
CA PRO A 3 -7.91 2.82 30.24
C PRO A 3 -6.41 2.56 30.21
N GLU A 4 -5.97 1.69 29.31
CA GLU A 4 -4.51 1.38 29.20
C GLU A 4 -3.90 2.16 28.04
N THR A 5 -2.60 2.02 27.85
CA THR A 5 -1.90 2.74 26.74
C THR A 5 -0.88 1.79 26.09
N ARG A 6 -1.33 0.97 25.17
CA ARG A 6 -0.43 0.00 24.48
C ARG A 6 0.01 0.58 23.13
N PRO A 7 1.17 0.16 22.63
CA PRO A 7 1.69 0.64 21.34
C PRO A 7 0.99 -0.06 20.18
N ASN A 8 1.04 0.53 19.00
CA ASN A 8 0.38 -0.08 17.81
C ASN A 8 1.32 -0.01 16.60
N HIS A 9 0.81 -0.37 15.43
CA HIS A 9 1.62 -0.35 14.18
C HIS A 9 2.15 1.07 13.93
N THR A 10 1.35 2.06 14.24
CA THR A 10 1.74 3.47 13.99
C THR A 10 1.19 4.39 15.09
N ILE A 11 1.48 5.67 14.98
CA ILE A 11 0.99 6.68 15.95
C ILE A 11 0.30 7.81 15.18
N TYR A 12 -0.62 8.50 15.80
CA TYR A 12 -1.32 9.62 15.10
C TYR A 12 -1.28 10.88 15.98
N ILE A 13 -0.64 11.92 15.48
CA ILE A 13 -0.55 13.20 16.23
C ILE A 13 -1.94 13.83 16.32
N ASN A 14 -2.18 14.61 17.35
CA ASN A 14 -3.52 15.26 17.52
C ASN A 14 -3.32 16.73 17.90
N ASN A 15 -4.35 17.54 17.76
CA ASN A 15 -4.27 18.99 18.10
C ASN A 15 -3.17 19.66 17.25
N LEU A 16 -2.94 19.12 16.06
CA LEU A 16 -1.90 19.71 15.15
C LEU A 16 -2.25 21.17 14.84
N ASN A 17 -1.40 21.84 14.09
CA ASN A 17 -1.65 23.27 13.73
C ASN A 17 -2.74 23.35 12.66
N GLU A 18 -3.61 24.34 12.77
CA GLU A 18 -4.72 24.50 11.79
C GLU A 18 -4.45 25.74 10.91
N LYS A 19 -3.19 26.02 10.66
CA LYS A 19 -2.80 27.18 9.82
C LYS A 19 -1.67 26.78 8.86
N ILE A 20 -1.64 25.51 8.49
CA ILE A 20 -0.58 25.00 7.58
C ILE A 20 -1.16 24.80 6.18
N LYS A 21 -0.31 24.68 5.19
CA LYS A 21 -0.77 24.50 3.78
C LYS A 21 -0.84 23.02 3.41
N LYS A 22 -1.00 22.16 4.39
CA LYS A 22 -1.09 20.67 4.14
C LYS A 22 0.26 20.09 3.74
N ASP A 23 0.86 20.62 2.70
CA ASP A 23 2.19 20.11 2.23
C ASP A 23 3.23 20.43 3.30
N GLU A 24 3.03 21.51 4.02
CA GLU A 24 3.99 21.90 5.08
C GLU A 24 3.92 20.88 6.23
N LEU A 25 2.77 20.27 6.42
CA LEU A 25 2.60 19.25 7.51
C LEU A 25 3.54 18.07 7.25
N LYS A 26 3.55 17.57 6.04
CA LYS A 26 4.44 16.41 5.69
C LYS A 26 5.90 16.79 5.92
N LYS A 27 6.29 17.98 5.53
CA LYS A 27 7.70 18.44 5.71
C LYS A 27 8.06 18.50 7.19
N SER A 28 7.06 18.69 8.05
CA SER A 28 7.33 18.78 9.52
C SER A 28 7.07 17.43 10.19
N LEU A 29 5.98 16.77 9.84
CA LEU A 29 5.64 15.46 10.44
C LEU A 29 6.56 14.38 9.88
N HIS A 30 6.79 14.40 8.58
CA HIS A 30 7.67 13.38 7.92
C HIS A 30 9.15 13.73 8.10
N ALA A 31 9.47 14.74 8.88
CA ALA A 31 10.91 15.13 9.10
C ALA A 31 11.29 14.94 10.56
N ILE A 32 10.34 15.09 11.47
CA ILE A 32 10.63 14.94 12.93
C ILE A 32 10.40 13.49 13.35
N PHE A 33 9.49 12.80 12.68
CA PHE A 33 9.19 11.38 13.04
C PHE A 33 10.20 10.43 12.37
N SER A 34 11.05 10.94 11.48
CA SER A 34 12.05 10.06 10.79
C SER A 34 13.44 10.24 11.42
N ARG A 35 13.63 11.25 12.25
CA ARG A 35 14.96 11.48 12.90
C ARG A 35 15.41 10.23 13.68
N PHE A 36 14.49 9.37 14.05
CA PHE A 36 14.86 8.12 14.82
C PHE A 36 15.43 7.09 13.84
N GLY A 37 14.65 6.72 12.85
CA GLY A 37 15.11 5.70 11.85
C GLY A 37 14.62 6.08 10.45
N GLN A 38 13.36 5.83 10.17
CA GLN A 38 12.78 6.16 8.83
C GLN A 38 11.28 5.93 8.86
N ILE A 39 10.51 6.99 8.78
CA ILE A 39 9.02 6.88 8.80
C ILE A 39 8.55 6.03 7.61
N LEU A 40 7.38 5.46 7.72
CA LEU A 40 6.83 4.60 6.63
C LEU A 40 5.94 5.45 5.72
N ASP A 41 4.90 6.03 6.28
CA ASP A 41 3.96 6.88 5.48
C ASP A 41 3.04 7.67 6.42
N ILE A 42 3.00 8.97 6.24
CA ILE A 42 2.12 9.84 7.08
C ILE A 42 0.71 9.82 6.47
N LEU A 43 -0.32 10.09 7.26
CA LEU A 43 -1.71 10.08 6.72
C LEU A 43 -2.50 11.27 7.29
N VAL A 44 -3.01 12.11 6.41
CA VAL A 44 -3.80 13.30 6.85
C VAL A 44 -4.89 13.58 5.81
N SER A 45 -6.14 13.54 6.21
CA SER A 45 -7.27 13.79 5.27
C SER A 45 -7.87 15.17 5.54
N ARG A 46 -8.96 15.48 4.87
CA ARG A 46 -9.63 16.81 5.06
C ARG A 46 -11.11 16.59 5.43
N SER A 47 -11.42 15.47 6.05
CA SER A 47 -12.83 15.17 6.45
C SER A 47 -13.20 16.01 7.68
N LEU A 48 -14.46 16.03 8.03
CA LEU A 48 -14.93 16.83 9.22
C LEU A 48 -14.13 16.43 10.47
N LYS A 49 -13.81 15.16 10.59
CA LYS A 49 -13.03 14.67 11.77
C LYS A 49 -11.70 14.04 11.28
N MET A 50 -10.87 14.86 10.66
CA MET A 50 -9.55 14.35 10.14
C MET A 50 -8.47 15.42 10.31
N ARG A 51 -8.80 16.66 10.03
CA ARG A 51 -7.81 17.78 10.16
C ARG A 51 -7.40 17.94 11.63
N GLY A 52 -6.15 18.26 11.87
CA GLY A 52 -5.65 18.44 13.28
C GLY A 52 -5.02 17.15 13.78
N GLN A 53 -4.47 16.35 12.87
CA GLN A 53 -3.83 15.05 13.27
C GLN A 53 -3.14 14.42 12.06
N ALA A 54 -2.31 13.43 12.29
CA ALA A 54 -1.58 12.75 11.16
C ALA A 54 -1.04 11.41 11.66
N PHE A 55 -1.37 10.34 10.97
CA PHE A 55 -0.88 8.97 11.37
C PHE A 55 0.53 8.74 10.80
N VAL A 56 1.51 8.67 11.66
CA VAL A 56 2.92 8.44 11.21
C VAL A 56 3.27 6.95 11.39
N ILE A 57 3.26 6.19 10.31
CA ILE A 57 3.57 4.72 10.40
C ILE A 57 5.09 4.50 10.30
N PHE A 58 5.56 3.37 10.81
CA PHE A 58 7.03 3.07 10.78
C PHE A 58 7.24 1.67 10.21
N LYS A 59 6.90 0.65 10.97
CA LYS A 59 7.08 -0.76 10.50
C LYS A 59 6.38 -1.72 11.47
N GLU A 60 6.92 -1.88 12.67
CA GLU A 60 6.32 -2.79 13.67
C GLU A 60 6.00 -2.02 14.96
N VAL A 61 5.36 -2.68 15.90
CA VAL A 61 4.99 -2.03 17.19
C VAL A 61 6.27 -1.78 18.02
N SER A 62 6.94 -0.68 17.76
CA SER A 62 8.19 -0.34 18.51
C SER A 62 8.83 0.91 17.91
N SER A 63 8.72 1.08 16.60
CA SER A 63 9.30 2.28 15.92
C SER A 63 8.35 3.45 16.12
N ALA A 64 7.06 3.18 15.99
CA ALA A 64 6.04 4.24 16.19
C ALA A 64 5.95 4.52 17.69
N THR A 65 6.16 3.49 18.48
CA THR A 65 6.12 3.65 19.97
C THR A 65 7.25 4.61 20.37
N ASN A 66 8.40 4.44 19.76
CA ASN A 66 9.56 5.33 20.05
C ASN A 66 9.26 6.74 19.54
N ALA A 67 8.46 6.84 18.50
CA ALA A 67 8.11 8.19 17.95
C ALA A 67 7.10 8.87 18.87
N LEU A 68 6.31 8.09 19.58
CA LEU A 68 5.30 8.66 20.52
C LEU A 68 6.01 9.23 21.75
N ARG A 69 7.06 8.56 22.20
CA ARG A 69 7.82 9.04 23.40
C ARG A 69 9.02 9.89 22.96
N SER A 70 8.92 10.51 21.80
CA SER A 70 10.05 11.37 21.28
C SER A 70 9.62 12.84 21.30
N MET A 71 8.34 13.10 21.17
CA MET A 71 7.84 14.51 21.17
C MET A 71 6.33 14.52 21.48
N GLN A 72 5.97 14.14 22.69
CA GLN A 72 4.53 14.11 23.09
C GLN A 72 4.13 15.46 23.70
N GLY A 73 3.35 16.23 22.97
CA GLY A 73 2.90 17.57 23.48
C GLY A 73 3.95 18.63 23.14
N PHE A 74 4.56 18.52 21.98
CA PHE A 74 5.60 19.49 21.55
C PHE A 74 4.96 20.52 20.58
N PRO A 75 5.50 21.73 20.56
CA PRO A 75 4.99 22.80 19.68
C PRO A 75 5.48 22.58 18.24
N PHE A 76 4.57 22.61 17.29
CA PHE A 76 4.94 22.39 15.85
C PHE A 76 5.14 23.74 15.16
N TYR A 77 4.06 24.41 14.82
CA TYR A 77 4.17 25.74 14.13
C TYR A 77 3.66 26.84 15.06
N ASP A 78 2.75 26.51 15.97
CA ASP A 78 2.20 27.53 16.91
C ASP A 78 1.17 26.86 17.86
N LYS A 79 1.44 25.64 18.25
CA LYS A 79 0.52 24.90 19.17
C LYS A 79 1.18 23.58 19.61
N PRO A 80 0.94 23.16 20.85
CA PRO A 80 1.53 21.90 21.38
C PRO A 80 0.75 20.70 20.84
N MET A 81 1.41 19.89 20.03
CA MET A 81 0.74 18.69 19.45
C MET A 81 1.03 17.47 20.33
N ARG A 82 0.02 16.65 20.56
CA ARG A 82 0.19 15.43 21.39
C ARG A 82 0.21 14.19 20.49
N ILE A 83 0.94 13.17 20.88
CA ILE A 83 1.04 11.93 20.06
C ILE A 83 0.16 10.83 20.67
N GLN A 84 -0.55 10.11 19.83
CA GLN A 84 -1.44 9.01 20.32
C GLN A 84 -1.25 7.78 19.43
N TYR A 85 -1.61 6.62 19.92
CA TYR A 85 -1.45 5.36 19.11
C TYR A 85 -2.65 5.18 18.20
N ALA A 86 -2.59 4.18 17.34
CA ALA A 86 -3.72 3.92 16.39
C ALA A 86 -4.20 2.47 16.57
N LYS A 87 -5.23 2.29 17.38
CA LYS A 87 -5.81 0.92 17.64
C LYS A 87 -5.96 0.14 16.33
N THR A 88 -6.25 0.82 15.25
CA THR A 88 -6.41 0.15 13.91
C THR A 88 -5.16 -0.61 13.57
N ASP A 89 -4.03 -0.12 14.01
CA ASP A 89 -2.75 -0.80 13.72
C ASP A 89 -2.55 -0.79 12.20
N SER A 90 -2.89 0.32 11.59
CA SER A 90 -2.78 0.46 10.10
C SER A 90 -3.64 -0.60 9.42
N ASP A 91 -3.89 -0.43 8.14
CA ASP A 91 -4.75 -1.41 7.39
C ASP A 91 -3.90 -2.22 6.42
N ILE A 92 -3.09 -1.54 5.63
CA ILE A 92 -2.21 -2.25 4.64
C ILE A 92 -1.46 -3.42 5.31
N ILE A 93 -1.28 -3.37 6.61
CA ILE A 93 -0.58 -4.49 7.33
C ILE A 93 -1.35 -5.80 7.15
N ALA A 94 -2.62 -5.72 6.75
CA ALA A 94 -3.45 -6.94 6.58
C ALA A 94 -3.26 -7.53 5.18
N LYS A 95 -3.02 -6.70 4.19
CA LYS A 95 -2.85 -7.19 2.78
C LYS A 95 -1.43 -6.95 2.27
N MET A 96 -0.51 -6.56 3.13
CA MET A 96 0.89 -6.33 2.68
C MET A 96 1.75 -7.57 2.98
N LYS A 97 1.12 -8.73 3.05
CA LYS A 97 1.88 -10.00 3.31
C LYS A 97 2.66 -10.40 2.05
N GLY A 98 2.33 -9.81 0.91
CA GLY A 98 3.04 -10.13 -0.37
C GLY A 98 4.42 -9.47 -0.43
N THR A 99 4.80 -8.71 0.59
CA THR A 99 6.14 -8.03 0.59
C THR A 99 7.25 -9.08 0.43
N PHE A 100 7.28 -10.04 1.31
CA PHE A 100 8.29 -11.12 1.30
C PHE A 100 8.12 -11.89 2.62
N VAL A 101 7.98 -11.13 3.69
CA VAL A 101 7.76 -11.70 5.07
C VAL A 101 8.66 -12.93 5.33
N ALA B 1 12.97 -10.80 -34.55
CA ALA B 1 13.43 -10.15 -33.29
C ALA B 1 12.41 -10.37 -32.18
N VAL B 2 12.83 -10.93 -31.08
CA VAL B 2 11.90 -11.20 -29.94
C VAL B 2 12.61 -10.80 -28.61
N PRO B 3 11.87 -10.19 -27.69
CA PRO B 3 12.44 -9.76 -26.38
C PRO B 3 12.58 -10.96 -25.44
N GLU B 4 12.80 -10.70 -24.18
CA GLU B 4 12.96 -11.80 -23.17
C GLU B 4 11.65 -11.97 -22.38
N THR B 5 11.61 -12.94 -21.50
CA THR B 5 10.37 -13.19 -20.69
C THR B 5 10.78 -13.51 -19.24
N ARG B 6 11.01 -12.49 -18.45
CA ARG B 6 11.43 -12.68 -17.03
C ARG B 6 10.19 -12.56 -16.12
N PRO B 7 10.23 -13.21 -14.95
CA PRO B 7 9.11 -13.17 -13.99
C PRO B 7 9.12 -11.85 -13.21
N ASN B 8 8.00 -11.48 -12.63
CA ASN B 8 7.91 -10.21 -11.86
C ASN B 8 7.17 -10.45 -10.54
N HIS B 9 6.87 -9.38 -9.83
CA HIS B 9 6.15 -9.49 -8.52
C HIS B 9 4.80 -10.18 -8.73
N THR B 10 4.16 -9.89 -9.85
CA THR B 10 2.82 -10.46 -10.12
C THR B 10 2.64 -10.74 -11.62
N ILE B 11 1.48 -11.25 -11.98
CA ILE B 11 1.18 -11.55 -13.41
C ILE B 11 -0.16 -10.89 -13.76
N TYR B 12 -0.37 -10.58 -15.02
CA TYR B 12 -1.66 -9.93 -15.42
C TYR B 12 -2.27 -10.69 -16.61
N ILE B 13 -3.44 -11.25 -16.42
CA ILE B 13 -4.12 -12.02 -17.50
C ILE B 13 -4.54 -11.03 -18.60
N ASN B 14 -4.65 -11.51 -19.82
CA ASN B 14 -5.05 -10.63 -20.96
C ASN B 14 -6.10 -11.34 -21.81
N ASN B 15 -6.80 -10.59 -22.64
CA ASN B 15 -7.85 -11.21 -23.52
C ASN B 15 -8.92 -11.88 -22.65
N LEU B 16 -9.12 -11.40 -21.45
CA LEU B 16 -10.13 -11.99 -20.53
C LEU B 16 -11.52 -11.92 -21.18
N ASN B 17 -12.53 -12.45 -20.52
CA ASN B 17 -13.92 -12.43 -21.06
C ASN B 17 -14.50 -11.03 -20.94
N GLU B 18 -15.24 -10.59 -21.94
CA GLU B 18 -15.86 -9.23 -21.91
C GLU B 18 -17.37 -9.35 -21.73
N LYS B 19 -17.80 -10.38 -21.02
CA LYS B 19 -19.26 -10.59 -20.77
C LYS B 19 -19.47 -11.00 -19.30
N ILE B 20 -18.60 -10.54 -18.43
CA ILE B 20 -18.69 -10.88 -16.98
C ILE B 20 -19.25 -9.67 -16.21
N LYS B 21 -19.72 -9.91 -15.01
CA LYS B 21 -20.30 -8.80 -14.18
C LYS B 21 -19.23 -8.20 -13.24
N LYS B 22 -17.97 -8.31 -13.62
CA LYS B 22 -16.84 -7.74 -12.80
C LYS B 22 -16.62 -8.55 -11.52
N ASP B 23 -17.65 -8.71 -10.72
CA ASP B 23 -17.53 -9.48 -9.44
C ASP B 23 -17.28 -10.93 -9.79
N GLU B 24 -17.80 -11.38 -10.92
CA GLU B 24 -17.62 -12.79 -11.34
C GLU B 24 -16.14 -13.01 -11.70
N LEU B 25 -15.47 -11.97 -12.16
CA LEU B 25 -14.02 -12.09 -12.53
C LEU B 25 -13.20 -12.47 -11.30
N LYS B 26 -13.42 -11.79 -10.20
CA LYS B 26 -12.67 -12.08 -8.93
C LYS B 26 -12.92 -13.52 -8.50
N LYS B 27 -14.16 -13.96 -8.58
CA LYS B 27 -14.52 -15.36 -8.17
C LYS B 27 -13.80 -16.37 -9.07
N SER B 28 -13.46 -15.98 -10.28
CA SER B 28 -12.77 -16.92 -11.22
C SER B 28 -11.25 -16.68 -11.18
N LEU B 29 -10.84 -15.43 -11.22
CA LEU B 29 -9.39 -15.09 -11.20
C LEU B 29 -8.81 -15.33 -9.80
N HIS B 30 -9.53 -14.92 -8.78
CA HIS B 30 -9.07 -15.09 -7.37
C HIS B 30 -9.33 -16.53 -6.87
N ALA B 31 -9.79 -17.43 -7.73
CA ALA B 31 -10.07 -18.84 -7.30
C ALA B 31 -9.14 -19.80 -8.04
N ILE B 32 -8.75 -19.47 -9.26
CA ILE B 32 -7.85 -20.35 -10.05
C ILE B 32 -6.40 -19.99 -9.79
N PHE B 33 -6.12 -18.74 -9.47
CA PHE B 33 -4.71 -18.30 -9.22
C PHE B 33 -4.32 -18.60 -7.76
N SER B 34 -5.25 -19.03 -6.94
CA SER B 34 -4.92 -19.33 -5.50
C SER B 34 -4.80 -20.85 -5.29
N ARG B 35 -5.22 -21.65 -6.25
CA ARG B 35 -5.14 -23.14 -6.11
C ARG B 35 -3.69 -23.58 -5.84
N PHE B 36 -2.72 -22.74 -6.17
CA PHE B 36 -1.28 -23.12 -5.93
C PHE B 36 -0.94 -22.88 -4.45
N GLY B 37 -1.12 -21.66 -3.99
CA GLY B 37 -0.82 -21.32 -2.56
C GLY B 37 -1.86 -20.35 -2.02
N GLN B 38 -1.74 -19.08 -2.38
CA GLN B 38 -2.70 -18.05 -1.88
C GLN B 38 -2.42 -16.73 -2.60
N ILE B 39 -3.33 -16.31 -3.46
CA ILE B 39 -3.16 -15.03 -4.21
C ILE B 39 -3.05 -13.86 -3.22
N LEU B 40 -2.45 -12.78 -3.65
CA LEU B 40 -2.30 -11.58 -2.77
C LEU B 40 -3.45 -10.61 -3.00
N ASP B 41 -3.60 -10.15 -4.22
CA ASP B 41 -4.69 -9.19 -4.55
C ASP B 41 -4.83 -9.05 -6.07
N ILE B 42 -6.02 -9.26 -6.59
CA ILE B 42 -6.27 -9.13 -8.06
C ILE B 42 -6.52 -7.65 -8.37
N LEU B 43 -6.27 -7.22 -9.60
CA LEU B 43 -6.50 -5.78 -9.95
C LEU B 43 -7.15 -5.67 -11.33
N VAL B 44 -8.31 -5.05 -11.38
CA VAL B 44 -9.05 -4.87 -12.67
C VAL B 44 -9.79 -3.53 -12.64
N SER B 45 -9.48 -2.66 -13.57
CA SER B 45 -10.15 -1.32 -13.63
C SER B 45 -11.14 -1.29 -14.79
N ARG B 46 -11.71 -0.12 -15.04
CA ARG B 46 -12.70 0.02 -16.16
C ARG B 46 -12.26 1.15 -17.11
N SER B 47 -10.96 1.41 -17.17
CA SER B 47 -10.43 2.48 -18.06
C SER B 47 -10.47 2.01 -19.52
N LEU B 48 -10.24 2.91 -20.46
CA LEU B 48 -10.27 2.55 -21.90
C LEU B 48 -9.31 1.38 -22.17
N LYS B 49 -8.18 1.36 -21.49
CA LYS B 49 -7.18 0.28 -21.67
C LYS B 49 -6.97 -0.47 -20.34
N MET B 50 -8.02 -1.07 -19.84
CA MET B 50 -7.93 -1.82 -18.54
C MET B 50 -8.79 -3.09 -18.59
N ARG B 51 -9.97 -2.99 -19.15
CA ARG B 51 -10.89 -4.17 -19.24
C ARG B 51 -10.26 -5.24 -20.13
N GLY B 52 -10.47 -6.50 -19.78
CA GLY B 52 -9.90 -7.62 -20.60
C GLY B 52 -8.56 -8.06 -20.00
N GLN B 53 -8.40 -7.90 -18.70
CA GLN B 53 -7.12 -8.31 -18.03
C GLN B 53 -7.27 -8.16 -16.51
N ALA B 54 -6.33 -8.73 -15.77
CA ALA B 54 -6.39 -8.64 -14.27
C ALA B 54 -5.02 -9.00 -13.70
N PHE B 55 -4.46 -8.13 -12.87
CA PHE B 55 -3.11 -8.38 -12.26
C PHE B 55 -3.29 -9.25 -11.01
N VAL B 56 -2.80 -10.47 -11.06
CA VAL B 56 -2.91 -11.40 -9.88
C VAL B 56 -1.58 -11.41 -9.11
N ILE B 57 -1.51 -10.69 -8.00
CA ILE B 57 -0.24 -10.63 -7.21
C ILE B 57 -0.17 -11.82 -6.23
N PHE B 58 1.03 -12.16 -5.81
CA PHE B 58 1.20 -13.31 -4.86
C PHE B 58 2.08 -12.88 -3.68
N LYS B 59 3.36 -12.69 -3.92
CA LYS B 59 4.30 -12.27 -2.83
C LYS B 59 5.66 -11.90 -3.43
N GLU B 60 6.39 -12.88 -3.92
CA GLU B 60 7.73 -12.61 -4.52
C GLU B 60 7.78 -13.14 -5.95
N VAL B 61 8.86 -12.87 -6.65
CA VAL B 61 9.01 -13.33 -8.06
C VAL B 61 9.19 -14.86 -8.08
N SER B 62 8.10 -15.59 -8.07
CA SER B 62 8.14 -17.09 -8.08
C SER B 62 6.74 -17.66 -7.91
N SER B 63 5.91 -16.99 -7.13
CA SER B 63 4.51 -17.46 -6.90
C SER B 63 3.66 -17.04 -8.10
N ALA B 64 3.88 -15.83 -8.56
CA ALA B 64 3.14 -15.32 -9.74
C ALA B 64 3.70 -16.02 -10.98
N THR B 65 4.99 -16.31 -10.96
CA THR B 65 5.64 -17.02 -12.09
C THR B 65 5.00 -18.40 -12.23
N ASN B 66 4.76 -19.05 -11.10
CA ASN B 66 4.11 -20.39 -11.11
C ASN B 66 2.66 -20.26 -11.57
N ALA B 67 2.05 -19.11 -11.32
CA ALA B 67 0.64 -18.89 -11.74
C ALA B 67 0.60 -18.65 -13.26
N LEU B 68 1.68 -18.12 -13.80
CA LEU B 68 1.74 -17.84 -15.28
C LEU B 68 1.88 -19.16 -16.03
N ARG B 69 2.63 -20.09 -15.48
CA ARG B 69 2.83 -21.42 -16.14
C ARG B 69 1.83 -22.45 -15.60
N SER B 70 0.68 -21.97 -15.13
CA SER B 70 -0.36 -22.90 -14.57
C SER B 70 -1.57 -22.92 -15.50
N MET B 71 -1.81 -21.83 -16.21
CA MET B 71 -2.98 -21.77 -17.14
C MET B 71 -2.75 -20.63 -18.17
N GLN B 72 -1.78 -20.80 -19.04
CA GLN B 72 -1.47 -19.77 -20.06
C GLN B 72 -2.27 -20.05 -21.34
N GLY B 73 -3.28 -19.24 -21.61
CA GLY B 73 -4.11 -19.44 -22.83
C GLY B 73 -5.24 -20.43 -22.53
N PHE B 74 -5.79 -20.36 -21.34
CA PHE B 74 -6.89 -21.29 -20.94
C PHE B 74 -8.24 -20.56 -21.08
N PRO B 75 -9.31 -21.31 -21.35
CA PRO B 75 -10.66 -20.73 -21.50
C PRO B 75 -11.26 -20.41 -20.13
N PHE B 76 -11.75 -19.19 -19.95
CA PHE B 76 -12.34 -18.78 -18.64
C PHE B 76 -13.87 -18.97 -18.69
N TYR B 77 -14.57 -18.07 -19.34
CA TYR B 77 -16.05 -18.16 -19.42
C TYR B 77 -16.48 -18.44 -20.87
N ASP B 78 -15.67 -18.02 -21.83
CA ASP B 78 -16.01 -18.24 -23.28
C ASP B 78 -14.89 -17.66 -24.16
N LYS B 79 -13.66 -17.76 -23.72
CA LYS B 79 -12.51 -17.23 -24.52
C LYS B 79 -11.18 -17.67 -23.85
N PRO B 80 -10.16 -17.95 -24.65
CA PRO B 80 -8.84 -18.38 -24.12
C PRO B 80 -8.07 -17.17 -23.59
N MET B 81 -7.85 -17.13 -22.29
CA MET B 81 -7.11 -15.99 -21.67
C MET B 81 -5.62 -16.34 -21.56
N ARG B 82 -4.77 -15.39 -21.87
CA ARG B 82 -3.29 -15.62 -21.79
C ARG B 82 -2.73 -14.92 -20.56
N ILE B 83 -1.69 -15.46 -19.97
CA ILE B 83 -1.08 -14.84 -18.75
C ILE B 83 0.20 -14.11 -19.13
N GLN B 84 0.40 -12.93 -18.58
CA GLN B 84 1.64 -12.12 -18.87
C GLN B 84 2.19 -11.57 -17.56
N TYR B 85 3.46 -11.20 -17.56
CA TYR B 85 4.08 -10.65 -16.32
C TYR B 85 3.80 -9.15 -16.21
N ALA B 86 4.19 -8.54 -15.12
CA ALA B 86 3.96 -7.09 -14.92
C ALA B 86 5.29 -6.39 -14.62
N LYS B 87 5.93 -5.85 -15.65
CA LYS B 87 7.25 -5.15 -15.51
C LYS B 87 7.23 -4.21 -14.28
N THR B 88 6.09 -3.63 -14.00
CA THR B 88 5.96 -2.70 -12.83
C THR B 88 6.35 -3.40 -11.56
N ASP B 89 6.13 -4.69 -11.51
CA ASP B 89 6.49 -5.46 -10.30
C ASP B 89 5.67 -4.92 -9.13
N SER B 90 4.43 -4.61 -9.40
CA SER B 90 3.50 -4.05 -8.36
C SER B 90 4.07 -2.73 -7.84
N ASP B 91 3.25 -1.96 -7.16
CA ASP B 91 3.72 -0.64 -6.62
C ASP B 91 3.85 -0.70 -5.11
N ILE B 92 2.83 -1.18 -4.44
CA ILE B 92 2.86 -1.28 -2.94
C ILE B 92 4.16 -1.94 -2.46
N ILE B 93 4.81 -2.72 -3.31
CA ILE B 93 6.10 -3.38 -2.91
C ILE B 93 7.15 -2.30 -2.58
N ALA B 94 6.93 -1.08 -3.01
CA ALA B 94 7.91 0.03 -2.74
C ALA B 94 7.66 0.67 -1.39
N LYS B 95 6.41 0.73 -0.96
CA LYS B 95 6.07 1.37 0.36
C LYS B 95 5.53 0.35 1.36
N MET B 96 5.62 -0.93 1.05
CA MET B 96 5.12 -1.98 2.01
C MET B 96 6.30 -2.52 2.84
N LYS B 97 7.33 -1.73 3.01
CA LYS B 97 8.51 -2.17 3.81
C LYS B 97 8.14 -2.15 5.31
N GLY B 98 7.05 -1.48 5.66
CA GLY B 98 6.62 -1.39 7.09
C GLY B 98 5.97 -2.71 7.55
N THR B 99 5.85 -3.69 6.68
CA THR B 99 5.22 -5.00 7.07
C THR B 99 5.96 -5.60 8.27
N PHE B 100 7.25 -5.79 8.12
CA PHE B 100 8.11 -6.37 9.18
C PHE B 100 9.47 -6.66 8.51
N VAL B 101 9.41 -7.23 7.33
CA VAL B 101 10.62 -7.55 6.50
C VAL B 101 11.76 -8.13 7.38
N ALA A 1 -1.56 0.17 34.12
CA ALA A 1 -2.34 -0.10 32.89
C ALA A 1 -3.63 0.72 32.91
N VAL A 2 -3.97 1.34 31.80
CA VAL A 2 -5.21 2.17 31.73
C VAL A 2 -6.34 1.36 31.08
N PRO A 3 -7.59 1.73 31.34
CA PRO A 3 -8.77 1.03 30.78
C PRO A 3 -8.99 1.44 29.33
N GLU A 4 -8.82 2.71 29.03
CA GLU A 4 -9.01 3.22 27.62
C GLU A 4 -7.65 3.58 27.03
N THR A 5 -7.61 3.78 25.72
CA THR A 5 -6.33 4.14 25.03
C THR A 5 -5.31 3.02 25.24
N ARG A 6 -5.18 2.16 24.26
CA ARG A 6 -4.19 1.03 24.36
C ARG A 6 -3.19 1.10 23.20
N PRO A 7 -2.08 0.39 23.32
CA PRO A 7 -1.04 0.37 22.27
C PRO A 7 -1.45 -0.55 21.13
N ASN A 8 -1.09 -0.20 19.90
CA ASN A 8 -1.44 -1.04 18.72
C ASN A 8 -0.26 -1.10 17.75
N HIS A 9 -0.50 -1.48 16.51
CA HIS A 9 0.61 -1.59 15.50
C HIS A 9 1.43 -0.29 15.45
N THR A 10 0.77 0.85 15.27
CA THR A 10 1.52 2.14 15.20
C THR A 10 0.74 3.28 15.88
N ILE A 11 0.96 4.53 15.47
CA ILE A 11 0.24 5.68 16.13
C ILE A 11 -0.24 6.72 15.11
N TYR A 12 -0.68 7.86 15.62
CA TYR A 12 -1.17 8.96 14.74
C TYR A 12 -1.22 10.28 15.56
N ILE A 13 -0.55 11.31 15.07
CA ILE A 13 -0.55 12.63 15.78
C ILE A 13 -1.94 13.27 15.65
N ASN A 14 -2.29 14.12 16.59
CA ASN A 14 -3.61 14.81 16.56
C ASN A 14 -3.48 16.20 17.19
N ASN A 15 -4.43 17.07 16.92
CA ASN A 15 -4.38 18.47 17.50
C ASN A 15 -3.10 19.18 17.02
N LEU A 16 -2.62 18.81 15.85
CA LEU A 16 -1.40 19.45 15.28
C LEU A 16 -1.63 20.96 15.11
N ASN A 17 -0.68 21.64 14.48
CA ASN A 17 -0.82 23.12 14.27
C ASN A 17 -1.81 23.38 13.13
N GLU A 18 -2.42 24.55 13.13
CA GLU A 18 -3.40 24.91 12.07
C GLU A 18 -2.84 26.07 11.23
N LYS A 19 -1.54 26.14 11.11
CA LYS A 19 -0.88 27.22 10.30
C LYS A 19 0.31 26.64 9.53
N ILE A 20 0.25 25.35 9.22
CA ILE A 20 1.36 24.69 8.48
C ILE A 20 0.95 24.51 7.02
N LYS A 21 1.92 24.28 6.16
CA LYS A 21 1.63 24.11 4.70
C LYS A 21 1.45 22.62 4.34
N LYS A 22 1.08 21.81 5.31
CA LYS A 22 0.86 20.33 5.07
C LYS A 22 2.19 19.61 4.86
N ASP A 23 2.95 20.04 3.88
CA ASP A 23 4.27 19.39 3.59
C ASP A 23 5.20 19.66 4.77
N GLU A 24 5.02 20.78 5.43
CA GLU A 24 5.87 21.13 6.59
C GLU A 24 5.61 20.14 7.73
N LEU A 25 4.40 19.61 7.80
CA LEU A 25 4.05 18.63 8.87
C LEU A 25 4.90 17.36 8.70
N LYS A 26 5.00 16.87 7.49
CA LYS A 26 5.81 15.63 7.22
C LYS A 26 7.27 15.88 7.60
N LYS A 27 7.79 17.04 7.24
CA LYS A 27 9.21 17.38 7.55
C LYS A 27 9.43 17.37 9.07
N SER A 28 8.38 17.62 9.84
CA SER A 28 8.50 17.65 11.32
C SER A 28 8.08 16.29 11.91
N LEU A 29 6.94 15.79 11.47
CA LEU A 29 6.43 14.48 11.98
C LEU A 29 7.28 13.33 11.45
N HIS A 30 7.62 13.38 10.19
CA HIS A 30 8.45 12.29 9.56
C HIS A 30 9.94 12.48 9.90
N ALA A 31 10.29 13.47 10.70
CA ALA A 31 11.72 13.70 11.06
C ALA A 31 11.96 13.46 12.56
N ILE A 32 10.91 13.58 13.36
CA ILE A 32 11.05 13.36 14.83
C ILE A 32 10.66 11.93 15.19
N PHE A 33 9.73 11.34 14.47
CA PHE A 33 9.28 9.94 14.77
C PHE A 33 10.22 8.91 14.13
N SER A 34 11.30 9.35 13.52
CA SER A 34 12.27 8.39 12.88
C SER A 34 13.61 8.42 13.62
N ARG A 35 13.88 9.47 14.37
CA ARG A 35 15.18 9.58 15.12
C ARG A 35 15.38 8.36 16.03
N PHE A 36 14.32 7.70 16.42
CA PHE A 36 14.45 6.50 17.32
C PHE A 36 14.75 5.28 16.45
N GLY A 37 13.90 5.03 15.48
CA GLY A 37 14.10 3.84 14.58
C GLY A 37 14.00 4.28 13.13
N GLN A 38 12.81 4.26 12.57
CA GLN A 38 12.60 4.67 11.15
C GLN A 38 11.12 4.59 10.81
N ILE A 39 10.49 5.74 10.60
CA ILE A 39 9.03 5.77 10.27
C ILE A 39 8.80 5.08 8.93
N LEU A 40 7.86 4.14 8.91
CA LEU A 40 7.55 3.40 7.65
C LEU A 40 6.82 4.31 6.67
N ASP A 41 5.64 4.75 7.03
CA ASP A 41 4.83 5.64 6.14
C ASP A 41 3.81 6.42 6.97
N ILE A 42 3.57 7.67 6.60
CA ILE A 42 2.58 8.51 7.35
C ILE A 42 1.30 8.63 6.52
N LEU A 43 0.18 8.82 7.18
CA LEU A 43 -1.13 8.95 6.45
C LEU A 43 -1.86 10.21 6.90
N VAL A 44 -2.31 11.01 5.95
CA VAL A 44 -3.04 12.28 6.28
C VAL A 44 -4.10 12.55 5.21
N SER A 45 -4.89 13.59 5.41
CA SER A 45 -5.96 13.94 4.43
C SER A 45 -6.59 15.29 4.81
N ARG A 46 -7.76 15.58 4.27
CA ARG A 46 -8.44 16.88 4.58
C ARG A 46 -9.95 16.64 4.74
N SER A 47 -10.32 15.45 5.18
CA SER A 47 -11.77 15.11 5.37
C SER A 47 -12.20 15.43 6.82
N LEU A 48 -11.90 16.65 7.27
CA LEU A 48 -12.27 17.09 8.64
C LEU A 48 -11.51 16.26 9.69
N LYS A 49 -11.84 14.99 9.83
CA LYS A 49 -11.16 14.10 10.83
C LYS A 49 -9.66 14.09 10.57
N MET A 50 -9.25 14.39 9.35
CA MET A 50 -7.79 14.40 9.01
C MET A 50 -7.24 15.83 9.09
N ARG A 51 -7.85 16.66 9.92
CA ARG A 51 -7.38 18.07 10.08
C ARG A 51 -6.48 18.18 11.31
N GLY A 52 -5.18 18.30 11.09
CA GLY A 52 -4.21 18.41 12.22
C GLY A 52 -3.93 17.02 12.80
N GLN A 53 -3.41 16.14 11.97
CA GLN A 53 -3.09 14.74 12.43
C GLN A 53 -2.09 14.10 11.47
N ALA A 54 -1.68 12.88 11.75
CA ALA A 54 -0.71 12.16 10.87
C ALA A 54 -0.50 10.73 11.40
N PHE A 55 -1.12 9.77 10.75
CA PHE A 55 -0.99 8.34 11.17
C PHE A 55 0.38 7.84 10.76
N VAL A 56 1.29 7.67 11.71
CA VAL A 56 2.66 7.17 11.36
C VAL A 56 2.64 5.65 11.49
N ILE A 57 3.42 4.97 10.66
CA ILE A 57 3.48 3.47 10.72
C ILE A 57 4.93 3.06 11.04
N PHE A 58 5.12 2.31 12.11
CA PHE A 58 6.50 1.86 12.48
C PHE A 58 6.73 0.41 11.99
N LYS A 59 6.43 -0.58 12.81
CA LYS A 59 6.62 -2.00 12.42
C LYS A 59 5.75 -2.91 13.29
N GLU A 60 5.69 -2.65 14.58
CA GLU A 60 4.87 -3.49 15.51
C GLU A 60 4.42 -2.63 16.69
N VAL A 61 3.88 -3.27 17.71
CA VAL A 61 3.42 -2.52 18.93
C VAL A 61 4.59 -2.36 19.91
N SER A 62 5.69 -1.80 19.43
CA SER A 62 6.89 -1.60 20.31
C SER A 62 7.67 -0.36 19.85
N SER A 63 7.84 -0.19 18.56
CA SER A 63 8.58 0.99 18.03
C SER A 63 7.69 2.22 18.15
N ALA A 64 6.40 2.02 17.96
CA ALA A 64 5.42 3.14 18.06
C ALA A 64 5.17 3.42 19.53
N THR A 65 5.19 2.39 20.34
CA THR A 65 4.97 2.56 21.82
C THR A 65 6.05 3.49 22.37
N ASN A 66 7.27 3.30 21.90
CA ASN A 66 8.40 4.16 22.35
C ASN A 66 8.32 5.52 21.65
N ALA A 67 7.71 5.57 20.47
CA ALA A 67 7.59 6.85 19.72
C ALA A 67 6.45 7.68 20.32
N LEU A 68 5.44 7.02 20.86
CA LEU A 68 4.28 7.73 21.47
C LEU A 68 4.67 8.26 22.85
N ARG A 69 5.52 7.53 23.56
CA ARG A 69 5.95 7.96 24.92
C ARG A 69 7.27 8.74 24.83
N SER A 70 7.55 9.34 23.69
CA SER A 70 8.81 10.13 23.52
C SER A 70 8.47 11.62 23.48
N MET A 71 7.36 11.97 22.87
CA MET A 71 6.95 13.41 22.77
C MET A 71 5.41 13.51 22.78
N GLN A 72 4.79 12.98 23.81
CA GLN A 72 3.29 13.03 23.91
C GLN A 72 2.84 14.44 24.28
N GLY A 73 1.98 15.03 23.48
CA GLY A 73 1.49 16.42 23.75
C GLY A 73 2.68 17.39 23.75
N PHE A 74 3.54 17.26 22.77
CA PHE A 74 4.75 18.14 22.68
C PHE A 74 4.48 19.26 21.65
N PRO A 75 5.13 20.41 21.82
CA PRO A 75 4.96 21.55 20.90
C PRO A 75 5.75 21.30 19.61
N PHE A 76 5.08 21.40 18.48
CA PHE A 76 5.77 21.16 17.16
C PHE A 76 6.20 22.49 16.55
N TYR A 77 5.27 23.21 15.94
CA TYR A 77 5.61 24.52 15.30
C TYR A 77 4.98 25.66 16.10
N ASP A 78 3.89 25.41 16.79
CA ASP A 78 3.21 26.47 17.59
C ASP A 78 2.00 25.88 18.34
N LYS A 79 2.11 24.64 18.78
CA LYS A 79 0.98 23.99 19.52
C LYS A 79 1.45 22.60 20.01
N PRO A 80 1.01 22.19 21.19
CA PRO A 80 1.40 20.88 21.75
C PRO A 80 0.60 19.76 21.07
N MET A 81 1.18 19.13 20.08
CA MET A 81 0.48 18.03 19.34
C MET A 81 0.44 16.78 20.22
N ARG A 82 -0.70 16.12 20.25
CA ARG A 82 -0.84 14.88 21.07
C ARG A 82 -0.55 13.66 20.20
N ILE A 83 -0.30 12.54 20.84
CA ILE A 83 0.00 11.27 20.12
C ILE A 83 -1.01 10.19 20.53
N GLN A 84 -1.47 9.42 19.58
CA GLN A 84 -2.46 8.33 19.88
C GLN A 84 -2.12 7.09 19.05
N TYR A 85 -2.44 5.92 19.56
CA TYR A 85 -2.15 4.64 18.84
C TYR A 85 -3.16 4.43 17.72
N ALA A 86 -2.73 3.80 16.64
CA ALA A 86 -3.65 3.52 15.49
C ALA A 86 -4.20 2.11 15.67
N LYS A 87 -5.35 2.00 16.28
CA LYS A 87 -6.03 0.68 16.55
C LYS A 87 -5.83 -0.34 15.43
N THR A 88 -5.86 0.10 14.19
CA THR A 88 -5.72 -0.84 13.04
C THR A 88 -4.42 -0.61 12.29
N ASP A 89 -4.00 0.63 12.18
CA ASP A 89 -2.73 0.94 11.44
C ASP A 89 -2.84 0.42 9.99
N SER A 90 -1.91 0.80 9.12
CA SER A 90 -1.95 0.34 7.68
C SER A 90 -2.28 -1.16 7.62
N ASP A 91 -3.29 -1.50 6.84
CA ASP A 91 -3.74 -2.94 6.75
C ASP A 91 -2.83 -3.76 5.84
N ILE A 92 -1.73 -3.21 5.35
CA ILE A 92 -0.82 -4.01 4.47
C ILE A 92 -0.07 -5.05 5.33
N ILE A 93 -0.15 -4.95 6.65
CA ILE A 93 0.51 -5.96 7.55
C ILE A 93 -0.27 -7.28 7.48
N ALA A 94 -1.44 -7.26 6.85
CA ALA A 94 -2.28 -8.49 6.74
C ALA A 94 -2.16 -9.04 5.32
N LYS A 95 -2.13 -8.15 4.34
CA LYS A 95 -2.01 -8.58 2.91
C LYS A 95 -0.54 -8.72 2.53
N MET A 96 0.36 -8.65 3.48
CA MET A 96 1.80 -8.81 3.17
C MET A 96 2.21 -10.27 3.41
N LYS A 97 1.26 -11.19 3.39
CA LYS A 97 1.60 -12.64 3.59
C LYS A 97 2.66 -13.03 2.54
N GLY A 98 2.64 -12.35 1.41
CA GLY A 98 3.65 -12.62 0.34
C GLY A 98 4.97 -11.90 0.65
N THR A 99 5.05 -11.20 1.77
CA THR A 99 6.31 -10.47 2.16
C THR A 99 7.48 -11.43 2.18
N PHE A 100 7.19 -12.69 2.36
CA PHE A 100 8.27 -13.72 2.40
C PHE A 100 9.10 -13.48 3.70
N VAL A 101 8.42 -13.25 4.80
CA VAL A 101 9.12 -13.02 6.11
C VAL A 101 10.02 -14.21 6.43
N ALA B 1 15.24 -17.50 -24.18
CA ALA B 1 14.85 -16.18 -23.61
C ALA B 1 14.23 -15.31 -24.70
N VAL B 2 13.13 -14.66 -24.40
CA VAL B 2 12.44 -13.79 -25.39
C VAL B 2 12.84 -12.31 -25.15
N PRO B 3 12.72 -11.48 -26.17
CA PRO B 3 13.07 -10.05 -26.08
C PRO B 3 11.95 -9.27 -25.36
N GLU B 4 10.71 -9.60 -25.66
CA GLU B 4 9.56 -8.90 -25.02
C GLU B 4 8.85 -9.85 -24.04
N THR B 5 8.00 -9.33 -23.19
CA THR B 5 7.27 -10.17 -22.20
C THR B 5 8.27 -10.85 -21.28
N ARG B 6 8.48 -10.29 -20.10
CA ARG B 6 9.45 -10.88 -19.12
C ARG B 6 8.72 -11.19 -17.81
N PRO B 7 9.33 -12.03 -16.96
CA PRO B 7 8.75 -12.41 -15.67
C PRO B 7 8.95 -11.29 -14.63
N ASN B 8 7.97 -11.11 -13.76
CA ASN B 8 8.08 -10.04 -12.71
C ASN B 8 7.56 -10.57 -11.38
N HIS B 9 7.25 -9.68 -10.45
CA HIS B 9 6.74 -10.11 -9.10
C HIS B 9 5.58 -11.10 -9.24
N THR B 10 4.55 -10.75 -10.00
CA THR B 10 3.38 -11.68 -10.16
C THR B 10 2.81 -11.62 -11.58
N ILE B 11 1.52 -11.93 -11.77
CA ILE B 11 0.94 -11.92 -13.16
C ILE B 11 -0.46 -11.30 -13.19
N TYR B 12 -1.14 -11.45 -14.32
CA TYR B 12 -2.50 -10.90 -14.48
C TYR B 12 -3.19 -11.57 -15.69
N ILE B 13 -4.35 -12.16 -15.48
CA ILE B 13 -5.09 -12.83 -16.60
C ILE B 13 -5.63 -11.76 -17.55
N ASN B 14 -5.84 -12.13 -18.80
CA ASN B 14 -6.38 -11.15 -19.80
C ASN B 14 -7.23 -11.91 -20.83
N ASN B 15 -8.07 -11.21 -21.56
CA ASN B 15 -8.94 -11.87 -22.59
C ASN B 15 -9.86 -12.90 -21.91
N LEU B 16 -10.19 -12.66 -20.66
CA LEU B 16 -11.09 -13.60 -19.91
C LEU B 16 -12.44 -13.69 -20.62
N ASN B 17 -13.39 -14.36 -20.01
CA ASN B 17 -14.75 -14.52 -20.62
C ASN B 17 -15.53 -13.21 -20.47
N GLU B 18 -16.49 -13.00 -21.35
CA GLU B 18 -17.32 -11.75 -21.29
C GLU B 18 -18.77 -12.12 -20.95
N LYS B 19 -18.96 -13.18 -20.19
CA LYS B 19 -20.32 -13.62 -19.79
C LYS B 19 -20.29 -14.12 -18.34
N ILE B 20 -19.37 -13.61 -17.55
CA ILE B 20 -19.26 -14.02 -16.12
C ILE B 20 -19.87 -12.94 -15.22
N LYS B 21 -20.16 -13.30 -13.99
CA LYS B 21 -20.79 -12.32 -13.04
C LYS B 21 -19.71 -11.64 -12.19
N LYS B 22 -18.49 -11.58 -12.68
CA LYS B 22 -17.36 -10.90 -11.95
C LYS B 22 -16.92 -11.75 -10.74
N ASP B 23 -17.84 -12.04 -9.85
CA ASP B 23 -17.51 -12.86 -8.64
C ASP B 23 -17.15 -14.27 -9.09
N GLU B 24 -17.74 -14.71 -10.18
CA GLU B 24 -17.45 -16.06 -10.72
C GLU B 24 -15.99 -16.13 -11.18
N LEU B 25 -15.46 -15.00 -11.63
CA LEU B 25 -14.04 -14.96 -12.11
C LEU B 25 -13.11 -15.29 -10.96
N LYS B 26 -13.33 -14.68 -9.81
CA LYS B 26 -12.47 -14.93 -8.61
C LYS B 26 -12.54 -16.40 -8.22
N LYS B 27 -13.73 -16.96 -8.22
CA LYS B 27 -13.91 -18.41 -7.85
C LYS B 27 -13.11 -19.30 -8.80
N SER B 28 -12.88 -18.83 -10.02
CA SER B 28 -12.11 -19.65 -11.01
C SER B 28 -10.64 -19.22 -11.02
N LEU B 29 -10.38 -17.93 -11.07
CA LEU B 29 -8.99 -17.41 -11.09
C LEU B 29 -8.33 -17.60 -9.72
N HIS B 30 -9.07 -17.29 -8.67
CA HIS B 30 -8.52 -17.43 -7.28
C HIS B 30 -8.56 -18.90 -6.81
N ALA B 31 -8.99 -19.81 -7.66
CA ALA B 31 -9.07 -21.26 -7.25
C ALA B 31 -8.07 -22.08 -8.07
N ILE B 32 -7.70 -21.62 -9.24
CA ILE B 32 -6.74 -22.38 -10.12
C ILE B 32 -5.31 -21.86 -9.89
N PHE B 33 -5.16 -20.58 -9.61
CA PHE B 33 -3.80 -19.99 -9.40
C PHE B 33 -3.31 -20.23 -7.96
N SER B 34 -4.05 -20.97 -7.16
CA SER B 34 -3.63 -21.24 -5.75
C SER B 34 -3.31 -22.73 -5.57
N ARG B 35 -3.82 -23.58 -6.45
CA ARG B 35 -3.58 -25.06 -6.34
C ARG B 35 -2.07 -25.35 -6.30
N PHE B 36 -1.26 -24.46 -6.83
CA PHE B 36 0.23 -24.71 -6.83
C PHE B 36 0.79 -24.25 -5.49
N GLY B 37 0.53 -23.01 -5.14
CA GLY B 37 1.04 -22.45 -3.84
C GLY B 37 -0.10 -21.80 -3.07
N GLN B 38 -0.33 -20.52 -3.30
CA GLN B 38 -1.41 -19.78 -2.60
C GLN B 38 -1.46 -18.34 -3.12
N ILE B 39 -2.51 -18.00 -3.84
CA ILE B 39 -2.65 -16.62 -4.40
C ILE B 39 -2.76 -15.62 -3.26
N LEU B 40 -1.94 -14.58 -3.29
CA LEU B 40 -1.96 -13.53 -2.23
C LEU B 40 -3.22 -12.68 -2.36
N ASP B 41 -3.35 -11.97 -3.44
CA ASP B 41 -4.54 -11.09 -3.66
C ASP B 41 -4.72 -10.82 -5.16
N ILE B 42 -5.95 -10.75 -5.62
CA ILE B 42 -6.22 -10.48 -7.06
C ILE B 42 -6.71 -9.03 -7.22
N LEU B 43 -6.47 -8.44 -8.37
CA LEU B 43 -6.90 -7.02 -8.61
C LEU B 43 -7.70 -6.93 -9.92
N VAL B 44 -8.86 -6.31 -9.85
CA VAL B 44 -9.73 -6.16 -11.07
C VAL B 44 -10.48 -4.83 -11.02
N SER B 45 -11.21 -4.52 -12.06
CA SER B 45 -11.99 -3.23 -12.11
C SER B 45 -12.89 -3.22 -13.34
N ARG B 46 -13.38 -2.06 -13.72
CA ARG B 46 -14.28 -1.94 -14.91
C ARG B 46 -13.92 -0.68 -15.71
N SER B 47 -12.66 -0.28 -15.67
CA SER B 47 -12.21 0.93 -16.41
C SER B 47 -11.69 0.54 -17.80
N LEU B 48 -12.49 -0.23 -18.53
CA LEU B 48 -12.12 -0.68 -19.91
C LEU B 48 -10.90 -1.61 -19.86
N LYS B 49 -9.74 -1.07 -19.54
CA LYS B 49 -8.48 -1.89 -19.46
C LYS B 49 -8.68 -3.05 -18.46
N MET B 50 -9.60 -2.89 -17.52
CA MET B 50 -9.86 -3.96 -16.51
C MET B 50 -11.05 -4.83 -16.96
N ARG B 51 -11.28 -4.91 -18.25
CA ARG B 51 -12.41 -5.73 -18.79
C ARG B 51 -11.89 -7.10 -19.21
N GLY B 52 -12.17 -8.12 -18.43
CA GLY B 52 -11.70 -9.50 -18.77
C GLY B 52 -10.24 -9.68 -18.36
N GLN B 53 -9.95 -9.49 -17.09
CA GLN B 53 -8.54 -9.64 -16.59
C GLN B 53 -8.55 -9.87 -15.08
N ALA B 54 -7.39 -10.03 -14.49
CA ALA B 54 -7.29 -10.27 -13.01
C ALA B 54 -5.82 -10.32 -12.60
N PHE B 55 -5.31 -9.26 -12.03
CA PHE B 55 -3.89 -9.22 -11.57
C PHE B 55 -3.74 -10.06 -10.31
N VAL B 56 -3.14 -11.22 -10.42
CA VAL B 56 -2.96 -12.09 -9.22
C VAL B 56 -1.61 -11.76 -8.60
N ILE B 57 -1.51 -11.86 -7.29
CA ILE B 57 -0.22 -11.57 -6.59
C ILE B 57 0.25 -12.82 -5.84
N PHE B 58 1.43 -13.31 -6.14
CA PHE B 58 1.95 -14.54 -5.45
C PHE B 58 2.90 -14.14 -4.31
N LYS B 59 4.20 -14.02 -4.59
CA LYS B 59 5.17 -13.65 -3.54
C LYS B 59 6.45 -13.09 -4.19
N GLU B 60 6.91 -13.72 -5.24
CA GLU B 60 8.15 -13.24 -5.94
C GLU B 60 8.09 -13.64 -7.43
N VAL B 61 9.19 -13.51 -8.13
CA VAL B 61 9.22 -13.87 -9.58
C VAL B 61 9.55 -15.37 -9.72
N SER B 62 8.78 -16.21 -9.06
CA SER B 62 9.02 -17.69 -9.14
C SER B 62 7.69 -18.45 -8.99
N SER B 63 6.85 -18.02 -8.07
CA SER B 63 5.53 -18.69 -7.86
C SER B 63 4.60 -18.30 -9.00
N ALA B 64 4.73 -17.08 -9.45
CA ALA B 64 3.88 -16.58 -10.56
C ALA B 64 4.44 -17.13 -11.88
N THR B 65 5.74 -17.27 -11.95
CA THR B 65 6.39 -17.81 -13.18
C THR B 65 5.85 -19.22 -13.43
N ASN B 66 5.70 -19.98 -12.37
CA ASN B 66 5.15 -21.37 -12.48
C ASN B 66 3.63 -21.31 -12.66
N ALA B 67 3.01 -20.26 -12.19
CA ALA B 67 1.52 -20.13 -12.33
C ALA B 67 1.19 -19.65 -13.75
N LEU B 68 2.08 -18.89 -14.34
CA LEU B 68 1.86 -18.37 -15.73
C LEU B 68 2.13 -19.48 -16.74
N ARG B 69 3.09 -20.34 -16.46
CA ARG B 69 3.43 -21.46 -17.39
C ARG B 69 2.66 -22.73 -16.99
N SER B 70 1.53 -22.59 -16.32
CA SER B 70 0.72 -23.76 -15.90
C SER B 70 -0.55 -23.84 -16.76
N MET B 71 -1.12 -22.70 -17.08
CA MET B 71 -2.37 -22.66 -17.91
C MET B 71 -2.39 -21.39 -18.78
N GLN B 72 -1.36 -21.22 -19.59
CA GLN B 72 -1.28 -20.01 -20.47
C GLN B 72 -2.26 -20.16 -21.64
N GLY B 73 -3.15 -19.21 -21.80
CA GLY B 73 -4.16 -19.26 -22.91
C GLY B 73 -5.02 -20.51 -22.73
N PHE B 74 -5.48 -20.75 -21.52
CA PHE B 74 -6.33 -21.95 -21.24
C PHE B 74 -7.81 -21.51 -21.17
N PRO B 75 -8.72 -22.42 -21.49
CA PRO B 75 -10.17 -22.13 -21.47
C PRO B 75 -10.68 -22.14 -20.03
N PHE B 76 -11.33 -21.06 -19.63
CA PHE B 76 -11.86 -20.96 -18.23
C PHE B 76 -13.33 -21.37 -18.20
N TYR B 77 -14.22 -20.48 -18.60
CA TYR B 77 -15.68 -20.79 -18.59
C TYR B 77 -16.19 -20.92 -20.02
N ASP B 78 -15.55 -20.26 -20.97
CA ASP B 78 -16.01 -20.33 -22.39
C ASP B 78 -15.06 -19.50 -23.29
N LYS B 79 -13.78 -19.50 -22.96
CA LYS B 79 -12.78 -18.74 -23.76
C LYS B 79 -11.37 -19.01 -23.20
N PRO B 80 -10.38 -19.10 -24.08
CA PRO B 80 -8.99 -19.36 -23.66
C PRO B 80 -8.36 -18.09 -23.07
N MET B 81 -8.39 -17.94 -21.77
CA MET B 81 -7.82 -16.73 -21.11
C MET B 81 -6.29 -16.80 -21.15
N ARG B 82 -5.66 -15.68 -21.47
CA ARG B 82 -4.17 -15.63 -21.54
C ARG B 82 -3.60 -15.17 -20.21
N ILE B 83 -2.33 -15.41 -20.00
CA ILE B 83 -1.67 -14.99 -18.72
C ILE B 83 -0.49 -14.08 -19.04
N GLN B 84 -0.31 -13.03 -18.25
CA GLN B 84 0.81 -12.07 -18.48
C GLN B 84 1.41 -11.66 -17.13
N TYR B 85 2.69 -11.33 -17.12
CA TYR B 85 3.37 -10.91 -15.85
C TYR B 85 3.01 -9.47 -15.50
N ALA B 86 2.93 -9.18 -14.21
CA ALA B 86 2.61 -7.78 -13.76
C ALA B 86 3.92 -7.05 -13.51
N LYS B 87 4.39 -6.34 -14.50
CA LYS B 87 5.69 -5.57 -14.44
C LYS B 87 5.94 -4.95 -13.06
N THR B 88 4.91 -4.46 -12.41
CA THR B 88 5.09 -3.79 -11.09
C THR B 88 4.44 -4.59 -9.97
N ASP B 89 3.31 -5.21 -10.26
CA ASP B 89 2.59 -6.01 -9.21
C ASP B 89 2.26 -5.10 -8.00
N SER B 90 1.44 -5.57 -7.07
CA SER B 90 1.07 -4.75 -5.86
C SER B 90 2.32 -4.06 -5.29
N ASP B 91 2.25 -2.76 -5.12
CA ASP B 91 3.42 -1.97 -4.62
C ASP B 91 3.60 -2.11 -3.10
N ILE B 92 2.82 -2.96 -2.43
CA ILE B 92 3.00 -3.10 -0.95
C ILE B 92 4.30 -3.89 -0.67
N ILE B 93 4.92 -4.46 -1.70
CA ILE B 93 6.21 -5.20 -1.50
C ILE B 93 7.33 -4.17 -1.24
N ALA B 94 7.04 -2.89 -1.42
CA ALA B 94 8.05 -1.82 -1.21
C ALA B 94 7.76 -1.10 0.10
N LYS B 95 6.48 -0.89 0.39
CA LYS B 95 6.09 -0.22 1.66
C LYS B 95 5.94 -1.23 2.78
N MET B 96 6.34 -2.47 2.55
CA MET B 96 6.24 -3.50 3.61
C MET B 96 7.59 -3.60 4.35
N LYS B 97 8.40 -2.55 4.29
CA LYS B 97 9.71 -2.57 5.02
C LYS B 97 9.44 -2.87 6.50
N GLY B 98 8.27 -2.50 6.97
CA GLY B 98 7.88 -2.77 8.39
C GLY B 98 7.37 -4.22 8.53
N THR B 99 7.38 -4.99 7.45
CA THR B 99 6.91 -6.42 7.50
C THR B 99 7.67 -7.19 8.56
N PHE B 100 8.86 -6.71 8.88
CA PHE B 100 9.70 -7.38 9.90
C PHE B 100 10.14 -8.76 9.33
N VAL B 101 10.57 -8.76 8.07
CA VAL B 101 11.03 -10.02 7.41
C VAL B 101 12.18 -10.64 8.23
N ALA A 1 -19.90 0.09 22.68
CA ALA A 1 -19.93 -0.71 23.95
C ALA A 1 -18.98 -0.08 24.97
N VAL A 2 -17.71 -0.01 24.64
CA VAL A 2 -16.70 0.59 25.57
C VAL A 2 -15.50 1.11 24.76
N PRO A 3 -14.75 2.05 25.34
CA PRO A 3 -13.57 2.63 24.67
C PRO A 3 -12.38 1.68 24.77
N GLU A 4 -11.40 1.84 23.90
CA GLU A 4 -10.20 0.96 23.91
C GLU A 4 -9.17 1.50 22.93
N THR A 5 -8.13 2.14 23.43
CA THR A 5 -7.06 2.71 22.56
C THR A 5 -5.74 1.95 22.81
N ARG A 6 -5.04 2.30 23.87
CA ARG A 6 -3.75 1.62 24.20
C ARG A 6 -2.76 1.77 23.03
N PRO A 7 -1.49 1.44 23.26
CA PRO A 7 -0.45 1.54 22.22
C PRO A 7 -0.56 0.35 21.26
N ASN A 8 -0.61 0.62 19.97
CA ASN A 8 -0.73 -0.49 18.96
C ASN A 8 -0.03 -0.11 17.66
N HIS A 9 1.05 -0.79 17.36
CA HIS A 9 1.82 -0.56 16.10
C HIS A 9 2.38 0.86 16.03
N THR A 10 1.55 1.86 15.78
CA THR A 10 2.05 3.26 15.65
C THR A 10 1.10 4.28 16.29
N ILE A 11 1.14 5.54 15.85
CA ILE A 11 0.24 6.59 16.44
C ILE A 11 -0.26 7.55 15.36
N TYR A 12 -1.03 8.54 15.76
CA TYR A 12 -1.55 9.56 14.81
C TYR A 12 -1.53 10.94 15.49
N ILE A 13 -0.76 11.85 14.95
CA ILE A 13 -0.65 13.23 15.54
C ILE A 13 -2.01 13.92 15.47
N ASN A 14 -2.25 14.83 16.40
CA ASN A 14 -3.53 15.58 16.44
C ASN A 14 -3.25 17.05 16.77
N ASN A 15 -4.17 17.93 16.44
CA ASN A 15 -3.98 19.38 16.71
C ASN A 15 -2.72 19.88 15.96
N LEU A 16 -2.76 19.81 14.65
CA LEU A 16 -1.59 20.26 13.81
C LEU A 16 -1.89 21.64 13.21
N ASN A 17 -1.00 22.11 12.36
CA ASN A 17 -1.19 23.45 11.72
C ASN A 17 -2.39 23.41 10.77
N GLU A 18 -2.99 24.55 10.53
CA GLU A 18 -4.19 24.61 9.63
C GLU A 18 -3.90 25.60 8.48
N LYS A 19 -2.65 25.72 8.09
CA LYS A 19 -2.27 26.65 6.99
C LYS A 19 -1.13 26.03 6.17
N ILE A 20 -1.06 24.71 6.13
CA ILE A 20 0.01 24.02 5.37
C ILE A 20 -0.63 23.11 4.31
N LYS A 21 0.10 22.82 3.25
CA LYS A 21 -0.43 21.96 2.16
C LYS A 21 -0.01 20.50 2.36
N LYS A 22 0.30 20.13 3.58
CA LYS A 22 0.72 18.71 3.93
C LYS A 22 2.17 18.39 3.51
N ASP A 23 2.71 19.07 2.52
CA ASP A 23 4.12 18.79 2.08
C ASP A 23 5.09 19.44 3.05
N GLU A 24 4.70 20.56 3.63
CA GLU A 24 5.58 21.26 4.62
C GLU A 24 5.45 20.61 5.98
N LEU A 25 4.30 20.04 6.27
CA LEU A 25 4.07 19.37 7.59
C LEU A 25 4.85 18.05 7.64
N LYS A 26 5.03 17.42 6.49
CA LYS A 26 5.78 16.13 6.42
C LYS A 26 7.25 16.36 6.78
N LYS A 27 7.81 17.48 6.35
CA LYS A 27 9.24 17.78 6.66
C LYS A 27 9.45 17.88 8.17
N SER A 28 8.49 18.47 8.87
CA SER A 28 8.61 18.62 10.36
C SER A 28 8.05 17.37 11.05
N LEU A 29 6.94 16.85 10.56
CA LEU A 29 6.33 15.64 11.18
C LEU A 29 7.21 14.41 10.90
N HIS A 30 7.63 14.24 9.67
CA HIS A 30 8.49 13.07 9.31
C HIS A 30 9.94 13.26 9.78
N ALA A 31 10.26 14.39 10.39
CA ALA A 31 11.65 14.65 10.87
C ALA A 31 11.70 14.63 12.41
N ILE A 32 10.55 14.80 13.05
CA ILE A 32 10.51 14.81 14.54
C ILE A 32 10.08 13.42 15.06
N PHE A 33 9.32 12.69 14.27
CA PHE A 33 8.83 11.35 14.71
C PHE A 33 9.80 10.23 14.29
N SER A 34 10.96 10.57 13.75
CA SER A 34 11.94 9.52 13.32
C SER A 34 13.24 9.63 14.12
N ARG A 35 13.54 10.82 14.63
CA ARG A 35 14.80 11.02 15.43
C ARG A 35 14.86 10.06 16.61
N PHE A 36 13.78 9.94 17.35
CA PHE A 36 13.76 9.01 18.54
C PHE A 36 13.20 7.64 18.15
N GLY A 37 13.21 7.32 16.87
CA GLY A 37 12.69 5.99 16.41
C GLY A 37 12.90 5.84 14.91
N GLN A 38 11.86 5.49 14.19
CA GLN A 38 11.97 5.31 12.71
C GLN A 38 10.57 5.35 12.09
N ILE A 39 10.21 6.47 11.49
CA ILE A 39 8.85 6.61 10.88
C ILE A 39 8.76 5.75 9.62
N LEU A 40 7.75 4.92 9.54
CA LEU A 40 7.55 4.05 8.34
C LEU A 40 6.84 4.86 7.25
N ASP A 41 5.93 5.73 7.66
CA ASP A 41 5.17 6.58 6.70
C ASP A 41 4.16 7.43 7.47
N ILE A 42 3.72 8.52 6.87
CA ILE A 42 2.73 9.41 7.53
C ILE A 42 1.46 9.48 6.68
N LEU A 43 0.30 9.52 7.30
CA LEU A 43 -0.98 9.57 6.52
C LEU A 43 -1.73 10.86 6.84
N VAL A 44 -2.20 11.55 5.81
CA VAL A 44 -2.96 12.82 5.99
C VAL A 44 -4.04 12.92 4.92
N SER A 45 -5.08 13.68 5.18
CA SER A 45 -6.19 13.84 4.18
C SER A 45 -6.73 15.27 4.24
N ARG A 46 -7.87 15.50 3.63
CA ARG A 46 -8.48 16.88 3.62
C ARG A 46 -9.93 16.80 4.12
N SER A 47 -10.26 15.78 4.88
CA SER A 47 -11.65 15.63 5.42
C SER A 47 -11.71 16.26 6.83
N LEU A 48 -12.92 16.43 7.35
CA LEU A 48 -13.08 17.04 8.70
C LEU A 48 -12.32 16.21 9.74
N LYS A 49 -12.59 14.92 9.80
CA LYS A 49 -11.89 14.03 10.78
C LYS A 49 -10.38 14.07 10.54
N MET A 50 -9.95 14.41 9.34
CA MET A 50 -8.49 14.47 9.02
C MET A 50 -8.00 15.92 9.14
N ARG A 51 -8.56 16.67 10.07
CA ARG A 51 -8.14 18.10 10.26
C ARG A 51 -7.11 18.19 11.39
N GLY A 52 -5.98 18.79 11.12
CA GLY A 52 -4.91 18.94 12.16
C GLY A 52 -4.51 17.57 12.71
N GLN A 53 -4.15 16.65 11.85
CA GLN A 53 -3.75 15.28 12.31
C GLN A 53 -2.76 14.68 11.29
N ALA A 54 -2.26 13.49 11.57
CA ALA A 54 -1.28 12.83 10.65
C ALA A 54 -0.89 11.47 11.23
N PHE A 55 -1.46 10.41 10.70
CA PHE A 55 -1.16 9.04 11.20
C PHE A 55 0.30 8.69 10.89
N VAL A 56 1.12 8.53 11.91
CA VAL A 56 2.55 8.18 11.69
C VAL A 56 2.69 6.68 11.89
N ILE A 57 3.62 6.03 11.20
CA ILE A 57 3.80 4.56 11.35
C ILE A 57 5.06 4.26 12.17
N PHE A 58 5.12 3.08 12.75
CA PHE A 58 6.30 2.67 13.56
C PHE A 58 6.31 1.14 13.64
N LYS A 59 7.17 0.53 12.85
CA LYS A 59 7.29 -0.98 12.79
C LYS A 59 7.20 -1.60 14.19
N GLU A 60 7.65 -0.88 15.21
CA GLU A 60 7.60 -1.42 16.60
C GLU A 60 6.87 -0.44 17.51
N VAL A 61 5.91 -0.92 18.29
CA VAL A 61 5.14 -0.04 19.23
C VAL A 61 6.10 0.77 20.11
N SER A 62 7.28 0.24 20.36
CA SER A 62 8.28 0.95 21.22
C SER A 62 8.65 2.30 20.58
N SER A 63 8.50 2.41 19.27
CA SER A 63 8.83 3.69 18.56
C SER A 63 7.63 4.63 18.67
N ALA A 64 6.44 4.07 18.68
CA ALA A 64 5.21 4.89 18.80
C ALA A 64 5.00 5.26 20.26
N THR A 65 5.30 4.33 21.14
CA THR A 65 5.17 4.58 22.60
C THR A 65 6.23 5.59 23.03
N ASN A 66 7.38 5.55 22.37
CA ASN A 66 8.48 6.50 22.70
C ASN A 66 8.18 7.87 22.09
N ALA A 67 7.44 7.91 21.00
CA ALA A 67 7.11 9.21 20.35
C ALA A 67 5.92 9.86 21.07
N LEU A 68 4.89 9.07 21.35
CA LEU A 68 3.69 9.62 22.04
C LEU A 68 4.02 9.98 23.48
N ARG A 69 4.98 9.31 24.08
CA ARG A 69 5.38 9.60 25.49
C ARG A 69 6.40 10.74 25.51
N SER A 70 7.17 10.87 24.45
CA SER A 70 8.20 11.96 24.38
C SER A 70 7.61 13.20 23.72
N MET A 71 6.60 13.02 22.88
CA MET A 71 5.97 14.18 22.17
C MET A 71 4.63 14.54 22.83
N GLN A 72 4.43 14.15 24.07
CA GLN A 72 3.15 14.47 24.78
C GLN A 72 3.00 15.99 24.86
N GLY A 73 2.15 16.56 24.02
CA GLY A 73 1.95 18.04 24.03
C GLY A 73 3.27 18.72 23.69
N PHE A 74 3.77 18.49 22.50
CA PHE A 74 5.07 19.08 22.07
C PHE A 74 4.81 20.28 21.12
N PRO A 75 5.73 21.23 21.10
CA PRO A 75 5.60 22.43 20.23
C PRO A 75 5.96 22.06 18.79
N PHE A 76 5.06 22.30 17.87
CA PHE A 76 5.29 21.97 16.44
C PHE A 76 4.59 23.05 15.58
N TYR A 77 5.36 23.77 14.80
CA TYR A 77 4.78 24.86 13.95
C TYR A 77 4.12 25.93 14.84
N ASP A 78 4.62 26.08 16.05
CA ASP A 78 4.07 27.09 17.02
C ASP A 78 2.64 26.69 17.43
N LYS A 79 2.53 25.70 18.30
CA LYS A 79 1.20 25.23 18.79
C LYS A 79 1.41 23.92 19.60
N PRO A 80 0.68 23.75 20.70
CA PRO A 80 0.79 22.54 21.54
C PRO A 80 0.02 21.39 20.88
N MET A 81 0.73 20.52 20.19
CA MET A 81 0.05 19.37 19.49
C MET A 81 0.11 18.11 20.36
N ARG A 82 -1.00 17.39 20.39
CA ARG A 82 -1.07 16.12 21.18
C ARG A 82 -1.18 14.96 20.20
N ILE A 83 -0.71 13.80 20.58
CA ILE A 83 -0.76 12.61 19.67
C ILE A 83 -1.51 11.46 20.32
N GLN A 84 -2.07 10.58 19.52
CA GLN A 84 -2.82 9.41 20.04
C GLN A 84 -2.42 8.16 19.23
N TYR A 85 -2.24 7.05 19.90
CA TYR A 85 -1.83 5.78 19.20
C TYR A 85 -2.81 5.46 18.07
N ALA A 86 -2.40 4.62 17.13
CA ALA A 86 -3.30 4.24 16.00
C ALA A 86 -3.75 2.78 16.18
N LYS A 87 -4.86 2.60 16.85
CA LYS A 87 -5.41 1.21 17.12
C LYS A 87 -5.32 0.29 15.90
N THR A 88 -5.36 0.85 14.71
CA THR A 88 -5.30 0.02 13.46
C THR A 88 -4.00 0.25 12.72
N ASP A 89 -3.44 1.43 12.87
CA ASP A 89 -2.14 1.80 12.17
C ASP A 89 -2.19 1.40 10.69
N SER A 90 -1.07 1.47 10.00
CA SER A 90 -1.02 1.10 8.54
C SER A 90 -1.73 -0.25 8.31
N ASP A 91 -2.52 -0.35 7.27
CA ASP A 91 -3.27 -1.60 6.99
C ASP A 91 -2.47 -2.53 6.08
N ILE A 92 -1.40 -2.05 5.46
CA ILE A 92 -0.59 -2.95 4.58
C ILE A 92 0.13 -3.98 5.47
N ILE A 93 0.16 -3.75 6.77
CA ILE A 93 0.80 -4.74 7.72
C ILE A 93 0.04 -6.07 7.62
N ALA A 94 -1.18 -6.03 7.10
CA ALA A 94 -2.00 -7.27 6.96
C ALA A 94 -1.91 -7.79 5.53
N LYS A 95 -1.94 -6.90 4.56
CA LYS A 95 -1.86 -7.31 3.13
C LYS A 95 -0.41 -7.66 2.77
N MET A 96 0.52 -7.55 3.71
CA MET A 96 1.93 -7.90 3.40
C MET A 96 2.18 -9.37 3.81
N LYS A 97 1.12 -10.18 3.93
CA LYS A 97 1.31 -11.62 4.29
C LYS A 97 2.26 -12.27 3.29
N GLY A 98 2.22 -11.79 2.06
CA GLY A 98 3.13 -12.32 1.00
C GLY A 98 4.49 -11.61 1.07
N THR A 99 4.70 -10.78 2.09
CA THR A 99 6.00 -10.05 2.24
C THR A 99 7.15 -11.03 2.38
N PHE A 100 6.84 -12.23 2.79
CA PHE A 100 7.89 -13.25 3.00
C PHE A 100 8.74 -12.77 4.19
N VAL A 101 8.19 -12.90 5.38
CA VAL A 101 8.90 -12.44 6.62
C VAL A 101 9.91 -13.51 7.05
N ALA B 1 11.29 4.60 -26.18
CA ALA B 1 12.63 4.22 -26.71
C ALA B 1 12.60 2.78 -27.22
N VAL B 2 12.30 1.84 -26.34
CA VAL B 2 12.24 0.40 -26.75
C VAL B 2 11.32 -0.36 -25.79
N PRO B 3 10.80 -1.51 -26.24
CA PRO B 3 9.90 -2.34 -25.42
C PRO B 3 10.70 -3.14 -24.39
N GLU B 4 10.05 -3.62 -23.35
CA GLU B 4 10.75 -4.41 -22.29
C GLU B 4 9.72 -4.97 -21.31
N THR B 5 9.41 -6.23 -21.42
CA THR B 5 8.42 -6.87 -20.49
C THR B 5 9.13 -7.91 -19.62
N ARG B 6 9.37 -9.09 -20.16
CA ARG B 6 10.06 -10.18 -19.38
C ARG B 6 9.27 -10.50 -18.11
N PRO B 7 9.62 -11.59 -17.44
CA PRO B 7 8.94 -12.01 -16.20
C PRO B 7 9.43 -11.16 -15.02
N ASN B 8 8.52 -10.59 -14.26
CA ASN B 8 8.92 -9.73 -13.10
C ASN B 8 7.88 -9.80 -11.98
N HIS B 9 8.25 -10.40 -10.87
CA HIS B 9 7.35 -10.51 -9.68
C HIS B 9 6.08 -11.32 -10.01
N THR B 10 5.15 -10.74 -10.74
CA THR B 10 3.87 -11.46 -11.05
C THR B 10 3.39 -11.20 -12.49
N ILE B 11 2.08 -11.35 -12.74
CA ILE B 11 1.55 -11.13 -14.13
C ILE B 11 0.18 -10.45 -14.09
N TYR B 12 -0.40 -10.23 -15.25
CA TYR B 12 -1.75 -9.59 -15.33
C TYR B 12 -2.56 -10.27 -16.45
N ILE B 13 -3.65 -10.91 -16.09
CA ILE B 13 -4.50 -11.61 -17.09
C ILE B 13 -5.06 -10.61 -18.10
N ASN B 14 -5.33 -11.07 -19.30
CA ASN B 14 -5.88 -10.18 -20.37
C ASN B 14 -6.96 -10.95 -21.14
N ASN B 15 -7.85 -10.24 -21.81
CA ASN B 15 -8.94 -10.90 -22.59
C ASN B 15 -9.81 -11.73 -21.62
N LEU B 16 -10.46 -11.06 -20.68
CA LEU B 16 -11.32 -11.77 -19.69
C LEU B 16 -12.80 -11.59 -20.07
N ASN B 17 -13.69 -12.05 -19.22
CA ASN B 17 -15.16 -11.92 -19.50
C ASN B 17 -15.56 -10.45 -19.45
N GLU B 18 -16.63 -10.11 -20.15
CA GLU B 18 -17.11 -8.69 -20.17
C GLU B 18 -18.57 -8.64 -19.68
N LYS B 19 -18.94 -9.54 -18.80
CA LYS B 19 -20.32 -9.57 -18.26
C LYS B 19 -20.30 -10.01 -16.78
N ILE B 20 -19.20 -9.71 -16.09
CA ILE B 20 -19.06 -10.08 -14.66
C ILE B 20 -18.83 -8.82 -13.83
N LYS B 21 -19.19 -8.87 -12.56
CA LYS B 21 -19.01 -7.68 -11.67
C LYS B 21 -17.68 -7.76 -10.90
N LYS B 22 -16.73 -8.52 -11.41
CA LYS B 22 -15.36 -8.67 -10.77
C LYS B 22 -15.38 -9.63 -9.56
N ASP B 23 -16.51 -9.79 -8.89
CA ASP B 23 -16.58 -10.70 -7.70
C ASP B 23 -16.64 -12.14 -8.18
N GLU B 24 -17.27 -12.36 -9.32
CA GLU B 24 -17.39 -13.75 -9.86
C GLU B 24 -16.09 -14.12 -10.59
N LEU B 25 -15.41 -13.14 -11.15
CA LEU B 25 -14.13 -13.40 -11.88
C LEU B 25 -13.03 -13.75 -10.87
N LYS B 26 -13.11 -13.20 -9.67
CA LYS B 26 -12.09 -13.48 -8.62
C LYS B 26 -12.16 -14.96 -8.21
N LYS B 27 -13.36 -15.50 -8.13
CA LYS B 27 -13.52 -16.94 -7.72
C LYS B 27 -12.81 -17.85 -8.73
N SER B 28 -12.90 -17.52 -10.00
CA SER B 28 -12.23 -18.35 -11.06
C SER B 28 -10.79 -17.90 -11.25
N LEU B 29 -10.56 -16.60 -11.26
CA LEU B 29 -9.18 -16.07 -11.44
C LEU B 29 -8.32 -16.37 -10.21
N HIS B 30 -8.85 -16.12 -9.04
CA HIS B 30 -8.09 -16.38 -7.77
C HIS B 30 -8.06 -17.87 -7.43
N ALA B 31 -8.72 -18.70 -8.22
CA ALA B 31 -8.74 -20.17 -7.94
C ALA B 31 -7.91 -20.93 -8.98
N ILE B 32 -7.66 -20.32 -10.13
CA ILE B 32 -6.88 -20.98 -11.21
C ILE B 32 -5.42 -20.51 -11.15
N PHE B 33 -5.17 -19.32 -10.65
CA PHE B 33 -3.78 -18.78 -10.58
C PHE B 33 -3.10 -19.11 -9.24
N SER B 34 -3.73 -19.92 -8.42
CA SER B 34 -3.12 -20.29 -7.09
C SER B 34 -2.84 -21.79 -7.03
N ARG B 35 -3.59 -22.58 -7.78
CA ARG B 35 -3.41 -24.07 -7.77
C ARG B 35 -1.96 -24.44 -8.11
N PHE B 36 -1.41 -23.85 -9.16
CA PHE B 36 0.00 -24.16 -9.57
C PHE B 36 0.99 -23.16 -8.94
N GLY B 37 0.58 -22.48 -7.89
CA GLY B 37 1.48 -21.50 -7.22
C GLY B 37 0.80 -20.94 -5.96
N GLN B 38 0.76 -19.63 -5.84
CA GLN B 38 0.12 -18.98 -4.67
C GLN B 38 -0.17 -17.51 -5.00
N ILE B 39 -1.42 -17.21 -5.29
CA ILE B 39 -1.81 -15.80 -5.65
C ILE B 39 -1.75 -14.91 -4.41
N LEU B 40 -1.05 -13.81 -4.50
CA LEU B 40 -0.93 -12.87 -3.35
C LEU B 40 -2.16 -11.95 -3.35
N ASP B 41 -2.64 -11.59 -4.52
CA ASP B 41 -3.84 -10.71 -4.64
C ASP B 41 -4.10 -10.43 -6.13
N ILE B 42 -5.32 -10.05 -6.45
CA ILE B 42 -5.69 -9.75 -7.87
C ILE B 42 -6.13 -8.29 -7.98
N LEU B 43 -5.78 -7.61 -9.04
CA LEU B 43 -6.18 -6.18 -9.20
C LEU B 43 -7.07 -6.01 -10.43
N VAL B 44 -8.18 -5.30 -10.28
CA VAL B 44 -9.13 -5.07 -11.41
C VAL B 44 -9.73 -3.66 -11.27
N SER B 45 -10.19 -3.10 -12.37
CA SER B 45 -10.80 -1.73 -12.33
C SER B 45 -11.96 -1.66 -13.33
N ARG B 46 -12.43 -0.46 -13.61
CA ARG B 46 -13.56 -0.29 -14.58
C ARG B 46 -13.17 0.72 -15.68
N SER B 47 -11.88 0.90 -15.89
CA SER B 47 -11.40 1.85 -16.95
C SER B 47 -11.20 1.10 -18.27
N LEU B 48 -11.01 1.82 -19.35
CA LEU B 48 -10.80 1.17 -20.69
C LEU B 48 -9.58 0.24 -20.63
N LYS B 49 -8.45 0.77 -20.19
CA LYS B 49 -7.20 -0.06 -20.10
C LYS B 49 -7.43 -1.25 -19.15
N MET B 50 -8.37 -1.12 -18.23
CA MET B 50 -8.66 -2.22 -17.26
C MET B 50 -9.85 -3.06 -17.76
N ARG B 51 -9.97 -3.22 -19.06
CA ARG B 51 -11.09 -4.01 -19.65
C ARG B 51 -10.62 -5.44 -19.94
N GLY B 52 -11.31 -6.42 -19.43
CA GLY B 52 -10.95 -7.86 -19.66
C GLY B 52 -9.51 -8.12 -19.20
N GLN B 53 -9.19 -7.77 -17.97
CA GLN B 53 -7.82 -7.99 -17.42
C GLN B 53 -7.89 -8.20 -15.90
N ALA B 54 -6.76 -8.46 -15.28
CA ALA B 54 -6.74 -8.68 -13.80
C ALA B 54 -5.29 -8.94 -13.36
N PHE B 55 -4.65 -7.94 -12.79
CA PHE B 55 -3.24 -8.10 -12.34
C PHE B 55 -3.18 -9.10 -11.19
N VAL B 56 -2.53 -10.23 -11.40
CA VAL B 56 -2.42 -11.25 -10.30
C VAL B 56 -1.05 -11.08 -9.67
N ILE B 57 -0.92 -11.38 -8.39
CA ILE B 57 0.41 -11.23 -7.70
C ILE B 57 1.03 -12.61 -7.47
N PHE B 58 2.33 -12.64 -7.28
CA PHE B 58 3.07 -13.91 -7.05
C PHE B 58 4.40 -13.58 -6.36
N LYS B 59 4.45 -13.78 -5.06
CA LYS B 59 5.69 -13.48 -4.26
C LYS B 59 6.97 -13.91 -5.00
N GLU B 60 6.89 -14.94 -5.82
CA GLU B 60 8.08 -15.43 -6.57
C GLU B 60 7.77 -15.49 -8.06
N VAL B 61 8.63 -14.92 -8.89
CA VAL B 61 8.42 -14.93 -10.37
C VAL B 61 8.15 -16.35 -10.87
N SER B 62 8.69 -17.34 -10.17
CA SER B 62 8.49 -18.76 -10.57
C SER B 62 7.00 -19.11 -10.56
N SER B 63 6.22 -18.40 -9.77
CA SER B 63 4.75 -18.67 -9.70
C SER B 63 4.06 -17.95 -10.85
N ALA B 64 4.59 -16.80 -11.23
CA ALA B 64 4.02 -16.01 -12.35
C ALA B 64 4.48 -16.63 -13.66
N THR B 65 5.72 -17.06 -13.69
CA THR B 65 6.30 -17.69 -14.91
C THR B 65 5.62 -19.05 -15.11
N ASN B 66 5.26 -19.70 -14.03
CA ASN B 66 4.58 -21.03 -14.11
C ASN B 66 3.11 -20.84 -14.49
N ALA B 67 2.53 -19.70 -14.13
CA ALA B 67 1.10 -19.44 -14.46
C ALA B 67 0.99 -18.93 -15.90
N LEU B 68 1.84 -18.01 -16.29
CA LEU B 68 1.82 -17.43 -17.67
C LEU B 68 2.25 -18.49 -18.69
N ARG B 69 3.10 -19.42 -18.27
CA ARG B 69 3.59 -20.50 -19.18
C ARG B 69 2.59 -21.65 -19.20
N SER B 70 1.87 -21.85 -18.11
CA SER B 70 0.87 -22.95 -18.02
C SER B 70 -0.50 -22.44 -18.45
N MET B 71 -0.76 -21.16 -18.30
CA MET B 71 -2.09 -20.59 -18.69
C MET B 71 -1.99 -19.84 -20.04
N GLN B 72 -0.99 -20.17 -20.84
CA GLN B 72 -0.81 -19.49 -22.17
C GLN B 72 -2.05 -19.79 -23.03
N GLY B 73 -2.94 -18.83 -23.15
CA GLY B 73 -4.18 -19.02 -23.97
C GLY B 73 -5.00 -20.15 -23.33
N PHE B 74 -5.45 -19.96 -22.12
CA PHE B 74 -6.24 -21.00 -21.40
C PHE B 74 -7.74 -20.63 -21.44
N PRO B 75 -8.62 -21.64 -21.38
CA PRO B 75 -10.07 -21.42 -21.40
C PRO B 75 -10.54 -20.95 -20.03
N PHE B 76 -11.20 -19.81 -19.97
CA PHE B 76 -11.70 -19.25 -18.69
C PHE B 76 -13.02 -18.53 -18.96
N TYR B 77 -14.09 -19.00 -18.35
CA TYR B 77 -15.44 -18.38 -18.57
C TYR B 77 -15.83 -18.50 -20.04
N ASP B 78 -15.34 -19.54 -20.70
CA ASP B 78 -15.66 -19.77 -22.15
C ASP B 78 -15.04 -18.66 -23.01
N LYS B 79 -13.74 -18.75 -23.22
CA LYS B 79 -13.00 -17.72 -24.05
C LYS B 79 -11.49 -17.95 -23.89
N PRO B 80 -10.72 -17.81 -24.97
CA PRO B 80 -9.26 -17.99 -24.93
C PRO B 80 -8.60 -16.74 -24.34
N MET B 81 -8.26 -16.80 -23.07
CA MET B 81 -7.64 -15.62 -22.40
C MET B 81 -6.11 -15.75 -22.39
N ARG B 82 -5.43 -14.66 -22.65
CA ARG B 82 -3.94 -14.64 -22.66
C ARG B 82 -3.47 -13.79 -21.47
N ILE B 83 -2.30 -14.10 -20.95
CA ILE B 83 -1.79 -13.32 -19.77
C ILE B 83 -0.43 -12.71 -20.10
N GLN B 84 -0.09 -11.63 -19.40
CA GLN B 84 1.22 -10.95 -19.62
C GLN B 84 1.82 -10.60 -18.26
N TYR B 85 3.11 -10.78 -18.10
CA TYR B 85 3.80 -10.48 -16.79
C TYR B 85 3.51 -9.04 -16.37
N ALA B 86 3.71 -8.73 -15.10
CA ALA B 86 3.46 -7.34 -14.60
C ALA B 86 4.81 -6.69 -14.28
N LYS B 87 5.38 -6.01 -15.25
CA LYS B 87 6.72 -5.33 -15.10
C LYS B 87 6.84 -4.60 -13.75
N THR B 88 5.75 -4.14 -13.20
CA THR B 88 5.79 -3.40 -11.90
C THR B 88 5.13 -4.21 -10.78
N ASP B 89 4.19 -5.04 -11.15
CA ASP B 89 3.44 -5.90 -10.14
C ASP B 89 2.99 -5.05 -8.94
N SER B 90 2.51 -5.70 -7.88
CA SER B 90 2.05 -4.96 -6.66
C SER B 90 3.11 -3.93 -6.24
N ASP B 91 2.66 -2.74 -5.89
CA ASP B 91 3.62 -1.65 -5.50
C ASP B 91 3.88 -1.68 -3.99
N ILE B 92 3.10 -2.41 -3.21
CA ILE B 92 3.37 -2.45 -1.74
C ILE B 92 4.68 -3.21 -1.49
N ILE B 93 5.17 -3.92 -2.51
CA ILE B 93 6.47 -4.65 -2.37
C ILE B 93 7.59 -3.63 -2.07
N ALA B 94 7.33 -2.36 -2.37
CA ALA B 94 8.34 -1.29 -2.13
C ALA B 94 8.02 -0.57 -0.82
N LYS B 95 6.76 -0.31 -0.59
CA LYS B 95 6.33 0.38 0.66
C LYS B 95 6.37 -0.57 1.85
N MET B 96 6.74 -1.82 1.63
CA MET B 96 6.82 -2.79 2.76
C MET B 96 8.26 -2.83 3.29
N LYS B 97 9.05 -1.79 3.04
CA LYS B 97 10.45 -1.75 3.55
C LYS B 97 10.43 -1.92 5.07
N GLY B 98 9.38 -1.43 5.70
CA GLY B 98 9.22 -1.56 7.18
C GLY B 98 8.60 -2.93 7.51
N THR B 99 8.42 -3.80 6.52
CA THR B 99 7.82 -5.14 6.76
C THR B 99 8.67 -5.93 7.73
N PHE B 100 9.93 -5.57 7.85
CA PHE B 100 10.85 -6.30 8.74
C PHE B 100 11.04 -7.70 8.12
N VAL B 101 11.80 -7.77 7.05
CA VAL B 101 12.04 -9.06 6.34
C VAL B 101 13.13 -9.85 7.08
N ALA A 1 -16.12 2.22 30.07
CA ALA A 1 -14.70 1.79 29.95
C ALA A 1 -13.80 2.83 30.63
N VAL A 2 -12.50 2.65 30.51
CA VAL A 2 -11.52 3.61 31.13
C VAL A 2 -10.78 4.38 30.02
N PRO A 3 -10.22 5.54 30.36
CA PRO A 3 -9.47 6.37 29.39
C PRO A 3 -8.07 5.79 29.17
N GLU A 4 -7.86 5.17 28.03
CA GLU A 4 -6.52 4.58 27.71
C GLU A 4 -6.39 4.39 26.20
N THR A 5 -5.19 4.10 25.74
CA THR A 5 -4.96 3.89 24.27
C THR A 5 -3.78 2.94 24.07
N ARG A 6 -2.67 3.21 24.72
CA ARG A 6 -1.45 2.35 24.59
C ARG A 6 -0.97 2.37 23.14
N PRO A 7 0.32 2.09 22.93
CA PRO A 7 0.92 2.08 21.57
C PRO A 7 0.52 0.80 20.85
N ASN A 8 0.17 0.91 19.57
CA ASN A 8 -0.25 -0.30 18.79
C ASN A 8 0.60 -0.46 17.53
N HIS A 9 1.28 0.57 17.09
CA HIS A 9 2.11 0.47 15.83
C HIS A 9 2.55 1.88 15.43
N THR A 10 1.68 2.85 15.64
CA THR A 10 1.98 4.25 15.21
C THR A 10 1.65 5.27 16.29
N ILE A 11 1.69 6.52 15.91
CA ILE A 11 1.33 7.63 16.82
C ILE A 11 0.29 8.51 16.11
N TYR A 12 -0.65 9.03 16.84
CA TYR A 12 -1.73 9.87 16.25
C TYR A 12 -1.67 11.29 16.80
N ILE A 13 -1.34 12.24 15.95
CA ILE A 13 -1.24 13.66 16.38
C ILE A 13 -2.49 14.41 15.88
N ASN A 14 -2.98 15.34 16.68
CA ASN A 14 -4.19 16.13 16.30
C ASN A 14 -4.05 17.56 16.82
N ASN A 15 -5.05 18.39 16.60
CA ASN A 15 -5.01 19.80 17.07
C ASN A 15 -3.81 20.52 16.44
N LEU A 16 -3.36 20.06 15.28
CA LEU A 16 -2.20 20.69 14.59
C LEU A 16 -2.57 22.11 14.16
N ASN A 17 -1.59 22.89 13.75
CA ASN A 17 -1.84 24.30 13.31
C ASN A 17 -2.81 24.31 12.14
N GLU A 18 -3.64 25.33 12.06
CA GLU A 18 -4.64 25.43 10.94
C GLU A 18 -4.16 26.49 9.93
N LYS A 19 -2.86 26.61 9.76
CA LYS A 19 -2.29 27.60 8.81
C LYS A 19 -1.12 26.96 8.04
N ILE A 20 -1.16 25.64 7.90
CA ILE A 20 -0.08 24.91 7.18
C ILE A 20 -0.57 24.53 5.78
N LYS A 21 0.35 24.26 4.88
CA LYS A 21 -0.02 23.88 3.49
C LYS A 21 -0.06 22.36 3.33
N LYS A 22 -0.26 21.64 4.42
CA LYS A 22 -0.33 20.14 4.39
C LYS A 22 1.06 19.53 4.14
N ASP A 23 1.69 19.91 3.05
CA ASP A 23 3.06 19.39 2.73
C ASP A 23 4.03 19.89 3.79
N GLU A 24 3.75 21.04 4.37
CA GLU A 24 4.64 21.61 5.41
C GLU A 24 4.59 20.72 6.66
N LEU A 25 3.47 20.06 6.89
CA LEU A 25 3.33 19.17 8.08
C LEU A 25 4.27 17.97 7.93
N LYS A 26 4.42 17.49 6.72
CA LYS A 26 5.32 16.33 6.46
C LYS A 26 6.76 16.70 6.79
N LYS A 27 7.18 17.89 6.39
CA LYS A 27 8.58 18.35 6.68
C LYS A 27 8.83 18.33 8.19
N SER A 28 7.79 18.44 8.98
CA SER A 28 7.94 18.44 10.47
C SER A 28 7.71 17.03 11.02
N LEU A 29 6.57 16.45 10.71
CA LEU A 29 6.25 15.07 11.21
C LEU A 29 7.22 14.06 10.61
N HIS A 30 7.55 14.22 9.34
CA HIS A 30 8.48 13.26 8.66
C HIS A 30 9.94 13.64 8.94
N ALA A 31 10.18 14.61 9.80
CA ALA A 31 11.59 15.03 10.12
C ALA A 31 11.91 14.79 11.60
N ILE A 32 10.89 14.62 12.44
CA ILE A 32 11.12 14.40 13.90
C ILE A 32 10.76 12.97 14.27
N PHE A 33 9.79 12.39 13.58
CA PHE A 33 9.35 11.00 13.89
C PHE A 33 10.19 9.96 13.14
N SER A 34 11.28 10.38 12.54
CA SER A 34 12.18 9.42 11.82
C SER A 34 13.52 9.31 12.56
N ARG A 35 13.82 10.27 13.43
CA ARG A 35 15.10 10.24 14.19
C ARG A 35 15.05 9.18 15.31
N PHE A 36 13.94 9.09 16.01
CA PHE A 36 13.82 8.09 17.13
C PHE A 36 13.93 6.69 16.53
N GLY A 37 13.01 6.36 15.64
CA GLY A 37 13.01 5.01 15.01
C GLY A 37 12.95 5.14 13.48
N GLN A 38 11.76 5.13 12.93
CA GLN A 38 11.59 5.24 11.45
C GLN A 38 10.11 5.45 11.16
N ILE A 39 9.80 6.14 10.09
CA ILE A 39 8.38 6.42 9.74
C ILE A 39 7.96 5.59 8.52
N LEU A 40 7.06 4.64 8.74
CA LEU A 40 6.57 3.78 7.61
C LEU A 40 5.89 4.67 6.57
N ASP A 41 5.09 5.61 7.03
CA ASP A 41 4.38 6.56 6.12
C ASP A 41 3.45 7.45 6.95
N ILE A 42 3.31 8.70 6.56
CA ILE A 42 2.43 9.65 7.32
C ILE A 42 1.07 9.72 6.61
N LEU A 43 0.01 9.94 7.36
CA LEU A 43 -1.36 10.00 6.73
C LEU A 43 -2.04 11.33 7.09
N VAL A 44 -2.56 12.02 6.10
CA VAL A 44 -3.24 13.33 6.34
C VAL A 44 -4.23 13.60 5.20
N SER A 45 -5.50 13.75 5.53
CA SER A 45 -6.55 14.02 4.49
C SER A 45 -7.04 15.46 4.63
N ARG A 46 -8.15 15.77 4.00
CA ARG A 46 -8.72 17.15 4.06
C ARG A 46 -10.22 17.10 4.40
N SER A 47 -10.68 16.00 4.97
CA SER A 47 -12.13 15.87 5.34
C SER A 47 -12.46 16.83 6.48
N LEU A 48 -13.66 16.73 7.03
CA LEU A 48 -14.07 17.63 8.15
C LEU A 48 -13.41 17.16 9.45
N LYS A 49 -13.24 15.87 9.61
CA LYS A 49 -12.61 15.31 10.84
C LYS A 49 -11.24 14.68 10.51
N MET A 50 -10.60 15.16 9.46
CA MET A 50 -9.27 14.61 9.05
C MET A 50 -8.20 15.71 9.02
N ARG A 51 -8.59 16.97 9.11
CA ARG A 51 -7.59 18.08 9.08
C ARG A 51 -7.01 18.31 10.49
N GLY A 52 -5.83 18.90 10.56
CA GLY A 52 -5.18 19.18 11.89
C GLY A 52 -4.78 17.87 12.56
N GLN A 53 -4.17 16.96 11.83
CA GLN A 53 -3.74 15.65 12.40
C GLN A 53 -2.68 15.00 11.50
N ALA A 54 -2.23 13.82 11.86
CA ALA A 54 -1.19 13.10 11.04
C ALA A 54 -0.85 11.76 11.70
N PHE A 55 -1.03 10.68 10.97
CA PHE A 55 -0.72 9.32 11.52
C PHE A 55 0.71 8.95 11.11
N VAL A 56 1.65 9.04 12.03
CA VAL A 56 3.08 8.70 11.71
C VAL A 56 3.35 7.25 12.09
N ILE A 57 3.28 6.35 11.12
CA ILE A 57 3.51 4.89 11.38
C ILE A 57 4.96 4.68 11.83
N PHE A 58 5.23 3.60 12.55
CA PHE A 58 6.60 3.33 13.06
C PHE A 58 7.02 1.86 12.85
N LYS A 59 6.16 1.03 12.28
CA LYS A 59 6.50 -0.42 12.07
C LYS A 59 6.47 -1.17 13.40
N GLU A 60 7.29 -0.76 14.36
CA GLU A 60 7.33 -1.43 15.69
C GLU A 60 6.55 -0.59 16.70
N VAL A 61 5.61 -1.22 17.41
CA VAL A 61 4.79 -0.50 18.43
C VAL A 61 5.70 0.21 19.44
N SER A 62 6.87 -0.34 19.69
CA SER A 62 7.82 0.26 20.67
C SER A 62 8.43 1.56 20.11
N SER A 63 8.26 1.82 18.82
CA SER A 63 8.83 3.07 18.22
C SER A 63 7.79 4.19 18.35
N ALA A 64 6.53 3.88 18.13
CA ALA A 64 5.44 4.89 18.27
C ALA A 64 5.36 5.29 19.73
N THR A 65 5.63 4.37 20.62
CA THR A 65 5.59 4.67 22.08
C THR A 65 6.65 5.76 22.37
N ASN A 66 7.71 5.78 21.59
CA ASN A 66 8.80 6.78 21.78
C ASN A 66 8.32 8.14 21.27
N ALA A 67 7.69 8.19 20.11
CA ALA A 67 7.20 9.48 19.56
C ALA A 67 6.16 10.08 20.54
N LEU A 68 5.47 9.23 21.26
CA LEU A 68 4.44 9.71 22.23
C LEU A 68 5.13 10.11 23.55
N ARG A 69 6.27 9.51 23.84
CA ARG A 69 7.01 9.85 25.09
C ARG A 69 8.11 10.86 24.79
N SER A 70 8.02 11.55 23.65
CA SER A 70 9.05 12.56 23.29
C SER A 70 8.45 13.61 22.33
N MET A 71 7.14 13.78 22.37
CA MET A 71 6.47 14.78 21.47
C MET A 71 4.95 14.82 21.76
N GLN A 72 4.58 14.63 23.01
CA GLN A 72 3.13 14.66 23.40
C GLN A 72 2.72 16.10 23.69
N GLY A 73 1.80 16.65 22.91
CA GLY A 73 1.35 18.06 23.13
C GLY A 73 2.55 18.99 22.98
N PHE A 74 3.34 18.79 21.96
CA PHE A 74 4.55 19.63 21.73
C PHE A 74 4.22 20.76 20.74
N PRO A 75 4.90 21.90 20.87
CA PRO A 75 4.68 23.06 19.98
C PRO A 75 5.38 22.82 18.65
N PHE A 76 4.61 22.74 17.57
CA PHE A 76 5.22 22.49 16.21
C PHE A 76 5.38 23.82 15.48
N TYR A 77 4.31 24.32 14.89
CA TYR A 77 4.37 25.61 14.13
C TYR A 77 3.95 26.76 15.03
N ASP A 78 3.00 26.52 15.92
CA ASP A 78 2.53 27.60 16.86
C ASP A 78 1.38 27.06 17.73
N LYS A 79 1.47 25.82 18.15
CA LYS A 79 0.42 25.20 19.00
C LYS A 79 0.89 23.82 19.48
N PRO A 80 0.40 23.39 20.64
CA PRO A 80 0.77 22.07 21.21
C PRO A 80 0.03 20.96 20.46
N MET A 81 0.78 20.15 19.72
CA MET A 81 0.16 19.06 18.92
C MET A 81 0.11 17.77 19.76
N ARG A 82 -1.02 17.10 19.72
CA ARG A 82 -1.21 15.81 20.48
C ARG A 82 -0.46 14.68 19.79
N ILE A 83 -0.50 13.52 20.39
CA ILE A 83 0.22 12.33 19.82
C ILE A 83 -0.47 11.02 20.25
N GLN A 84 -1.75 11.09 20.52
CA GLN A 84 -2.55 9.89 20.99
C GLN A 84 -2.16 8.64 20.18
N TYR A 85 -2.40 7.45 20.70
CA TYR A 85 -2.01 6.20 19.98
C TYR A 85 -3.09 5.79 18.98
N ALA A 86 -2.69 5.42 17.78
CA ALA A 86 -3.66 4.99 16.73
C ALA A 86 -3.87 3.48 16.84
N LYS A 87 -4.88 3.08 17.58
CA LYS A 87 -5.22 1.64 17.80
C LYS A 87 -5.10 0.80 16.52
N THR A 88 -5.54 1.34 15.40
CA THR A 88 -5.50 0.57 14.11
C THR A 88 -4.20 0.79 13.35
N ASP A 89 -3.56 1.91 13.58
CA ASP A 89 -2.27 2.24 12.87
C ASP A 89 -2.38 1.95 11.36
N SER A 90 -1.27 1.91 10.67
CA SER A 90 -1.29 1.61 9.21
C SER A 90 -1.89 0.21 9.02
N ASP A 91 -2.89 0.09 8.17
CA ASP A 91 -3.55 -1.23 7.96
C ASP A 91 -2.74 -2.08 6.97
N ILE A 92 -1.90 -1.45 6.16
CA ILE A 92 -1.07 -2.23 5.19
C ILE A 92 -0.32 -3.36 5.93
N ILE A 93 -0.12 -3.20 7.24
CA ILE A 93 0.57 -4.25 8.06
C ILE A 93 -0.19 -5.57 7.93
N ALA A 94 -1.45 -5.51 7.57
CA ALA A 94 -2.28 -6.74 7.41
C ALA A 94 -2.29 -7.17 5.95
N LYS A 95 -2.30 -6.20 5.05
CA LYS A 95 -2.31 -6.52 3.59
C LYS A 95 -0.88 -6.61 3.04
N MET A 96 0.12 -6.47 3.88
CA MET A 96 1.53 -6.58 3.41
C MET A 96 2.11 -7.94 3.84
N LYS A 97 1.26 -8.89 4.19
CA LYS A 97 1.73 -10.24 4.59
C LYS A 97 2.44 -10.91 3.40
N GLY A 98 2.24 -10.38 2.19
CA GLY A 98 2.89 -10.95 0.99
C GLY A 98 4.31 -10.38 0.83
N THR A 99 4.92 -9.93 1.91
CA THR A 99 6.31 -9.37 1.84
C THR A 99 7.32 -10.51 1.74
N PHE A 100 6.87 -11.74 1.73
CA PHE A 100 7.82 -12.89 1.69
C PHE A 100 8.51 -12.98 3.08
N VAL A 101 7.85 -12.46 4.11
CA VAL A 101 8.40 -12.49 5.51
C VAL A 101 8.76 -13.93 5.89
N ALA B 1 13.47 -2.41 -30.45
CA ALA B 1 13.70 -3.45 -29.41
C ALA B 1 13.14 -4.80 -29.89
N VAL B 2 13.17 -5.80 -29.03
CA VAL B 2 12.64 -7.14 -29.40
C VAL B 2 11.38 -7.45 -28.58
N PRO B 3 10.55 -8.37 -29.07
CA PRO B 3 9.30 -8.75 -28.39
C PRO B 3 9.60 -9.68 -27.21
N GLU B 4 9.52 -9.18 -26.00
CA GLU B 4 9.79 -10.00 -24.79
C GLU B 4 9.14 -9.35 -23.57
N THR B 5 9.08 -10.08 -22.46
CA THR B 5 8.47 -9.52 -21.21
C THR B 5 9.12 -10.19 -19.99
N ARG B 6 9.19 -11.51 -20.00
CA ARG B 6 9.79 -12.25 -18.85
C ARG B 6 8.97 -11.99 -17.57
N PRO B 7 9.05 -12.90 -16.61
CA PRO B 7 8.31 -12.76 -15.34
C PRO B 7 9.03 -11.76 -14.42
N ASN B 8 8.27 -10.90 -13.77
CA ASN B 8 8.90 -9.87 -12.88
C ASN B 8 8.33 -9.95 -11.46
N HIS B 9 7.19 -10.57 -11.27
CA HIS B 9 6.57 -10.66 -9.90
C HIS B 9 5.14 -11.19 -10.04
N THR B 10 4.47 -10.81 -11.10
CA THR B 10 3.05 -11.21 -11.30
C THR B 10 2.77 -11.68 -12.72
N ILE B 11 1.51 -11.85 -13.02
CA ILE B 11 1.07 -12.25 -14.39
C ILE B 11 0.00 -11.26 -14.83
N TYR B 12 -0.01 -10.95 -16.10
CA TYR B 12 -1.00 -9.96 -16.65
C TYR B 12 -1.90 -10.63 -17.68
N ILE B 13 -3.17 -10.74 -17.35
CA ILE B 13 -4.16 -11.38 -18.26
C ILE B 13 -4.99 -10.29 -18.93
N ASN B 14 -5.34 -10.47 -20.18
CA ASN B 14 -6.16 -9.47 -20.94
C ASN B 14 -7.10 -10.19 -21.90
N ASN B 15 -7.86 -9.44 -22.67
CA ASN B 15 -8.82 -10.07 -23.64
C ASN B 15 -9.81 -10.96 -22.89
N LEU B 16 -10.06 -10.67 -21.63
CA LEU B 16 -11.01 -11.49 -20.81
C LEU B 16 -12.43 -11.33 -21.37
N ASN B 17 -13.34 -12.16 -20.92
CA ASN B 17 -14.76 -12.10 -21.42
C ASN B 17 -15.34 -10.72 -21.10
N GLU B 18 -16.22 -10.24 -21.98
CA GLU B 18 -16.85 -8.90 -21.77
C GLU B 18 -18.30 -9.08 -21.30
N LYS B 19 -18.55 -10.13 -20.55
CA LYS B 19 -19.93 -10.42 -20.03
C LYS B 19 -19.83 -10.88 -18.57
N ILE B 20 -18.79 -10.45 -17.88
CA ILE B 20 -18.61 -10.84 -16.44
C ILE B 20 -19.00 -9.67 -15.54
N LYS B 21 -19.30 -9.96 -14.30
CA LYS B 21 -19.70 -8.89 -13.33
C LYS B 21 -18.49 -8.40 -12.52
N LYS B 22 -17.30 -8.56 -13.07
CA LYS B 22 -16.03 -8.12 -12.37
C LYS B 22 -15.73 -9.02 -11.18
N ASP B 23 -16.64 -9.14 -10.26
CA ASP B 23 -16.43 -10.00 -9.05
C ASP B 23 -16.34 -11.46 -9.51
N GLU B 24 -16.99 -11.78 -10.61
CA GLU B 24 -16.96 -13.17 -11.13
C GLU B 24 -15.55 -13.49 -11.62
N LEU B 25 -14.83 -12.50 -12.07
CA LEU B 25 -13.42 -12.72 -12.57
C LEU B 25 -12.53 -13.13 -11.40
N LYS B 26 -12.77 -12.57 -10.24
CA LYS B 26 -11.96 -12.91 -9.03
C LYS B 26 -12.17 -14.38 -8.68
N LYS B 27 -13.41 -14.85 -8.73
CA LYS B 27 -13.72 -16.27 -8.40
C LYS B 27 -12.91 -17.21 -9.32
N SER B 28 -12.53 -16.72 -10.49
CA SER B 28 -11.75 -17.56 -11.45
C SER B 28 -10.26 -17.27 -11.30
N LEU B 29 -9.88 -16.01 -11.42
CA LEU B 29 -8.43 -15.62 -11.30
C LEU B 29 -7.94 -15.90 -9.88
N HIS B 30 -8.75 -15.62 -8.89
CA HIS B 30 -8.35 -15.86 -7.46
C HIS B 30 -8.59 -17.32 -7.06
N ALA B 31 -8.96 -18.18 -7.99
CA ALA B 31 -9.21 -19.62 -7.67
C ALA B 31 -8.24 -20.53 -8.44
N ILE B 32 -7.61 -20.02 -9.48
CA ILE B 32 -6.66 -20.85 -10.28
C ILE B 32 -5.23 -20.35 -10.07
N PHE B 33 -5.07 -19.07 -9.82
CA PHE B 33 -3.70 -18.49 -9.62
C PHE B 33 -3.26 -18.59 -8.16
N SER B 34 -3.98 -19.34 -7.35
CA SER B 34 -3.59 -19.50 -5.91
C SER B 34 -3.17 -20.96 -5.67
N ARG B 35 -3.53 -21.87 -6.57
CA ARG B 35 -3.16 -23.32 -6.41
C ARG B 35 -1.67 -23.53 -6.73
N PHE B 36 -1.17 -22.91 -7.78
CA PHE B 36 0.28 -23.07 -8.14
C PHE B 36 1.14 -22.54 -7.01
N GLY B 37 0.99 -21.26 -6.72
CA GLY B 37 1.80 -20.61 -5.65
C GLY B 37 0.88 -19.88 -4.66
N GLN B 38 0.65 -18.61 -4.90
CA GLN B 38 -0.22 -17.79 -4.00
C GLN B 38 -0.49 -16.45 -4.69
N ILE B 39 -1.62 -15.86 -4.42
CA ILE B 39 -1.98 -14.56 -5.06
C ILE B 39 -1.91 -13.43 -4.04
N LEU B 40 -0.95 -12.53 -4.22
CA LEU B 40 -0.79 -11.38 -3.30
C LEU B 40 -2.07 -10.53 -3.34
N ASP B 41 -2.58 -10.31 -4.52
CA ASP B 41 -3.84 -9.51 -4.71
C ASP B 41 -4.10 -9.35 -6.20
N ILE B 42 -5.36 -9.36 -6.60
CA ILE B 42 -5.73 -9.20 -8.04
C ILE B 42 -6.10 -7.74 -8.30
N LEU B 43 -5.84 -7.24 -9.50
CA LEU B 43 -6.17 -5.81 -9.82
C LEU B 43 -7.07 -5.75 -11.05
N VAL B 44 -8.15 -5.01 -10.95
CA VAL B 44 -9.10 -4.87 -12.11
C VAL B 44 -9.89 -3.56 -11.96
N SER B 45 -9.78 -2.68 -12.93
CA SER B 45 -10.51 -1.38 -12.88
C SER B 45 -11.64 -1.39 -13.92
N ARG B 46 -12.19 -0.22 -14.21
CA ARG B 46 -13.30 -0.12 -15.22
C ARG B 46 -13.01 1.00 -16.22
N SER B 47 -11.75 1.39 -16.35
CA SER B 47 -11.38 2.48 -17.32
C SER B 47 -11.57 1.97 -18.75
N LEU B 48 -11.15 2.75 -19.73
CA LEU B 48 -11.29 2.35 -21.16
C LEU B 48 -10.24 1.29 -21.51
N LYS B 49 -9.06 1.41 -20.91
CA LYS B 49 -7.97 0.42 -21.19
C LYS B 49 -7.68 -0.42 -19.94
N MET B 50 -8.67 -0.58 -19.08
CA MET B 50 -8.48 -1.37 -17.83
C MET B 50 -9.47 -2.54 -17.75
N ARG B 51 -10.47 -2.57 -18.62
CA ARG B 51 -11.48 -3.68 -18.59
C ARG B 51 -10.94 -4.90 -19.37
N GLY B 52 -11.46 -6.07 -19.08
CA GLY B 52 -11.03 -7.32 -19.79
C GLY B 52 -9.57 -7.64 -19.44
N GLN B 53 -9.23 -7.58 -18.16
CA GLN B 53 -7.83 -7.90 -17.72
C GLN B 53 -7.81 -8.21 -16.22
N ALA B 54 -6.64 -8.45 -15.68
CA ALA B 54 -6.51 -8.76 -14.22
C ALA B 54 -5.05 -9.03 -13.87
N PHE B 55 -4.51 -8.26 -12.94
CA PHE B 55 -3.08 -8.44 -12.52
C PHE B 55 -3.06 -9.37 -11.29
N VAL B 56 -2.68 -10.62 -11.48
CA VAL B 56 -2.63 -11.59 -10.35
C VAL B 56 -1.20 -11.63 -9.79
N ILE B 57 -0.96 -10.89 -8.72
CA ILE B 57 0.41 -10.84 -8.09
C ILE B 57 0.75 -12.23 -7.54
N PHE B 58 2.04 -12.53 -7.40
CA PHE B 58 2.47 -13.87 -6.89
C PHE B 58 3.59 -13.74 -5.84
N LYS B 59 4.03 -12.55 -5.50
CA LYS B 59 5.13 -12.36 -4.49
C LYS B 59 6.47 -12.79 -5.09
N GLU B 60 6.59 -14.03 -5.53
CA GLU B 60 7.87 -14.53 -6.12
C GLU B 60 7.74 -14.55 -7.65
N VAL B 61 8.68 -13.95 -8.34
CA VAL B 61 8.65 -13.91 -9.85
C VAL B 61 8.55 -15.33 -10.40
N SER B 62 9.08 -16.29 -9.69
CA SER B 62 9.05 -17.72 -10.16
C SER B 62 7.63 -18.29 -10.06
N SER B 63 6.73 -17.61 -9.36
CA SER B 63 5.33 -18.12 -9.23
C SER B 63 4.50 -17.59 -10.39
N ALA B 64 4.71 -16.33 -10.77
CA ALA B 64 3.97 -15.73 -11.91
C ALA B 64 4.40 -16.45 -13.18
N THR B 65 5.65 -16.87 -13.23
CA THR B 65 6.16 -17.61 -14.42
C THR B 65 5.36 -18.90 -14.57
N ASN B 66 4.88 -19.44 -13.46
CA ASN B 66 4.08 -20.69 -13.48
C ASN B 66 2.68 -20.40 -14.02
N ALA B 67 2.06 -19.32 -13.56
CA ALA B 67 0.69 -18.97 -14.04
C ALA B 67 0.75 -18.71 -15.56
N LEU B 68 1.88 -18.25 -16.05
CA LEU B 68 2.05 -17.97 -17.50
C LEU B 68 2.37 -19.27 -18.24
N ARG B 69 2.97 -20.22 -17.57
CA ARG B 69 3.32 -21.52 -18.22
C ARG B 69 2.24 -22.55 -17.89
N SER B 70 1.08 -22.12 -17.45
CA SER B 70 -0.03 -23.07 -17.12
C SER B 70 -1.39 -22.37 -17.26
N MET B 71 -1.46 -21.32 -18.07
CA MET B 71 -2.75 -20.59 -18.26
C MET B 71 -2.56 -19.46 -19.29
N GLN B 72 -1.72 -19.69 -20.29
CA GLN B 72 -1.48 -18.65 -21.34
C GLN B 72 -2.52 -18.80 -22.45
N GLY B 73 -3.35 -17.79 -22.64
CA GLY B 73 -4.42 -17.86 -23.70
C GLY B 73 -5.34 -19.04 -23.41
N PHE B 74 -5.75 -19.18 -22.16
CA PHE B 74 -6.63 -20.31 -21.75
C PHE B 74 -8.11 -19.84 -21.76
N PRO B 75 -9.03 -20.77 -22.03
CA PRO B 75 -10.47 -20.44 -22.06
C PRO B 75 -11.02 -20.35 -20.63
N PHE B 76 -11.47 -19.17 -20.24
CA PHE B 76 -12.00 -18.97 -18.86
C PHE B 76 -13.53 -19.09 -18.88
N TYR B 77 -14.22 -18.04 -19.27
CA TYR B 77 -15.72 -18.06 -19.30
C TYR B 77 -16.20 -18.41 -20.70
N ASP B 78 -15.48 -17.98 -21.72
CA ASP B 78 -15.88 -18.29 -23.13
C ASP B 78 -14.90 -17.59 -24.11
N LYS B 79 -13.63 -17.56 -23.77
CA LYS B 79 -12.61 -16.92 -24.64
C LYS B 79 -11.20 -17.19 -24.09
N PRO B 80 -10.20 -17.22 -24.96
CA PRO B 80 -8.80 -17.47 -24.54
C PRO B 80 -8.23 -16.22 -23.88
N MET B 81 -7.97 -16.30 -22.59
CA MET B 81 -7.43 -15.12 -21.84
C MET B 81 -5.89 -15.15 -21.85
N ARG B 82 -5.30 -14.01 -22.11
CA ARG B 82 -3.80 -13.89 -22.14
C ARG B 82 -3.24 -13.92 -20.73
N ILE B 83 -1.94 -13.87 -20.62
CA ILE B 83 -1.27 -13.91 -19.28
C ILE B 83 0.10 -13.20 -19.33
N GLN B 84 0.24 -12.27 -20.24
CA GLN B 84 1.54 -11.50 -20.43
C GLN B 84 2.16 -11.15 -19.07
N TYR B 85 3.45 -10.89 -19.02
CA TYR B 85 4.11 -10.57 -17.71
C TYR B 85 3.97 -9.08 -17.39
N ALA B 86 3.63 -8.77 -16.15
CA ALA B 86 3.48 -7.33 -15.73
C ALA B 86 4.83 -6.83 -15.20
N LYS B 87 5.60 -6.23 -16.08
CA LYS B 87 6.96 -5.69 -15.73
C LYS B 87 6.98 -4.97 -14.37
N THR B 88 5.96 -4.21 -14.07
CA THR B 88 5.92 -3.44 -12.79
C THR B 88 5.28 -4.23 -11.66
N ASP B 89 4.42 -5.16 -12.00
CA ASP B 89 3.70 -6.00 -10.98
C ASP B 89 3.16 -5.12 -9.85
N SER B 90 2.77 -5.73 -8.74
CA SER B 90 2.26 -4.94 -7.58
C SER B 90 3.36 -3.99 -7.11
N ASP B 91 3.05 -2.72 -6.99
CA ASP B 91 4.09 -1.73 -6.56
C ASP B 91 4.25 -1.74 -5.05
N ILE B 92 3.26 -2.21 -4.31
CA ILE B 92 3.37 -2.26 -2.82
C ILE B 92 4.68 -2.97 -2.42
N ILE B 93 5.22 -3.78 -3.30
CA ILE B 93 6.51 -4.51 -3.03
C ILE B 93 7.61 -3.47 -2.71
N ALA B 94 7.42 -2.25 -3.17
CA ALA B 94 8.42 -1.17 -2.92
C ALA B 94 8.00 -0.36 -1.69
N LYS B 95 6.71 -0.16 -1.52
CA LYS B 95 6.20 0.61 -0.34
C LYS B 95 5.92 -0.31 0.84
N MET B 96 6.21 -1.59 0.72
CA MET B 96 5.97 -2.53 1.85
C MET B 96 7.32 -2.89 2.50
N LYS B 97 8.36 -2.09 2.24
CA LYS B 97 9.70 -2.35 2.85
C LYS B 97 9.59 -2.22 4.38
N GLY B 98 8.53 -1.60 4.87
CA GLY B 98 8.33 -1.45 6.34
C GLY B 98 7.69 -2.72 6.94
N THR B 99 7.85 -3.86 6.29
CA THR B 99 7.29 -5.14 6.82
C THR B 99 8.15 -5.66 7.96
N PHE B 100 9.22 -4.97 8.31
CA PHE B 100 10.12 -5.46 9.37
C PHE B 100 10.91 -6.68 8.80
N VAL B 101 11.04 -6.74 7.48
CA VAL B 101 11.78 -7.86 6.81
C VAL B 101 13.19 -7.98 7.41
N ALA A 1 -8.79 17.63 30.48
CA ALA A 1 -10.16 17.41 29.93
C ALA A 1 -10.37 15.92 29.67
N VAL A 2 -9.54 15.33 28.84
CA VAL A 2 -9.66 13.88 28.50
C VAL A 2 -8.28 13.33 28.05
N PRO A 3 -7.48 12.86 29.01
CA PRO A 3 -6.14 12.32 28.71
C PRO A 3 -6.24 10.90 28.14
N GLU A 4 -5.24 10.47 27.41
CA GLU A 4 -5.25 9.10 26.80
C GLU A 4 -3.81 8.67 26.49
N THR A 5 -3.60 7.38 26.31
CA THR A 5 -2.24 6.86 26.00
C THR A 5 -2.34 5.43 25.46
N ARG A 6 -2.36 5.29 24.15
CA ARG A 6 -2.47 3.94 23.51
C ARG A 6 -1.50 3.85 22.31
N PRO A 7 -0.33 3.24 22.52
CA PRO A 7 0.68 3.10 21.45
C PRO A 7 0.29 1.98 20.49
N ASN A 8 0.50 2.19 19.20
CA ASN A 8 0.14 1.15 18.19
C ASN A 8 0.81 1.45 16.85
N HIS A 9 1.91 0.79 16.59
CA HIS A 9 2.66 0.95 15.30
C HIS A 9 3.25 2.37 15.17
N THR A 10 2.41 3.38 15.05
CA THR A 10 2.93 4.78 14.85
C THR A 10 2.12 5.85 15.61
N ILE A 11 2.12 7.09 15.12
CA ILE A 11 1.39 8.19 15.82
C ILE A 11 0.73 9.14 14.81
N TYR A 12 0.31 10.30 15.28
CA TYR A 12 -0.33 11.31 14.39
C TYR A 12 -0.35 12.67 15.13
N ILE A 13 0.24 13.69 14.54
CA ILE A 13 0.27 15.03 15.19
C ILE A 13 -1.10 15.69 15.05
N ASN A 14 -1.43 16.59 15.95
CA ASN A 14 -2.75 17.29 15.88
C ASN A 14 -2.59 18.73 16.38
N ASN A 15 -3.60 19.56 16.18
CA ASN A 15 -3.53 20.98 16.62
C ASN A 15 -2.39 21.70 15.88
N LEU A 16 -2.08 21.24 14.68
CA LEU A 16 -0.99 21.86 13.87
C LEU A 16 -1.46 23.22 13.32
N ASN A 17 -0.59 23.92 12.63
CA ASN A 17 -0.96 25.26 12.06
C ASN A 17 -2.13 25.09 11.09
N GLU A 18 -2.93 26.13 10.94
CA GLU A 18 -4.11 26.07 10.02
C GLU A 18 -3.83 26.93 8.78
N LYS A 19 -2.59 27.03 8.37
CA LYS A 19 -2.22 27.83 7.17
C LYS A 19 -1.04 27.16 6.44
N ILE A 20 -0.96 25.85 6.53
CA ILE A 20 0.14 25.09 5.86
C ILE A 20 -0.31 24.64 4.47
N LYS A 21 0.63 24.34 3.61
CA LYS A 21 0.29 23.89 2.23
C LYS A 21 0.29 22.35 2.15
N LYS A 22 0.07 21.69 3.27
CA LYS A 22 0.03 20.19 3.31
C LYS A 22 1.42 19.60 3.12
N ASP A 23 2.06 19.92 2.01
CA ASP A 23 3.43 19.40 1.74
C ASP A 23 4.39 19.99 2.76
N GLU A 24 4.07 21.16 3.29
CA GLU A 24 4.94 21.81 4.30
C GLU A 24 4.93 20.97 5.59
N LEU A 25 3.81 20.33 5.88
CA LEU A 25 3.71 19.50 7.12
C LEU A 25 4.56 18.23 6.94
N LYS A 26 4.53 17.65 5.77
CA LYS A 26 5.34 16.42 5.50
C LYS A 26 6.82 16.74 5.66
N LYS A 27 7.21 17.94 5.32
CA LYS A 27 8.65 18.35 5.44
C LYS A 27 9.09 18.23 6.91
N SER A 28 8.16 18.40 7.82
CA SER A 28 8.49 18.30 9.28
C SER A 28 8.42 16.83 9.72
N LEU A 29 7.25 16.23 9.61
CA LEU A 29 7.07 14.80 10.01
C LEU A 29 8.03 13.90 9.24
N HIS A 30 8.13 14.09 7.94
CA HIS A 30 9.02 13.24 7.09
C HIS A 30 10.50 13.62 7.28
N ALA A 31 10.80 14.64 8.08
CA ALA A 31 12.23 15.05 8.29
C ALA A 31 12.57 15.09 9.79
N ILE A 32 11.66 14.69 10.66
CA ILE A 32 11.93 14.72 12.13
C ILE A 32 11.63 13.36 12.75
N PHE A 33 10.57 12.71 12.31
CA PHE A 33 10.18 11.38 12.88
C PHE A 33 11.13 10.27 12.43
N SER A 34 11.94 10.51 11.42
CA SER A 34 12.89 9.44 10.94
C SER A 34 14.28 9.62 11.58
N ARG A 35 14.42 10.54 12.53
CA ARG A 35 15.74 10.75 13.18
C ARG A 35 15.93 9.78 14.34
N PHE A 36 14.84 9.37 14.97
CA PHE A 36 14.94 8.40 16.12
C PHE A 36 14.88 6.98 15.57
N GLY A 37 13.90 6.70 14.74
CA GLY A 37 13.75 5.32 14.16
C GLY A 37 13.79 5.39 12.64
N GLN A 38 12.64 5.16 12.01
CA GLN A 38 12.57 5.20 10.52
C GLN A 38 11.11 5.36 10.11
N ILE A 39 10.74 6.54 9.67
CA ILE A 39 9.34 6.82 9.24
C ILE A 39 8.94 5.88 8.10
N LEU A 40 7.71 5.43 8.10
CA LEU A 40 7.21 4.52 7.02
C LEU A 40 6.34 5.31 6.04
N ASP A 41 5.72 6.38 6.52
CA ASP A 41 4.84 7.21 5.63
C ASP A 41 4.23 8.37 6.45
N ILE A 42 3.59 9.29 5.77
CA ILE A 42 2.94 10.46 6.45
C ILE A 42 1.57 10.69 5.82
N LEU A 43 0.56 10.99 6.62
CA LEU A 43 -0.81 11.21 6.05
C LEU A 43 -1.35 12.57 6.45
N VAL A 44 -1.75 13.35 5.46
CA VAL A 44 -2.32 14.72 5.72
C VAL A 44 -3.37 15.04 4.67
N SER A 45 -4.59 15.27 5.08
CA SER A 45 -5.70 15.59 4.11
C SER A 45 -6.34 16.93 4.47
N ARG A 46 -7.48 17.22 3.86
CA ARG A 46 -8.18 18.51 4.15
C ARG A 46 -9.62 18.23 4.62
N SER A 47 -9.85 17.05 5.17
CA SER A 47 -11.22 16.68 5.66
C SER A 47 -11.40 17.23 7.08
N LEU A 48 -12.63 17.20 7.59
CA LEU A 48 -12.91 17.71 8.97
C LEU A 48 -12.08 16.92 9.98
N LYS A 49 -11.92 15.63 9.74
CA LYS A 49 -11.12 14.76 10.66
C LYS A 49 -9.62 14.98 10.43
N MET A 50 -9.25 15.35 9.22
CA MET A 50 -7.80 15.57 8.88
C MET A 50 -7.49 17.08 8.96
N ARG A 51 -8.00 17.75 9.96
CA ARG A 51 -7.75 19.22 10.13
C ARG A 51 -6.66 19.45 11.19
N GLY A 52 -5.58 20.09 10.79
CA GLY A 52 -4.47 20.38 11.73
C GLY A 52 -3.90 19.09 12.31
N GLN A 53 -3.28 18.28 11.48
CA GLN A 53 -2.69 16.98 11.95
C GLN A 53 -1.84 16.37 10.84
N ALA A 54 -1.23 15.23 11.10
CA ALA A 54 -0.38 14.54 10.09
C ALA A 54 0.01 13.16 10.64
N PHE A 55 -0.69 12.13 10.22
CA PHE A 55 -0.41 10.74 10.69
C PHE A 55 0.96 10.30 10.20
N VAL A 56 1.87 10.00 11.11
CA VAL A 56 3.22 9.50 10.71
C VAL A 56 3.25 8.00 10.93
N ILE A 57 4.03 7.27 10.17
CA ILE A 57 4.08 5.77 10.35
C ILE A 57 5.39 5.38 11.04
N PHE A 58 5.43 4.20 11.63
CA PHE A 58 6.63 3.70 12.34
C PHE A 58 6.56 2.18 12.40
N LYS A 59 7.34 1.52 11.57
CA LYS A 59 7.35 0.02 11.52
C LYS A 59 7.38 -0.59 12.93
N GLU A 60 7.94 0.11 13.89
CA GLU A 60 8.01 -0.42 15.29
C GLU A 60 7.39 0.59 16.26
N VAL A 61 6.56 0.12 17.18
CA VAL A 61 5.89 1.02 18.17
C VAL A 61 6.95 1.81 18.96
N SER A 62 8.10 1.21 19.17
CA SER A 62 9.20 1.88 19.93
C SER A 62 9.58 3.20 19.25
N SER A 63 9.41 3.27 17.94
CA SER A 63 9.74 4.51 17.18
C SER A 63 8.59 5.51 17.38
N ALA A 64 7.39 5.00 17.51
CA ALA A 64 6.20 5.86 17.71
C ALA A 64 6.20 6.35 19.15
N THR A 65 6.66 5.51 20.05
CA THR A 65 6.74 5.88 21.50
C THR A 65 7.96 6.76 21.73
N ASN A 66 9.00 6.58 20.95
CA ASN A 66 10.25 7.38 21.11
C ASN A 66 10.03 8.80 20.57
N ALA A 67 9.17 8.96 19.59
CA ALA A 67 8.91 10.32 19.02
C ALA A 67 7.71 10.97 19.73
N LEU A 68 6.83 10.16 20.28
CA LEU A 68 5.62 10.72 20.97
C LEU A 68 6.01 11.21 22.37
N ARG A 69 6.99 10.59 22.98
CA ARG A 69 7.44 11.01 24.35
C ARG A 69 8.72 11.85 24.23
N SER A 70 8.87 12.55 23.12
CA SER A 70 10.08 13.41 22.92
C SER A 70 9.66 14.78 22.38
N MET A 71 8.77 14.79 21.41
CA MET A 71 8.30 16.08 20.82
C MET A 71 6.87 16.40 21.27
N GLN A 72 6.47 15.88 22.42
CA GLN A 72 5.09 16.13 22.95
C GLN A 72 4.87 17.64 23.13
N GLY A 73 3.90 18.19 22.44
CA GLY A 73 3.62 19.66 22.54
C GLY A 73 4.86 20.45 22.10
N PHE A 74 5.30 20.24 20.88
CA PHE A 74 6.51 20.93 20.36
C PHE A 74 6.09 22.19 19.56
N PRO A 75 6.93 23.22 19.57
CA PRO A 75 6.64 24.46 18.82
C PRO A 75 6.94 24.25 17.33
N PHE A 76 5.91 24.31 16.51
CA PHE A 76 6.09 24.11 15.05
C PHE A 76 5.12 25.02 14.30
N TYR A 77 5.62 25.78 13.33
CA TYR A 77 4.76 26.70 12.54
C TYR A 77 4.08 27.71 13.49
N ASP A 78 4.65 27.93 14.66
CA ASP A 78 4.07 28.91 15.66
C ASP A 78 2.82 28.30 16.31
N LYS A 79 2.92 27.06 16.74
CA LYS A 79 1.76 26.37 17.41
C LYS A 79 2.28 25.13 18.14
N PRO A 80 1.69 24.79 19.28
CA PRO A 80 2.09 23.62 20.08
C PRO A 80 1.55 22.34 19.42
N MET A 81 2.35 21.71 18.58
CA MET A 81 1.92 20.46 17.89
C MET A 81 1.78 19.33 18.91
N ARG A 82 0.56 18.89 19.14
CA ARG A 82 0.32 17.78 20.11
C ARG A 82 0.54 16.46 19.40
N ILE A 83 1.08 15.48 20.10
CA ILE A 83 1.35 14.15 19.47
C ILE A 83 0.41 13.10 20.07
N GLN A 84 -0.14 12.26 19.21
CA GLN A 84 -1.06 11.17 19.67
C GLN A 84 -0.77 9.89 18.88
N TYR A 85 -0.64 8.79 19.58
CA TYR A 85 -0.35 7.48 18.90
C TYR A 85 -1.42 7.20 17.84
N ALA A 86 -1.13 6.29 16.93
CA ALA A 86 -2.12 5.95 15.86
C ALA A 86 -2.58 4.50 16.04
N LYS A 87 -3.65 4.32 16.79
CA LYS A 87 -4.20 2.94 17.06
C LYS A 87 -4.42 2.19 15.75
N THR A 88 -4.64 2.91 14.67
CA THR A 88 -4.87 2.28 13.34
C THR A 88 -3.57 2.24 12.55
N ASP A 89 -2.67 3.17 12.84
CA ASP A 89 -1.35 3.26 12.12
C ASP A 89 -1.55 3.13 10.61
N SER A 90 -0.48 2.95 9.86
CA SER A 90 -0.59 2.82 8.37
C SER A 90 -1.65 1.77 8.02
N ASP A 91 -2.31 1.91 6.88
CA ASP A 91 -3.37 0.94 6.49
C ASP A 91 -2.77 -0.26 5.77
N ILE A 92 -1.75 -0.06 4.96
CA ILE A 92 -1.12 -1.22 4.24
C ILE A 92 -0.80 -2.33 5.25
N ILE A 93 -0.55 -1.94 6.51
CA ILE A 93 -0.28 -2.96 7.60
C ILE A 93 -1.39 -4.02 7.54
N ALA A 94 -2.57 -3.61 7.07
CA ALA A 94 -3.76 -4.50 6.93
C ALA A 94 -3.35 -5.90 6.47
N LYS A 95 -2.43 -5.96 5.54
CA LYS A 95 -1.94 -7.27 5.01
C LYS A 95 -0.60 -7.05 4.30
N MET A 96 0.42 -6.95 5.09
CA MET A 96 1.79 -6.77 4.55
C MET A 96 2.76 -7.64 5.33
N LYS A 97 2.29 -8.52 6.22
CA LYS A 97 3.25 -9.41 6.96
C LYS A 97 4.21 -10.06 5.97
N GLY A 98 3.73 -10.27 4.76
CA GLY A 98 4.60 -10.86 3.69
C GLY A 98 5.33 -9.71 2.98
N THR A 99 4.70 -8.55 2.94
CA THR A 99 5.31 -7.35 2.28
C THR A 99 5.48 -6.21 3.32
N PHE A 100 6.07 -6.53 4.44
CA PHE A 100 6.34 -5.53 5.53
C PHE A 100 7.23 -6.19 6.56
N VAL A 101 6.95 -7.44 6.86
CA VAL A 101 7.76 -8.24 7.81
C VAL A 101 8.19 -7.42 9.04
N ALA B 1 2.81 -10.22 -34.73
CA ALA B 1 2.77 -8.76 -34.97
C ALA B 1 3.89 -8.08 -34.20
N VAL B 2 3.90 -8.25 -32.88
CA VAL B 2 4.97 -7.62 -32.04
C VAL B 2 5.12 -8.44 -30.73
N PRO B 3 5.99 -9.45 -30.75
CA PRO B 3 6.24 -10.31 -29.58
C PRO B 3 7.13 -9.60 -28.56
N GLU B 4 7.06 -10.00 -27.31
CA GLU B 4 7.91 -9.36 -26.25
C GLU B 4 8.04 -10.33 -25.06
N THR B 5 9.02 -10.10 -24.21
CA THR B 5 9.23 -10.98 -23.02
C THR B 5 10.16 -10.27 -22.03
N ARG B 6 9.58 -9.61 -21.04
CA ARG B 6 10.39 -8.88 -20.02
C ARG B 6 9.79 -9.12 -18.62
N PRO B 7 10.36 -10.06 -17.86
CA PRO B 7 9.87 -10.37 -16.50
C PRO B 7 10.32 -9.31 -15.50
N ASN B 8 9.45 -8.92 -14.59
CA ASN B 8 9.81 -7.89 -13.57
C ASN B 8 8.82 -7.91 -12.41
N HIS B 9 9.19 -8.54 -11.33
CA HIS B 9 8.32 -8.62 -10.10
C HIS B 9 7.03 -9.41 -10.37
N THR B 10 6.14 -8.89 -11.21
CA THR B 10 4.84 -9.59 -11.45
C THR B 10 4.38 -9.53 -12.92
N ILE B 11 3.07 -9.61 -13.16
CA ILE B 11 2.54 -9.60 -14.57
C ILE B 11 1.23 -8.80 -14.64
N TYR B 12 0.52 -8.95 -15.74
CA TYR B 12 -0.78 -8.26 -15.93
C TYR B 12 -1.54 -8.91 -17.10
N ILE B 13 -2.73 -9.40 -16.85
CA ILE B 13 -3.53 -10.07 -17.93
C ILE B 13 -4.10 -9.00 -18.86
N ASN B 14 -4.38 -9.37 -20.10
CA ASN B 14 -4.94 -8.39 -21.08
C ASN B 14 -5.90 -9.12 -22.02
N ASN B 15 -6.66 -8.38 -22.81
CA ASN B 15 -7.64 -9.01 -23.76
C ASN B 15 -8.69 -9.79 -22.96
N LEU B 16 -8.95 -9.37 -21.74
CA LEU B 16 -9.95 -10.08 -20.88
C LEU B 16 -11.37 -9.76 -21.38
N ASN B 17 -12.38 -10.35 -20.77
CA ASN B 17 -13.79 -10.11 -21.19
C ASN B 17 -14.12 -8.62 -21.05
N GLU B 18 -15.03 -8.13 -21.85
CA GLU B 18 -15.43 -6.68 -21.81
C GLU B 18 -16.83 -6.54 -21.20
N LYS B 19 -17.17 -7.44 -20.29
CA LYS B 19 -18.51 -7.39 -19.63
C LYS B 19 -18.38 -7.88 -18.17
N ILE B 20 -17.23 -7.66 -17.57
CA ILE B 20 -17.00 -8.09 -16.16
C ILE B 20 -17.33 -6.94 -15.21
N LYS B 21 -17.57 -7.25 -13.96
CA LYS B 21 -17.92 -6.20 -12.95
C LYS B 21 -16.66 -5.77 -12.18
N LYS B 22 -15.50 -5.94 -12.77
CA LYS B 22 -14.20 -5.55 -12.12
C LYS B 22 -13.87 -6.50 -10.96
N ASP B 23 -14.75 -6.61 -10.00
CA ASP B 23 -14.52 -7.51 -8.83
C ASP B 23 -14.51 -8.95 -9.32
N GLU B 24 -15.21 -9.21 -10.41
CA GLU B 24 -15.26 -10.59 -10.97
C GLU B 24 -13.87 -10.98 -11.49
N LEU B 25 -13.13 -10.01 -11.99
CA LEU B 25 -11.76 -10.30 -12.51
C LEU B 25 -10.81 -10.63 -11.36
N LYS B 26 -10.95 -9.91 -10.26
CA LYS B 26 -10.08 -10.15 -9.07
C LYS B 26 -10.33 -11.56 -8.54
N LYS B 27 -11.56 -12.03 -8.66
CA LYS B 27 -11.90 -13.40 -8.18
C LYS B 27 -11.04 -14.44 -8.92
N SER B 28 -10.66 -14.13 -10.14
CA SER B 28 -9.82 -15.06 -10.94
C SER B 28 -8.34 -14.84 -10.59
N LEU B 29 -7.84 -13.65 -10.85
CA LEU B 29 -6.41 -13.33 -10.56
C LEU B 29 -6.10 -13.56 -9.08
N HIS B 30 -6.95 -13.08 -8.21
CA HIS B 30 -6.72 -13.22 -6.74
C HIS B 30 -7.01 -14.66 -6.26
N ALA B 31 -7.45 -15.54 -7.15
CA ALA B 31 -7.75 -16.95 -6.73
C ALA B 31 -7.01 -17.95 -7.63
N ILE B 32 -6.17 -17.48 -8.53
CA ILE B 32 -5.43 -18.42 -9.43
C ILE B 32 -3.93 -18.11 -9.40
N PHE B 33 -3.56 -16.85 -9.34
CA PHE B 33 -2.13 -16.44 -9.33
C PHE B 33 -1.46 -16.76 -7.98
N SER B 34 -2.23 -17.04 -6.94
CA SER B 34 -1.64 -17.35 -5.60
C SER B 34 -1.51 -18.87 -5.40
N ARG B 35 -1.78 -19.66 -6.43
CA ARG B 35 -1.69 -21.14 -6.30
C ARG B 35 -0.24 -21.61 -6.55
N PHE B 36 0.49 -20.88 -7.38
CA PHE B 36 1.90 -21.26 -7.68
C PHE B 36 2.83 -20.60 -6.65
N GLY B 37 2.67 -19.31 -6.46
CA GLY B 37 3.52 -18.57 -5.49
C GLY B 37 2.66 -17.89 -4.42
N GLN B 38 2.57 -16.58 -4.47
CA GLN B 38 1.75 -15.82 -3.48
C GLN B 38 1.45 -14.43 -4.04
N ILE B 39 0.24 -14.21 -4.48
CA ILE B 39 -0.16 -12.89 -5.06
C ILE B 39 0.05 -11.79 -4.01
N LEU B 40 0.48 -10.63 -4.46
CA LEU B 40 0.70 -9.48 -3.53
C LEU B 40 -0.45 -8.48 -3.68
N ASP B 41 -1.07 -8.44 -4.85
CA ASP B 41 -2.20 -7.49 -5.09
C ASP B 41 -2.72 -7.65 -6.52
N ILE B 42 -3.83 -7.01 -6.83
CA ILE B 42 -4.43 -7.08 -8.20
C ILE B 42 -4.90 -5.67 -8.59
N LEU B 43 -4.68 -5.26 -9.84
CA LEU B 43 -5.11 -3.89 -10.25
C LEU B 43 -6.03 -3.96 -11.47
N VAL B 44 -7.19 -3.36 -11.36
CA VAL B 44 -8.19 -3.34 -12.49
C VAL B 44 -8.97 -2.03 -12.44
N SER B 45 -8.89 -1.25 -13.50
CA SER B 45 -9.62 0.05 -13.54
C SER B 45 -10.54 0.10 -14.77
N ARG B 46 -11.05 1.27 -15.09
CA ARG B 46 -11.96 1.42 -16.27
C ARG B 46 -11.40 2.48 -17.23
N SER B 47 -10.10 2.72 -17.18
CA SER B 47 -9.47 3.73 -18.08
C SER B 47 -9.17 3.09 -19.44
N LEU B 48 -8.82 3.89 -20.43
CA LEU B 48 -8.51 3.36 -21.80
C LEU B 48 -7.35 2.37 -21.68
N LYS B 49 -6.38 2.66 -20.83
CA LYS B 49 -5.20 1.78 -20.66
C LYS B 49 -5.58 0.56 -19.79
N MET B 50 -6.55 0.72 -18.92
CA MET B 50 -6.98 -0.40 -18.03
C MET B 50 -8.23 -1.08 -18.61
N ARG B 51 -8.24 -1.28 -19.92
CA ARG B 51 -9.40 -1.94 -20.59
C ARG B 51 -9.09 -3.41 -20.87
N GLY B 52 -9.89 -4.30 -20.32
CA GLY B 52 -9.69 -5.77 -20.53
C GLY B 52 -8.31 -6.20 -20.02
N GLN B 53 -8.09 -6.12 -18.72
CA GLN B 53 -6.77 -6.52 -18.13
C GLN B 53 -6.88 -6.57 -16.60
N ALA B 54 -5.80 -6.92 -15.94
CA ALA B 54 -5.79 -7.00 -14.45
C ALA B 54 -4.36 -7.24 -13.97
N PHE B 55 -3.69 -6.19 -13.57
CA PHE B 55 -2.27 -6.30 -13.10
C PHE B 55 -2.22 -7.12 -11.82
N VAL B 56 -1.52 -8.25 -11.83
CA VAL B 56 -1.38 -9.08 -10.59
C VAL B 56 0.02 -8.83 -10.04
N ILE B 57 0.20 -8.93 -8.74
CA ILE B 57 1.55 -8.70 -8.13
C ILE B 57 2.20 -10.03 -7.74
N PHE B 58 3.51 -10.04 -7.58
CA PHE B 58 4.26 -11.28 -7.21
C PHE B 58 5.58 -10.87 -6.57
N LYS B 59 5.65 -10.96 -5.27
CA LYS B 59 6.90 -10.58 -4.51
C LYS B 59 8.17 -11.11 -5.20
N GLU B 60 8.06 -12.22 -5.91
CA GLU B 60 9.23 -12.81 -6.61
C GLU B 60 8.92 -12.98 -8.11
N VAL B 61 9.85 -12.59 -8.97
CA VAL B 61 9.64 -12.72 -10.44
C VAL B 61 9.35 -14.19 -10.80
N SER B 62 9.92 -15.11 -10.07
CA SER B 62 9.70 -16.57 -10.34
C SER B 62 8.21 -16.89 -10.27
N SER B 63 7.47 -16.16 -9.48
CA SER B 63 5.99 -16.39 -9.36
C SER B 63 5.31 -15.76 -10.56
N ALA B 64 5.87 -14.66 -11.06
CA ALA B 64 5.29 -13.97 -12.24
C ALA B 64 5.65 -14.77 -13.49
N THR B 65 6.81 -15.38 -13.47
CA THR B 65 7.27 -16.21 -14.63
C THR B 65 6.59 -17.59 -14.57
N ASN B 66 6.29 -18.04 -13.37
CA ASN B 66 5.63 -19.38 -13.20
C ASN B 66 4.16 -19.30 -13.61
N ALA B 67 3.53 -18.15 -13.45
CA ALA B 67 2.10 -18.00 -13.82
C ALA B 67 1.97 -17.47 -15.27
N LEU B 68 2.99 -16.78 -15.74
CA LEU B 68 2.95 -16.23 -17.13
C LEU B 68 3.25 -17.34 -18.15
N ARG B 69 4.06 -18.31 -17.76
CA ARG B 69 4.42 -19.43 -18.68
C ARG B 69 3.57 -20.67 -18.32
N SER B 70 2.39 -20.46 -17.78
CA SER B 70 1.50 -21.60 -17.41
C SER B 70 0.08 -21.33 -17.90
N MET B 71 -0.41 -20.12 -17.70
CA MET B 71 -1.80 -19.78 -18.13
C MET B 71 -1.75 -18.85 -19.35
N GLN B 72 -0.69 -18.93 -20.13
CA GLN B 72 -0.56 -18.07 -21.36
C GLN B 72 -1.73 -18.35 -22.31
N GLY B 73 -2.52 -17.34 -22.59
CA GLY B 73 -3.69 -17.51 -23.51
C GLY B 73 -4.65 -18.56 -22.92
N PHE B 74 -5.14 -18.29 -21.72
CA PHE B 74 -6.06 -19.25 -21.03
C PHE B 74 -7.52 -18.84 -21.29
N PRO B 75 -8.43 -19.80 -21.34
CA PRO B 75 -9.87 -19.52 -21.55
C PRO B 75 -10.49 -19.02 -20.25
N PHE B 76 -10.93 -17.78 -20.24
CA PHE B 76 -11.55 -17.19 -19.01
C PHE B 76 -12.67 -16.24 -19.43
N TYR B 77 -13.85 -16.41 -18.84
CA TYR B 77 -15.01 -15.53 -19.19
C TYR B 77 -15.34 -15.66 -20.68
N ASP B 78 -14.92 -16.75 -21.32
CA ASP B 78 -15.19 -16.96 -22.78
C ASP B 78 -14.28 -16.06 -23.62
N LYS B 79 -13.01 -16.03 -23.29
CA LYS B 79 -12.02 -15.20 -24.04
C LYS B 79 -10.60 -15.68 -23.70
N PRO B 80 -9.68 -15.63 -24.66
CA PRO B 80 -8.28 -16.05 -24.45
C PRO B 80 -7.53 -14.96 -23.67
N MET B 81 -7.47 -15.10 -22.36
CA MET B 81 -6.77 -14.08 -21.52
C MET B 81 -5.26 -14.16 -21.77
N ARG B 82 -4.71 -13.13 -22.38
CA ARG B 82 -3.25 -13.10 -22.67
C ARG B 82 -2.51 -12.62 -21.42
N ILE B 83 -1.34 -13.17 -21.17
CA ILE B 83 -0.56 -12.77 -19.96
C ILE B 83 0.69 -11.99 -20.37
N GLN B 84 0.97 -10.92 -19.67
CA GLN B 84 2.17 -10.08 -19.98
C GLN B 84 2.82 -9.63 -18.67
N TYR B 85 4.13 -9.79 -18.56
CA TYR B 85 4.86 -9.39 -17.31
C TYR B 85 4.58 -7.92 -16.99
N ALA B 86 4.84 -7.51 -15.77
CA ALA B 86 4.61 -6.09 -15.38
C ALA B 86 5.95 -5.42 -15.07
N LYS B 87 6.56 -4.82 -16.10
CA LYS B 87 7.89 -4.14 -15.92
C LYS B 87 7.83 -3.14 -14.75
N THR B 88 6.66 -2.64 -14.46
CA THR B 88 6.49 -1.66 -13.34
C THR B 88 6.06 -2.37 -12.08
N ASP B 89 5.39 -3.49 -12.25
CA ASP B 89 4.86 -4.30 -11.09
C ASP B 89 4.18 -3.39 -10.06
N SER B 90 3.88 -3.90 -8.88
CA SER B 90 3.21 -3.08 -7.82
C SER B 90 3.96 -1.75 -7.65
N ASP B 91 3.27 -0.70 -7.26
CA ASP B 91 3.93 0.63 -7.10
C ASP B 91 4.53 0.76 -5.70
N ILE B 92 3.89 0.23 -4.68
CA ILE B 92 4.46 0.33 -3.29
C ILE B 92 5.92 -0.16 -3.32
N ILE B 93 6.25 -1.04 -4.25
CA ILE B 93 7.68 -1.53 -4.40
C ILE B 93 8.59 -0.30 -4.44
N ALA B 94 8.05 0.81 -4.93
CA ALA B 94 8.77 2.11 -5.04
C ALA B 94 9.70 2.34 -3.84
N LYS B 95 9.22 2.01 -2.66
CA LYS B 95 10.02 2.17 -1.41
C LYS B 95 9.40 1.32 -0.32
N MET B 96 9.68 0.06 -0.37
CA MET B 96 9.18 -0.90 0.65
C MET B 96 10.29 -1.87 1.03
N LYS B 97 11.52 -1.67 0.56
CA LYS B 97 12.63 -2.62 0.96
C LYS B 97 12.61 -2.79 2.49
N GLY B 98 12.17 -1.77 3.19
CA GLY B 98 12.06 -1.84 4.67
C GLY B 98 10.68 -2.43 5.02
N THR B 99 9.70 -2.15 4.17
CA THR B 99 8.32 -2.66 4.38
C THR B 99 7.89 -3.58 3.21
N PHE B 100 8.73 -4.53 2.88
CA PHE B 100 8.44 -5.52 1.79
C PHE B 100 9.51 -6.59 1.85
N VAL B 101 10.74 -6.18 2.06
CA VAL B 101 11.89 -7.11 2.21
C VAL B 101 11.83 -8.27 1.19
#